data_7OQY
#
_entry.id   7OQY
#
_cell.length_a   1.00
_cell.length_b   1.00
_cell.length_c   1.00
_cell.angle_alpha   90.00
_cell.angle_beta   90.00
_cell.angle_gamma   90.00
#
_symmetry.space_group_name_H-M   'P 1'
#
loop_
_entity.id
_entity.type
_entity.pdbx_description
1 polymer "DNA-directed RNA polymerase subunit A'"
2 polymer 'DNA-directed RNA polymerase subunit B'
3 polymer "DNA-directed RNA polymerase subunit A''"
4 polymer 'DNA-directed RNA polymerase subunit D'
5 polymer 'DNA-directed RNA polymerase subunit E'
6 polymer 'DNA-directed RNA polymerase, subunit F'
7 polymer 'DNA-directed RNA polymerase, subunit G'
8 polymer 'DNA-directed RNA polymerase subunit H'
9 polymer 'DNA-directed RNA polymerase subunit K'
10 polymer 'DNA-directed RNA polymerase subunit L'
11 polymer 'DNA-directed RNA polymerase subunit N'
12 polymer 'DNA-directed RNA polymerase subunit P'
13 polymer 'Conserved protein'
14 polymer 'DNA-directed RNA polymerase, subunit M (RpoM-2)'
15 non-polymer 'MAGNESIUM ION'
16 non-polymer 'ZINC ION'
17 non-polymer 'FE3-S4 CLUSTER'
#
loop_
_entity_poly.entity_id
_entity_poly.type
_entity_poly.pdbx_seq_one_letter_code
_entity_poly.pdbx_strand_id
1 'polypeptide(L)'
;MSEKIIRGVKFGVLSPNEIRQMSVTAIITSEVYDEDGTPIEGGVMDPKLGVIEPGQKCPVCGNTLAGCPGHFGHIELIKP
VIHIGYVKHIYDFLRSTCWRCGRIKIKEQDLERYKRIYNAIKLRWPSAARRLVEYIKKISIKNLECPHCGEKQFKIKLEK
PYNFNEERNGSIVKLSPSEIRDRLERIPDSDVELLGYDPKSSRPEWMILTVLPVPPITIRPSITIESGIRAEDDLTHKLV
DIIRLNERLKESIEAGAPQLIIEDLWDLLQYHVATYFDNEIPGLPPAKHRSGRPLRTLAQRLKGKEGRFRGNLSGKRVDF
SARTVISPDPNLSIDEVGIPYTIARMLTVPERVTNINIERIRQYIINGPDKWPGANYVIKPDGRRIDLRYVKDRKELASS
ITAGYVVERHLVDGDVVLFNRQPSLHRISMMAHKVRVLPGRTFRLNLLDCPPYNADFDGDEMNLHVPQSEEAIAEARELM
LVHKNIITPRYGGPIIGGGQDYISGAYLLSVKTTLLTVEEVATILGVTDFVGELGEPAILAPKPYYTGKQVISLFLPKDF
NFHGPANISKGPRACKDEICPHDSFIVIKNGLLLEGVFDKKAIGNQQPESMLHWSIREYGTEYGKWLMDNVFKMFIRFLE
MRGFTMTLEDITIPDEAQNEITTKIKEGYSQVDEYIRKFNEGQLEPIPGRTIEESLESYILDTLDKLRKVAGEIATKYLD
PFNNVYIMAITGARGSELNITQMTALLGQQSVRGERIRRGYRERTLSLFKYGDIAPEARGFVKNSFMRGLSPYEMFFHAA
GGREGLVDTAVKTSQSGYMQRRLINALSDLRIEYDGTVRSLYGDIVQVVYGDDAVHPMYSAHSKSVNVNRVIERVIGWKR
;
A
2 'polypeptide(L)'
;MLDTESRWAIAESFFKTRGLVRQHLDSFNDFLRNKLQQVIYEQGEIVTEVPGLKIKLGKIRYEKPSIRETDKGPMREITP
MEARLRNLTYSSPIFLSMIPVENNIEGEPIEIYIGDLPIMLKSVADPTSNLPIDKLIEIGEDPKDPGGYFIVNGSEKVII
AQEDLATNRVLVDYGKSGSNITHVAKVTSSAAGYRVQVMIERLKDSTIQISFATVPGRIPFAIIMRALGFVTDRDIVYAV
SLDPQIQNELLPSLEQASSITSAEEALDFIGNRVAIGQKRENRIQKAEQVIDKYFLPHLGTSPEDRKKKGYYLASAVNKI
LELYLGRREPDDKDHYANKRVRLAGDLFTSLFRVAFKAFVKDLVYQLEKSKVRGRRLSLTALVRADIITERIRHALATGN
WVGGRTGVSQLLDRTNWLSMLSHLRRVVSSLARGQPNFEARDLHGTQWGRMCPFETPEGPNSGLVKNLALLAQVSVGINE
SVVERVAYELGVVSVEDVIRRISEQNEDVEKYMSWSKVYLNGRLLGYYEDGKELAKKIRESRRQGKLSDEVNVAYIATDY
LNEVHINCDAGRVRRPLIIVNNGTPLVDTEDIKKLKNGEITFDDLVKQGKIEFIDAEEEENAYVALNPQDLTPDHTHLEI
WPSAILGIIASIIPYPEHNQSPRNTYQSAMAKQSLGLYASNYQIRTDTRAHLLHYPQMPLVQTRMLGVIGYNDRPAGANA
ILAIMSYTGYNMEDSIIMNKSSIERGMYRSTFFRLYSTEEVKYPGGQEDKIITPEAGVKGYKGKDYYRLLEDNGVVSPEV
EVKGGDVLIGKVSPPRFLQEFKELSPEQAKRDTSIVTRHGENGIVDLVLITETLEGNKLVKVRVRDLRIPEIGDKFATRH
GQKGVVGILIDQVDMPYTAKGIVPDIILNPHALPSRMTIGQIMEAIGGKYAALSGKPVDATPFLETPKLQEMQKEILKLG
HLPDSTEVVYDGRTGQKLKSRILFGIVYYQKLHHMVADKMHARARGPVQILTRQPTEGRAREGGLRFGEMERDCLIGFGT
AMLIKDRLLDNSDKAVVYICDQCGYVGWYDRSKNRYVCPVHGDKSVLHPVTVSYAFKLLIQELMSMVISPRLILGEKVNL
GGASNE
;
B
3 'polypeptide(L)'
;MIDEKLKGYIDKRLNEIKDKIPDKLHEDLRAAIMDINGVELTEEDIDRIIDLTIREYQQSLIEPGEAIGVVTAQSVGEPG
TQMTLRTFHFAGIRELNVTLGLPRLIEIVDARKVPSTPMMTIYLTDEYKTDKDKALDIARRIEYTRVENVVSSVSVDISN
MSITLQFDQEMLKDKGVSIEEIKKIITKLKLGEIRIEDNDEYSFTIYFEKIDSIMALFKMREKILNTKIKGVKGIKRAIV
QKKGDEYVIITDGSNLEGIMNVTGVDINKIQTNNIHEVEEVLGIEAARELISREIKKVLEEQGLDVDMRHIVLVSDIMTR
TGDIRQIGRHGVTGEKSSVLARAAFEVTVKHLLDAAARGEREEFKGVIENIIIGQPIRLGTGIVELTMKPNMR
;
C
4 'polypeptide(L)'
;MPISLIERNGLRLRLVLENYPLEFVNSIRRASILYVPVMAVDEVYFIENNSPLYDEILAHRLALVPFVSDEALEHYRPPE
ECAECKENCDGCYNRVYLDVEAKDQPLMIYSRDLKSEDQMITPVSGAIPIVLLGSKQKISLEARLRLGYGKEHIKYSPVS
VSIVRYYPKVTVLGNCEKAVEVCPEGVFAMENNKLVVKNELSCILCEECLKYCAGSVSIESVENKFILEIESVGSLKPER
ILIEASKSLLRKLSELKSKLEAGK
;
D
5 'polypeptide(L)'
;MFKLVRAKGIVRIPPEYFGQSVDEIAIKILRQEYQEKLIKDIGVVLGIVNAKASEEGFIIFGDGATYHEVEFDMLVYTPI
IHEVIEGEVSQVDNYGVYVNMGPVDGLVHISQITDDNLKFDSNRGILIGEKSKKSIQKGDRVRAMIISASMSSGRLPRIA
LTMKQPYLGKIEWINQEIAKASK
;
E
6 'polypeptide(L)'
;MSYSLKTIEEHFVPYSIAKKYIKELIDTGSSSNLIQKTFDYLNSISRCDEDSASKIMKELEEIVKREDVRAVLASICPTT
VEEVRSVLVIDPSTIYSTEQIQKIIEIIKKYVES
;
F
7 'polypeptide(L)'
;MKEMMQGTCKISSIEKGALKNLYVVKMDCDNDLKIEFDITKELSIFSKDEEVTFIISREKPEYSEKDFCAHGYLFLERQQ
EDGSFIDEISLYGLIVKILSKNGLINSKLFKMMDHVYYCVKKKAHHHHHH
;
G
8 'polypeptide(L)'
;MRSSSKKKIDISNHELVPKHEILQLEEAYKLVKELGIKPEQLPWIRASDPVAKSIGAKPGDIIKITRKSPFTGESVTYRY
VITG
;
H
9 'polypeptide(L)'
;MTIDKINEIFKENWKNKLTKYEIARIISARALQLSMGALPLIDTSNLKSDDVISIAEEELKRGVLPITIRRIYPNGQVEL
ISVRKIENR
;
K
10 'polypeptide(L)'
;MEIKVIKEEQNYLELQIDGEEHTIGNLLKGMLLKVPGVKFAAYSLPHPLITSITIKILTDGSISAREALIKAIELAENYA
NLFIDEVKKI
;
L
11 'polypeptide(L)' MIIPIRCFTCGAVVADKWEPFSNRVMGGEDPEKVLTELGVNRYCCRRMLLSHVNIIREIIHYTRPI N
12 'polypeptide(L)' MAKYRCGKCWKELDDDQLKTLPGVRCPYCGYRIIYMVRKPTVKIVKAI P
13 'polypeptide(L)'
;MSEDDSKKEPEPEETEAEIKHEEISREEDDEGGEFSTVTISDIEMLLKDTEIWDKLLRNELSIEEAKKMFDDVARSYSKA
DKKKRRVEKKPKKGKVTKKSDEEEE
;
Q
14 'polypeptide(L)'
;MRFCPKCGSFLKVKGNKMVCSKCGYSDHDVEKVILKENVAHENDKTIIADGETIEGRVAISLCPRCGSVRAILLNKKKRL
YRCMTCNFVYNI
;
Y
#
loop_
_chem_comp.id
_chem_comp.type
_chem_comp.name
_chem_comp.formula
F3S non-polymer 'FE3-S4 CLUSTER' 'Fe3 S4'
MG non-polymer 'MAGNESIUM ION' 'Mg 2'
ZN non-polymer 'ZINC ION' 'Zn 2'
#
# COMPACT_ATOMS: atom_id res chain seq x y z
N SER A 2 43.48 -14.72 -5.40
CA SER A 2 42.70 -14.52 -6.62
C SER A 2 41.20 -14.45 -6.31
N GLU A 3 40.52 -13.50 -6.93
CA GLU A 3 39.09 -13.32 -6.71
C GLU A 3 38.30 -14.34 -7.52
N LYS A 4 37.41 -15.06 -6.85
CA LYS A 4 36.58 -16.08 -7.47
C LYS A 4 35.11 -15.69 -7.34
N ILE A 5 34.24 -16.54 -7.88
CA ILE A 5 32.80 -16.39 -7.75
C ILE A 5 32.21 -17.72 -7.32
N ILE A 6 31.01 -17.66 -6.76
CA ILE A 6 30.30 -18.85 -6.33
C ILE A 6 29.50 -19.38 -7.52
N ARG A 7 29.76 -20.64 -7.89
CA ARG A 7 29.04 -21.26 -9.00
C ARG A 7 28.19 -22.43 -8.56
N GLY A 8 28.23 -22.82 -7.28
CA GLY A 8 27.37 -23.88 -6.79
C GLY A 8 27.49 -24.02 -5.30
N VAL A 9 26.53 -24.76 -4.73
CA VAL A 9 26.52 -25.13 -3.33
C VAL A 9 26.20 -26.61 -3.24
N LYS A 10 26.99 -27.35 -2.46
CA LYS A 10 26.79 -28.78 -2.26
C LYS A 10 26.29 -29.00 -0.84
N PHE A 11 25.13 -29.65 -0.72
CA PHE A 11 24.50 -29.89 0.57
C PHE A 11 24.80 -31.30 1.05
N GLY A 12 24.74 -31.47 2.36
CA GLY A 12 25.00 -32.76 2.96
C GLY A 12 24.77 -32.70 4.46
N VAL A 13 24.96 -33.83 5.11
CA VAL A 13 24.85 -33.95 6.56
C VAL A 13 26.25 -33.82 7.16
N LEU A 14 26.34 -33.12 8.27
CA LEU A 14 27.62 -32.81 8.89
C LEU A 14 28.13 -34.01 9.67
N SER A 15 29.24 -34.58 9.22
CA SER A 15 29.82 -35.74 9.88
C SER A 15 30.36 -35.34 11.26
N PRO A 16 30.27 -36.23 12.26
CA PRO A 16 30.86 -35.90 13.56
C PRO A 16 32.37 -35.70 13.48
N ASN A 17 33.05 -36.40 12.57
CA ASN A 17 34.47 -36.13 12.35
C ASN A 17 34.68 -34.71 11.86
N GLU A 18 33.83 -34.24 10.96
CA GLU A 18 33.90 -32.83 10.52
C GLU A 18 33.56 -31.88 11.65
N ILE A 19 32.58 -32.23 12.49
CA ILE A 19 32.20 -31.36 13.60
C ILE A 19 33.36 -31.20 14.56
N ARG A 20 34.04 -32.29 14.89
CA ARG A 20 35.18 -32.21 15.80
C ARG A 20 36.36 -31.51 15.14
N GLN A 21 36.58 -31.77 13.85
CA GLN A 21 37.79 -31.25 13.19
C GLN A 21 37.74 -29.73 13.06
N MET A 22 36.58 -29.16 12.76
CA MET A 22 36.48 -27.72 12.60
C MET A 22 36.40 -26.99 13.92
N SER A 23 36.12 -27.69 15.01
CA SER A 23 35.96 -27.05 16.31
C SER A 23 37.28 -26.52 16.83
N VAL A 24 37.21 -25.38 17.53
CA VAL A 24 38.39 -24.77 18.13
C VAL A 24 38.52 -25.08 19.61
N THR A 25 37.49 -25.59 20.25
CA THR A 25 37.51 -25.88 21.67
C THR A 25 36.47 -26.96 21.97
N ALA A 26 36.22 -27.20 23.25
CA ALA A 26 35.21 -28.15 23.69
C ALA A 26 34.45 -27.52 24.85
N ILE A 27 33.12 -27.50 24.75
CA ILE A 27 32.28 -26.86 25.76
C ILE A 27 31.93 -27.92 26.80
N ILE A 28 32.49 -27.78 28.01
CA ILE A 28 32.27 -28.70 29.10
C ILE A 28 31.59 -28.03 30.29
N THR A 29 31.96 -26.78 30.58
CA THR A 29 31.42 -26.08 31.73
C THR A 29 30.06 -25.48 31.41
N SER A 30 29.15 -25.53 32.38
CA SER A 30 27.82 -24.96 32.25
C SER A 30 27.69 -23.60 32.93
N GLU A 31 28.80 -23.02 33.37
CA GLU A 31 28.81 -21.71 34.02
C GLU A 31 29.23 -20.67 33.00
N VAL A 32 28.37 -19.68 32.76
CA VAL A 32 28.63 -18.68 31.74
C VAL A 32 29.47 -17.53 32.27
N TYR A 33 29.16 -17.01 33.46
CA TYR A 33 29.89 -15.87 34.01
C TYR A 33 30.08 -16.06 35.50
N ASP A 34 31.28 -15.72 35.97
CA ASP A 34 31.63 -15.81 37.39
C ASP A 34 31.33 -14.47 38.07
N GLU A 35 31.85 -14.29 39.28
CA GLU A 35 31.51 -13.12 40.09
C GLU A 35 31.94 -11.82 39.43
N ASP A 36 33.21 -11.74 39.01
CA ASP A 36 33.72 -10.49 38.47
C ASP A 36 33.08 -10.15 37.12
N GLY A 37 32.96 -11.13 36.23
CA GLY A 37 32.31 -10.91 34.96
C GLY A 37 33.07 -11.45 33.76
N THR A 38 34.28 -11.93 33.97
CA THR A 38 35.05 -12.48 32.87
C THR A 38 34.45 -13.81 32.42
N PRO A 39 34.49 -14.12 31.12
CA PRO A 39 33.92 -15.38 30.66
C PRO A 39 34.82 -16.56 30.99
N ILE A 40 34.20 -17.64 31.47
CA ILE A 40 34.94 -18.85 31.82
C ILE A 40 35.40 -19.53 30.54
N GLU A 41 36.68 -19.90 30.50
CA GLU A 41 37.20 -20.70 29.40
C GLU A 41 36.54 -22.07 29.40
N GLY A 42 35.92 -22.43 28.29
CA GLY A 42 35.17 -23.67 28.18
C GLY A 42 33.67 -23.52 28.30
N GLY A 43 33.16 -22.30 28.47
CA GLY A 43 31.75 -22.04 28.52
C GLY A 43 31.19 -21.60 27.17
N VAL A 44 29.89 -21.26 27.19
CA VAL A 44 29.22 -20.83 25.97
C VAL A 44 29.78 -19.51 25.45
N MET A 45 30.24 -18.64 26.35
CA MET A 45 30.76 -17.32 25.97
C MET A 45 32.28 -17.29 25.97
N ASP A 46 32.91 -18.40 25.62
CA ASP A 46 34.36 -18.45 25.50
C ASP A 46 34.81 -17.45 24.44
N PRO A 47 35.78 -16.57 24.73
CA PRO A 47 36.27 -15.64 23.71
C PRO A 47 36.88 -16.33 22.49
N LYS A 48 37.24 -17.61 22.60
CA LYS A 48 37.75 -18.33 21.44
C LYS A 48 36.72 -18.47 20.33
N LEU A 49 35.43 -18.33 20.65
CA LEU A 49 34.38 -18.52 19.65
C LEU A 49 34.31 -17.34 18.69
N GLY A 50 34.45 -16.12 19.20
CA GLY A 50 34.38 -14.95 18.34
C GLY A 50 34.34 -13.68 19.15
N VAL A 51 34.52 -12.57 18.44
CA VAL A 51 34.58 -11.23 19.04
C VAL A 51 33.39 -10.43 18.56
N ILE A 52 32.69 -9.79 19.51
CA ILE A 52 31.61 -8.87 19.22
C ILE A 52 31.87 -7.48 19.77
N GLU A 53 32.99 -7.27 20.45
CA GLU A 53 33.35 -5.99 21.06
C GLU A 53 34.21 -5.17 20.11
N PRO A 54 33.96 -3.86 19.97
CA PRO A 54 34.75 -3.06 19.02
C PRO A 54 36.24 -3.03 19.31
N GLY A 55 36.64 -3.05 20.58
CA GLY A 55 38.04 -2.94 20.94
C GLY A 55 38.76 -4.23 21.23
N GLN A 56 38.06 -5.35 21.30
CA GLN A 56 38.66 -6.63 21.63
C GLN A 56 39.26 -7.28 20.39
N LYS A 57 40.23 -8.17 20.61
CA LYS A 57 40.90 -8.89 19.55
C LYS A 57 40.73 -10.39 19.77
N CYS A 58 40.49 -11.12 18.68
CA CYS A 58 40.22 -12.55 18.79
C CYS A 58 41.49 -13.33 19.07
N PRO A 59 41.44 -14.33 19.95
CA PRO A 59 42.64 -15.17 20.16
C PRO A 59 42.93 -16.11 18.99
N VAL A 60 41.89 -16.72 18.40
CA VAL A 60 42.10 -17.69 17.34
C VAL A 60 42.72 -17.02 16.11
N CYS A 61 42.21 -15.86 15.72
CA CYS A 61 42.75 -15.09 14.62
C CYS A 61 43.02 -13.67 15.08
N GLY A 62 44.15 -13.11 14.66
CA GLY A 62 44.49 -11.76 15.05
C GLY A 62 43.65 -10.71 14.34
N ASN A 63 42.35 -10.73 14.57
CA ASN A 63 41.42 -9.85 13.87
C ASN A 63 40.41 -9.27 14.85
N THR A 64 39.92 -8.08 14.52
CA THR A 64 38.90 -7.42 15.31
C THR A 64 37.51 -7.80 14.80
N LEU A 65 36.48 -7.09 15.25
CA LEU A 65 35.11 -7.41 14.86
C LEU A 65 34.93 -7.38 13.34
N ALA A 66 35.68 -6.52 12.65
CA ALA A 66 35.51 -6.40 11.21
C ALA A 66 36.00 -7.64 10.47
N GLY A 67 37.20 -8.12 10.83
CA GLY A 67 37.84 -9.20 10.11
C GLY A 67 37.74 -10.58 10.74
N CYS A 68 36.98 -10.74 11.82
CA CYS A 68 36.90 -12.03 12.49
C CYS A 68 35.59 -12.72 12.15
N PRO A 69 35.62 -13.82 11.40
CA PRO A 69 34.44 -14.70 11.34
C PRO A 69 34.35 -15.56 12.59
N GLY A 70 33.12 -15.90 12.94
CA GLY A 70 32.91 -16.68 14.15
C GLY A 70 33.53 -18.05 14.05
N HIS A 71 33.82 -18.64 15.21
CA HIS A 71 34.45 -19.94 15.30
C HIS A 71 33.53 -20.89 16.06
N PHE A 72 33.58 -22.16 15.69
CA PHE A 72 32.64 -23.16 16.17
C PHE A 72 33.24 -24.00 17.30
N GLY A 73 32.39 -24.31 18.28
CA GLY A 73 32.72 -25.28 19.30
C GLY A 73 31.80 -26.48 19.19
N HIS A 74 32.09 -27.51 19.99
CA HIS A 74 31.30 -28.73 19.97
C HIS A 74 31.00 -29.19 21.39
N ILE A 75 29.79 -29.71 21.58
CA ILE A 75 29.35 -30.30 22.83
C ILE A 75 29.34 -31.81 22.66
N GLU A 76 30.05 -32.51 23.54
CA GLU A 76 30.12 -33.96 23.45
C GLU A 76 28.90 -34.58 24.14
N LEU A 77 28.20 -35.44 23.42
CA LEU A 77 27.03 -36.13 23.95
C LEU A 77 27.40 -37.56 24.30
N ILE A 78 27.03 -37.99 25.51
CA ILE A 78 27.33 -39.35 25.93
C ILE A 78 26.26 -40.31 25.42
N LYS A 79 25.00 -39.87 25.38
CA LYS A 79 23.90 -40.65 24.85
C LYS A 79 23.42 -40.04 23.54
N PRO A 80 23.33 -40.82 22.46
CA PRO A 80 22.90 -40.26 21.18
C PRO A 80 21.46 -39.78 21.23
N VAL A 81 21.16 -38.77 20.42
CA VAL A 81 19.83 -38.19 20.32
C VAL A 81 19.42 -38.11 18.86
N ILE A 82 18.12 -37.98 18.64
CA ILE A 82 17.56 -37.95 17.29
C ILE A 82 17.42 -36.51 16.82
N HIS A 83 17.95 -36.22 15.64
CA HIS A 83 17.70 -34.92 15.01
C HIS A 83 16.27 -34.88 14.50
N ILE A 84 15.48 -33.94 15.02
CA ILE A 84 14.07 -33.88 14.69
C ILE A 84 13.82 -33.54 13.23
N GLY A 85 14.79 -32.90 12.56
CA GLY A 85 14.62 -32.55 11.17
C GLY A 85 14.79 -33.69 10.19
N TYR A 86 15.25 -34.86 10.65
CA TYR A 86 15.50 -36.00 9.79
C TYR A 86 14.66 -37.21 10.17
N VAL A 87 13.58 -37.00 10.92
CA VAL A 87 12.79 -38.13 11.42
C VAL A 87 12.10 -38.86 10.27
N LYS A 88 11.60 -38.11 9.28
CA LYS A 88 10.93 -38.74 8.15
C LYS A 88 11.89 -39.54 7.27
N HIS A 89 13.19 -39.28 7.38
CA HIS A 89 14.18 -40.06 6.64
C HIS A 89 14.65 -41.27 7.44
N ILE A 90 14.85 -41.10 8.74
CA ILE A 90 15.18 -42.25 9.59
C ILE A 90 14.05 -43.26 9.57
N TYR A 91 12.80 -42.79 9.56
CA TYR A 91 11.67 -43.70 9.52
C TYR A 91 11.67 -44.54 8.24
N ASP A 92 11.98 -43.91 7.11
CA ASP A 92 12.02 -44.64 5.85
C ASP A 92 13.21 -45.60 5.80
N PHE A 93 14.35 -45.21 6.36
CA PHE A 93 15.48 -46.13 6.43
C PHE A 93 15.17 -47.33 7.32
N LEU A 94 14.42 -47.11 8.41
CA LEU A 94 14.08 -48.20 9.31
C LEU A 94 13.07 -49.16 8.68
N ARG A 95 12.03 -48.61 8.02
CA ARG A 95 10.95 -49.46 7.53
C ARG A 95 11.33 -50.30 6.33
N SER A 96 12.41 -49.96 5.62
CA SER A 96 12.75 -50.62 4.36
C SER A 96 14.11 -51.28 4.42
N THR A 97 14.53 -51.75 5.58
CA THR A 97 15.83 -52.38 5.73
C THR A 97 15.75 -53.48 6.79
N CYS A 98 16.48 -54.56 6.58
CA CYS A 98 16.56 -55.63 7.57
C CYS A 98 17.42 -55.19 8.75
N TRP A 99 17.05 -55.67 9.94
CA TRP A 99 17.73 -55.29 11.16
C TRP A 99 18.82 -56.27 11.58
N ARG A 100 19.22 -57.17 10.70
CA ARG A 100 20.32 -58.10 10.98
C ARG A 100 21.51 -57.89 10.04
N CYS A 101 21.25 -57.81 8.74
CA CYS A 101 22.31 -57.61 7.76
C CYS A 101 22.31 -56.23 7.12
N GLY A 102 21.22 -55.48 7.24
CA GLY A 102 21.13 -54.16 6.64
C GLY A 102 21.01 -54.19 5.13
N ARG A 103 19.92 -54.75 4.63
CA ARG A 103 19.64 -54.79 3.19
C ARG A 103 18.21 -54.34 2.94
N ILE A 104 17.95 -53.95 1.69
CA ILE A 104 16.72 -53.28 1.30
C ILE A 104 15.53 -54.23 1.41
N LYS A 105 15.81 -55.51 1.68
CA LYS A 105 14.79 -56.56 1.77
C LYS A 105 14.13 -56.80 0.41
N ILE A 106 14.97 -56.89 -0.62
CA ILE A 106 14.53 -57.19 -1.98
C ILE A 106 15.52 -58.18 -2.58
N LYS A 107 15.02 -59.14 -3.36
CA LYS A 107 15.88 -60.11 -4.00
C LYS A 107 16.94 -59.40 -4.83
N GLU A 108 18.20 -59.83 -4.68
CA GLU A 108 19.31 -59.15 -5.33
C GLU A 108 19.23 -59.23 -6.85
N GLN A 109 18.54 -60.24 -7.39
CA GLN A 109 18.39 -60.33 -8.84
C GLN A 109 17.65 -59.12 -9.40
N ASP A 110 16.55 -58.73 -8.75
CA ASP A 110 15.84 -57.52 -9.15
C ASP A 110 16.55 -56.28 -8.66
N LEU A 111 17.27 -56.38 -7.54
CA LEU A 111 17.96 -55.23 -6.97
C LEU A 111 19.04 -54.72 -7.91
N GLU A 112 19.77 -55.63 -8.55
CA GLU A 112 20.84 -55.23 -9.46
C GLU A 112 20.29 -54.46 -10.66
N ARG A 113 19.20 -54.94 -11.25
CA ARG A 113 18.64 -54.24 -12.40
C ARG A 113 17.99 -52.93 -11.99
N TYR A 114 17.38 -52.87 -10.79
CA TYR A 114 16.87 -51.60 -10.29
C TYR A 114 18.00 -50.59 -10.14
N LYS A 115 19.14 -51.01 -9.59
CA LYS A 115 20.28 -50.12 -9.45
C LYS A 115 20.80 -49.67 -10.80
N ARG A 116 20.86 -50.59 -11.78
CA ARG A 116 21.32 -50.22 -13.12
C ARG A 116 20.41 -49.17 -13.73
N ILE A 117 19.10 -49.37 -13.65
CA ILE A 117 18.16 -48.40 -14.23
C ILE A 117 18.28 -47.05 -13.53
N TYR A 118 18.34 -47.06 -12.19
CA TYR A 118 18.44 -45.81 -11.46
C TYR A 118 19.72 -45.06 -11.81
N ASN A 119 20.84 -45.78 -11.91
CA ASN A 119 22.08 -45.13 -12.33
C ASN A 119 21.98 -44.58 -13.74
N ALA A 120 21.20 -45.24 -14.60
CA ALA A 120 21.07 -44.76 -15.97
C ALA A 120 20.19 -43.51 -16.07
N ILE A 121 19.17 -43.38 -15.23
CA ILE A 121 18.15 -42.34 -15.42
C ILE A 121 18.21 -41.24 -14.37
N LYS A 122 19.15 -41.29 -13.42
CA LYS A 122 19.08 -40.36 -12.30
C LYS A 122 19.21 -38.90 -12.73
N LEU A 123 19.90 -38.63 -13.83
CA LEU A 123 20.21 -37.25 -14.20
C LEU A 123 19.36 -36.71 -15.35
N ARG A 124 18.87 -37.58 -16.24
CA ARG A 124 18.10 -37.08 -17.38
C ARG A 124 16.63 -36.89 -17.03
N TRP A 125 16.06 -37.79 -16.22
CA TRP A 125 14.65 -37.73 -15.81
C TRP A 125 14.58 -37.83 -14.30
N PRO A 126 14.76 -36.71 -13.59
CA PRO A 126 14.68 -36.76 -12.12
C PRO A 126 13.34 -37.22 -11.59
N SER A 127 12.24 -36.86 -12.27
CA SER A 127 10.91 -37.29 -11.81
C SER A 127 10.75 -38.79 -11.94
N ALA A 128 11.25 -39.38 -13.04
CA ALA A 128 11.19 -40.82 -13.20
C ALA A 128 12.02 -41.52 -12.12
N ALA A 129 13.18 -40.95 -11.78
CA ALA A 129 13.99 -41.52 -10.71
C ALA A 129 13.25 -41.45 -9.37
N ARG A 130 12.57 -40.33 -9.11
CA ARG A 130 11.80 -40.21 -7.88
C ARG A 130 10.69 -41.26 -7.81
N ARG A 131 9.98 -41.45 -8.92
CA ARG A 131 8.93 -42.47 -8.95
C ARG A 131 9.50 -43.87 -8.76
N LEU A 132 10.64 -44.15 -9.37
CA LEU A 132 11.29 -45.45 -9.21
C LEU A 132 11.69 -45.69 -7.75
N VAL A 133 12.26 -44.67 -7.11
CA VAL A 133 12.64 -44.81 -5.70
C VAL A 133 11.41 -45.03 -4.83
N GLU A 134 10.33 -44.28 -5.10
CA GLU A 134 9.11 -44.46 -4.33
C GLU A 134 8.55 -45.87 -4.50
N TYR A 135 8.59 -46.39 -5.73
CA TYR A 135 8.12 -47.74 -5.99
C TYR A 135 8.96 -48.78 -5.24
N ILE A 136 10.29 -48.61 -5.26
CA ILE A 136 11.16 -49.55 -4.54
C ILE A 136 10.86 -49.51 -3.05
N LYS A 137 10.72 -48.31 -2.49
CA LYS A 137 10.42 -48.22 -1.06
C LYS A 137 9.07 -48.85 -0.73
N LYS A 138 8.07 -48.63 -1.58
CA LYS A 138 6.75 -49.19 -1.33
C LYS A 138 6.77 -50.72 -1.37
N ILE A 139 7.49 -51.29 -2.34
CA ILE A 139 7.54 -52.75 -2.44
C ILE A 139 8.51 -53.37 -1.44
N SER A 140 9.42 -52.59 -0.86
CA SER A 140 10.35 -53.12 0.11
C SER A 140 9.86 -53.01 1.54
N ILE A 141 8.99 -52.03 1.83
CA ILE A 141 8.44 -51.91 3.17
C ILE A 141 7.58 -53.12 3.51
N LYS A 142 6.73 -53.54 2.58
CA LYS A 142 5.78 -54.64 2.81
C LYS A 142 6.40 -55.96 2.35
N ASN A 143 7.43 -56.39 3.07
CA ASN A 143 8.07 -57.68 2.80
C ASN A 143 7.91 -58.67 3.95
N LEU A 144 8.10 -58.23 5.19
CA LEU A 144 7.92 -58.99 6.42
C LEU A 144 8.94 -60.10 6.61
N GLU A 145 9.78 -60.38 5.61
CA GLU A 145 10.86 -61.37 5.74
C GLU A 145 12.00 -60.94 4.84
N CYS A 146 13.20 -60.82 5.41
CA CYS A 146 14.36 -60.46 4.61
C CYS A 146 14.73 -61.63 3.69
N PRO A 147 14.84 -61.40 2.38
CA PRO A 147 15.25 -62.50 1.49
C PRO A 147 16.62 -63.05 1.81
N HIS A 148 17.53 -62.23 2.32
CA HIS A 148 18.84 -62.70 2.73
C HIS A 148 18.81 -63.43 4.07
N CYS A 149 17.78 -63.18 4.90
CA CYS A 149 17.66 -63.82 6.21
C CYS A 149 16.40 -64.67 6.34
N GLY A 150 15.24 -64.12 6.03
CA GLY A 150 13.99 -64.78 6.37
C GLY A 150 13.79 -64.85 7.87
N GLU A 151 13.99 -63.72 8.55
CA GLU A 151 14.02 -63.65 10.00
C GLU A 151 12.79 -62.97 10.58
N LYS A 152 11.68 -62.93 9.84
CA LYS A 152 10.40 -62.43 10.33
C LYS A 152 10.52 -60.98 10.80
N GLN A 153 10.77 -60.10 9.83
CA GLN A 153 10.90 -58.68 10.11
C GLN A 153 9.64 -58.15 10.79
N PHE A 154 9.84 -57.33 11.82
CA PHE A 154 8.75 -56.74 12.58
C PHE A 154 8.48 -55.33 12.08
N LYS A 155 7.19 -54.97 12.02
CA LYS A 155 6.82 -53.64 11.56
C LYS A 155 7.14 -52.59 12.62
N ILE A 156 7.45 -51.39 12.15
CA ILE A 156 7.83 -50.28 13.02
C ILE A 156 6.84 -49.15 12.83
N LYS A 157 6.40 -48.57 13.95
CA LYS A 157 5.46 -47.45 13.94
C LYS A 157 6.10 -46.25 14.61
N LEU A 158 5.80 -45.06 14.09
CA LEU A 158 6.34 -43.82 14.60
C LEU A 158 5.26 -43.08 15.38
N GLU A 159 5.58 -42.75 16.63
CA GLU A 159 4.72 -41.91 17.45
C GLU A 159 5.31 -40.52 17.52
N LYS A 160 4.51 -39.51 17.17
CA LYS A 160 4.99 -38.15 17.13
C LYS A 160 5.37 -37.67 18.52
N PRO A 161 6.39 -36.79 18.63
CA PRO A 161 7.18 -36.26 17.51
C PRO A 161 8.30 -37.18 17.03
N TYR A 162 8.96 -37.88 17.96
CA TYR A 162 10.18 -38.61 17.63
C TYR A 162 10.25 -39.98 18.33
N ASN A 163 9.11 -40.61 18.55
CA ASN A 163 9.05 -41.89 19.27
C ASN A 163 8.84 -43.02 18.29
N PHE A 164 9.80 -43.95 18.24
CA PHE A 164 9.72 -45.13 17.40
C PHE A 164 9.32 -46.33 18.24
N ASN A 165 8.38 -47.13 17.73
CA ASN A 165 7.81 -48.25 18.47
C ASN A 165 7.83 -49.50 17.58
N GLU A 166 8.59 -50.51 18.00
CA GLU A 166 8.51 -51.81 17.37
C GLU A 166 7.22 -52.52 17.75
N GLU A 167 6.87 -53.54 16.99
CA GLU A 167 5.73 -54.42 17.30
C GLU A 167 6.23 -55.87 17.23
N ARG A 168 6.80 -56.34 18.33
CA ARG A 168 7.29 -57.70 18.44
C ARG A 168 6.20 -58.60 19.02
N ASN A 169 6.57 -59.81 19.45
CA ASN A 169 5.60 -60.72 20.04
C ASN A 169 4.96 -60.13 21.29
N GLY A 170 5.68 -59.28 22.02
CA GLY A 170 5.10 -58.58 23.15
C GLY A 170 4.26 -57.38 22.79
N SER A 171 4.28 -56.97 21.52
CA SER A 171 3.43 -55.95 20.95
C SER A 171 3.80 -54.54 21.42
N ILE A 172 4.72 -54.43 22.37
CA ILE A 172 5.17 -53.12 22.88
C ILE A 172 6.64 -53.19 23.23
N VAL A 173 7.46 -52.43 22.53
CA VAL A 173 8.85 -52.20 22.92
C VAL A 173 9.34 -50.93 22.22
N LYS A 174 10.02 -50.06 22.97
CA LYS A 174 10.43 -48.77 22.46
C LYS A 174 11.91 -48.79 22.11
N LEU A 175 12.25 -48.16 20.99
CA LEU A 175 13.61 -48.15 20.49
C LEU A 175 14.37 -46.94 21.02
N SER A 176 15.54 -47.21 21.59
CA SER A 176 16.42 -46.13 22.00
C SER A 176 17.24 -45.66 20.80
N PRO A 177 17.69 -44.40 20.81
CA PRO A 177 18.49 -43.90 19.68
C PRO A 177 19.77 -44.70 19.43
N SER A 178 20.32 -45.34 20.47
CA SER A 178 21.54 -46.12 20.28
C SER A 178 21.29 -47.30 19.35
N GLU A 179 20.22 -48.05 19.58
CA GLU A 179 19.93 -49.20 18.72
C GLU A 179 19.54 -48.75 17.32
N ILE A 180 18.85 -47.61 17.21
CA ILE A 180 18.48 -47.08 15.90
C ILE A 180 19.74 -46.75 15.10
N ARG A 181 20.69 -46.06 15.74
CA ARG A 181 21.92 -45.71 15.04
C ARG A 181 22.73 -46.94 14.69
N ASP A 182 22.78 -47.93 15.60
CA ASP A 182 23.51 -49.15 15.32
C ASP A 182 22.91 -49.91 14.15
N ARG A 183 21.58 -49.93 14.04
CA ARG A 183 20.93 -50.53 12.87
C ARG A 183 21.25 -49.75 11.61
N LEU A 184 21.25 -48.42 11.68
CA LEU A 184 21.52 -47.62 10.48
C LEU A 184 22.98 -47.67 10.05
N GLU A 185 23.90 -48.06 10.93
CA GLU A 185 25.30 -48.18 10.51
C GLU A 185 25.55 -49.37 9.59
N ARG A 186 24.65 -50.35 9.58
CA ARG A 186 24.90 -51.58 8.82
C ARG A 186 24.63 -51.43 7.33
N ILE A 187 23.87 -50.42 6.91
CA ILE A 187 23.45 -50.33 5.51
C ILE A 187 24.66 -50.01 4.63
N PRO A 188 24.86 -50.72 3.52
CA PRO A 188 25.97 -50.41 2.63
C PRO A 188 25.69 -49.18 1.80
N ASP A 189 26.74 -48.70 1.12
CA ASP A 189 26.64 -47.48 0.34
C ASP A 189 25.72 -47.66 -0.87
N SER A 190 25.76 -48.83 -1.50
CA SER A 190 24.92 -49.06 -2.68
C SER A 190 23.44 -49.01 -2.35
N ASP A 191 23.05 -49.62 -1.22
CA ASP A 191 21.65 -49.61 -0.82
C ASP A 191 21.17 -48.20 -0.49
N VAL A 192 22.03 -47.41 0.16
CA VAL A 192 21.68 -46.01 0.45
C VAL A 192 21.53 -45.23 -0.85
N GLU A 193 22.44 -45.44 -1.79
CA GLU A 193 22.39 -44.72 -3.05
C GLU A 193 21.13 -45.06 -3.84
N LEU A 194 20.73 -46.34 -3.85
CA LEU A 194 19.53 -46.72 -4.58
C LEU A 194 18.29 -46.11 -3.96
N LEU A 195 18.28 -45.91 -2.65
CA LEU A 195 17.14 -45.32 -1.96
C LEU A 195 17.01 -43.81 -2.19
N GLY A 196 17.97 -43.19 -2.87
CA GLY A 196 17.88 -41.80 -3.22
C GLY A 196 18.68 -40.85 -2.35
N TYR A 197 19.78 -41.31 -1.74
CA TYR A 197 20.59 -40.48 -0.87
C TYR A 197 22.06 -40.61 -1.26
N ASP A 198 22.81 -39.54 -1.06
CA ASP A 198 24.22 -39.54 -1.38
C ASP A 198 25.00 -40.19 -0.24
N PRO A 199 25.66 -41.33 -0.47
CA PRO A 199 26.32 -42.02 0.65
C PRO A 199 27.57 -41.32 1.15
N LYS A 200 28.36 -40.74 0.25
CA LYS A 200 29.62 -40.13 0.66
C LYS A 200 29.45 -38.77 1.33
N SER A 201 28.28 -38.13 1.16
CA SER A 201 28.03 -36.84 1.77
C SER A 201 26.87 -36.85 2.77
N SER A 202 25.99 -37.83 2.71
CA SER A 202 24.84 -37.93 3.63
C SER A 202 24.72 -39.39 4.06
N ARG A 203 25.38 -39.73 5.15
CA ARG A 203 25.37 -41.10 5.65
C ARG A 203 24.26 -41.24 6.69
N PRO A 204 23.40 -42.26 6.59
CA PRO A 204 22.17 -42.28 7.39
C PRO A 204 22.38 -42.21 8.89
N GLU A 205 23.44 -42.81 9.45
CA GLU A 205 23.58 -42.76 10.90
C GLU A 205 24.08 -41.42 11.38
N TRP A 206 24.56 -40.55 10.49
CA TRP A 206 24.91 -39.19 10.89
C TRP A 206 23.69 -38.38 11.28
N MET A 207 22.49 -38.85 10.96
CA MET A 207 21.27 -38.18 11.41
C MET A 207 21.00 -38.42 12.89
N ILE A 208 21.67 -39.40 13.49
CA ILE A 208 21.62 -39.62 14.93
C ILE A 208 22.82 -38.89 15.54
N LEU A 209 22.54 -37.93 16.42
CA LEU A 209 23.55 -36.98 16.85
C LEU A 209 24.38 -37.55 18.01
N THR A 210 25.70 -37.56 17.83
CA THR A 210 26.64 -37.86 18.90
C THR A 210 27.44 -36.65 19.33
N VAL A 211 27.60 -35.64 18.46
CA VAL A 211 28.30 -34.41 18.77
C VAL A 211 27.42 -33.25 18.31
N LEU A 212 27.38 -32.18 19.10
CA LEU A 212 26.53 -31.02 18.80
C LEU A 212 27.40 -29.79 18.57
N PRO A 213 27.31 -29.14 17.41
CA PRO A 213 28.07 -27.91 17.20
C PRO A 213 27.56 -26.76 18.07
N VAL A 214 28.47 -25.88 18.43
CA VAL A 214 28.18 -24.71 19.26
C VAL A 214 28.27 -23.47 18.37
N PRO A 215 27.18 -22.73 18.19
CA PRO A 215 27.22 -21.60 17.25
C PRO A 215 28.19 -20.53 17.70
N PRO A 216 28.80 -19.80 16.77
CA PRO A 216 29.70 -18.71 17.16
C PRO A 216 28.93 -17.56 17.81
N ILE A 217 29.67 -16.78 18.60
CA ILE A 217 29.08 -15.63 19.27
C ILE A 217 28.77 -14.51 18.30
N THR A 218 29.37 -14.51 17.10
CA THR A 218 29.06 -13.47 16.12
C THR A 218 27.60 -13.54 15.71
N ILE A 219 27.06 -14.75 15.55
CA ILE A 219 25.63 -14.94 15.32
C ILE A 219 24.85 -15.02 16.62
N ARG A 220 25.51 -14.86 17.76
CA ARG A 220 24.88 -14.95 19.08
C ARG A 220 25.25 -13.71 19.90
N PRO A 221 24.79 -12.53 19.51
CA PRO A 221 25.23 -11.31 20.16
C PRO A 221 24.45 -11.04 21.45
N SER A 222 25.07 -10.23 22.31
CA SER A 222 24.44 -9.76 23.54
C SER A 222 23.95 -8.34 23.32
N ILE A 223 22.66 -8.12 23.54
CA ILE A 223 22.06 -6.82 23.29
C ILE A 223 22.41 -5.86 24.42
N THR A 224 22.92 -4.68 24.07
CA THR A 224 23.27 -3.66 25.04
C THR A 224 22.07 -2.74 25.23
N ILE A 225 21.42 -2.85 26.38
CA ILE A 225 20.24 -2.06 26.72
C ILE A 225 20.67 -0.96 27.70
N GLU A 226 20.06 0.22 27.56
CA GLU A 226 20.36 1.34 28.43
C GLU A 226 19.91 1.10 29.87
N SER A 227 19.11 0.06 30.12
CA SER A 227 18.70 -0.29 31.47
C SER A 227 19.85 -0.79 32.32
N GLY A 228 21.02 -1.07 31.73
CA GLY A 228 22.19 -1.50 32.46
C GLY A 228 22.34 -3.00 32.61
N ILE A 229 21.35 -3.78 32.19
CA ILE A 229 21.41 -5.23 32.27
C ILE A 229 21.56 -5.78 30.85
N ARG A 230 22.53 -6.66 30.67
CA ARG A 230 22.70 -7.32 29.38
C ARG A 230 21.63 -8.37 29.18
N ALA A 231 21.07 -8.42 27.97
CA ALA A 231 20.11 -9.46 27.59
C ALA A 231 20.77 -10.39 26.60
N GLU A 232 20.76 -11.69 26.91
CA GLU A 232 21.31 -12.70 26.02
C GLU A 232 20.23 -13.21 25.08
N ASP A 233 20.67 -13.70 23.92
CA ASP A 233 19.74 -14.27 22.97
C ASP A 233 19.35 -15.69 23.40
N ASP A 234 18.29 -16.20 22.79
CA ASP A 234 17.69 -17.44 23.24
C ASP A 234 18.56 -18.66 22.94
N LEU A 235 19.48 -18.55 21.98
CA LEU A 235 20.32 -19.70 21.65
C LEU A 235 21.23 -20.08 22.82
N THR A 236 21.82 -19.09 23.49
CA THR A 236 22.59 -19.37 24.69
C THR A 236 21.70 -19.90 25.80
N HIS A 237 20.50 -19.31 25.94
CA HIS A 237 19.55 -19.76 26.95
C HIS A 237 19.13 -21.20 26.76
N LYS A 238 19.23 -21.73 25.54
CA LYS A 238 18.99 -23.16 25.34
C LYS A 238 20.25 -23.99 25.52
N LEU A 239 21.38 -23.51 24.96
CA LEU A 239 22.62 -24.26 25.05
C LEU A 239 23.03 -24.51 26.50
N VAL A 240 22.72 -23.57 27.40
CA VAL A 240 23.00 -23.80 28.80
C VAL A 240 22.15 -24.96 29.33
N ASP A 241 20.91 -25.07 28.86
CA ASP A 241 20.06 -26.19 29.28
C ASP A 241 20.59 -27.51 28.78
N ILE A 242 20.99 -27.58 27.50
CA ILE A 242 21.56 -28.82 26.98
C ILE A 242 22.83 -29.20 27.74
N ILE A 243 23.73 -28.24 27.99
CA ILE A 243 24.96 -28.60 28.69
C ILE A 243 24.68 -28.99 30.14
N ARG A 244 23.68 -28.36 30.77
CA ARG A 244 23.27 -28.76 32.11
C ARG A 244 22.80 -30.21 32.13
N LEU A 245 21.89 -30.56 31.22
CA LEU A 245 21.39 -31.93 31.17
C LEU A 245 22.48 -32.91 30.80
N ASN A 246 23.47 -32.48 30.01
CA ASN A 246 24.60 -33.34 29.71
C ASN A 246 25.42 -33.62 30.96
N GLU A 247 25.64 -32.60 31.80
CA GLU A 247 26.30 -32.83 33.07
C GLU A 247 25.38 -33.56 34.06
N ARG A 248 24.09 -33.22 34.04
CA ARG A 248 23.15 -33.82 34.99
C ARG A 248 22.99 -35.32 34.77
N LEU A 249 23.14 -35.79 33.54
CA LEU A 249 22.93 -37.20 33.23
C LEU A 249 24.23 -38.01 33.31
N LYS A 250 25.38 -37.37 33.07
CA LYS A 250 26.64 -38.11 33.09
C LYS A 250 26.99 -38.59 34.49
N GLU A 251 26.76 -37.75 35.51
CA GLU A 251 27.07 -38.13 36.87
C GLU A 251 26.25 -39.33 37.33
N SER A 252 25.02 -39.47 36.81
CA SER A 252 24.17 -40.58 37.20
C SER A 252 24.71 -41.91 36.68
N ILE A 253 25.32 -41.92 35.49
CA ILE A 253 25.79 -43.17 34.91
C ILE A 253 26.94 -43.75 35.74
N GLU A 254 27.92 -42.92 36.08
CA GLU A 254 29.08 -43.39 36.81
C GLU A 254 28.83 -43.53 38.31
N ALA A 255 27.73 -42.99 38.82
CA ALA A 255 27.37 -43.08 40.23
C ALA A 255 25.96 -43.68 40.32
N GLY A 256 25.90 -45.01 40.42
CA GLY A 256 24.63 -45.71 40.49
C GLY A 256 24.05 -45.99 39.13
N ALA A 257 22.94 -46.73 39.14
CA ALA A 257 22.22 -47.04 37.90
C ALA A 257 20.80 -47.48 38.20
N PRO A 258 19.92 -46.56 38.61
CA PRO A 258 18.50 -46.94 38.79
C PRO A 258 17.84 -47.40 37.50
N GLN A 259 18.34 -46.93 36.35
CA GLN A 259 17.87 -47.32 35.03
C GLN A 259 16.46 -46.79 34.75
N LEU A 260 15.84 -46.16 35.73
CA LEU A 260 14.58 -45.45 35.52
C LEU A 260 14.75 -43.94 35.56
N ILE A 261 15.71 -43.44 36.35
CA ILE A 261 16.06 -42.02 36.28
C ILE A 261 16.99 -41.74 35.12
N ILE A 262 17.69 -42.76 34.61
CA ILE A 262 18.54 -42.57 33.43
C ILE A 262 17.68 -42.29 32.20
N GLU A 263 16.64 -43.09 32.00
CA GLU A 263 15.77 -42.91 30.85
C GLU A 263 14.81 -41.73 31.03
N ASP A 264 14.57 -41.29 32.28
CA ASP A 264 13.77 -40.10 32.49
C ASP A 264 14.58 -38.82 32.32
N LEU A 265 15.91 -38.93 32.27
CA LEU A 265 16.76 -37.82 31.88
C LEU A 265 17.16 -37.88 30.42
N TRP A 266 17.28 -39.09 29.85
CA TRP A 266 17.54 -39.23 28.43
C TRP A 266 16.39 -38.68 27.60
N ASP A 267 15.16 -38.76 28.11
CA ASP A 267 14.00 -38.21 27.42
C ASP A 267 13.83 -36.72 27.67
N LEU A 268 14.68 -36.11 28.50
CA LEU A 268 14.68 -34.67 28.72
C LEU A 268 15.79 -33.97 27.96
N LEU A 269 16.98 -34.59 27.88
CA LEU A 269 18.04 -34.04 27.05
C LEU A 269 17.64 -34.06 25.58
N GLN A 270 17.01 -35.15 25.13
CA GLN A 270 16.56 -35.23 23.75
C GLN A 270 15.51 -34.16 23.45
N TYR A 271 14.60 -33.93 24.39
CA TYR A 271 13.62 -32.86 24.23
C TYR A 271 14.31 -31.50 24.12
N HIS A 272 15.33 -31.27 24.95
CA HIS A 272 16.04 -29.99 24.91
C HIS A 272 16.73 -29.80 23.57
N VAL A 273 17.38 -30.84 23.05
CA VAL A 273 18.08 -30.72 21.76
C VAL A 273 17.08 -30.47 20.64
N ALA A 274 15.98 -31.25 20.64
CA ALA A 274 14.99 -31.11 19.58
C ALA A 274 14.35 -29.72 19.60
N THR A 275 14.12 -29.17 20.79
CA THR A 275 13.55 -27.84 20.87
C THR A 275 14.56 -26.74 20.58
N TYR A 276 15.85 -27.01 20.81
CA TYR A 276 16.88 -26.07 20.40
C TYR A 276 16.96 -25.98 18.88
N PHE A 277 16.83 -27.12 18.19
CA PHE A 277 16.80 -27.09 16.73
C PHE A 277 15.55 -26.38 16.21
N ASP A 278 14.40 -26.63 16.83
CA ASP A 278 13.14 -26.09 16.36
C ASP A 278 12.16 -25.96 17.51
N ASN A 279 11.57 -24.78 17.67
CA ASN A 279 10.46 -24.59 18.59
C ASN A 279 9.15 -24.72 17.83
N GLU A 280 8.03 -24.58 18.55
CA GLU A 280 6.69 -24.78 18.00
C GLU A 280 6.57 -26.17 17.36
N ILE A 281 7.16 -27.17 18.01
CA ILE A 281 6.99 -28.55 17.55
C ILE A 281 5.57 -29.01 17.84
N PRO A 282 4.86 -29.61 16.89
CA PRO A 282 3.51 -30.08 17.17
C PRO A 282 3.50 -31.11 18.30
N GLY A 283 2.53 -30.97 19.20
CA GLY A 283 2.44 -31.86 20.34
C GLY A 283 3.63 -31.78 21.27
N LEU A 284 4.06 -30.56 21.59
CA LEU A 284 5.20 -30.37 22.48
C LEU A 284 5.11 -28.97 23.09
N PRO A 285 5.36 -28.81 24.38
CA PRO A 285 5.19 -27.51 25.02
C PRO A 285 6.27 -26.53 24.60
N PRO A 286 5.92 -25.27 24.37
CA PRO A 286 6.93 -24.25 24.10
C PRO A 286 7.74 -23.93 25.34
N ALA A 287 8.91 -23.35 25.11
CA ALA A 287 9.89 -23.08 26.16
C ALA A 287 9.96 -21.58 26.41
N LYS A 288 9.84 -21.19 27.67
CA LYS A 288 9.95 -19.80 28.09
C LYS A 288 11.25 -19.59 28.85
N HIS A 289 11.63 -18.32 29.02
CA HIS A 289 12.85 -17.99 29.75
C HIS A 289 12.55 -17.21 31.03
N ARG A 290 11.87 -16.08 30.95
CA ARG A 290 11.62 -15.27 32.15
C ARG A 290 10.17 -14.87 32.33
N SER A 291 9.46 -14.55 31.25
CA SER A 291 8.15 -13.93 31.33
C SER A 291 7.07 -14.77 30.65
N GLY A 292 7.32 -16.08 30.50
CA GLY A 292 6.37 -16.91 29.80
C GLY A 292 6.31 -16.67 28.30
N ARG A 293 7.30 -15.98 27.75
CA ARG A 293 7.36 -15.73 26.32
C ARG A 293 8.09 -16.87 25.63
N PRO A 294 7.49 -17.51 24.62
CA PRO A 294 8.16 -18.63 23.96
C PRO A 294 9.48 -18.22 23.34
N LEU A 295 10.47 -19.10 23.39
CA LEU A 295 11.79 -18.79 22.89
C LEU A 295 11.81 -18.79 21.37
N ARG A 296 12.81 -18.09 20.82
CA ARG A 296 13.06 -18.06 19.38
C ARG A 296 14.33 -18.84 19.10
N THR A 297 14.21 -19.87 18.26
CA THR A 297 15.28 -20.83 18.06
C THR A 297 15.75 -20.79 16.60
N LEU A 298 16.61 -21.75 16.25
CA LEU A 298 17.29 -21.73 14.96
C LEU A 298 16.30 -21.66 13.80
N ALA A 299 15.27 -22.51 13.84
CA ALA A 299 14.31 -22.55 12.74
C ALA A 299 13.34 -21.36 12.77
N GLN A 300 13.21 -20.68 13.92
CA GLN A 300 12.37 -19.50 14.00
C GLN A 300 13.06 -18.26 13.44
N ARG A 301 14.39 -18.26 13.38
CA ARG A 301 15.14 -17.16 12.78
C ARG A 301 15.11 -17.21 11.26
N LEU A 302 14.59 -18.29 10.67
CA LEU A 302 14.62 -18.47 9.23
C LEU A 302 13.26 -18.32 8.56
N LYS A 303 12.17 -18.60 9.27
CA LYS A 303 10.84 -18.52 8.69
C LYS A 303 10.12 -17.27 9.16
N GLY A 304 9.01 -16.98 8.48
CA GLY A 304 8.23 -15.78 8.75
C GLY A 304 8.59 -14.65 7.81
N LYS A 305 7.83 -13.56 7.92
CA LYS A 305 8.08 -12.38 7.11
C LYS A 305 9.17 -11.49 7.69
N GLU A 306 9.55 -11.70 8.95
CA GLU A 306 10.66 -10.99 9.57
C GLU A 306 11.89 -11.88 9.75
N GLY A 307 11.85 -13.10 9.23
CA GLY A 307 12.94 -14.02 9.38
C GLY A 307 14.10 -13.68 8.48
N ARG A 308 15.04 -14.62 8.38
CA ARG A 308 16.24 -14.39 7.59
C ARG A 308 15.90 -14.22 6.11
N PHE A 309 15.15 -15.15 5.54
CA PHE A 309 14.92 -15.15 4.10
C PHE A 309 14.18 -13.90 3.64
N ARG A 310 12.91 -13.75 4.03
CA ARG A 310 12.09 -12.66 3.52
C ARG A 310 12.39 -11.33 4.20
N GLY A 311 13.19 -11.31 5.25
CA GLY A 311 13.50 -10.08 5.94
C GLY A 311 14.87 -9.51 5.62
N ASN A 312 15.80 -10.38 5.22
CA ASN A 312 17.18 -9.96 4.98
C ASN A 312 17.77 -10.43 3.65
N LEU A 313 17.18 -11.43 3.00
CA LEU A 313 17.74 -11.97 1.77
C LEU A 313 16.94 -11.56 0.53
N SER A 314 15.62 -11.72 0.57
CA SER A 314 14.78 -11.28 -0.54
C SER A 314 14.60 -9.77 -0.53
N GLY A 315 14.50 -9.16 0.65
CA GLY A 315 14.41 -7.72 0.76
C GLY A 315 15.22 -7.25 1.94
N LYS A 316 15.60 -5.97 1.88
CA LYS A 316 16.47 -5.40 2.91
C LYS A 316 16.32 -3.88 2.90
N ARG A 317 16.78 -3.26 3.97
CA ARG A 317 16.87 -1.82 4.03
C ARG A 317 18.15 -1.34 3.36
N VAL A 318 18.05 -0.19 2.69
CA VAL A 318 19.12 0.28 1.81
C VAL A 318 19.52 1.69 2.21
N ASP A 319 20.69 2.09 1.74
CA ASP A 319 21.24 3.41 1.97
C ASP A 319 20.88 4.35 0.82
N PHE A 320 21.00 5.66 1.09
CA PHE A 320 20.76 6.70 0.09
C PHE A 320 19.33 6.66 -0.44
N SER A 321 18.38 6.74 0.50
CA SER A 321 16.96 6.70 0.18
C SER A 321 16.22 7.70 1.06
N ALA A 322 15.10 8.21 0.56
CA ALA A 322 14.33 9.22 1.26
C ALA A 322 12.85 8.99 1.01
N ARG A 323 12.02 9.54 1.92
CA ARG A 323 10.57 9.44 1.83
C ARG A 323 9.96 10.77 2.25
N THR A 324 8.96 11.24 1.51
CA THR A 324 8.33 12.52 1.81
C THR A 324 6.95 12.55 1.16
N VAL A 325 6.10 13.43 1.68
CA VAL A 325 4.82 13.73 1.04
C VAL A 325 5.08 14.30 -0.37
N ILE A 326 4.10 14.16 -1.25
CA ILE A 326 4.20 14.66 -2.62
C ILE A 326 3.18 15.77 -2.83
N SER A 327 3.52 16.68 -3.73
CA SER A 327 2.65 17.79 -4.10
C SER A 327 2.77 18.04 -5.60
N PRO A 328 1.76 18.64 -6.22
CA PRO A 328 1.80 18.82 -7.68
C PRO A 328 2.79 19.89 -8.11
N ASP A 329 3.19 19.80 -9.37
CA ASP A 329 3.98 20.84 -10.02
C ASP A 329 3.78 20.79 -11.53
N PRO A 330 2.89 21.63 -12.08
CA PRO A 330 2.70 21.66 -13.53
C PRO A 330 3.83 22.31 -14.31
N ASN A 331 4.85 22.86 -13.64
CA ASN A 331 5.95 23.52 -14.31
C ASN A 331 7.16 22.62 -14.52
N LEU A 332 7.10 21.38 -14.06
CA LEU A 332 8.15 20.42 -14.32
C LEU A 332 7.88 19.68 -15.62
N SER A 333 8.95 19.13 -16.19
CA SER A 333 8.80 18.18 -17.28
C SER A 333 8.28 16.85 -16.74
N ILE A 334 7.85 15.98 -17.65
CA ILE A 334 7.41 14.66 -17.22
C ILE A 334 8.60 13.80 -16.81
N ASP A 335 9.81 14.20 -17.17
CA ASP A 335 11.02 13.47 -16.79
C ASP A 335 11.61 13.94 -15.47
N GLU A 336 11.05 14.97 -14.85
CA GLU A 336 11.66 15.63 -13.71
C GLU A 336 10.92 15.35 -12.42
N VAL A 337 11.64 15.53 -11.31
CA VAL A 337 11.08 15.45 -9.97
C VAL A 337 11.68 16.58 -9.14
N GLY A 338 10.86 17.21 -8.30
CA GLY A 338 11.30 18.31 -7.47
C GLY A 338 11.80 17.82 -6.12
N ILE A 339 12.96 18.32 -5.71
CA ILE A 339 13.65 17.82 -4.52
C ILE A 339 13.90 18.98 -3.56
N PRO A 340 13.70 18.79 -2.26
CA PRO A 340 14.03 19.84 -1.30
C PRO A 340 15.54 20.07 -1.21
N TYR A 341 15.90 21.29 -0.77
CA TYR A 341 17.30 21.63 -0.59
C TYR A 341 17.94 20.80 0.51
N THR A 342 17.19 20.46 1.56
CA THR A 342 17.73 19.67 2.64
C THR A 342 18.13 18.28 2.18
N ILE A 343 17.29 17.65 1.35
CA ILE A 343 17.57 16.30 0.88
C ILE A 343 18.72 16.31 -0.12
N ALA A 344 18.79 17.34 -0.97
CA ALA A 344 19.88 17.43 -1.94
C ALA A 344 21.24 17.56 -1.26
N ARG A 345 21.30 18.19 -0.09
CA ARG A 345 22.56 18.38 0.61
C ARG A 345 22.96 17.18 1.45
N MET A 346 22.04 16.24 1.71
CA MET A 346 22.36 15.06 2.51
C MET A 346 22.72 13.86 1.66
N LEU A 347 21.88 13.53 0.68
CA LEU A 347 22.23 12.49 -0.27
C LEU A 347 23.30 12.99 -1.23
N THR A 348 24.22 12.12 -1.60
CA THR A 348 25.34 12.51 -2.44
C THR A 348 25.55 11.50 -3.55
N VAL A 349 26.24 11.94 -4.59
CA VAL A 349 26.65 11.08 -5.71
C VAL A 349 28.17 11.11 -5.76
N PRO A 350 28.84 9.95 -5.76
CA PRO A 350 30.31 9.95 -5.79
C PRO A 350 30.81 10.06 -7.23
N GLU A 351 31.54 11.13 -7.52
CA GLU A 351 32.05 11.39 -8.86
C GLU A 351 33.57 11.32 -8.85
N ARG A 352 34.12 10.48 -9.72
CA ARG A 352 35.57 10.38 -9.85
C ARG A 352 36.10 11.53 -10.70
N VAL A 353 37.23 12.08 -10.28
CA VAL A 353 37.80 13.26 -10.92
C VAL A 353 38.57 12.85 -12.18
N THR A 354 38.23 13.48 -13.29
CA THR A 354 38.96 13.32 -14.55
C THR A 354 39.52 14.69 -14.96
N ASN A 355 40.12 14.74 -16.15
CA ASN A 355 40.68 15.98 -16.65
C ASN A 355 39.65 16.87 -17.33
N ILE A 356 38.40 16.42 -17.43
CA ILE A 356 37.38 17.17 -18.16
C ILE A 356 36.45 17.86 -17.16
N ASN A 357 36.35 17.32 -15.96
CA ASN A 357 35.41 17.80 -14.95
C ASN A 357 36.11 18.33 -13.70
N ILE A 358 37.41 18.67 -13.80
CA ILE A 358 38.17 18.99 -12.60
C ILE A 358 37.76 20.36 -12.05
N GLU A 359 37.44 21.32 -12.92
CA GLU A 359 37.10 22.65 -12.45
C GLU A 359 35.74 22.69 -11.77
N ARG A 360 34.76 21.97 -12.32
CA ARG A 360 33.44 21.89 -11.70
C ARG A 360 33.54 21.22 -10.32
N ILE A 361 34.33 20.17 -10.22
CA ILE A 361 34.51 19.49 -8.94
C ILE A 361 35.25 20.38 -7.95
N ARG A 362 36.21 21.17 -8.44
CA ARG A 362 36.89 22.13 -7.58
C ARG A 362 35.92 23.16 -7.02
N GLN A 363 35.02 23.66 -7.87
CA GLN A 363 34.01 24.60 -7.40
C GLN A 363 33.07 23.95 -6.40
N TYR A 364 32.75 22.66 -6.60
CA TYR A 364 31.98 21.93 -5.59
C TYR A 364 32.72 21.89 -4.25
N ILE A 365 34.02 21.63 -4.30
CA ILE A 365 34.81 21.51 -3.07
C ILE A 365 34.92 22.84 -2.36
N ILE A 366 35.01 23.94 -3.12
CA ILE A 366 35.11 25.26 -2.50
C ILE A 366 33.89 25.53 -1.62
N ASN A 367 32.70 25.24 -2.13
CA ASN A 367 31.52 25.22 -1.28
C ASN A 367 31.61 24.05 -0.31
N GLY A 368 31.19 24.27 0.92
CA GLY A 368 31.31 23.26 1.94
C GLY A 368 30.14 22.29 1.92
N PRO A 369 29.94 21.59 3.04
CA PRO A 369 28.74 20.73 3.17
C PRO A 369 27.46 21.52 3.40
N ASP A 370 27.54 22.83 3.63
CA ASP A 370 26.39 23.63 4.02
C ASP A 370 25.91 24.57 2.93
N LYS A 371 26.53 24.56 1.75
CA LYS A 371 26.11 25.42 0.65
C LYS A 371 25.96 24.57 -0.61
N TRP A 372 24.81 24.70 -1.26
CA TRP A 372 24.45 23.96 -2.45
C TRP A 372 24.70 24.79 -3.71
N PRO A 373 25.31 24.22 -4.76
CA PRO A 373 25.82 22.84 -4.82
C PRO A 373 27.23 22.72 -4.25
N GLY A 374 27.42 21.78 -3.32
CA GLY A 374 28.71 21.60 -2.70
C GLY A 374 29.13 20.14 -2.62
N ALA A 375 29.82 19.78 -1.55
CA ALA A 375 30.29 18.42 -1.37
C ALA A 375 30.39 18.12 0.12
N ASN A 376 30.30 16.84 0.46
CA ASN A 376 30.40 16.39 1.84
C ASN A 376 31.71 15.70 2.17
N TYR A 377 32.29 14.96 1.23
CA TYR A 377 33.51 14.21 1.48
C TYR A 377 34.41 14.27 0.26
N VAL A 378 35.71 14.05 0.49
CA VAL A 378 36.69 13.87 -0.56
C VAL A 378 37.47 12.60 -0.25
N ILE A 379 37.61 11.72 -1.24
CA ILE A 379 38.31 10.46 -1.07
C ILE A 379 39.61 10.53 -1.87
N LYS A 380 40.73 10.30 -1.18
CA LYS A 380 42.04 10.33 -1.81
C LYS A 380 42.26 9.06 -2.62
N PRO A 381 43.17 9.10 -3.61
CA PRO A 381 43.36 7.93 -4.47
C PRO A 381 43.72 6.67 -3.72
N ASP A 382 44.47 6.76 -2.62
CA ASP A 382 44.79 5.56 -1.85
C ASP A 382 43.60 5.07 -1.04
N GLY A 383 42.62 5.92 -0.74
CA GLY A 383 41.39 5.46 -0.13
C GLY A 383 41.07 6.01 1.25
N ARG A 384 41.53 7.22 1.55
CA ARG A 384 41.19 7.87 2.82
C ARG A 384 40.15 8.95 2.57
N ARG A 385 39.10 8.94 3.39
CA ARG A 385 38.04 9.93 3.31
C ARG A 385 38.38 11.17 4.12
N ILE A 386 37.85 12.31 3.69
CA ILE A 386 38.06 13.59 4.35
C ILE A 386 36.72 14.27 4.54
N ASP A 387 36.36 14.52 5.80
CA ASP A 387 35.15 15.27 6.12
C ASP A 387 35.41 16.75 5.84
N LEU A 388 34.67 17.32 4.88
CA LEU A 388 34.94 18.69 4.47
C LEU A 388 34.50 19.73 5.49
N ARG A 389 33.72 19.34 6.50
CA ARG A 389 33.36 20.29 7.54
C ARG A 389 34.43 20.43 8.61
N TYR A 390 35.41 19.53 8.65
CA TYR A 390 36.53 19.60 9.57
C TYR A 390 37.81 20.05 8.90
N VAL A 391 37.72 20.60 7.69
CA VAL A 391 38.90 21.04 6.94
C VAL A 391 39.17 22.50 7.27
N LYS A 392 40.41 22.79 7.64
CA LYS A 392 40.76 24.15 8.02
C LYS A 392 40.60 25.14 6.86
N ASP A 393 41.04 24.75 5.66
CA ASP A 393 40.95 25.59 4.48
C ASP A 393 40.52 24.73 3.31
N ARG A 394 39.31 24.97 2.79
CA ARG A 394 38.80 24.22 1.66
C ARG A 394 39.28 24.76 0.31
N LYS A 395 39.86 25.96 0.29
CA LYS A 395 40.37 26.51 -0.96
C LYS A 395 41.69 25.87 -1.38
N GLU A 396 42.54 25.51 -0.41
CA GLU A 396 43.79 24.83 -0.74
C GLU A 396 43.57 23.36 -1.10
N LEU A 397 42.62 22.70 -0.44
CA LEU A 397 42.32 21.31 -0.77
C LEU A 397 41.75 21.19 -2.18
N ALA A 398 41.01 22.20 -2.62
CA ALA A 398 40.48 22.18 -3.99
C ALA A 398 41.61 22.26 -5.01
N SER A 399 42.63 23.07 -4.73
CA SER A 399 43.74 23.23 -5.67
C SER A 399 44.62 21.98 -5.75
N SER A 400 44.57 21.11 -4.75
CA SER A 400 45.47 19.97 -4.68
C SER A 400 44.89 18.68 -5.27
N ILE A 401 43.62 18.69 -5.69
CA ILE A 401 43.02 17.48 -6.23
C ILE A 401 43.46 17.30 -7.68
N THR A 402 43.64 16.05 -8.07
CA THR A 402 44.01 15.67 -9.43
C THR A 402 43.08 14.57 -9.91
N ALA A 403 43.35 14.06 -11.11
CA ALA A 403 42.59 12.93 -11.63
C ALA A 403 42.81 11.70 -10.76
N GLY A 404 41.73 11.01 -10.42
CA GLY A 404 41.76 9.86 -9.55
C GLY A 404 41.11 10.08 -8.20
N TYR A 405 40.93 11.33 -7.79
CA TYR A 405 40.19 11.62 -6.59
C TYR A 405 38.70 11.33 -6.78
N VAL A 406 38.03 11.06 -5.67
CA VAL A 406 36.58 10.86 -5.66
C VAL A 406 35.98 11.90 -4.72
N VAL A 407 34.99 12.64 -5.23
CA VAL A 407 34.29 13.66 -4.46
C VAL A 407 32.82 13.28 -4.38
N GLU A 408 32.29 13.19 -3.17
CA GLU A 408 30.88 12.93 -2.94
C GLU A 408 30.15 14.26 -2.88
N ARG A 409 29.54 14.66 -4.00
CA ARG A 409 28.91 15.96 -4.13
C ARG A 409 27.40 15.86 -3.96
N HIS A 410 26.78 17.00 -3.68
CA HIS A 410 25.34 17.09 -3.53
C HIS A 410 24.63 16.74 -4.84
N LEU A 411 23.32 16.53 -4.76
CA LEU A 411 22.52 16.40 -5.97
C LEU A 411 22.39 17.73 -6.68
N VAL A 412 22.51 17.70 -8.00
CA VAL A 412 22.41 18.87 -8.85
C VAL A 412 21.33 18.61 -9.89
N ASP A 413 20.90 19.67 -10.54
CA ASP A 413 19.88 19.54 -11.58
C ASP A 413 20.39 18.65 -12.71
N GLY A 414 19.58 17.68 -13.09
CA GLY A 414 19.94 16.73 -14.13
C GLY A 414 20.41 15.38 -13.65
N ASP A 415 20.48 15.16 -12.34
CA ASP A 415 20.86 13.86 -11.80
C ASP A 415 19.71 12.87 -11.94
N VAL A 416 20.06 11.59 -12.04
CA VAL A 416 19.09 10.53 -12.25
C VAL A 416 18.85 9.82 -10.92
N VAL A 417 17.57 9.70 -10.54
CA VAL A 417 17.16 9.02 -9.33
C VAL A 417 15.98 8.12 -9.66
N LEU A 418 15.68 7.21 -8.74
CA LEU A 418 14.55 6.31 -8.86
C LEU A 418 13.43 6.79 -7.95
N PHE A 419 12.23 6.94 -8.51
CA PHE A 419 11.09 7.49 -7.79
C PHE A 419 10.00 6.43 -7.78
N ASN A 420 9.51 6.08 -6.59
CA ASN A 420 8.70 4.90 -6.39
C ASN A 420 7.51 5.19 -5.49
N ARG A 421 6.37 4.57 -5.81
CA ARG A 421 5.20 4.59 -4.95
C ARG A 421 4.72 3.16 -4.69
N GLN A 422 4.41 2.87 -3.43
CA GLN A 422 3.95 1.54 -3.01
C GLN A 422 2.43 1.51 -2.89
N PRO A 423 1.79 0.37 -3.20
CA PRO A 423 2.40 -0.90 -3.63
C PRO A 423 2.88 -0.90 -5.08
N SER A 424 3.97 -1.62 -5.33
CA SER A 424 4.59 -1.68 -6.66
C SER A 424 3.96 -2.82 -7.43
N LEU A 425 2.91 -2.51 -8.19
CA LEU A 425 2.12 -3.55 -8.85
C LEU A 425 2.69 -3.90 -10.22
N HIS A 426 3.12 -2.92 -10.99
CA HIS A 426 3.80 -3.15 -12.25
C HIS A 426 5.15 -2.44 -12.21
N ARG A 427 5.91 -2.57 -13.29
CA ARG A 427 7.28 -2.08 -13.29
C ARG A 427 7.37 -0.56 -13.42
N ILE A 428 6.33 0.10 -13.89
CA ILE A 428 6.37 1.56 -14.02
C ILE A 428 5.85 2.19 -12.73
N SER A 429 5.70 1.37 -11.69
CA SER A 429 5.55 1.91 -10.34
C SER A 429 6.86 2.51 -9.83
N MET A 430 7.97 2.28 -10.52
CA MET A 430 9.26 2.88 -10.19
C MET A 430 9.93 3.24 -11.50
N MET A 431 10.17 4.53 -11.71
CA MET A 431 10.77 5.03 -12.93
C MET A 431 11.92 5.96 -12.60
N ALA A 432 12.74 6.23 -13.60
CA ALA A 432 13.89 7.11 -13.44
C ALA A 432 13.50 8.55 -13.75
N HIS A 433 13.94 9.47 -12.90
CA HIS A 433 13.59 10.88 -13.03
C HIS A 433 14.87 11.72 -12.98
N LYS A 434 14.76 12.94 -13.50
CA LYS A 434 15.87 13.90 -13.46
C LYS A 434 15.62 14.91 -12.36
N VAL A 435 16.65 15.13 -11.53
CA VAL A 435 16.49 15.94 -10.33
C VAL A 435 16.36 17.42 -10.68
N ARG A 436 15.48 18.11 -9.95
CA ARG A 436 15.43 19.57 -9.95
C ARG A 436 15.24 20.01 -8.50
N VAL A 437 16.14 20.85 -8.01
CA VAL A 437 16.12 21.29 -6.62
C VAL A 437 15.31 22.57 -6.51
N LEU A 438 14.34 22.57 -5.61
CA LEU A 438 13.39 23.67 -5.47
C LEU A 438 13.19 23.95 -3.98
N PRO A 439 12.76 25.17 -3.64
CA PRO A 439 12.40 25.44 -2.25
C PRO A 439 11.15 24.66 -1.83
N GLY A 440 11.12 24.28 -0.56
CA GLY A 440 10.05 23.47 -0.01
C GLY A 440 10.59 22.23 0.65
N ARG A 441 9.66 21.45 1.21
CA ARG A 441 10.00 20.23 1.93
C ARG A 441 9.20 19.04 1.41
N THR A 442 8.91 19.03 0.11
CA THR A 442 8.00 18.09 -0.51
C THR A 442 8.62 17.54 -1.79
N PHE A 443 8.17 16.36 -2.21
CA PHE A 443 8.51 15.81 -3.52
C PHE A 443 7.51 16.34 -4.54
N ARG A 444 7.98 17.11 -5.50
CA ARG A 444 7.11 17.70 -6.51
C ARG A 444 7.05 16.81 -7.75
N LEU A 445 5.85 16.61 -8.26
CA LEU A 445 5.58 15.67 -9.34
C LEU A 445 4.64 16.32 -10.35
N ASN A 446 4.90 16.10 -11.63
CA ASN A 446 4.02 16.59 -12.68
C ASN A 446 2.68 15.87 -12.62
N LEU A 447 1.63 16.58 -13.05
CA LEU A 447 0.28 16.03 -12.96
C LEU A 447 0.02 14.95 -14.00
N LEU A 448 0.74 14.95 -15.11
CA LEU A 448 0.60 13.90 -16.12
C LEU A 448 1.27 12.60 -15.71
N ASP A 449 2.10 12.61 -14.67
CA ASP A 449 2.82 11.43 -14.22
C ASP A 449 2.09 10.66 -13.13
N CYS A 450 0.88 11.06 -12.78
CA CYS A 450 0.14 10.44 -11.69
C CYS A 450 -0.51 9.10 -12.06
N PRO A 451 -1.07 8.92 -13.26
CA PRO A 451 -1.73 7.64 -13.59
C PRO A 451 -0.79 6.44 -13.48
N PRO A 452 0.46 6.52 -13.96
CA PRO A 452 1.35 5.35 -13.79
C PRO A 452 1.61 5.01 -12.32
N TYR A 453 1.67 6.00 -11.44
CA TYR A 453 1.91 5.76 -10.03
C TYR A 453 0.62 5.55 -9.23
N ASN A 454 -0.55 5.81 -9.84
CA ASN A 454 -1.82 5.82 -9.12
C ASN A 454 -1.75 6.79 -7.94
N ALA A 455 -1.10 7.92 -8.15
CA ALA A 455 -0.79 8.85 -7.08
C ALA A 455 -1.87 9.93 -6.98
N ASP A 456 -1.91 10.57 -5.82
CA ASP A 456 -2.90 11.58 -5.53
C ASP A 456 -2.30 12.55 -4.52
N PHE A 457 -2.94 13.70 -4.37
CA PHE A 457 -2.47 14.76 -3.49
C PHE A 457 -3.39 14.93 -2.28
N ASP A 458 -3.77 13.80 -1.71
CA ASP A 458 -4.55 13.74 -0.47
C ASP A 458 -3.69 13.54 0.76
N GLY A 459 -2.37 13.52 0.62
CA GLY A 459 -1.47 13.25 1.72
C GLY A 459 -0.60 12.04 1.47
N ASP A 460 -0.42 11.69 0.20
CA ASP A 460 0.34 10.52 -0.18
C ASP A 460 1.84 10.77 -0.08
N GLU A 461 2.60 9.68 0.02
CA GLU A 461 4.05 9.73 0.14
C GLU A 461 4.68 8.78 -0.86
N MET A 462 5.90 9.12 -1.28
CA MET A 462 6.64 8.32 -2.25
C MET A 462 8.09 8.22 -1.82
N ASN A 463 8.80 7.26 -2.40
CA ASN A 463 10.18 6.96 -2.02
C ASN A 463 11.14 7.42 -3.11
N LEU A 464 12.37 7.70 -2.70
CA LEU A 464 13.44 8.13 -3.60
C LEU A 464 14.66 7.25 -3.39
N HIS A 465 15.36 6.94 -4.48
CA HIS A 465 16.58 6.14 -4.45
C HIS A 465 17.62 6.77 -5.37
N VAL A 466 18.84 6.89 -4.88
CA VAL A 466 19.94 7.48 -5.64
C VAL A 466 20.91 6.38 -6.00
N PRO A 467 21.00 5.99 -7.29
CA PRO A 467 22.06 5.05 -7.69
C PRO A 467 23.44 5.67 -7.48
N GLN A 468 24.41 4.82 -7.10
CA GLN A 468 25.71 5.30 -6.68
C GLN A 468 26.84 5.01 -7.66
N SER A 469 26.72 3.99 -8.50
CA SER A 469 27.79 3.63 -9.42
C SER A 469 27.48 4.12 -10.83
N GLU A 470 28.53 4.20 -11.65
CA GLU A 470 28.38 4.69 -13.01
C GLU A 470 27.49 3.76 -13.84
N GLU A 471 27.69 2.45 -13.70
CA GLU A 471 26.92 1.50 -14.49
C GLU A 471 25.44 1.53 -14.12
N ALA A 472 25.14 1.62 -12.82
CA ALA A 472 23.75 1.70 -12.39
C ALA A 472 23.08 2.96 -12.90
N ILE A 473 23.78 4.10 -12.83
CA ILE A 473 23.21 5.35 -13.32
C ILE A 473 22.98 5.28 -14.82
N ALA A 474 23.93 4.70 -15.56
CA ALA A 474 23.77 4.59 -17.00
C ALA A 474 22.60 3.70 -17.37
N GLU A 475 22.43 2.57 -16.66
CA GLU A 475 21.29 1.70 -16.93
C GLU A 475 19.98 2.40 -16.61
N ALA A 476 19.93 3.12 -15.49
CA ALA A 476 18.71 3.83 -15.13
C ALA A 476 18.37 4.91 -16.16
N ARG A 477 19.38 5.60 -16.68
CA ARG A 477 19.13 6.65 -17.66
C ARG A 477 18.76 6.08 -19.03
N GLU A 478 19.26 4.88 -19.38
CA GLU A 478 18.99 4.32 -20.68
C GLU A 478 17.70 3.53 -20.76
N LEU A 479 17.29 2.85 -19.68
CA LEU A 479 16.17 1.94 -19.76
C LEU A 479 14.94 2.38 -18.98
N MET A 480 15.10 3.18 -17.92
CA MET A 480 14.01 3.47 -17.00
C MET A 480 13.48 4.89 -17.09
N LEU A 481 13.97 5.71 -18.00
CA LEU A 481 13.53 7.09 -18.08
C LEU A 481 12.04 7.16 -18.40
N VAL A 482 11.38 8.23 -17.92
CA VAL A 482 9.92 8.27 -17.89
C VAL A 482 9.35 8.31 -19.30
N HIS A 483 9.88 9.17 -20.17
CA HIS A 483 9.27 9.35 -21.48
C HIS A 483 9.43 8.13 -22.37
N LYS A 484 10.38 7.25 -22.08
CA LYS A 484 10.50 6.01 -22.83
C LYS A 484 9.42 4.99 -22.46
N ASN A 485 8.65 5.26 -21.40
CA ASN A 485 7.65 4.34 -20.89
C ASN A 485 6.26 4.96 -20.91
N ILE A 486 5.96 5.74 -21.95
CA ILE A 486 4.64 6.34 -22.06
C ILE A 486 3.59 5.29 -22.36
N ILE A 487 3.91 4.32 -23.20
CA ILE A 487 2.99 3.24 -23.57
C ILE A 487 3.19 2.09 -22.60
N THR A 488 2.09 1.61 -22.03
CA THR A 488 2.16 0.55 -21.05
C THR A 488 2.31 -0.82 -21.72
N PRO A 489 2.99 -1.76 -21.07
CA PRO A 489 3.11 -3.11 -21.67
C PRO A 489 1.87 -3.97 -21.51
N ARG A 490 0.92 -3.60 -20.64
CA ARG A 490 -0.28 -4.40 -20.46
C ARG A 490 -1.13 -4.40 -21.72
N TYR A 491 -1.26 -3.25 -22.37
CA TYR A 491 -1.96 -3.13 -23.64
C TYR A 491 -1.30 -2.00 -24.42
N GLY A 492 -1.52 -1.97 -25.72
CA GLY A 492 -0.87 -0.96 -26.54
C GLY A 492 -1.53 0.39 -26.41
N GLY A 493 -1.35 1.05 -25.27
CA GLY A 493 -1.94 2.34 -25.04
C GLY A 493 -1.13 3.23 -24.12
N PRO A 494 -1.32 4.54 -24.22
CA PRO A 494 -0.56 5.47 -23.38
C PRO A 494 -1.12 5.52 -21.97
N ILE A 495 -0.23 5.38 -20.98
CA ILE A 495 -0.61 5.50 -19.58
C ILE A 495 -0.35 6.90 -19.02
N ILE A 496 0.17 7.81 -19.85
CA ILE A 496 0.45 9.18 -19.45
C ILE A 496 -0.33 10.10 -20.38
N GLY A 497 -1.10 11.03 -19.81
CA GLY A 497 -1.92 11.91 -20.61
C GLY A 497 -2.69 12.88 -19.77
N GLY A 498 -3.65 13.56 -20.40
CA GLY A 498 -4.30 14.69 -19.77
C GLY A 498 -5.31 14.30 -18.72
N GLY A 499 -5.57 15.24 -17.81
CA GLY A 499 -6.38 14.96 -16.64
C GLY A 499 -7.72 15.66 -16.58
N GLN A 500 -7.82 16.72 -15.78
CA GLN A 500 -9.10 17.37 -15.51
C GLN A 500 -9.17 18.79 -16.06
N ASP A 501 -8.26 19.67 -15.66
CA ASP A 501 -8.21 20.99 -16.26
C ASP A 501 -7.67 20.94 -17.68
N TYR A 502 -6.85 19.94 -17.99
CA TYR A 502 -6.32 19.82 -19.34
C TYR A 502 -7.44 19.59 -20.35
N ILE A 503 -8.38 18.71 -20.02
CA ILE A 503 -9.43 18.35 -20.97
C ILE A 503 -10.38 19.52 -21.20
N SER A 504 -10.81 20.18 -20.12
CA SER A 504 -11.73 21.31 -20.28
C SER A 504 -11.04 22.51 -20.89
N GLY A 505 -9.77 22.74 -20.58
CA GLY A 505 -9.03 23.79 -21.23
C GLY A 505 -8.86 23.55 -22.73
N ALA A 506 -8.57 22.30 -23.10
CA ALA A 506 -8.48 21.95 -24.51
C ALA A 506 -9.80 22.16 -25.22
N TYR A 507 -10.91 21.77 -24.59
CA TYR A 507 -12.23 21.97 -25.19
C TYR A 507 -12.52 23.45 -25.37
N LEU A 508 -12.25 24.26 -24.34
CA LEU A 508 -12.57 25.68 -24.42
C LEU A 508 -11.67 26.41 -25.42
N LEU A 509 -10.43 25.98 -25.55
CA LEU A 509 -9.53 26.62 -26.51
C LEU A 509 -9.86 26.22 -27.95
N SER A 510 -10.15 24.93 -28.18
CA SER A 510 -10.29 24.42 -29.53
C SER A 510 -11.70 24.59 -30.10
N VAL A 511 -12.65 25.09 -29.31
CA VAL A 511 -14.00 25.31 -29.84
C VAL A 511 -13.96 26.44 -30.86
N LYS A 512 -14.87 26.36 -31.85
CA LYS A 512 -14.77 27.22 -33.03
C LYS A 512 -15.19 28.66 -32.76
N THR A 513 -15.72 28.97 -31.58
CA THR A 513 -16.11 30.34 -31.27
C THR A 513 -14.98 31.14 -30.62
N THR A 514 -13.85 30.50 -30.30
CA THR A 514 -12.76 31.18 -29.62
C THR A 514 -11.99 32.05 -30.61
N LEU A 515 -11.94 33.35 -30.36
CA LEU A 515 -11.16 34.29 -31.13
C LEU A 515 -10.16 34.97 -30.22
N LEU A 516 -8.96 35.23 -30.75
CA LEU A 516 -7.86 35.73 -29.95
C LEU A 516 -7.20 36.91 -30.66
N THR A 517 -6.63 37.81 -29.87
CA THR A 517 -5.87 38.93 -30.38
C THR A 517 -4.38 38.63 -30.30
N VAL A 518 -3.57 39.52 -30.87
CA VAL A 518 -2.12 39.31 -30.88
C VAL A 518 -1.57 39.25 -29.47
N GLU A 519 -2.07 40.13 -28.59
CA GLU A 519 -1.59 40.15 -27.21
C GLU A 519 -2.00 38.89 -26.46
N GLU A 520 -3.23 38.42 -26.67
CA GLU A 520 -3.67 37.19 -26.03
C GLU A 520 -2.90 35.98 -26.56
N VAL A 521 -2.62 35.96 -27.86
CA VAL A 521 -1.83 34.88 -28.44
C VAL A 521 -0.42 34.88 -27.85
N ALA A 522 0.18 36.07 -27.71
CA ALA A 522 1.51 36.15 -27.12
C ALA A 522 1.51 35.75 -25.64
N THR A 523 0.42 36.03 -24.92
CA THR A 523 0.31 35.59 -23.54
C THR A 523 0.19 34.07 -23.45
N ILE A 524 -0.61 33.47 -24.34
CA ILE A 524 -0.78 32.02 -24.33
C ILE A 524 0.52 31.32 -24.72
N LEU A 525 1.21 31.80 -25.74
CA LEU A 525 2.43 31.15 -26.22
C LEU A 525 3.64 31.44 -25.35
N GLY A 526 3.53 32.36 -24.38
CA GLY A 526 4.66 32.68 -23.53
C GLY A 526 5.01 31.60 -22.53
N VAL A 527 4.08 30.67 -22.26
CA VAL A 527 4.35 29.58 -21.33
C VAL A 527 5.00 28.39 -22.01
N THR A 528 5.17 28.43 -23.34
CA THR A 528 5.75 27.35 -24.11
C THR A 528 7.17 27.72 -24.54
N ASP A 529 7.78 26.85 -25.33
CA ASP A 529 9.09 27.09 -25.92
C ASP A 529 9.00 27.72 -27.30
N PHE A 530 7.79 28.07 -27.76
CA PHE A 530 7.61 28.55 -29.12
C PHE A 530 8.22 29.93 -29.31
N VAL A 531 9.09 30.04 -30.31
CA VAL A 531 9.53 31.32 -30.86
C VAL A 531 9.51 31.21 -32.37
N GLY A 532 8.89 32.16 -33.03
CA GLY A 532 8.83 32.13 -34.49
C GLY A 532 7.69 32.98 -35.01
N GLU A 533 7.35 32.73 -36.27
CA GLU A 533 6.31 33.47 -36.96
C GLU A 533 4.95 32.85 -36.69
N LEU A 534 3.97 33.68 -36.35
CA LEU A 534 2.62 33.21 -36.12
C LEU A 534 1.82 33.05 -37.41
N GLY A 535 2.30 33.61 -38.51
CA GLY A 535 1.52 33.67 -39.73
C GLY A 535 0.51 34.80 -39.67
N GLU A 536 -0.35 34.83 -40.67
CA GLU A 536 -1.41 35.83 -40.66
C GLU A 536 -2.55 35.38 -39.76
N PRO A 537 -3.28 36.32 -39.16
CA PRO A 537 -4.46 35.95 -38.39
C PRO A 537 -5.52 35.31 -39.29
N ALA A 538 -6.31 34.42 -38.69
CA ALA A 538 -7.37 33.76 -39.44
C ALA A 538 -8.39 34.76 -39.96
N ILE A 539 -8.73 35.76 -39.15
CA ILE A 539 -9.63 36.84 -39.54
C ILE A 539 -8.82 38.10 -39.69
N LEU A 540 -8.92 38.74 -40.85
CA LEU A 540 -8.17 39.97 -41.14
C LEU A 540 -9.02 41.23 -41.00
N ALA A 541 -10.30 41.15 -41.35
CA ALA A 541 -11.23 42.27 -41.22
C ALA A 541 -12.54 41.75 -40.68
N PRO A 542 -13.31 42.58 -39.94
CA PRO A 542 -13.08 43.99 -39.60
C PRO A 542 -11.95 44.19 -38.59
N LYS A 543 -11.64 43.14 -37.83
CA LYS A 543 -10.57 43.19 -36.85
C LYS A 543 -9.69 41.96 -36.99
N PRO A 544 -8.39 42.09 -36.70
CA PRO A 544 -7.47 40.94 -36.81
C PRO A 544 -7.63 40.00 -35.62
N TYR A 545 -8.05 38.78 -35.89
CA TYR A 545 -8.30 37.79 -34.85
C TYR A 545 -7.65 36.46 -35.21
N TYR A 546 -7.03 35.84 -34.22
CA TYR A 546 -6.56 34.46 -34.33
C TYR A 546 -7.63 33.51 -33.80
N THR A 547 -7.48 32.23 -34.15
CA THR A 547 -8.39 31.19 -33.72
C THR A 547 -7.66 30.21 -32.82
N GLY A 548 -8.39 29.59 -31.90
CA GLY A 548 -7.77 28.60 -31.02
C GLY A 548 -7.26 27.39 -31.78
N LYS A 549 -8.00 26.95 -32.80
CA LYS A 549 -7.52 25.87 -33.66
C LYS A 549 -6.25 26.27 -34.40
N GLN A 550 -6.20 27.52 -34.85
CA GLN A 550 -5.01 28.01 -35.55
C GLN A 550 -3.80 27.99 -34.64
N VAL A 551 -3.97 28.38 -33.37
CA VAL A 551 -2.86 28.38 -32.44
C VAL A 551 -2.45 26.95 -32.09
N ILE A 552 -3.42 26.05 -31.94
CA ILE A 552 -3.10 24.64 -31.66
C ILE A 552 -2.32 24.03 -32.81
N SER A 553 -2.66 24.40 -34.05
CA SER A 553 -2.02 23.81 -35.22
C SER A 553 -0.52 24.10 -35.30
N LEU A 554 -0.03 25.08 -34.55
CA LEU A 554 1.40 25.40 -34.57
C LEU A 554 2.26 24.27 -34.03
N PHE A 555 1.68 23.32 -33.31
CA PHE A 555 2.42 22.25 -32.66
C PHE A 555 2.16 20.87 -33.26
N LEU A 556 1.43 20.81 -34.36
CA LEU A 556 1.25 19.50 -34.98
C LEU A 556 2.22 19.31 -36.12
N PRO A 557 2.71 18.09 -36.35
CA PRO A 557 3.62 17.86 -37.47
C PRO A 557 2.94 18.13 -38.81
N LYS A 558 3.71 18.64 -39.76
CA LYS A 558 3.14 19.14 -41.01
C LYS A 558 2.78 18.04 -41.99
N ASP A 559 2.73 16.78 -41.57
CA ASP A 559 2.22 15.71 -42.41
C ASP A 559 1.27 14.79 -41.64
N PHE A 560 0.77 15.24 -40.49
CA PHE A 560 -0.11 14.42 -39.66
C PHE A 560 -1.54 14.54 -40.15
N ASN A 561 -2.22 13.40 -40.28
CA ASN A 561 -3.61 13.34 -40.68
C ASN A 561 -4.40 12.53 -39.67
N PHE A 562 -5.60 12.99 -39.34
CA PHE A 562 -6.45 12.27 -38.41
C PHE A 562 -7.91 12.61 -38.66
N HIS A 563 -8.75 11.58 -38.74
CA HIS A 563 -10.20 11.73 -38.77
C HIS A 563 -10.80 10.87 -37.67
N GLY A 564 -11.68 11.46 -36.86
CA GLY A 564 -12.29 10.73 -35.78
C GLY A 564 -13.27 11.56 -34.98
N PRO A 565 -14.19 10.90 -34.29
CA PRO A 565 -15.19 11.62 -33.49
C PRO A 565 -14.61 12.10 -32.17
N ALA A 566 -15.28 13.10 -31.61
CA ALA A 566 -14.93 13.66 -30.31
C ALA A 566 -15.79 13.03 -29.21
N ASN A 567 -15.35 13.21 -27.97
CA ASN A 567 -16.07 12.64 -26.83
C ASN A 567 -17.44 13.31 -26.67
N ILE A 568 -17.54 14.59 -27.02
CA ILE A 568 -18.81 15.30 -26.88
C ILE A 568 -19.87 14.83 -27.86
N SER A 569 -19.55 13.89 -28.74
CA SER A 569 -20.47 13.41 -29.76
C SER A 569 -21.31 12.23 -29.29
N LYS A 570 -21.57 12.13 -27.99
CA LYS A 570 -22.42 11.06 -27.49
C LYS A 570 -23.89 11.32 -27.79
N GLY A 571 -24.31 12.59 -27.79
CA GLY A 571 -25.70 12.93 -27.88
C GLY A 571 -26.17 13.25 -29.29
N PRO A 572 -27.22 14.07 -29.39
CA PRO A 572 -27.79 14.37 -30.71
C PRO A 572 -26.85 15.13 -31.63
N ARG A 573 -25.82 15.77 -31.08
CA ARG A 573 -24.87 16.51 -31.92
C ARG A 573 -23.98 15.59 -32.76
N ALA A 574 -24.03 14.29 -32.52
CA ALA A 574 -23.27 13.35 -33.35
C ALA A 574 -23.82 13.32 -34.77
N CYS A 575 -22.92 13.42 -35.75
CA CYS A 575 -23.29 13.36 -37.16
C CYS A 575 -22.58 12.26 -37.92
N LYS A 576 -21.51 11.69 -37.38
CA LYS A 576 -20.79 10.55 -37.96
C LYS A 576 -20.16 10.87 -39.31
N ASP A 577 -19.94 12.15 -39.60
CA ASP A 577 -19.28 12.55 -40.85
C ASP A 577 -18.66 13.92 -40.66
N GLU A 578 -17.92 14.36 -41.67
CA GLU A 578 -17.18 15.61 -41.59
C GLU A 578 -18.09 16.82 -41.58
N ILE A 579 -19.34 16.70 -42.03
CA ILE A 579 -20.28 17.82 -42.06
C ILE A 579 -21.01 17.78 -40.72
N CYS A 580 -20.48 18.52 -39.74
CA CYS A 580 -21.06 18.58 -38.40
C CYS A 580 -21.03 20.02 -37.92
N PRO A 581 -22.18 20.61 -37.59
CA PRO A 581 -22.19 21.98 -37.06
C PRO A 581 -21.91 22.09 -35.57
N HIS A 582 -21.48 21.01 -34.92
CA HIS A 582 -21.31 21.00 -33.47
C HIS A 582 -19.86 20.79 -33.04
N ASP A 583 -18.90 20.77 -33.97
CA ASP A 583 -17.50 20.46 -33.68
C ASP A 583 -17.36 19.08 -33.03
N SER A 584 -18.13 18.11 -33.49
CA SER A 584 -18.09 16.78 -32.90
C SER A 584 -17.15 15.83 -33.63
N PHE A 585 -16.74 16.15 -34.86
CA PHE A 585 -15.87 15.30 -35.64
C PHE A 585 -14.55 16.02 -35.87
N ILE A 586 -13.45 15.36 -35.49
CA ILE A 586 -12.11 15.93 -35.60
C ILE A 586 -11.57 15.69 -37.00
N VAL A 587 -11.10 16.74 -37.65
CA VAL A 587 -10.46 16.65 -38.96
C VAL A 587 -9.11 17.34 -38.89
N ILE A 588 -8.04 16.57 -39.12
CA ILE A 588 -6.68 17.10 -39.21
C ILE A 588 -6.12 16.70 -40.56
N LYS A 589 -5.62 17.68 -41.31
CA LYS A 589 -5.06 17.44 -42.63
C LYS A 589 -3.75 18.21 -42.74
N ASN A 590 -2.65 17.49 -42.96
CA ASN A 590 -1.32 18.09 -43.07
C ASN A 590 -0.95 18.91 -41.84
N GLY A 591 -1.33 18.40 -40.67
CA GLY A 591 -1.05 19.09 -39.42
C GLY A 591 -1.80 20.40 -39.24
N LEU A 592 -3.06 20.46 -39.70
CA LEU A 592 -3.90 21.63 -39.52
C LEU A 592 -5.22 21.18 -38.94
N LEU A 593 -5.53 21.64 -37.73
CA LEU A 593 -6.81 21.33 -37.08
C LEU A 593 -7.89 22.17 -37.74
N LEU A 594 -8.69 21.55 -38.59
CA LEU A 594 -9.72 22.26 -39.34
C LEU A 594 -11.11 22.10 -38.74
N GLU A 595 -11.33 21.08 -37.91
CA GLU A 595 -12.64 20.79 -37.36
C GLU A 595 -12.47 20.05 -36.04
N GLY A 596 -13.55 20.05 -35.25
CA GLY A 596 -13.59 19.26 -34.03
C GLY A 596 -12.92 19.93 -32.86
N VAL A 597 -13.12 19.34 -31.69
CA VAL A 597 -12.60 19.86 -30.43
C VAL A 597 -11.65 18.83 -29.83
N PHE A 598 -10.91 19.25 -28.81
CA PHE A 598 -10.00 18.39 -28.07
C PHE A 598 -10.60 18.10 -26.72
N ASP A 599 -10.76 16.81 -26.40
CA ASP A 599 -11.35 16.39 -25.14
C ASP A 599 -10.75 15.03 -24.77
N LYS A 600 -11.44 14.32 -23.86
CA LYS A 600 -10.89 13.09 -23.29
C LYS A 600 -10.54 12.05 -24.36
N LYS A 601 -11.25 12.05 -25.49
CA LYS A 601 -11.01 11.05 -26.53
C LYS A 601 -9.88 11.43 -27.48
N ALA A 602 -9.28 12.60 -27.32
CA ALA A 602 -8.17 13.02 -28.15
C ALA A 602 -6.85 13.15 -27.39
N ILE A 603 -6.88 13.56 -26.13
CA ILE A 603 -5.67 13.78 -25.34
C ILE A 603 -5.72 13.11 -23.98
N GLY A 604 -6.84 12.47 -23.61
CA GLY A 604 -6.94 11.87 -22.30
C GLY A 604 -6.05 10.66 -22.15
N ASN A 605 -5.63 10.41 -20.91
CA ASN A 605 -4.78 9.27 -20.63
C ASN A 605 -5.59 7.98 -20.66
N GLN A 606 -4.89 6.88 -20.95
CA GLN A 606 -5.48 5.54 -21.01
C GLN A 606 -6.58 5.45 -22.06
N GLN A 607 -6.41 6.16 -23.17
CA GLN A 607 -7.31 6.05 -24.32
C GLN A 607 -6.51 5.51 -25.51
N PRO A 608 -6.60 4.21 -25.78
CA PRO A 608 -5.84 3.66 -26.92
C PRO A 608 -6.40 4.13 -28.25
N GLU A 609 -5.52 4.18 -29.25
CA GLU A 609 -5.88 4.56 -30.62
C GLU A 609 -6.47 5.97 -30.68
N SER A 610 -5.95 6.86 -29.85
CA SER A 610 -6.33 8.26 -29.88
C SER A 610 -5.35 9.04 -30.75
N MET A 611 -5.64 10.33 -30.95
CA MET A 611 -4.76 11.18 -31.74
C MET A 611 -3.38 11.31 -31.09
N LEU A 612 -3.35 11.47 -29.78
CA LEU A 612 -2.07 11.53 -29.06
C LEU A 612 -1.30 10.22 -29.16
N HIS A 613 -2.02 9.10 -29.07
CA HIS A 613 -1.38 7.80 -29.22
C HIS A 613 -0.76 7.64 -30.60
N TRP A 614 -1.47 8.04 -31.65
CA TRP A 614 -0.92 7.94 -33.00
C TRP A 614 0.27 8.85 -33.18
N SER A 615 0.21 10.07 -32.62
CA SER A 615 1.35 10.98 -32.67
C SER A 615 2.58 10.35 -32.02
N ILE A 616 2.42 9.80 -30.82
CA ILE A 616 3.54 9.17 -30.13
C ILE A 616 4.07 7.99 -30.91
N ARG A 617 3.17 7.17 -31.46
CA ARG A 617 3.58 5.96 -32.16
C ARG A 617 4.34 6.29 -33.44
N GLU A 618 3.91 7.31 -34.17
CA GLU A 618 4.47 7.60 -35.48
C GLU A 618 5.53 8.68 -35.48
N TYR A 619 5.81 9.31 -34.34
CA TYR A 619 6.86 10.33 -34.28
C TYR A 619 7.84 10.13 -33.13
N GLY A 620 7.64 9.15 -32.27
CA GLY A 620 8.58 8.86 -31.22
C GLY A 620 8.12 9.38 -29.87
N THR A 621 8.67 8.78 -28.81
CA THR A 621 8.34 9.21 -27.46
C THR A 621 8.98 10.54 -27.10
N GLU A 622 10.05 10.92 -27.77
CA GLU A 622 10.61 12.26 -27.57
C GLU A 622 9.65 13.34 -28.07
N TYR A 623 8.97 13.08 -29.19
CA TYR A 623 7.95 14.00 -29.64
C TYR A 623 6.79 14.07 -28.66
N GLY A 624 6.39 12.93 -28.09
CA GLY A 624 5.35 12.95 -27.09
C GLY A 624 5.75 13.75 -25.85
N LYS A 625 7.01 13.61 -25.44
CA LYS A 625 7.52 14.40 -24.32
C LYS A 625 7.49 15.89 -24.65
N TRP A 626 7.91 16.27 -25.86
CA TRP A 626 7.89 17.67 -26.25
C TRP A 626 6.46 18.20 -26.33
N LEU A 627 5.53 17.39 -26.83
CA LEU A 627 4.15 17.83 -26.96
C LEU A 627 3.48 18.00 -25.60
N MET A 628 3.70 17.06 -24.68
CA MET A 628 3.08 17.15 -23.37
C MET A 628 3.63 18.30 -22.55
N ASP A 629 4.86 18.73 -22.81
CA ASP A 629 5.49 19.79 -22.06
C ASP A 629 5.18 21.18 -22.60
N ASN A 630 4.55 21.28 -23.77
CA ASN A 630 4.31 22.57 -24.41
C ASN A 630 2.83 22.87 -24.62
N VAL A 631 2.08 21.92 -25.17
CA VAL A 631 0.69 22.20 -25.52
C VAL A 631 -0.22 22.08 -24.31
N PHE A 632 0.13 21.23 -23.35
CA PHE A 632 -0.73 21.02 -22.18
C PHE A 632 -0.66 22.19 -21.21
N LYS A 633 0.37 23.03 -21.30
CA LYS A 633 0.43 24.26 -20.50
C LYS A 633 -0.49 25.34 -21.06
N MET A 634 -0.66 25.34 -22.38
CA MET A 634 -1.55 26.31 -23.03
C MET A 634 -2.98 26.17 -22.55
N PHE A 635 -3.42 24.93 -22.31
CA PHE A 635 -4.77 24.70 -21.83
C PHE A 635 -4.98 25.34 -20.46
N ILE A 636 -4.01 25.16 -19.56
CA ILE A 636 -4.10 25.75 -18.22
C ILE A 636 -4.08 27.27 -18.31
N ARG A 637 -3.20 27.82 -19.16
CA ARG A 637 -3.12 29.28 -19.28
C ARG A 637 -4.42 29.84 -19.84
N PHE A 638 -5.05 29.15 -20.79
CA PHE A 638 -6.30 29.63 -21.33
C PHE A 638 -7.45 29.52 -20.33
N LEU A 639 -7.43 28.48 -19.47
CA LEU A 639 -8.41 28.47 -18.38
C LEU A 639 -8.20 29.64 -17.43
N GLU A 640 -6.95 29.99 -17.16
CA GLU A 640 -6.68 31.15 -16.31
C GLU A 640 -7.23 32.43 -16.94
N MET A 641 -7.06 32.60 -18.25
CA MET A 641 -7.56 33.81 -18.90
C MET A 641 -9.09 33.81 -18.99
N ARG A 642 -9.69 32.68 -19.32
CA ARG A 642 -11.13 32.62 -19.55
C ARG A 642 -11.92 32.66 -18.25
N GLY A 643 -11.43 31.97 -17.21
CA GLY A 643 -12.17 31.86 -15.98
C GLY A 643 -13.11 30.67 -15.98
N PHE A 644 -12.94 29.76 -15.04
CA PHE A 644 -13.73 28.54 -14.98
C PHE A 644 -14.16 28.31 -13.54
N THR A 645 -15.46 28.37 -13.28
CA THR A 645 -15.99 28.30 -11.94
C THR A 645 -17.20 27.38 -11.93
N MET A 646 -17.74 27.13 -10.74
CA MET A 646 -18.96 26.36 -10.57
C MET A 646 -19.86 27.09 -9.59
N THR A 647 -20.97 27.62 -10.07
CA THR A 647 -21.95 28.32 -9.25
C THR A 647 -23.13 27.40 -8.96
N LEU A 648 -24.06 27.90 -8.16
CA LEU A 648 -25.19 27.11 -7.71
C LEU A 648 -26.39 27.21 -8.64
N GLU A 649 -26.34 28.08 -9.65
CA GLU A 649 -27.38 28.14 -10.67
C GLU A 649 -27.14 27.16 -11.81
N ASP A 650 -25.98 26.49 -11.82
CA ASP A 650 -25.72 25.47 -12.83
C ASP A 650 -26.50 24.19 -12.57
N ILE A 651 -27.06 24.03 -11.37
CA ILE A 651 -27.73 22.79 -10.99
C ILE A 651 -29.12 23.09 -10.47
N THR A 652 -29.66 24.25 -10.82
CA THR A 652 -30.99 24.67 -10.40
C THR A 652 -31.90 24.72 -11.63
N ILE A 653 -33.01 23.98 -11.55
CA ILE A 653 -33.94 23.88 -12.67
C ILE A 653 -35.13 24.80 -12.42
N PRO A 654 -35.84 25.24 -13.46
CA PRO A 654 -37.01 26.12 -13.26
C PRO A 654 -38.17 25.40 -12.61
N ASP A 655 -39.30 26.11 -12.43
CA ASP A 655 -40.46 25.52 -11.76
C ASP A 655 -41.24 24.57 -12.65
N GLU A 656 -41.28 24.82 -13.96
CA GLU A 656 -42.00 23.91 -14.85
C GLU A 656 -41.35 22.53 -14.91
N ALA A 657 -40.02 22.48 -14.86
CA ALA A 657 -39.34 21.19 -14.81
C ALA A 657 -39.71 20.42 -13.54
N GLN A 658 -39.77 21.13 -12.41
CA GLN A 658 -40.15 20.49 -11.16
C GLN A 658 -41.59 19.98 -11.22
N ASN A 659 -42.48 20.76 -11.84
CA ASN A 659 -43.87 20.32 -11.98
C ASN A 659 -43.97 19.08 -12.84
N GLU A 660 -43.23 19.04 -13.96
CA GLU A 660 -43.24 17.85 -14.81
C GLU A 660 -42.69 16.63 -14.07
N ILE A 661 -41.62 16.82 -13.31
CA ILE A 661 -41.06 15.73 -12.51
C ILE A 661 -42.07 15.24 -11.48
N THR A 662 -42.81 16.15 -10.86
CA THR A 662 -43.82 15.77 -9.89
C THR A 662 -44.93 14.94 -10.53
N THR A 663 -45.39 15.35 -11.72
CA THR A 663 -46.42 14.57 -12.41
C THR A 663 -45.91 13.18 -12.77
N LYS A 664 -44.66 13.09 -13.24
CA LYS A 664 -44.08 11.79 -13.56
C LYS A 664 -43.98 10.91 -12.32
N ILE A 665 -43.61 11.50 -11.18
CA ILE A 665 -43.52 10.75 -9.93
C ILE A 665 -44.90 10.23 -9.52
N LYS A 666 -45.93 11.06 -9.71
CA LYS A 666 -47.29 10.62 -9.41
C LYS A 666 -47.69 9.45 -10.30
N GLU A 667 -47.35 9.50 -11.58
CA GLU A 667 -47.67 8.40 -12.48
C GLU A 667 -46.95 7.11 -12.06
N GLY A 668 -45.68 7.23 -11.69
CA GLY A 668 -44.95 6.04 -11.22
C GLY A 668 -45.54 5.45 -9.96
N TYR A 669 -45.95 6.32 -9.02
CA TYR A 669 -46.57 5.84 -7.79
C TYR A 669 -47.90 5.15 -8.08
N SER A 670 -48.67 5.68 -9.06
CA SER A 670 -49.90 5.02 -9.46
C SER A 670 -49.63 3.64 -10.03
N GLN A 671 -48.58 3.51 -10.86
CA GLN A 671 -48.23 2.19 -11.39
C GLN A 671 -47.85 1.22 -10.29
N VAL A 672 -47.06 1.69 -9.31
CA VAL A 672 -46.67 0.83 -8.20
C VAL A 672 -47.90 0.39 -7.40
N ASP A 673 -48.85 1.32 -7.19
CA ASP A 673 -50.07 1.00 -6.46
C ASP A 673 -50.90 -0.04 -7.22
N GLU A 674 -50.96 0.07 -8.55
CA GLU A 674 -51.67 -0.92 -9.34
C GLU A 674 -51.02 -2.30 -9.22
N TYR A 675 -49.68 -2.34 -9.24
CA TYR A 675 -48.99 -3.61 -9.02
C TYR A 675 -49.35 -4.20 -7.66
N ILE A 676 -49.35 -3.36 -6.62
CA ILE A 676 -49.64 -3.85 -5.27
C ILE A 676 -51.07 -4.37 -5.19
N ARG A 677 -52.02 -3.66 -5.80
CA ARG A 677 -53.41 -4.12 -5.79
C ARG A 677 -53.56 -5.45 -6.52
N LYS A 678 -52.89 -5.60 -7.67
CA LYS A 678 -52.95 -6.88 -8.38
C LYS A 678 -52.35 -8.00 -7.54
N PHE A 679 -51.27 -7.72 -6.82
CA PHE A 679 -50.71 -8.71 -5.91
C PHE A 679 -51.70 -9.08 -4.81
N ASN A 680 -52.37 -8.08 -4.24
CA ASN A 680 -53.31 -8.35 -3.16
C ASN A 680 -54.52 -9.15 -3.62
N GLU A 681 -54.94 -8.97 -4.87
CA GLU A 681 -56.09 -9.70 -5.39
C GLU A 681 -55.71 -11.03 -6.05
N GLY A 682 -54.44 -11.42 -6.02
CA GLY A 682 -54.04 -12.71 -6.56
C GLY A 682 -53.99 -12.78 -8.06
N GLN A 683 -53.90 -11.65 -8.76
CA GLN A 683 -53.87 -11.60 -10.21
C GLN A 683 -52.49 -11.25 -10.76
N LEU A 684 -51.43 -11.45 -9.98
CA LEU A 684 -50.08 -11.11 -10.39
C LEU A 684 -49.35 -12.36 -10.84
N GLU A 685 -48.84 -12.35 -12.06
CA GLU A 685 -48.08 -13.49 -12.57
C GLU A 685 -46.63 -13.40 -12.11
N PRO A 686 -46.02 -14.52 -11.75
CA PRO A 686 -44.62 -14.51 -11.28
C PRO A 686 -43.66 -14.55 -12.45
N ILE A 687 -42.38 -14.36 -12.13
CA ILE A 687 -41.29 -14.57 -13.08
C ILE A 687 -40.72 -15.96 -12.82
N PRO A 688 -40.34 -16.71 -13.85
CA PRO A 688 -39.85 -18.08 -13.63
C PRO A 688 -38.65 -18.10 -12.69
N GLY A 689 -38.67 -19.07 -11.77
CA GLY A 689 -37.60 -19.24 -10.82
C GLY A 689 -37.69 -18.40 -9.58
N ARG A 690 -38.70 -17.54 -9.46
CA ARG A 690 -38.86 -16.67 -8.31
C ARG A 690 -40.30 -16.73 -7.83
N THR A 691 -40.49 -16.55 -6.53
CA THR A 691 -41.82 -16.61 -5.95
C THR A 691 -42.55 -15.28 -6.13
N ILE A 692 -43.86 -15.29 -5.88
CA ILE A 692 -44.59 -14.04 -5.76
C ILE A 692 -44.18 -13.36 -4.47
N GLU A 693 -44.29 -12.03 -4.44
CA GLU A 693 -43.73 -11.10 -3.47
C GLU A 693 -42.23 -10.94 -3.70
N GLU A 694 -41.63 -11.75 -4.58
CA GLU A 694 -40.29 -11.50 -5.09
C GLU A 694 -40.31 -10.95 -6.51
N SER A 695 -41.34 -11.29 -7.28
CA SER A 695 -41.56 -10.68 -8.59
C SER A 695 -42.13 -9.27 -8.45
N LEU A 696 -42.96 -9.04 -7.44
CA LEU A 696 -43.51 -7.71 -7.21
C LEU A 696 -42.41 -6.70 -6.91
N GLU A 697 -41.40 -7.13 -6.14
CA GLU A 697 -40.26 -6.26 -5.88
C GLU A 697 -39.52 -5.93 -7.18
N SER A 698 -39.37 -6.91 -8.07
CA SER A 698 -38.72 -6.66 -9.35
C SER A 698 -39.51 -5.66 -10.18
N TYR A 699 -40.84 -5.80 -10.21
CA TYR A 699 -41.67 -4.87 -10.97
C TYR A 699 -41.55 -3.46 -10.41
N ILE A 700 -41.57 -3.33 -9.08
CA ILE A 700 -41.46 -2.02 -8.44
C ILE A 700 -40.11 -1.39 -8.74
N LEU A 701 -39.04 -2.19 -8.66
CA LEU A 701 -37.71 -1.67 -8.92
C LEU A 701 -37.57 -1.21 -10.36
N ASP A 702 -38.12 -1.98 -11.31
CA ASP A 702 -38.09 -1.57 -12.70
C ASP A 702 -38.84 -0.25 -12.92
N THR A 703 -40.03 -0.13 -12.32
CA THR A 703 -40.80 1.11 -12.47
C THR A 703 -40.07 2.30 -11.90
N LEU A 704 -39.43 2.13 -10.73
CA LEU A 704 -38.74 3.25 -10.11
C LEU A 704 -37.48 3.63 -10.87
N ASP A 705 -36.77 2.64 -11.42
CA ASP A 705 -35.62 2.94 -12.26
C ASP A 705 -36.02 3.73 -13.51
N LYS A 706 -37.11 3.32 -14.16
CA LYS A 706 -37.59 4.07 -15.31
C LYS A 706 -38.00 5.48 -14.93
N LEU A 707 -38.63 5.63 -13.76
CA LEU A 707 -39.00 6.95 -13.29
C LEU A 707 -37.78 7.85 -13.11
N ARG A 708 -36.71 7.31 -12.51
CA ARG A 708 -35.49 8.10 -12.34
C ARG A 708 -34.91 8.50 -13.69
N LYS A 709 -34.88 7.56 -14.65
CA LYS A 709 -34.34 7.88 -15.96
C LYS A 709 -35.13 9.00 -16.66
N VAL A 710 -36.47 8.91 -16.60
CA VAL A 710 -37.30 9.93 -17.24
C VAL A 710 -37.12 11.28 -16.57
N ALA A 711 -37.07 11.30 -15.23
CA ALA A 711 -36.88 12.56 -14.53
C ALA A 711 -35.53 13.19 -14.88
N GLY A 712 -34.49 12.36 -14.95
CA GLY A 712 -33.19 12.88 -15.38
C GLY A 712 -33.23 13.46 -16.77
N GLU A 713 -33.94 12.80 -17.69
CA GLU A 713 -34.07 13.33 -19.04
C GLU A 713 -34.77 14.69 -19.04
N ILE A 714 -35.84 14.83 -18.26
CA ILE A 714 -36.55 16.11 -18.19
C ILE A 714 -35.63 17.20 -17.64
N ALA A 715 -34.91 16.89 -16.55
CA ALA A 715 -34.04 17.87 -15.94
C ALA A 715 -32.92 18.30 -16.90
N THR A 716 -32.36 17.35 -17.65
CA THR A 716 -31.36 17.70 -18.65
C THR A 716 -31.98 18.58 -19.74
N LYS A 717 -33.22 18.28 -20.14
CA LYS A 717 -33.85 19.05 -21.20
C LYS A 717 -34.06 20.51 -20.78
N TYR A 718 -34.47 20.76 -19.54
CA TYR A 718 -34.70 22.11 -19.08
C TYR A 718 -33.51 22.72 -18.34
N LEU A 719 -32.28 22.36 -18.73
CA LEU A 719 -31.08 23.00 -18.22
C LEU A 719 -30.23 23.53 -19.36
N ASP A 720 -29.40 24.51 -19.05
CA ASP A 720 -28.52 25.13 -20.04
C ASP A 720 -27.45 24.14 -20.49
N PRO A 721 -27.36 23.82 -21.78
CA PRO A 721 -26.35 22.86 -22.24
C PRO A 721 -24.93 23.42 -22.32
N PHE A 722 -24.67 24.61 -21.79
CA PHE A 722 -23.34 25.21 -21.85
C PHE A 722 -22.84 25.70 -20.50
N ASN A 723 -23.48 25.29 -19.40
CA ASN A 723 -22.94 25.61 -18.09
C ASN A 723 -21.73 24.73 -17.79
N ASN A 724 -21.02 25.09 -16.72
CA ASN A 724 -19.71 24.49 -16.48
C ASN A 724 -19.81 23.03 -16.03
N VAL A 725 -20.89 22.67 -15.33
CA VAL A 725 -21.08 21.28 -14.94
C VAL A 725 -21.31 20.41 -16.17
N TYR A 726 -22.14 20.88 -17.10
CA TYR A 726 -22.36 20.13 -18.33
C TYR A 726 -21.08 20.00 -19.15
N ILE A 727 -20.28 21.07 -19.19
CA ILE A 727 -19.00 21.02 -19.90
C ILE A 727 -18.08 20.01 -19.26
N MET A 728 -17.98 20.01 -17.93
CA MET A 728 -17.14 19.04 -17.24
C MET A 728 -17.63 17.62 -17.47
N ALA A 729 -18.94 17.43 -17.66
CA ALA A 729 -19.47 16.08 -17.82
C ALA A 729 -19.28 15.56 -19.25
N ILE A 730 -19.71 16.32 -20.25
CA ILE A 730 -19.72 15.81 -21.62
C ILE A 730 -18.30 15.62 -22.15
N THR A 731 -17.37 16.50 -21.77
CA THR A 731 -16.01 16.39 -22.27
C THR A 731 -15.23 15.26 -21.63
N GLY A 732 -15.66 14.77 -20.47
CA GLY A 732 -14.96 13.71 -19.78
C GLY A 732 -13.98 14.13 -18.73
N ALA A 733 -14.09 15.36 -18.21
CA ALA A 733 -13.17 15.82 -17.18
C ALA A 733 -13.52 15.26 -15.82
N ARG A 734 -14.70 15.61 -15.30
CA ARG A 734 -15.23 14.99 -14.09
C ARG A 734 -16.73 14.84 -14.22
N GLY A 735 -17.27 13.88 -13.48
CA GLY A 735 -18.70 13.71 -13.37
C GLY A 735 -19.30 12.86 -14.48
N SER A 736 -20.52 12.39 -14.23
CA SER A 736 -21.28 11.63 -15.22
C SER A 736 -22.69 12.20 -15.34
N GLU A 737 -23.56 11.51 -16.07
CA GLU A 737 -24.95 11.96 -16.16
C GLU A 737 -25.76 11.53 -14.94
N LEU A 738 -25.36 10.44 -14.28
CA LEU A 738 -26.01 10.05 -13.05
C LEU A 738 -25.80 11.08 -11.96
N ASN A 739 -24.60 11.65 -11.89
CA ASN A 739 -24.33 12.70 -10.90
C ASN A 739 -25.21 13.92 -11.15
N ILE A 740 -25.35 14.33 -12.42
CA ILE A 740 -26.19 15.47 -12.75
C ILE A 740 -27.65 15.17 -12.43
N THR A 741 -28.10 13.96 -12.74
CA THR A 741 -29.48 13.58 -12.43
C THR A 741 -29.74 13.63 -10.93
N GLN A 742 -28.81 13.11 -10.13
CA GLN A 742 -29.00 13.10 -8.68
C GLN A 742 -28.91 14.50 -8.09
N MET A 743 -28.06 15.36 -8.64
CA MET A 743 -27.93 16.72 -8.13
C MET A 743 -29.07 17.63 -8.58
N THR A 744 -29.76 17.30 -9.67
CA THR A 744 -30.74 18.21 -10.25
C THR A 744 -32.17 17.67 -10.31
N ALA A 745 -32.37 16.36 -10.39
CA ALA A 745 -33.71 15.80 -10.52
C ALA A 745 -34.15 14.99 -9.31
N LEU A 746 -33.42 13.93 -8.97
CA LEU A 746 -33.77 13.08 -7.83
C LEU A 746 -32.70 12.01 -7.61
N LEU A 747 -32.58 11.52 -6.38
CA LEU A 747 -31.64 10.45 -6.10
C LEU A 747 -32.14 9.11 -6.62
N GLY A 748 -33.43 8.83 -6.45
CA GLY A 748 -33.99 7.56 -6.87
C GLY A 748 -34.08 6.55 -5.74
N GLN A 749 -34.03 5.26 -6.09
CA GLN A 749 -34.20 4.19 -5.11
C GLN A 749 -32.85 3.80 -4.52
N GLN A 750 -32.78 3.77 -3.19
CA GLN A 750 -31.61 3.29 -2.48
C GLN A 750 -31.76 1.80 -2.22
N SER A 751 -30.65 1.08 -2.32
CA SER A 751 -30.68 -0.37 -2.22
C SER A 751 -29.52 -0.88 -1.37
N VAL A 752 -29.73 -2.05 -0.77
CA VAL A 752 -28.71 -2.75 0.00
C VAL A 752 -28.64 -4.16 -0.54
N ARG A 753 -27.51 -4.52 -1.15
CA ARG A 753 -27.30 -5.83 -1.75
C ARG A 753 -28.39 -6.16 -2.78
N GLY A 754 -28.77 -5.16 -3.58
CA GLY A 754 -29.72 -5.35 -4.65
C GLY A 754 -31.18 -5.30 -4.24
N GLU A 755 -31.49 -5.05 -2.97
CA GLU A 755 -32.85 -5.05 -2.49
C GLU A 755 -33.18 -3.71 -1.84
N ARG A 756 -34.47 -3.41 -1.77
CA ARG A 756 -34.94 -2.22 -1.10
C ARG A 756 -34.65 -2.30 0.40
N ILE A 757 -34.80 -1.17 1.08
CA ILE A 757 -34.45 -1.07 2.49
C ILE A 757 -35.57 -1.70 3.31
N ARG A 758 -35.25 -2.80 4.00
CA ARG A 758 -36.29 -3.56 4.68
C ARG A 758 -35.98 -3.84 6.13
N ARG A 759 -34.70 -3.98 6.48
CA ARG A 759 -34.33 -4.37 7.83
C ARG A 759 -34.65 -3.24 8.81
N GLY A 760 -35.40 -3.59 9.86
CA GLY A 760 -35.89 -2.61 10.80
C GLY A 760 -36.80 -3.23 11.83
N TYR A 761 -37.97 -2.63 12.04
CA TYR A 761 -38.97 -3.19 12.94
C TYR A 761 -39.72 -4.30 12.22
N ARG A 762 -40.81 -4.77 12.81
CA ARG A 762 -41.56 -5.89 12.27
C ARG A 762 -42.51 -5.37 11.18
N GLU A 763 -42.28 -5.80 9.94
CA GLU A 763 -43.09 -5.43 8.78
C GLU A 763 -43.07 -3.92 8.52
N ARG A 764 -41.98 -3.25 8.93
CA ARG A 764 -41.75 -1.85 8.59
C ARG A 764 -40.31 -1.51 8.97
N THR A 765 -39.67 -0.69 8.14
CA THR A 765 -38.27 -0.34 8.39
C THR A 765 -38.14 0.65 9.55
N LEU A 766 -39.02 1.65 9.61
CA LEU A 766 -38.96 2.68 10.63
C LEU A 766 -40.33 2.82 11.30
N SER A 767 -40.31 3.38 12.50
CA SER A 767 -41.53 3.61 13.27
C SER A 767 -42.40 4.72 12.71
N LEU A 768 -41.91 5.49 11.73
CA LEU A 768 -42.69 6.54 11.12
C LEU A 768 -43.75 6.02 10.15
N PHE A 769 -43.70 4.75 9.78
CA PHE A 769 -44.54 4.18 8.75
C PHE A 769 -45.52 3.17 9.33
N LYS A 770 -46.59 2.92 8.59
CA LYS A 770 -47.62 1.98 9.00
C LYS A 770 -47.12 0.54 8.91
N TYR A 771 -47.78 -0.33 9.68
CA TYR A 771 -47.53 -1.76 9.61
C TYR A 771 -47.86 -2.29 8.21
N GLY A 772 -46.92 -3.00 7.60
CA GLY A 772 -47.17 -3.63 6.32
C GLY A 772 -47.21 -2.70 5.13
N ASP A 773 -46.61 -1.51 5.24
CA ASP A 773 -46.60 -0.55 4.14
C ASP A 773 -45.38 -0.80 3.27
N ILE A 774 -45.62 -1.03 1.98
CA ILE A 774 -44.54 -1.30 1.03
C ILE A 774 -44.59 -0.29 -0.10
N ALA A 775 -45.06 0.92 0.19
CA ALA A 775 -45.05 2.01 -0.76
C ALA A 775 -43.62 2.44 -1.04
N PRO A 776 -43.36 3.11 -2.18
CA PRO A 776 -41.98 3.47 -2.51
C PRO A 776 -41.27 4.31 -1.46
N GLU A 777 -41.96 5.27 -0.84
CA GLU A 777 -41.31 6.12 0.16
C GLU A 777 -41.00 5.35 1.43
N ALA A 778 -41.80 4.32 1.74
CA ALA A 778 -41.60 3.55 2.96
C ALA A 778 -40.40 2.61 2.87
N ARG A 779 -39.93 2.29 1.67
CA ARG A 779 -38.87 1.32 1.50
C ARG A 779 -37.62 1.89 0.85
N GLY A 780 -37.51 3.22 0.74
CA GLY A 780 -36.23 3.82 0.39
C GLY A 780 -36.13 4.53 -0.94
N PHE A 781 -37.24 5.01 -1.49
CA PHE A 781 -37.21 5.80 -2.71
C PHE A 781 -37.11 7.27 -2.35
N VAL A 782 -36.07 7.93 -2.86
CA VAL A 782 -35.83 9.34 -2.61
C VAL A 782 -36.27 10.11 -3.85
N LYS A 783 -37.23 11.02 -3.68
CA LYS A 783 -37.76 11.81 -4.78
C LYS A 783 -37.25 13.24 -4.79
N ASN A 784 -36.36 13.59 -3.87
CA ASN A 784 -35.70 14.90 -3.86
C ASN A 784 -34.31 14.77 -4.48
N SER A 785 -33.72 15.92 -4.77
CA SER A 785 -32.36 16.01 -5.25
C SER A 785 -31.47 16.60 -4.17
N PHE A 786 -30.16 16.52 -4.40
CA PHE A 786 -29.21 17.14 -3.47
C PHE A 786 -29.36 18.66 -3.47
N MET A 787 -29.79 19.24 -4.58
CA MET A 787 -30.02 20.68 -4.64
C MET A 787 -31.17 21.10 -3.74
N ARG A 788 -32.25 20.31 -3.70
CA ARG A 788 -33.41 20.65 -2.89
C ARG A 788 -33.33 20.17 -1.45
N GLY A 789 -32.53 19.15 -1.18
CA GLY A 789 -32.38 18.67 0.18
C GLY A 789 -33.19 17.41 0.43
N LEU A 790 -32.69 16.59 1.34
CA LEU A 790 -33.30 15.30 1.66
C LEU A 790 -34.11 15.41 2.95
N SER A 791 -35.15 14.59 3.04
CA SER A 791 -35.95 14.47 4.26
C SER A 791 -35.18 13.70 5.32
N PRO A 792 -35.60 13.77 6.58
CA PRO A 792 -34.90 12.99 7.61
C PRO A 792 -34.85 11.50 7.32
N TYR A 793 -35.99 10.88 6.97
CA TYR A 793 -35.97 9.47 6.66
C TYR A 793 -35.34 9.21 5.31
N GLU A 794 -35.42 10.16 4.38
CA GLU A 794 -34.68 10.05 3.13
C GLU A 794 -33.18 10.07 3.38
N MET A 795 -32.74 10.92 4.32
CA MET A 795 -31.33 10.93 4.69
C MET A 795 -30.92 9.62 5.35
N PHE A 796 -31.78 9.06 6.19
CA PHE A 796 -31.48 7.76 6.79
C PHE A 796 -31.36 6.67 5.74
N PHE A 797 -32.28 6.66 4.77
CA PHE A 797 -32.24 5.65 3.70
C PHE A 797 -30.99 5.82 2.84
N HIS A 798 -30.62 7.07 2.53
CA HIS A 798 -29.42 7.32 1.75
C HIS A 798 -28.17 6.87 2.49
N ALA A 799 -28.10 7.15 3.79
CA ALA A 799 -26.96 6.68 4.58
C ALA A 799 -26.92 5.16 4.67
N ALA A 800 -28.10 4.51 4.67
CA ALA A 800 -28.13 3.05 4.71
C ALA A 800 -27.69 2.44 3.38
N GLY A 801 -28.05 3.08 2.27
CA GLY A 801 -27.69 2.56 0.97
C GLY A 801 -26.19 2.58 0.70
N GLY A 802 -25.50 3.61 1.18
CA GLY A 802 -24.09 3.78 0.98
C GLY A 802 -23.19 3.18 2.04
N ARG A 803 -23.75 2.41 2.97
CA ARG A 803 -22.95 1.86 4.05
C ARG A 803 -21.93 0.83 3.55
N GLU A 804 -22.32 0.02 2.58
CA GLU A 804 -21.47 -1.08 2.12
C GLU A 804 -20.31 -0.62 1.25
N GLY A 805 -20.32 0.63 0.78
CA GLY A 805 -19.15 1.18 0.12
C GLY A 805 -18.05 1.61 1.07
N LEU A 806 -18.37 1.75 2.35
CA LEU A 806 -17.36 2.15 3.33
C LEU A 806 -16.42 1.00 3.67
N VAL A 807 -16.88 -0.24 3.54
CA VAL A 807 -16.02 -1.38 3.79
C VAL A 807 -14.92 -1.49 2.73
N ASP A 808 -15.27 -1.16 1.49
CA ASP A 808 -14.32 -1.20 0.38
C ASP A 808 -13.18 -0.22 0.59
N THR A 813 -7.03 -7.76 -0.45
CA THR A 813 -5.79 -7.32 -1.08
C THR A 813 -4.69 -8.36 -0.84
N SER A 814 -4.88 -9.17 0.21
CA SER A 814 -3.93 -10.25 0.48
C SER A 814 -3.99 -11.32 -0.61
N GLN A 815 -5.20 -11.61 -1.10
CA GLN A 815 -5.34 -12.61 -2.17
C GLN A 815 -4.65 -12.14 -3.45
N SER A 816 -4.81 -10.86 -3.80
CA SER A 816 -4.16 -10.33 -4.99
C SER A 816 -2.64 -10.39 -4.85
N GLY A 817 -2.12 -10.01 -3.68
CA GLY A 817 -0.68 -10.09 -3.47
C GLY A 817 -0.16 -11.51 -3.54
N TYR A 818 -0.90 -12.46 -2.95
CA TYR A 818 -0.48 -13.86 -3.01
C TYR A 818 -0.48 -14.38 -4.45
N MET A 819 -1.51 -14.02 -5.22
CA MET A 819 -1.57 -14.48 -6.61
C MET A 819 -0.43 -13.88 -7.42
N GLN A 820 -0.16 -12.59 -7.25
CA GLN A 820 0.94 -11.96 -7.98
C GLN A 820 2.28 -12.57 -7.59
N ARG A 821 2.47 -12.87 -6.30
CA ARG A 821 3.70 -13.49 -5.85
C ARG A 821 3.87 -14.88 -6.46
N ARG A 822 2.80 -15.67 -6.51
CA ARG A 822 2.86 -17.00 -7.11
C ARG A 822 3.19 -16.90 -8.60
N LEU A 823 2.57 -15.94 -9.30
CA LEU A 823 2.87 -15.76 -10.72
C LEU A 823 4.32 -15.36 -10.93
N ILE A 824 4.83 -14.44 -10.10
CA ILE A 824 6.21 -13.99 -10.24
C ILE A 824 7.18 -15.15 -10.01
N ASN A 825 6.93 -15.96 -8.99
CA ASN A 825 7.82 -17.08 -8.74
C ASN A 825 7.67 -18.19 -9.78
N ALA A 826 6.52 -18.28 -10.45
CA ALA A 826 6.36 -19.27 -11.50
C ALA A 826 7.03 -18.85 -12.80
N LEU A 827 7.03 -17.56 -13.12
CA LEU A 827 7.42 -17.09 -14.45
C LEU A 827 8.74 -16.35 -14.50
N SER A 828 9.46 -16.21 -13.38
CA SER A 828 10.58 -15.27 -13.34
C SER A 828 11.75 -15.67 -14.22
N ASP A 829 11.84 -16.92 -14.67
CA ASP A 829 13.03 -17.42 -15.35
C ASP A 829 12.90 -17.46 -16.86
N LEU A 830 11.82 -16.93 -17.43
CA LEU A 830 11.63 -16.98 -18.87
C LEU A 830 12.33 -15.81 -19.56
N ARG A 831 12.87 -16.08 -20.75
CA ARG A 831 13.67 -15.10 -21.48
C ARG A 831 13.37 -15.21 -22.97
N ILE A 832 13.57 -14.10 -23.67
CA ILE A 832 13.49 -14.06 -25.13
C ILE A 832 14.89 -14.24 -25.70
N GLU A 833 15.04 -15.21 -26.59
CA GLU A 833 16.35 -15.54 -27.17
C GLU A 833 16.54 -14.84 -28.50
N TYR A 834 17.80 -14.86 -28.97
CA TYR A 834 18.11 -14.34 -30.29
C TYR A 834 17.46 -15.16 -31.39
N ASP A 835 17.09 -16.42 -31.09
CA ASP A 835 16.35 -17.24 -32.03
C ASP A 835 14.94 -16.71 -32.25
N GLY A 836 14.40 -15.98 -31.28
CA GLY A 836 13.00 -15.64 -31.25
C GLY A 836 12.18 -16.55 -30.37
N THR A 837 12.80 -17.54 -29.76
CA THR A 837 12.14 -18.55 -28.94
C THR A 837 12.05 -18.06 -27.50
N VAL A 838 11.00 -18.50 -26.81
CA VAL A 838 10.87 -18.30 -25.37
C VAL A 838 11.41 -19.54 -24.67
N ARG A 839 12.47 -19.37 -23.89
CA ARG A 839 13.10 -20.48 -23.18
C ARG A 839 13.31 -20.11 -21.73
N SER A 840 13.40 -21.13 -20.88
CA SER A 840 13.77 -20.94 -19.49
C SER A 840 15.29 -20.85 -19.37
N LEU A 841 15.74 -20.32 -18.24
CA LEU A 841 17.17 -20.22 -17.99
C LEU A 841 17.82 -21.59 -17.78
N TYR A 842 17.01 -22.64 -17.62
CA TYR A 842 17.50 -24.02 -17.58
C TYR A 842 17.46 -24.69 -18.94
N GLY A 843 16.99 -24.00 -19.98
CA GLY A 843 17.03 -24.49 -21.33
C GLY A 843 15.72 -25.02 -21.88
N ASP A 844 14.71 -25.20 -21.04
CA ASP A 844 13.42 -25.72 -21.51
C ASP A 844 12.73 -24.73 -22.43
N ILE A 845 12.17 -25.24 -23.52
CA ILE A 845 11.46 -24.43 -24.50
C ILE A 845 10.00 -24.31 -24.08
N VAL A 846 9.51 -23.07 -24.02
CA VAL A 846 8.13 -22.79 -23.65
C VAL A 846 7.28 -22.47 -24.88
N GLN A 847 7.77 -21.57 -25.73
CA GLN A 847 7.11 -21.20 -26.97
C GLN A 847 8.12 -21.21 -28.09
N VAL A 848 7.72 -21.75 -29.26
CA VAL A 848 8.63 -21.80 -30.39
C VAL A 848 8.92 -20.39 -30.91
N VAL A 849 7.90 -19.54 -30.94
CA VAL A 849 8.06 -18.11 -31.20
C VAL A 849 7.18 -17.37 -30.21
N TYR A 850 7.67 -16.24 -29.68
CA TYR A 850 6.91 -15.51 -28.69
C TYR A 850 5.58 -15.05 -29.25
N GLY A 851 4.52 -15.22 -28.46
CA GLY A 851 3.19 -14.92 -28.96
C GLY A 851 2.89 -15.79 -30.16
N ASP A 852 2.50 -15.16 -31.25
CA ASP A 852 2.42 -15.82 -32.54
C ASP A 852 3.19 -15.09 -33.64
N ASP A 853 3.42 -13.79 -33.50
CA ASP A 853 4.16 -12.99 -34.47
C ASP A 853 5.39 -12.31 -33.88
N ALA A 854 5.72 -12.63 -32.62
CA ALA A 854 6.88 -12.04 -31.94
C ALA A 854 6.77 -10.52 -31.86
N VAL A 855 5.59 -10.03 -31.49
CA VAL A 855 5.32 -8.60 -31.37
C VAL A 855 5.14 -8.27 -29.90
N HIS A 856 5.86 -7.28 -29.42
CA HIS A 856 5.74 -6.86 -28.03
C HIS A 856 4.43 -6.11 -27.83
N PRO A 857 3.66 -6.42 -26.79
CA PRO A 857 2.44 -5.64 -26.53
C PRO A 857 2.69 -4.16 -26.29
N MET A 858 3.88 -3.79 -25.84
CA MET A 858 4.20 -2.37 -25.64
C MET A 858 4.35 -1.62 -26.96
N TYR A 859 4.77 -2.31 -28.02
CA TYR A 859 4.91 -1.71 -29.33
C TYR A 859 3.70 -1.97 -30.23
N SER A 860 2.68 -2.64 -29.71
CA SER A 860 1.50 -2.95 -30.52
C SER A 860 0.63 -1.71 -30.72
N ALA A 861 -0.13 -1.73 -31.81
CA ALA A 861 -1.16 -0.72 -32.06
C ALA A 861 -2.46 -1.17 -31.38
N HIS A 862 -2.40 -1.21 -30.04
CA HIS A 862 -3.47 -1.72 -29.20
C HIS A 862 -3.79 -3.18 -29.56
N SER A 863 -2.81 -4.03 -29.31
CA SER A 863 -2.80 -5.48 -29.52
C SER A 863 -2.63 -5.84 -31.00
N LYS A 864 -2.57 -4.88 -31.91
CA LYS A 864 -2.37 -5.14 -33.32
C LYS A 864 -0.93 -4.82 -33.71
N SER A 865 -0.29 -5.73 -34.43
CA SER A 865 1.06 -5.47 -34.93
C SER A 865 1.07 -4.27 -35.85
N VAL A 866 0.14 -4.23 -36.81
CA VAL A 866 -0.05 -3.09 -37.70
C VAL A 866 -1.54 -2.84 -37.84
N ASN A 867 -1.92 -1.56 -37.81
CA ASN A 867 -3.25 -1.12 -38.16
C ASN A 867 -3.20 -0.60 -39.60
N VAL A 868 -3.76 -1.39 -40.53
CA VAL A 868 -3.63 -1.05 -41.94
C VAL A 868 -4.48 0.16 -42.30
N ASN A 869 -5.63 0.32 -41.64
CA ASN A 869 -6.45 1.51 -41.86
C ASN A 869 -5.70 2.77 -41.42
N ARG A 870 -4.94 2.66 -40.33
CA ARG A 870 -4.13 3.79 -39.90
C ARG A 870 -3.04 4.13 -40.91
N VAL A 871 -2.43 3.11 -41.52
CA VAL A 871 -1.42 3.36 -42.55
C VAL A 871 -2.05 4.05 -43.76
N ILE A 872 -3.23 3.59 -44.17
CA ILE A 872 -3.93 4.22 -45.29
C ILE A 872 -4.25 5.67 -44.95
N GLU A 873 -4.71 5.94 -43.73
CA GLU A 873 -4.99 7.31 -43.32
C GLU A 873 -3.72 8.15 -43.29
N ARG A 874 -2.61 7.55 -42.88
CA ARG A 874 -1.33 8.25 -42.90
C ARG A 874 -0.94 8.66 -44.31
N VAL A 875 -1.19 7.80 -45.28
CA VAL A 875 -0.71 8.06 -46.64
C VAL A 875 -1.64 8.99 -47.40
N ILE A 876 -2.94 8.69 -47.43
CA ILE A 876 -3.86 9.42 -48.29
C ILE A 876 -4.98 10.09 -47.49
N GLY A 877 -4.69 10.47 -46.24
CA GLY A 877 -5.71 11.08 -45.42
C GLY A 877 -6.01 12.53 -45.72
N TRP A 878 -5.08 13.24 -46.38
CA TRP A 878 -5.27 14.65 -46.66
C TRP A 878 -6.23 14.91 -47.80
N LYS A 879 -6.50 13.91 -48.64
CA LYS A 879 -7.44 14.05 -49.74
C LYS A 879 -8.69 13.20 -49.55
N ARG A 880 -8.74 12.38 -48.50
CA ARG A 880 -9.93 11.60 -48.20
C ARG A 880 -10.82 12.36 -47.25
N MET B 1 -50.01 24.91 19.05
CA MET B 1 -49.22 23.93 18.31
C MET B 1 -47.74 24.12 18.61
N LEU B 2 -46.99 23.02 18.57
CA LEU B 2 -45.55 23.05 18.83
C LEU B 2 -44.82 23.47 17.56
N ASP B 3 -44.23 24.67 17.58
CA ASP B 3 -43.43 25.13 16.47
C ASP B 3 -41.98 24.71 16.69
N THR B 4 -41.06 25.23 15.87
CA THR B 4 -39.66 24.85 15.99
C THR B 4 -39.08 25.29 17.33
N GLU B 5 -39.42 26.50 17.79
CA GLU B 5 -38.79 27.04 18.98
C GLU B 5 -39.19 26.29 20.24
N SER B 6 -40.43 25.81 20.32
CA SER B 6 -40.86 25.04 21.49
C SER B 6 -40.12 23.71 21.58
N ARG B 7 -40.01 23.00 20.45
CA ARG B 7 -39.28 21.74 20.44
C ARG B 7 -37.81 21.95 20.74
N TRP B 8 -37.22 23.03 20.22
CA TRP B 8 -35.84 23.32 20.58
C TRP B 8 -35.70 23.70 22.04
N ALA B 9 -36.71 24.34 22.63
CA ALA B 9 -36.68 24.61 24.06
C ALA B 9 -36.66 23.31 24.85
N ILE B 10 -37.46 22.32 24.43
CA ILE B 10 -37.47 21.02 25.09
C ILE B 10 -36.10 20.36 25.00
N ALA B 11 -35.52 20.35 23.79
CA ALA B 11 -34.21 19.72 23.61
C ALA B 11 -33.12 20.44 24.39
N GLU B 12 -33.16 21.77 24.40
CA GLU B 12 -32.18 22.55 25.15
C GLU B 12 -32.31 22.30 26.65
N SER B 13 -33.54 22.16 27.14
CA SER B 13 -33.73 21.79 28.55
C SER B 13 -33.14 20.42 28.85
N PHE B 14 -33.33 19.47 27.93
CA PHE B 14 -32.69 18.17 28.08
C PHE B 14 -31.18 18.30 28.21
N PHE B 15 -30.57 19.09 27.32
CA PHE B 15 -29.11 19.22 27.33
C PHE B 15 -28.62 19.98 28.56
N LYS B 16 -29.40 20.91 29.08
CA LYS B 16 -28.99 21.64 30.28
C LYS B 16 -29.11 20.77 31.52
N THR B 17 -30.22 20.04 31.67
CA THR B 17 -30.41 19.22 32.85
C THR B 17 -29.47 18.02 32.85
N ARG B 18 -29.40 17.30 31.74
CA ARG B 18 -28.49 16.17 31.58
C ARG B 18 -27.39 16.57 30.62
N GLY B 19 -26.14 16.35 31.01
CA GLY B 19 -25.03 16.75 30.17
C GLY B 19 -24.84 15.84 28.96
N LEU B 20 -23.58 15.70 28.52
CA LEU B 20 -23.27 14.85 27.39
C LEU B 20 -22.59 13.54 27.79
N VAL B 21 -22.30 13.34 29.07
CA VAL B 21 -21.64 12.13 29.54
C VAL B 21 -22.50 11.46 30.60
N ARG B 22 -23.83 11.61 30.48
CA ARG B 22 -24.73 11.07 31.48
C ARG B 22 -24.70 9.55 31.52
N GLN B 23 -24.40 8.90 30.39
CA GLN B 23 -24.35 7.45 30.37
C GLN B 23 -23.21 6.91 31.23
N HIS B 24 -22.16 7.69 31.42
CA HIS B 24 -21.06 7.28 32.30
C HIS B 24 -21.40 7.59 33.76
N LEU B 25 -21.87 8.82 34.02
CA LEU B 25 -22.10 9.25 35.39
C LEU B 25 -23.21 8.46 36.05
N ASP B 26 -24.30 8.19 35.32
CA ASP B 26 -25.39 7.40 35.88
C ASP B 26 -24.92 6.01 36.26
N SER B 27 -24.15 5.37 35.38
CA SER B 27 -23.66 4.03 35.63
C SER B 27 -22.74 3.99 36.84
N PHE B 28 -21.81 4.94 36.93
CA PHE B 28 -20.86 4.93 38.04
C PHE B 28 -21.55 5.28 39.36
N ASN B 29 -22.50 6.21 39.33
CA ASN B 29 -23.23 6.53 40.56
C ASN B 29 -24.06 5.34 41.04
N ASP B 30 -24.71 4.63 40.11
CA ASP B 30 -25.42 3.42 40.48
C ASP B 30 -24.48 2.38 41.08
N PHE B 31 -23.30 2.22 40.48
CA PHE B 31 -22.31 1.30 41.03
C PHE B 31 -21.97 1.67 42.47
N LEU B 32 -21.57 2.94 42.68
CA LEU B 32 -21.17 3.38 44.00
C LEU B 32 -22.28 3.20 45.02
N ARG B 33 -23.52 3.47 44.62
CA ARG B 33 -24.64 3.41 45.56
C ARG B 33 -25.06 1.97 45.89
N ASN B 34 -24.97 1.04 44.93
CA ASN B 34 -25.56 -0.26 45.23
C ASN B 34 -24.61 -1.44 45.07
N LYS B 35 -23.76 -1.44 44.05
CA LYS B 35 -23.05 -2.67 43.69
C LYS B 35 -21.92 -2.99 44.66
N LEU B 36 -21.32 -1.98 45.29
CA LEU B 36 -20.29 -2.23 46.28
C LEU B 36 -20.85 -3.06 47.44
N GLN B 37 -22.02 -2.69 47.93
CA GLN B 37 -22.66 -3.46 48.99
C GLN B 37 -23.18 -4.80 48.47
N GLN B 38 -23.69 -4.81 47.23
CA GLN B 38 -24.23 -6.04 46.67
C GLN B 38 -23.18 -7.12 46.55
N VAL B 39 -21.96 -6.75 46.17
CA VAL B 39 -20.90 -7.74 45.96
C VAL B 39 -20.56 -8.45 47.28
N ILE B 40 -20.41 -7.68 48.35
CA ILE B 40 -20.05 -8.32 49.62
C ILE B 40 -21.26 -9.01 50.26
N TYR B 41 -22.48 -8.55 49.97
CA TYR B 41 -23.64 -9.29 50.46
C TYR B 41 -23.78 -10.63 49.75
N GLU B 42 -23.44 -10.69 48.45
CA GLU B 42 -23.45 -11.97 47.76
C GLU B 42 -22.25 -12.82 48.15
N GLN B 43 -21.18 -12.20 48.65
CA GLN B 43 -20.13 -12.99 49.30
C GLN B 43 -20.62 -13.60 50.59
N GLY B 44 -21.40 -12.84 51.37
CA GLY B 44 -22.03 -13.34 52.58
C GLY B 44 -21.16 -13.31 53.81
N GLU B 45 -20.22 -14.24 53.93
CA GLU B 45 -19.35 -14.32 55.09
C GLU B 45 -18.17 -15.21 54.76
N ILE B 46 -17.07 -14.98 55.47
CA ILE B 46 -15.83 -15.72 55.27
C ILE B 46 -15.78 -16.84 56.30
N VAL B 47 -15.66 -18.09 55.81
CA VAL B 47 -15.56 -19.27 56.67
C VAL B 47 -14.34 -20.05 56.26
N THR B 48 -13.62 -20.57 57.26
CA THR B 48 -12.39 -21.32 57.05
C THR B 48 -12.56 -22.76 57.53
N GLU B 49 -11.51 -23.56 57.35
CA GLU B 49 -11.53 -24.95 57.78
C GLU B 49 -11.47 -25.10 59.29
N VAL B 50 -11.12 -24.06 60.02
CA VAL B 50 -11.11 -24.12 61.48
C VAL B 50 -12.54 -24.29 61.98
N PRO B 51 -12.81 -25.27 62.85
CA PRO B 51 -14.19 -25.52 63.28
C PRO B 51 -14.71 -24.48 64.25
N GLY B 52 -15.19 -23.35 63.72
CA GLY B 52 -15.78 -22.32 64.57
C GLY B 52 -15.14 -20.96 64.43
N LEU B 53 -14.45 -20.72 63.32
CA LEU B 53 -13.82 -19.44 63.04
C LEU B 53 -14.39 -18.88 61.74
N LYS B 54 -15.13 -17.78 61.84
CA LYS B 54 -15.73 -17.15 60.67
C LYS B 54 -15.83 -15.65 60.89
N ILE B 55 -15.91 -14.92 59.79
CA ILE B 55 -16.07 -13.47 59.80
C ILE B 55 -17.31 -13.12 59.01
N LYS B 56 -18.20 -12.32 59.61
CA LYS B 56 -19.40 -11.86 58.94
C LYS B 56 -19.20 -10.41 58.51
N LEU B 57 -19.36 -10.15 57.21
CA LEU B 57 -19.08 -8.84 56.65
C LEU B 57 -20.25 -7.89 56.88
N GLY B 58 -19.91 -6.61 57.06
CA GLY B 58 -20.90 -5.60 57.35
C GLY B 58 -21.17 -4.65 56.21
N LYS B 59 -20.92 -3.36 56.41
CA LYS B 59 -21.19 -2.33 55.42
C LYS B 59 -19.89 -1.81 54.82
N ILE B 60 -20.02 -1.08 53.71
CA ILE B 60 -18.90 -0.45 53.04
C ILE B 60 -19.20 1.05 52.92
N ARG B 61 -18.15 1.85 52.97
CA ARG B 61 -18.27 3.28 52.73
C ARG B 61 -16.95 3.78 52.16
N TYR B 62 -17.01 4.93 51.50
CA TYR B 62 -15.84 5.53 50.90
C TYR B 62 -15.67 6.97 51.40
N GLU B 63 -14.43 7.43 51.39
CA GLU B 63 -14.08 8.78 51.83
C GLU B 63 -13.97 9.70 50.62
N LYS B 64 -13.53 10.92 50.88
CA LYS B 64 -13.17 11.83 49.80
C LYS B 64 -11.81 11.43 49.23
N PRO B 65 -11.53 11.76 47.97
CA PRO B 65 -10.25 11.37 47.38
C PRO B 65 -9.08 11.92 48.17
N SER B 66 -8.17 11.03 48.56
CA SER B 66 -7.07 11.38 49.44
C SER B 66 -5.86 10.50 49.13
N ILE B 67 -4.69 10.96 49.56
CA ILE B 67 -3.44 10.23 49.41
C ILE B 67 -2.72 10.24 50.75
N ARG B 68 -1.77 9.32 50.88
CA ARG B 68 -0.95 9.18 52.09
C ARG B 68 0.49 9.48 51.72
N GLU B 69 1.04 10.57 52.26
CA GLU B 69 2.40 10.99 51.96
C GLU B 69 3.41 10.07 52.64
N THR B 70 3.83 9.02 51.94
CA THR B 70 4.81 8.02 52.42
C THR B 70 4.65 7.74 53.91
N ASP B 71 3.41 7.47 54.31
CA ASP B 71 3.02 7.27 55.71
C ASP B 71 3.36 8.50 56.55
N LYS B 72 2.69 9.61 56.21
CA LYS B 72 2.78 10.84 56.98
C LYS B 72 1.76 10.90 58.11
N GLY B 73 1.00 9.83 58.33
CA GLY B 73 -0.02 9.81 59.35
C GLY B 73 -1.40 10.00 58.77
N PRO B 74 -1.99 11.17 58.97
CA PRO B 74 -3.31 11.44 58.40
C PRO B 74 -3.23 11.57 56.88
N MET B 75 -4.35 11.24 56.23
CA MET B 75 -4.48 11.41 54.80
C MET B 75 -4.96 12.81 54.47
N ARG B 76 -4.38 13.41 53.43
CA ARG B 76 -4.75 14.76 53.01
C ARG B 76 -5.47 14.70 51.67
N GLU B 77 -6.49 15.54 51.54
CA GLU B 77 -7.29 15.59 50.32
C GLU B 77 -6.56 16.35 49.23
N ILE B 78 -6.75 15.91 47.98
CA ILE B 78 -6.09 16.49 46.82
C ILE B 78 -7.15 16.86 45.78
N THR B 79 -6.73 17.65 44.80
CA THR B 79 -7.54 18.05 43.67
C THR B 79 -7.08 17.32 42.41
N PRO B 80 -7.91 17.26 41.38
CA PRO B 80 -7.50 16.57 40.14
C PRO B 80 -6.25 17.16 39.50
N MET B 81 -6.04 18.48 39.61
CA MET B 81 -4.86 19.09 39.02
C MET B 81 -3.58 18.61 39.70
N GLU B 82 -3.60 18.46 41.03
CA GLU B 82 -2.42 17.96 41.73
C GLU B 82 -2.13 16.52 41.32
N ALA B 83 -3.17 15.70 41.17
CA ALA B 83 -2.98 14.33 40.71
C ALA B 83 -2.38 14.29 39.31
N ARG B 84 -2.87 15.17 38.42
CA ARG B 84 -2.33 15.24 37.07
C ARG B 84 -0.86 15.65 37.08
N LEU B 85 -0.51 16.64 37.91
CA LEU B 85 0.84 17.18 37.89
C LEU B 85 1.84 16.23 38.54
N ARG B 86 1.42 15.53 39.60
CA ARG B 86 2.33 14.69 40.37
C ARG B 86 2.20 13.21 40.02
N ASN B 87 1.47 12.88 38.96
CA ASN B 87 1.30 11.51 38.49
C ASN B 87 0.65 10.61 39.53
N LEU B 88 -0.24 11.18 40.34
CA LEU B 88 -0.99 10.41 41.32
C LEU B 88 -2.27 9.84 40.68
N THR B 89 -2.92 8.95 41.42
CA THR B 89 -4.21 8.39 41.03
C THR B 89 -5.30 9.02 41.88
N TYR B 90 -6.34 9.53 41.22
CA TYR B 90 -7.44 10.21 41.90
C TYR B 90 -8.40 9.14 42.42
N SER B 91 -8.17 8.70 43.66
CA SER B 91 -8.94 7.62 44.25
C SER B 91 -9.24 7.95 45.71
N SER B 92 -10.22 7.24 46.25
CA SER B 92 -10.64 7.42 47.64
C SER B 92 -10.58 6.09 48.38
N PRO B 93 -10.28 6.10 49.68
CA PRO B 93 -10.22 4.86 50.44
C PRO B 93 -11.61 4.31 50.73
N ILE B 94 -11.68 2.98 50.83
CA ILE B 94 -12.92 2.28 51.13
C ILE B 94 -12.71 1.44 52.38
N PHE B 95 -13.67 1.51 53.30
CA PHE B 95 -13.60 0.84 54.60
C PHE B 95 -14.69 -0.22 54.69
N LEU B 96 -14.32 -1.42 55.14
CA LEU B 96 -15.25 -2.53 55.31
C LEU B 96 -15.30 -2.89 56.79
N SER B 97 -16.50 -2.89 57.37
CA SER B 97 -16.70 -3.26 58.76
C SER B 97 -16.88 -4.76 58.87
N MET B 98 -16.05 -5.40 59.70
CA MET B 98 -16.04 -6.84 59.85
C MET B 98 -16.25 -7.22 61.30
N ILE B 99 -16.76 -8.44 61.51
CA ILE B 99 -16.97 -8.98 62.85
C ILE B 99 -16.25 -10.31 62.95
N PRO B 100 -15.21 -10.43 63.79
CA PRO B 100 -14.50 -11.71 63.95
C PRO B 100 -15.21 -12.59 64.96
N VAL B 101 -15.70 -13.74 64.51
CA VAL B 101 -16.50 -14.64 65.33
C VAL B 101 -15.65 -15.84 65.70
N GLU B 102 -15.53 -16.11 67.01
CA GLU B 102 -14.78 -17.24 67.53
C GLU B 102 -15.76 -18.17 68.24
N ASN B 103 -16.16 -19.24 67.54
CA ASN B 103 -17.07 -20.25 68.09
C ASN B 103 -18.40 -19.63 68.52
N ASN B 104 -19.09 -19.04 67.54
CA ASN B 104 -20.41 -18.45 67.70
C ASN B 104 -20.43 -17.32 68.73
N ILE B 105 -19.28 -16.70 68.99
CA ILE B 105 -19.19 -15.51 69.83
C ILE B 105 -18.86 -14.34 68.91
N GLU B 106 -19.79 -13.39 68.82
CA GLU B 106 -19.68 -12.34 67.80
C GLU B 106 -18.48 -11.44 68.04
N GLY B 107 -18.33 -10.93 69.25
CA GLY B 107 -17.24 -10.02 69.54
C GLY B 107 -17.54 -8.61 69.08
N GLU B 108 -16.49 -7.77 69.10
CA GLU B 108 -16.62 -6.36 68.77
C GLU B 108 -16.41 -6.14 67.28
N PRO B 109 -17.32 -5.44 66.59
CA PRO B 109 -17.09 -5.12 65.19
C PRO B 109 -15.91 -4.18 65.01
N ILE B 110 -15.21 -4.34 63.89
CA ILE B 110 -14.04 -3.53 63.56
C ILE B 110 -14.17 -3.05 62.12
N GLU B 111 -13.72 -1.82 61.87
CA GLU B 111 -13.76 -1.23 60.54
C GLU B 111 -12.37 -1.30 59.93
N ILE B 112 -12.28 -1.88 58.72
CA ILE B 112 -11.01 -2.23 58.11
C ILE B 112 -10.86 -1.48 56.80
N TYR B 113 -9.72 -0.82 56.62
CA TYR B 113 -9.35 -0.23 55.33
C TYR B 113 -8.91 -1.34 54.39
N ILE B 114 -9.61 -1.48 53.25
CA ILE B 114 -9.40 -2.62 52.37
C ILE B 114 -8.76 -2.24 51.04
N GLY B 115 -8.75 -0.96 50.66
CA GLY B 115 -8.13 -0.57 49.41
C GLY B 115 -8.55 0.82 49.00
N ASP B 116 -8.18 1.17 47.77
CA ASP B 116 -8.48 2.47 47.17
C ASP B 116 -9.32 2.26 45.92
N LEU B 117 -10.33 3.11 45.75
CA LEU B 117 -11.23 3.02 44.61
C LEU B 117 -11.06 4.25 43.73
N PRO B 118 -10.63 4.10 42.48
CA PRO B 118 -10.52 5.26 41.58
C PRO B 118 -11.88 5.93 41.39
N ILE B 119 -11.86 7.25 41.34
CA ILE B 119 -13.06 8.07 41.32
C ILE B 119 -13.21 8.68 39.94
N MET B 120 -14.39 8.50 39.35
CA MET B 120 -14.73 9.15 38.09
C MET B 120 -15.03 10.62 38.35
N LEU B 121 -14.58 11.48 37.45
CA LEU B 121 -14.76 12.91 37.64
C LEU B 121 -16.22 13.30 37.40
N LYS B 122 -16.68 14.30 38.16
CA LYS B 122 -18.05 14.81 38.13
C LYS B 122 -19.08 13.79 38.62
N SER B 123 -18.63 12.75 39.33
CA SER B 123 -19.54 11.77 39.88
C SER B 123 -19.96 12.18 41.29
N VAL B 124 -20.78 11.35 41.93
CA VAL B 124 -21.29 11.68 43.26
C VAL B 124 -20.20 11.63 44.31
N ALA B 125 -19.12 10.89 44.07
CA ALA B 125 -18.01 10.81 45.00
C ALA B 125 -16.92 11.84 44.73
N ASP B 126 -17.12 12.71 43.74
CA ASP B 126 -16.14 13.73 43.40
C ASP B 126 -16.49 15.03 44.12
N PRO B 127 -15.61 15.56 44.98
CA PRO B 127 -15.94 16.80 45.68
C PRO B 127 -16.03 18.01 44.77
N THR B 128 -15.47 17.95 43.56
CA THR B 128 -15.52 19.07 42.63
C THR B 128 -16.81 19.09 41.80
N SER B 129 -17.71 18.13 42.02
CA SER B 129 -18.97 18.08 41.30
C SER B 129 -19.99 19.09 41.80
N ASN B 130 -19.71 19.79 42.89
CA ASN B 130 -20.64 20.75 43.47
C ASN B 130 -20.11 22.18 43.49
N LEU B 131 -18.88 22.41 43.06
CA LEU B 131 -18.28 23.72 43.17
C LEU B 131 -18.83 24.68 42.12
N PRO B 132 -18.93 25.97 42.45
CA PRO B 132 -19.31 26.96 41.42
C PRO B 132 -18.20 27.20 40.42
N ILE B 133 -18.45 28.05 39.42
CA ILE B 133 -17.47 28.26 38.35
C ILE B 133 -16.21 28.91 38.89
N ASP B 134 -16.35 29.94 39.73
CA ASP B 134 -15.17 30.64 40.23
C ASP B 134 -14.33 29.73 41.12
N LYS B 135 -14.96 28.90 41.95
CA LYS B 135 -14.22 27.99 42.81
C LYS B 135 -13.57 26.88 42.00
N LEU B 136 -14.14 26.54 40.85
CA LEU B 136 -13.49 25.60 39.94
C LEU B 136 -12.27 26.23 39.29
N ILE B 137 -12.37 27.50 38.91
CA ILE B 137 -11.23 28.20 38.32
C ILE B 137 -10.11 28.35 39.35
N GLU B 138 -10.48 28.55 40.61
CA GLU B 138 -9.47 28.77 41.65
C GLU B 138 -8.57 27.56 41.83
N ILE B 139 -9.13 26.35 41.68
CA ILE B 139 -8.35 25.12 41.89
C ILE B 139 -7.74 24.66 40.57
N GLY B 140 -7.86 25.47 39.52
CA GLY B 140 -7.20 25.19 38.27
C GLY B 140 -7.92 24.24 37.33
N GLU B 141 -9.24 24.23 37.34
CA GLU B 141 -10.04 23.35 36.49
C GLU B 141 -10.68 24.14 35.36
N ASP B 142 -10.91 23.45 34.24
CA ASP B 142 -11.67 24.03 33.14
C ASP B 142 -13.16 23.98 33.49
N PRO B 143 -13.85 25.11 33.57
CA PRO B 143 -15.27 25.07 33.97
C PRO B 143 -16.16 24.35 32.97
N LYS B 144 -15.75 24.22 31.72
CA LYS B 144 -16.56 23.57 30.70
C LYS B 144 -16.23 22.09 30.53
N ASP B 145 -15.28 21.57 31.30
CA ASP B 145 -14.93 20.16 31.18
C ASP B 145 -16.10 19.29 31.62
N PRO B 146 -16.50 18.30 30.82
CA PRO B 146 -17.69 17.52 31.15
C PRO B 146 -17.46 16.42 32.16
N GLY B 147 -16.21 15.99 32.31
CA GLY B 147 -15.90 14.91 33.21
C GLY B 147 -16.25 13.56 32.62
N GLY B 148 -16.30 12.55 33.50
CA GLY B 148 -16.64 11.21 33.09
C GLY B 148 -15.46 10.32 32.75
N TYR B 149 -14.28 10.61 33.31
CA TYR B 149 -13.09 9.80 33.07
C TYR B 149 -12.35 9.65 34.38
N PHE B 150 -11.27 8.87 34.34
CA PHE B 150 -10.45 8.59 35.52
C PHE B 150 -9.05 9.16 35.30
N ILE B 151 -8.42 9.59 36.38
CA ILE B 151 -7.04 10.02 36.38
C ILE B 151 -6.24 8.91 37.05
N VAL B 152 -5.52 8.12 36.25
CA VAL B 152 -4.76 6.97 36.72
C VAL B 152 -3.29 7.23 36.40
N ASN B 153 -2.49 7.40 37.45
CA ASN B 153 -1.05 7.70 37.31
C ASN B 153 -0.82 8.96 36.49
N GLY B 154 -1.71 9.93 36.65
CA GLY B 154 -1.61 11.19 35.93
C GLY B 154 -2.23 11.20 34.56
N SER B 155 -2.67 10.06 34.05
CA SER B 155 -3.25 9.95 32.73
C SER B 155 -4.77 9.90 32.84
N GLU B 156 -5.45 10.49 31.86
CA GLU B 156 -6.90 10.49 31.81
C GLU B 156 -7.38 9.28 31.03
N LYS B 157 -8.16 8.42 31.67
CA LYS B 157 -8.60 7.15 31.09
C LYS B 157 -10.11 7.14 30.96
N VAL B 158 -10.59 6.76 29.78
CA VAL B 158 -12.02 6.66 29.50
C VAL B 158 -12.37 5.18 29.31
N ILE B 159 -13.51 4.78 29.87
CA ILE B 159 -14.01 3.42 29.71
C ILE B 159 -14.96 3.40 28.52
N ILE B 160 -14.60 2.63 27.49
CA ILE B 160 -15.40 2.58 26.27
C ILE B 160 -16.56 1.61 26.45
N ALA B 161 -17.75 2.03 26.07
CA ALA B 161 -18.93 1.19 26.17
C ALA B 161 -18.81 -0.02 25.24
N GLN B 162 -19.22 -1.18 25.73
CA GLN B 162 -19.13 -2.43 24.99
C GLN B 162 -20.52 -2.91 24.65
N GLU B 163 -20.76 -3.13 23.36
CA GLU B 163 -22.06 -3.58 22.87
C GLU B 163 -22.00 -5.06 22.53
N ASP B 164 -22.98 -5.82 23.02
CA ASP B 164 -23.02 -7.25 22.79
C ASP B 164 -24.46 -7.73 22.95
N LEU B 165 -24.66 -9.03 22.71
CA LEU B 165 -25.98 -9.62 22.77
C LEU B 165 -26.48 -9.75 24.21
N ALA B 166 -27.79 -9.79 24.35
CA ALA B 166 -28.40 -10.06 25.65
C ALA B 166 -28.07 -11.49 26.09
N THR B 167 -27.87 -11.67 27.39
CA THR B 167 -27.31 -12.91 27.90
C THR B 167 -28.35 -13.98 28.19
N ASN B 168 -29.38 -13.66 28.98
CA ASN B 168 -30.25 -14.67 29.55
C ASN B 168 -31.48 -14.95 28.71
N ARG B 169 -31.36 -14.87 27.39
CA ARG B 169 -32.50 -14.99 26.49
C ARG B 169 -32.23 -16.06 25.43
N VAL B 170 -33.32 -16.61 24.89
CA VAL B 170 -33.25 -17.69 23.91
C VAL B 170 -33.33 -17.10 22.51
N LEU B 171 -32.37 -17.46 21.67
CA LEU B 171 -32.34 -17.03 20.27
C LEU B 171 -32.29 -18.26 19.37
N VAL B 172 -33.24 -18.35 18.45
CA VAL B 172 -33.38 -19.53 17.58
C VAL B 172 -32.99 -19.16 16.17
N ASP B 173 -32.53 -20.16 15.42
CA ASP B 173 -32.10 -19.97 14.04
C ASP B 173 -32.19 -21.31 13.32
N TYR B 174 -32.07 -21.25 11.99
CA TYR B 174 -31.98 -22.45 11.18
C TYR B 174 -30.59 -23.05 11.26
N GLY B 175 -30.49 -24.34 10.94
CA GLY B 175 -29.21 -25.00 10.87
C GLY B 175 -28.53 -24.79 9.53
N LYS B 176 -27.28 -25.20 9.46
CA LYS B 176 -26.52 -25.10 8.22
C LYS B 176 -27.10 -26.02 7.16
N SER B 177 -27.08 -25.57 5.91
CA SER B 177 -27.67 -26.32 4.81
C SER B 177 -26.91 -27.63 4.60
N GLY B 178 -27.67 -28.69 4.32
CA GLY B 178 -27.08 -30.00 4.11
C GLY B 178 -26.41 -30.56 5.35
N SER B 179 -27.05 -30.45 6.50
CA SER B 179 -26.50 -30.93 7.75
C SER B 179 -27.57 -31.72 8.51
N ASN B 180 -27.11 -32.49 9.50
CA ASN B 180 -28.02 -33.27 10.33
C ASN B 180 -28.90 -32.39 11.21
N ILE B 181 -28.44 -31.18 11.52
CA ILE B 181 -29.18 -30.27 12.39
C ILE B 181 -30.08 -29.38 11.54
N THR B 182 -31.35 -29.29 11.92
CA THR B 182 -32.32 -28.47 11.21
C THR B 182 -32.58 -27.13 11.87
N HIS B 183 -32.74 -27.11 13.20
CA HIS B 183 -33.00 -25.88 13.93
C HIS B 183 -32.13 -25.84 15.17
N VAL B 184 -31.74 -24.63 15.57
CA VAL B 184 -30.82 -24.41 16.68
C VAL B 184 -31.40 -23.35 17.61
N ALA B 185 -31.19 -23.54 18.91
CA ALA B 185 -31.52 -22.54 19.92
C ALA B 185 -30.36 -22.40 20.89
N LYS B 186 -30.02 -21.16 21.24
CA LYS B 186 -28.84 -20.89 22.04
C LYS B 186 -29.17 -19.99 23.22
N VAL B 187 -28.60 -20.32 24.37
CA VAL B 187 -28.73 -19.53 25.59
C VAL B 187 -27.34 -19.35 26.18
N THR B 188 -27.03 -18.11 26.61
CA THR B 188 -25.76 -17.81 27.27
C THR B 188 -26.09 -17.34 28.68
N SER B 189 -26.29 -18.30 29.59
CA SER B 189 -26.62 -17.96 30.96
C SER B 189 -25.40 -17.40 31.67
N SER B 190 -25.56 -16.24 32.32
CA SER B 190 -24.46 -15.55 32.97
C SER B 190 -24.72 -15.52 34.48
N ALA B 191 -23.76 -16.04 35.24
CA ALA B 191 -23.83 -16.03 36.69
C ALA B 191 -23.13 -14.78 37.23
N ALA B 192 -22.89 -14.75 38.54
CA ALA B 192 -22.21 -13.61 39.14
C ALA B 192 -20.80 -13.46 38.58
N GLY B 193 -20.09 -14.56 38.40
CA GLY B 193 -18.70 -14.48 37.96
C GLY B 193 -18.35 -15.24 36.70
N TYR B 194 -19.31 -15.97 36.13
CA TYR B 194 -19.03 -16.77 34.94
C TYR B 194 -20.28 -16.89 34.10
N ARG B 195 -20.08 -17.21 32.83
CA ARG B 195 -21.18 -17.42 31.88
C ARG B 195 -21.01 -18.78 31.20
N VAL B 196 -22.13 -19.45 30.94
CA VAL B 196 -22.15 -20.77 30.34
C VAL B 196 -23.18 -20.77 29.21
N GLN B 197 -22.81 -21.38 28.09
CA GLN B 197 -23.67 -21.43 26.92
C GLN B 197 -24.38 -22.78 26.84
N VAL B 198 -25.68 -22.75 26.56
CA VAL B 198 -26.51 -23.94 26.41
C VAL B 198 -27.08 -23.95 25.00
N MET B 199 -26.89 -25.07 24.30
CA MET B 199 -27.32 -25.19 22.90
C MET B 199 -28.35 -26.30 22.77
N ILE B 200 -29.40 -26.03 22.01
CA ILE B 200 -30.49 -26.96 21.79
C ILE B 200 -30.66 -27.16 20.29
N GLU B 201 -30.61 -28.40 19.84
CA GLU B 201 -30.67 -28.74 18.42
C GLU B 201 -31.88 -29.62 18.13
N ARG B 202 -32.33 -29.56 16.88
CA ARG B 202 -33.30 -30.51 16.34
C ARG B 202 -32.69 -31.16 15.12
N LEU B 203 -32.75 -32.49 15.06
CA LEU B 203 -32.08 -33.25 14.01
C LEU B 203 -33.10 -33.70 12.96
N LYS B 204 -32.59 -34.39 11.94
CA LYS B 204 -33.45 -34.98 10.92
C LYS B 204 -34.34 -36.07 11.50
N ASP B 205 -34.02 -36.57 12.69
CA ASP B 205 -34.79 -37.61 13.37
C ASP B 205 -36.00 -37.06 14.11
N SER B 206 -36.22 -35.74 14.08
CA SER B 206 -37.29 -35.07 14.82
C SER B 206 -37.08 -35.19 16.33
N THR B 207 -35.83 -35.31 16.76
CA THR B 207 -35.48 -35.42 18.17
C THR B 207 -34.71 -34.17 18.62
N ILE B 208 -34.98 -33.74 19.85
CA ILE B 208 -34.34 -32.57 20.44
C ILE B 208 -33.23 -33.03 21.36
N GLN B 209 -32.04 -32.47 21.17
CA GLN B 209 -30.85 -32.82 21.95
C GLN B 209 -30.30 -31.59 22.64
N ILE B 210 -29.93 -31.75 23.92
CA ILE B 210 -29.38 -30.67 24.73
C ILE B 210 -27.88 -30.87 24.84
N SER B 211 -27.13 -29.77 24.84
CA SER B 211 -25.67 -29.83 24.88
C SER B 211 -25.15 -28.55 25.52
N PHE B 212 -24.47 -28.69 26.66
CA PHE B 212 -23.87 -27.55 27.34
C PHE B 212 -22.39 -27.83 27.60
N ALA B 213 -21.77 -26.95 28.39
CA ALA B 213 -20.31 -26.84 28.40
C ALA B 213 -19.65 -28.08 28.97
N THR B 214 -19.95 -28.43 30.22
CA THR B 214 -19.17 -29.42 30.96
C THR B 214 -19.57 -30.86 30.67
N VAL B 215 -20.28 -31.13 29.57
CA VAL B 215 -20.59 -32.49 29.15
C VAL B 215 -20.20 -32.65 27.69
N PRO B 216 -19.44 -33.67 27.32
CA PRO B 216 -18.92 -33.75 25.94
C PRO B 216 -19.99 -34.01 24.89
N GLY B 217 -21.03 -34.79 25.21
CA GLY B 217 -21.98 -35.24 24.21
C GLY B 217 -23.29 -34.49 24.26
N ARG B 218 -24.25 -35.01 23.51
CA ARG B 218 -25.60 -34.46 23.44
C ARG B 218 -26.54 -35.33 24.25
N ILE B 219 -27.28 -34.71 25.16
CA ILE B 219 -28.21 -35.40 26.05
C ILE B 219 -29.62 -35.22 25.50
N PRO B 220 -30.42 -36.28 25.43
CA PRO B 220 -31.81 -36.11 24.98
C PRO B 220 -32.60 -35.20 25.91
N PHE B 221 -33.61 -34.54 25.33
CA PHE B 221 -34.39 -33.56 26.06
C PHE B 221 -35.12 -34.18 27.25
N ALA B 222 -35.72 -35.35 27.05
CA ALA B 222 -36.47 -35.99 28.13
C ALA B 222 -35.57 -36.51 29.23
N ILE B 223 -34.36 -36.98 28.89
CA ILE B 223 -33.42 -37.45 29.91
C ILE B 223 -33.00 -36.30 30.81
N ILE B 224 -32.64 -35.16 30.21
CA ILE B 224 -32.21 -34.02 31.00
C ILE B 224 -33.40 -33.41 31.75
N MET B 225 -34.62 -33.60 31.24
CA MET B 225 -35.79 -33.12 31.96
C MET B 225 -36.14 -34.01 33.15
N ARG B 226 -35.84 -35.31 33.07
CA ARG B 226 -36.13 -36.20 34.19
C ARG B 226 -35.18 -35.95 35.36
N ALA B 227 -33.94 -35.56 35.07
CA ALA B 227 -32.98 -35.25 36.12
C ALA B 227 -33.33 -33.98 36.89
N LEU B 228 -34.24 -33.16 36.37
CA LEU B 228 -34.65 -31.91 37.01
C LEU B 228 -35.96 -32.05 37.77
N GLY B 229 -36.49 -33.27 37.90
CA GLY B 229 -37.69 -33.50 38.67
C GLY B 229 -38.97 -33.69 37.89
N PHE B 230 -38.89 -33.78 36.56
CA PHE B 230 -40.06 -34.04 35.72
C PHE B 230 -40.06 -35.52 35.39
N VAL B 231 -40.84 -36.30 36.13
CA VAL B 231 -40.76 -37.76 36.06
C VAL B 231 -41.64 -38.32 34.95
N THR B 232 -42.90 -37.91 34.87
CA THR B 232 -43.81 -38.49 33.89
C THR B 232 -43.69 -37.76 32.55
N ASP B 233 -44.19 -38.43 31.50
CA ASP B 233 -44.20 -37.82 30.18
C ASP B 233 -45.21 -36.69 30.10
N ARG B 234 -46.33 -36.81 30.83
CA ARG B 234 -47.34 -35.77 30.80
C ARG B 234 -46.79 -34.45 31.35
N ASP B 235 -45.99 -34.52 32.41
CA ASP B 235 -45.41 -33.30 32.98
C ASP B 235 -44.53 -32.60 31.96
N ILE B 236 -43.66 -33.34 31.28
CA ILE B 236 -42.77 -32.75 30.29
C ILE B 236 -43.58 -32.15 29.14
N VAL B 237 -44.57 -32.91 28.65
CA VAL B 237 -45.35 -32.46 27.51
C VAL B 237 -46.11 -31.19 27.83
N TYR B 238 -46.76 -31.13 28.99
CA TYR B 238 -47.50 -29.93 29.36
C TYR B 238 -46.61 -28.80 29.82
N ALA B 239 -45.36 -29.08 30.21
CA ALA B 239 -44.42 -28.00 30.48
C ALA B 239 -43.92 -27.37 29.19
N VAL B 240 -43.81 -28.16 28.12
CA VAL B 240 -43.37 -27.60 26.84
C VAL B 240 -44.44 -26.69 26.26
N SER B 241 -45.65 -27.21 26.07
CA SER B 241 -46.71 -26.40 25.49
C SER B 241 -48.07 -27.01 25.82
N LEU B 242 -49.10 -26.19 25.63
CA LEU B 242 -50.49 -26.61 25.75
C LEU B 242 -51.14 -26.92 24.40
N ASP B 243 -50.53 -26.50 23.31
CA ASP B 243 -51.09 -26.73 21.98
C ASP B 243 -50.89 -28.18 21.56
N PRO B 244 -51.95 -28.89 21.15
CA PRO B 244 -51.76 -30.28 20.72
C PRO B 244 -50.83 -30.44 19.55
N GLN B 245 -50.85 -29.49 18.60
CA GLN B 245 -49.97 -29.58 17.45
C GLN B 245 -48.50 -29.44 17.85
N ILE B 246 -48.21 -28.53 18.79
CA ILE B 246 -46.84 -28.36 19.25
C ILE B 246 -46.36 -29.61 19.99
N GLN B 247 -47.20 -30.16 20.86
CA GLN B 247 -46.77 -31.28 21.69
C GLN B 247 -46.84 -32.63 20.98
N ASN B 248 -47.48 -32.70 19.82
CA ASN B 248 -47.42 -33.93 19.03
C ASN B 248 -46.05 -34.15 18.39
N GLU B 249 -45.19 -33.13 18.38
CA GLU B 249 -43.86 -33.24 17.80
C GLU B 249 -42.83 -33.74 18.80
N LEU B 250 -43.23 -34.01 20.04
CA LEU B 250 -42.32 -34.52 21.06
C LEU B 250 -42.33 -36.03 21.16
N LEU B 251 -43.13 -36.71 20.33
CA LEU B 251 -43.18 -38.18 20.38
C LEU B 251 -41.84 -38.83 20.06
N PRO B 252 -41.10 -38.44 19.01
CA PRO B 252 -39.79 -39.06 18.80
C PRO B 252 -38.82 -38.84 19.95
N SER B 253 -38.92 -37.71 20.65
CA SER B 253 -38.02 -37.46 21.78
C SER B 253 -38.41 -38.25 23.02
N LEU B 254 -39.71 -38.49 23.21
CA LEU B 254 -40.15 -39.25 24.37
C LEU B 254 -39.70 -40.70 24.31
N GLU B 255 -39.77 -41.31 23.12
CA GLU B 255 -39.41 -42.72 23.00
C GLU B 255 -37.90 -42.94 23.07
N GLN B 256 -37.12 -41.92 22.73
CA GLN B 256 -35.66 -42.04 22.86
C GLN B 256 -35.25 -42.15 24.32
N ALA B 257 -36.09 -41.67 25.23
CA ALA B 257 -35.82 -41.75 26.67
C ALA B 257 -36.84 -42.63 27.39
N SER B 258 -37.37 -43.63 26.69
CA SER B 258 -38.34 -44.53 27.32
C SER B 258 -37.67 -45.42 28.36
N SER B 259 -36.38 -45.73 28.18
CA SER B 259 -35.67 -46.56 29.15
C SER B 259 -35.55 -45.87 30.51
N ILE B 260 -35.25 -44.57 30.51
CA ILE B 260 -35.10 -43.83 31.75
C ILE B 260 -36.48 -43.56 32.34
N THR B 261 -36.66 -43.93 33.61
CA THR B 261 -37.95 -43.81 34.27
C THR B 261 -37.93 -43.02 35.56
N SER B 262 -36.76 -42.59 36.04
CA SER B 262 -36.67 -41.88 37.30
C SER B 262 -35.51 -40.89 37.24
N ALA B 263 -35.46 -40.01 38.24
CA ALA B 263 -34.42 -38.99 38.29
C ALA B 263 -33.04 -39.62 38.46
N GLU B 264 -32.94 -40.66 39.30
CA GLU B 264 -31.64 -41.27 39.56
C GLU B 264 -31.07 -41.92 38.32
N GLU B 265 -31.91 -42.54 37.49
CA GLU B 265 -31.43 -43.15 36.25
C GLU B 265 -30.90 -42.09 35.29
N ALA B 266 -31.59 -40.95 35.19
CA ALA B 266 -31.10 -39.87 34.35
C ALA B 266 -29.79 -39.30 34.87
N LEU B 267 -29.68 -39.15 36.20
CA LEU B 267 -28.43 -38.67 36.78
C LEU B 267 -27.29 -39.64 36.52
N ASP B 268 -27.57 -40.94 36.58
CA ASP B 268 -26.56 -41.95 36.23
C ASP B 268 -26.17 -41.83 34.76
N PHE B 269 -27.15 -41.62 33.88
CA PHE B 269 -26.86 -41.45 32.46
C PHE B 269 -25.95 -40.26 32.23
N ILE B 270 -26.19 -39.15 32.93
CA ILE B 270 -25.34 -37.97 32.78
C ILE B 270 -23.96 -38.22 33.37
N GLY B 271 -23.90 -38.87 34.53
CA GLY B 271 -22.62 -39.15 35.15
C GLY B 271 -21.77 -40.12 34.36
N ASN B 272 -22.40 -40.97 33.55
CA ASN B 272 -21.64 -41.85 32.66
C ASN B 272 -20.80 -41.05 31.69
N ARG B 273 -21.24 -39.84 31.33
CA ARG B 273 -20.44 -38.94 30.51
C ARG B 273 -19.53 -38.07 31.36
N VAL B 274 -20.04 -37.52 32.47
CA VAL B 274 -19.26 -36.60 33.28
C VAL B 274 -18.10 -37.33 33.94
N ALA B 275 -18.37 -38.47 34.59
CA ALA B 275 -17.37 -39.23 35.33
C ALA B 275 -17.54 -40.71 34.99
N ILE B 276 -16.83 -41.18 33.98
CA ILE B 276 -16.90 -42.57 33.54
C ILE B 276 -15.79 -43.36 34.22
N GLY B 277 -16.12 -44.59 34.64
CA GLY B 277 -15.16 -45.47 35.24
C GLY B 277 -15.04 -45.36 36.76
N GLN B 278 -16.17 -45.36 37.45
CA GLN B 278 -16.17 -45.36 38.91
C GLN B 278 -17.52 -45.87 39.39
N LYS B 279 -17.66 -45.98 40.72
CA LYS B 279 -18.82 -46.61 41.31
C LYS B 279 -20.09 -45.80 41.05
N ARG B 280 -21.23 -46.49 41.08
CA ARG B 280 -22.50 -45.84 40.82
C ARG B 280 -23.07 -45.22 42.10
N GLU B 281 -22.24 -44.47 42.81
CA GLU B 281 -22.71 -43.58 43.86
C GLU B 281 -22.05 -42.22 43.85
N ASN B 282 -20.86 -42.07 43.28
CA ASN B 282 -20.24 -40.78 43.08
C ASN B 282 -20.56 -40.20 41.71
N ARG B 283 -20.95 -41.04 40.76
CA ARG B 283 -21.44 -40.54 39.48
C ARG B 283 -22.68 -39.68 39.67
N ILE B 284 -23.61 -40.15 40.50
CA ILE B 284 -24.86 -39.42 40.72
C ILE B 284 -24.59 -38.07 41.37
N GLN B 285 -23.74 -38.06 42.39
CA GLN B 285 -23.46 -36.79 43.07
C GLN B 285 -22.63 -35.86 42.19
N LYS B 286 -21.74 -36.40 41.36
CA LYS B 286 -21.00 -35.56 40.42
C LYS B 286 -21.95 -34.92 39.42
N ALA B 287 -22.89 -35.70 38.87
CA ALA B 287 -23.87 -35.14 37.95
C ALA B 287 -24.74 -34.10 38.64
N GLU B 288 -25.11 -34.36 39.90
CA GLU B 288 -25.92 -33.39 40.65
C GLU B 288 -25.17 -32.09 40.84
N GLN B 289 -23.87 -32.15 41.16
CA GLN B 289 -23.13 -30.93 41.41
C GLN B 289 -22.65 -30.25 40.13
N VAL B 290 -22.70 -30.94 38.99
CA VAL B 290 -22.46 -30.27 37.72
C VAL B 290 -23.73 -29.60 37.20
N ILE B 291 -24.87 -30.29 37.31
CA ILE B 291 -26.12 -29.74 36.78
C ILE B 291 -26.62 -28.57 37.62
N ASP B 292 -26.14 -28.43 38.86
CA ASP B 292 -26.56 -27.32 39.72
C ASP B 292 -25.62 -26.13 39.65
N LYS B 293 -24.48 -26.24 38.98
CA LYS B 293 -23.51 -25.16 38.92
C LYS B 293 -23.26 -24.65 37.51
N TYR B 294 -23.47 -25.46 36.48
CA TYR B 294 -23.10 -25.08 35.12
C TYR B 294 -24.22 -25.22 34.11
N PHE B 295 -25.44 -25.57 34.52
CA PHE B 295 -26.52 -25.72 33.53
C PHE B 295 -27.14 -24.37 33.19
N LEU B 296 -27.79 -23.73 34.15
CA LEU B 296 -28.40 -22.42 33.97
C LEU B 296 -28.14 -21.59 35.21
N PRO B 297 -26.89 -21.16 35.42
CA PRO B 297 -26.53 -20.51 36.69
C PRO B 297 -27.31 -19.24 37.00
N HIS B 298 -27.81 -18.53 35.98
CA HIS B 298 -28.55 -17.31 36.25
C HIS B 298 -29.89 -17.57 36.93
N LEU B 299 -30.38 -18.80 36.90
CA LEU B 299 -31.62 -19.17 37.57
C LEU B 299 -31.39 -19.70 38.97
N GLY B 300 -30.14 -19.79 39.42
CA GLY B 300 -29.84 -20.31 40.73
C GLY B 300 -28.76 -21.37 40.70
N THR B 301 -28.16 -21.67 41.87
CA THR B 301 -27.12 -22.68 41.97
C THR B 301 -27.42 -23.71 43.07
N SER B 302 -28.66 -23.75 43.55
CA SER B 302 -29.07 -24.66 44.61
C SER B 302 -29.91 -25.80 44.05
N PRO B 303 -29.90 -26.96 44.70
CA PRO B 303 -30.79 -28.05 44.26
C PRO B 303 -32.26 -27.69 44.30
N GLU B 304 -32.66 -26.69 45.09
CA GLU B 304 -34.04 -26.24 45.15
C GLU B 304 -34.46 -25.52 43.88
N ASP B 305 -33.52 -25.12 43.02
CA ASP B 305 -33.80 -24.33 41.83
C ASP B 305 -33.78 -25.17 40.56
N ARG B 306 -34.27 -26.40 40.61
CA ARG B 306 -34.24 -27.28 39.44
C ARG B 306 -35.53 -27.23 38.62
N LYS B 307 -36.67 -27.04 39.27
CA LYS B 307 -37.93 -26.93 38.54
C LYS B 307 -37.94 -25.69 37.65
N LYS B 308 -37.34 -24.60 38.12
CA LYS B 308 -37.23 -23.40 37.30
C LYS B 308 -36.41 -23.66 36.05
N LYS B 309 -35.30 -24.37 36.18
CA LYS B 309 -34.48 -24.72 35.02
C LYS B 309 -35.24 -25.64 34.07
N GLY B 310 -36.00 -26.59 34.61
CA GLY B 310 -36.81 -27.44 33.76
C GLY B 310 -37.84 -26.66 32.97
N TYR B 311 -38.54 -25.74 33.62
CA TYR B 311 -39.53 -24.92 32.93
C TYR B 311 -38.89 -24.02 31.88
N TYR B 312 -37.71 -23.47 32.19
CA TYR B 312 -37.01 -22.64 31.22
C TYR B 312 -36.61 -23.45 29.98
N LEU B 313 -36.09 -24.67 30.19
CA LEU B 313 -35.73 -25.52 29.07
C LEU B 313 -36.97 -25.91 28.26
N ALA B 314 -38.09 -26.16 28.95
CA ALA B 314 -39.33 -26.45 28.25
C ALA B 314 -39.77 -25.28 27.37
N SER B 315 -39.64 -24.06 27.88
CA SER B 315 -40.00 -22.89 27.09
C SER B 315 -39.07 -22.73 25.88
N ALA B 316 -37.79 -23.00 26.06
CA ALA B 316 -36.86 -22.93 24.92
C ALA B 316 -37.20 -23.96 23.87
N VAL B 317 -37.54 -25.18 24.29
CA VAL B 317 -37.94 -26.22 23.34
C VAL B 317 -39.23 -25.83 22.64
N ASN B 318 -40.15 -25.19 23.37
CA ASN B 318 -41.37 -24.70 22.74
C ASN B 318 -41.05 -23.67 21.66
N LYS B 319 -40.11 -22.77 21.93
CA LYS B 319 -39.73 -21.77 20.94
C LYS B 319 -39.13 -22.42 19.69
N ILE B 320 -38.25 -23.41 19.88
CA ILE B 320 -37.63 -24.04 18.70
C ILE B 320 -38.66 -24.85 17.92
N LEU B 321 -39.62 -25.46 18.61
CA LEU B 321 -40.69 -26.17 17.90
C LEU B 321 -41.59 -25.20 17.15
N GLU B 322 -41.85 -24.02 17.73
CA GLU B 322 -42.62 -23.01 17.01
C GLU B 322 -41.88 -22.54 15.77
N LEU B 323 -40.56 -22.44 15.87
CA LEU B 323 -39.77 -22.14 14.67
C LEU B 323 -39.90 -23.24 13.63
N TYR B 324 -39.93 -24.50 14.08
CA TYR B 324 -40.02 -25.62 13.14
C TYR B 324 -41.34 -25.59 12.36
N LEU B 325 -42.45 -25.30 13.02
CA LEU B 325 -43.76 -25.35 12.38
C LEU B 325 -44.09 -24.10 11.58
N GLY B 326 -43.15 -23.17 11.43
CA GLY B 326 -43.40 -21.99 10.63
C GLY B 326 -44.23 -20.92 11.29
N ARG B 327 -44.41 -20.98 12.61
CA ARG B 327 -45.11 -19.93 13.33
C ARG B 327 -44.20 -18.77 13.72
N ARG B 328 -42.90 -18.90 13.49
CA ARG B 328 -41.92 -17.89 13.86
C ARG B 328 -40.97 -17.66 12.70
N GLU B 329 -40.07 -16.70 12.89
CA GLU B 329 -38.94 -16.43 12.02
C GLU B 329 -37.69 -16.42 12.88
N PRO B 330 -36.52 -16.65 12.27
CA PRO B 330 -35.28 -16.58 13.05
C PRO B 330 -35.09 -15.21 13.67
N ASP B 331 -34.52 -15.18 14.88
CA ASP B 331 -34.37 -13.94 15.60
C ASP B 331 -33.32 -13.04 14.95
N ASP B 332 -33.62 -11.74 14.90
CA ASP B 332 -32.72 -10.77 14.32
C ASP B 332 -31.68 -10.36 15.35
N LYS B 333 -30.41 -10.68 15.08
CA LYS B 333 -29.35 -10.35 16.02
C LYS B 333 -28.91 -8.90 15.93
N ASP B 334 -29.28 -8.19 14.88
CA ASP B 334 -28.98 -6.77 14.75
C ASP B 334 -30.09 -5.89 15.30
N HIS B 335 -31.23 -6.46 15.65
CA HIS B 335 -32.28 -5.70 16.32
C HIS B 335 -31.80 -5.28 17.70
N TYR B 336 -31.98 -4.00 18.03
CA TYR B 336 -31.49 -3.50 19.30
C TYR B 336 -32.26 -4.02 20.50
N ALA B 337 -33.39 -4.71 20.29
CA ALA B 337 -34.03 -5.41 21.39
C ALA B 337 -33.20 -6.58 21.90
N ASN B 338 -32.22 -7.02 21.11
CA ASN B 338 -31.36 -8.15 21.47
C ASN B 338 -29.95 -7.72 21.88
N LYS B 339 -29.65 -6.42 21.85
CA LYS B 339 -28.31 -5.93 22.13
C LYS B 339 -28.31 -5.15 23.44
N ARG B 340 -27.22 -5.30 24.21
CA ARG B 340 -27.06 -4.58 25.46
C ARG B 340 -25.72 -3.86 25.46
N VAL B 341 -25.65 -2.75 26.18
CA VAL B 341 -24.46 -1.91 26.26
C VAL B 341 -23.94 -1.95 27.68
N ARG B 342 -22.68 -2.35 27.84
CA ARG B 342 -22.03 -2.44 29.15
C ARG B 342 -21.19 -1.19 29.37
N LEU B 343 -21.37 -0.56 30.52
CA LEU B 343 -20.76 0.73 30.83
C LEU B 343 -19.84 0.58 32.04
N ALA B 344 -19.37 1.74 32.54
CA ALA B 344 -18.34 1.74 33.58
C ALA B 344 -18.81 1.02 34.85
N GLY B 345 -20.06 1.25 35.27
CA GLY B 345 -20.55 0.58 36.45
C GLY B 345 -20.63 -0.93 36.29
N ASP B 346 -21.11 -1.39 35.13
CA ASP B 346 -21.23 -2.82 34.88
C ASP B 346 -19.87 -3.50 34.90
N LEU B 347 -18.86 -2.86 34.31
CA LEU B 347 -17.54 -3.46 34.28
C LEU B 347 -16.81 -3.36 35.61
N PHE B 348 -17.01 -2.28 36.37
CA PHE B 348 -16.44 -2.20 37.70
C PHE B 348 -17.08 -3.19 38.67
N THR B 349 -18.36 -3.53 38.46
CA THR B 349 -18.96 -4.57 39.29
C THR B 349 -18.20 -5.89 39.15
N SER B 350 -17.93 -6.30 37.90
CA SER B 350 -17.18 -7.52 37.66
C SER B 350 -15.75 -7.40 38.19
N LEU B 351 -15.11 -6.25 37.95
CA LEU B 351 -13.73 -6.07 38.38
C LEU B 351 -13.61 -6.16 39.90
N PHE B 352 -14.51 -5.50 40.62
CA PHE B 352 -14.46 -5.53 42.07
C PHE B 352 -14.86 -6.89 42.62
N ARG B 353 -15.78 -7.60 41.94
CA ARG B 353 -16.10 -8.96 42.36
C ARG B 353 -14.90 -9.88 42.23
N VAL B 354 -14.14 -9.74 41.15
CA VAL B 354 -12.95 -10.57 40.97
C VAL B 354 -11.86 -10.18 41.95
N ALA B 355 -11.68 -8.87 42.19
CA ALA B 355 -10.60 -8.41 43.05
C ALA B 355 -10.92 -8.58 44.54
N PHE B 356 -12.18 -8.78 44.90
CA PHE B 356 -12.53 -8.96 46.31
C PHE B 356 -12.43 -10.41 46.76
N LYS B 357 -12.71 -11.37 45.88
CA LYS B 357 -12.55 -12.77 46.25
C LYS B 357 -11.10 -13.21 46.29
N ALA B 358 -10.21 -12.49 45.59
CA ALA B 358 -8.78 -12.74 45.75
C ALA B 358 -8.27 -12.15 47.06
N PHE B 359 -8.92 -11.10 47.55
CA PHE B 359 -8.57 -10.53 48.86
C PHE B 359 -9.10 -11.41 49.99
N VAL B 360 -10.28 -12.01 49.81
CA VAL B 360 -10.80 -12.95 50.80
C VAL B 360 -9.96 -14.22 50.82
N LYS B 361 -9.57 -14.71 49.64
CA LYS B 361 -8.76 -15.92 49.57
C LYS B 361 -7.42 -15.74 50.27
N ASP B 362 -6.86 -14.53 50.24
CA ASP B 362 -5.62 -14.27 50.95
C ASP B 362 -5.83 -14.20 52.46
N LEU B 363 -7.04 -13.87 52.91
CA LEU B 363 -7.29 -13.79 54.34
C LEU B 363 -7.39 -15.18 54.97
N VAL B 364 -8.04 -16.12 54.28
CA VAL B 364 -8.15 -17.47 54.81
C VAL B 364 -6.81 -18.17 54.80
N TYR B 365 -5.91 -17.80 53.87
CA TYR B 365 -4.59 -18.39 53.84
C TYR B 365 -3.76 -17.94 55.04
N GLN B 366 -4.01 -16.75 55.56
CA GLN B 366 -3.34 -16.25 56.75
C GLN B 366 -4.15 -16.47 58.03
N LEU B 367 -5.26 -17.21 57.93
CA LEU B 367 -5.96 -17.70 59.11
C LEU B 367 -5.86 -19.22 59.25
N GLU B 368 -5.63 -19.94 58.16
CA GLU B 368 -5.45 -21.39 58.23
C GLU B 368 -4.08 -21.77 58.75
N LYS B 369 -3.06 -20.99 58.44
CA LYS B 369 -1.68 -21.33 58.78
C LYS B 369 -1.00 -20.32 59.69
N SER B 370 -1.28 -19.02 59.51
CA SER B 370 -0.53 -18.00 60.24
C SER B 370 -0.92 -17.93 61.70
N LYS B 371 -2.18 -18.20 62.04
CA LYS B 371 -2.63 -18.12 63.42
C LYS B 371 -3.01 -19.46 64.04
N VAL B 372 -3.30 -20.47 63.22
CA VAL B 372 -3.49 -21.82 63.76
C VAL B 372 -2.15 -22.36 64.26
N ARG B 373 -1.07 -22.06 63.55
CA ARG B 373 0.28 -22.49 63.94
C ARG B 373 1.20 -21.28 63.91
N GLY B 374 1.55 -20.75 65.08
CA GLY B 374 2.58 -19.74 65.15
C GLY B 374 2.33 -18.55 66.06
N ARG B 375 1.09 -18.07 66.13
CA ARG B 375 0.78 -16.88 66.93
C ARG B 375 -0.73 -16.73 67.02
N ARG B 376 -1.16 -15.76 67.83
CA ARG B 376 -2.55 -15.32 67.91
C ARG B 376 -2.62 -13.93 67.30
N LEU B 377 -3.22 -13.82 66.12
CA LEU B 377 -3.14 -12.61 65.31
C LEU B 377 -4.46 -11.85 65.31
N SER B 378 -4.37 -10.58 64.94
CA SER B 378 -5.51 -9.70 64.79
C SER B 378 -5.87 -9.54 63.32
N LEU B 379 -7.10 -9.12 63.06
CA LEU B 379 -7.57 -8.97 61.69
C LEU B 379 -6.85 -7.82 61.00
N THR B 380 -6.56 -6.74 61.73
CA THR B 380 -5.93 -5.56 61.13
C THR B 380 -4.57 -5.88 60.50
N ALA B 381 -3.90 -6.94 60.95
CA ALA B 381 -2.56 -7.24 60.47
C ALA B 381 -2.56 -8.15 59.24
N LEU B 382 -3.60 -8.96 59.05
CA LEU B 382 -3.61 -9.99 58.02
C LEU B 382 -4.35 -9.57 56.75
N VAL B 383 -4.88 -8.34 56.68
CA VAL B 383 -5.73 -7.97 55.55
C VAL B 383 -4.90 -7.82 54.28
N ARG B 384 -3.75 -7.14 54.35
CA ARG B 384 -2.94 -6.80 53.18
C ARG B 384 -3.79 -6.06 52.14
N ALA B 385 -4.20 -4.85 52.55
CA ALA B 385 -5.19 -4.09 51.80
C ALA B 385 -4.76 -3.79 50.36
N ASP B 386 -3.47 -3.84 50.06
CA ASP B 386 -3.00 -3.49 48.72
C ASP B 386 -3.09 -4.69 47.80
N ILE B 387 -4.28 -5.30 47.71
CA ILE B 387 -4.58 -6.36 46.75
C ILE B 387 -5.67 -5.92 45.77
N ILE B 388 -6.76 -5.36 46.29
CA ILE B 388 -7.79 -4.77 45.44
C ILE B 388 -7.22 -3.59 44.67
N THR B 389 -6.44 -2.75 45.36
CA THR B 389 -5.92 -1.52 44.76
C THR B 389 -5.09 -1.82 43.52
N GLU B 390 -4.16 -2.76 43.63
CA GLU B 390 -3.27 -3.04 42.51
C GLU B 390 -4.01 -3.66 41.33
N ARG B 391 -4.96 -4.55 41.61
CA ARG B 391 -5.72 -5.16 40.53
C ARG B 391 -6.55 -4.12 39.77
N ILE B 392 -7.25 -3.26 40.52
CA ILE B 392 -8.05 -2.22 39.88
C ILE B 392 -7.17 -1.26 39.10
N ARG B 393 -6.03 -0.86 39.68
CA ARG B 393 -5.14 0.06 39.00
C ARG B 393 -4.58 -0.56 37.72
N HIS B 394 -4.21 -1.84 37.76
CA HIS B 394 -3.69 -2.50 36.57
C HIS B 394 -4.76 -2.60 35.49
N ALA B 395 -5.99 -2.92 35.88
CA ALA B 395 -7.07 -3.00 34.90
C ALA B 395 -7.31 -1.65 34.24
N LEU B 396 -7.31 -0.57 35.01
CA LEU B 396 -7.52 0.75 34.42
C LEU B 396 -6.33 1.21 33.60
N ALA B 397 -5.10 0.80 33.97
CA ALA B 397 -3.92 1.31 33.32
C ALA B 397 -3.50 0.52 32.08
N THR B 398 -3.94 -0.72 31.94
CA THR B 398 -3.57 -1.51 30.77
C THR B 398 -4.70 -1.69 29.77
N GLY B 399 -5.95 -1.71 30.23
CA GLY B 399 -7.07 -1.97 29.37
C GLY B 399 -7.49 -3.42 29.30
N ASN B 400 -6.61 -4.35 29.67
CA ASN B 400 -6.96 -5.75 29.74
C ASN B 400 -7.88 -5.97 30.93
N TRP B 401 -9.07 -6.49 30.68
CA TRP B 401 -10.12 -6.55 31.68
C TRP B 401 -10.32 -8.00 32.10
N VAL B 402 -11.29 -8.22 32.99
CA VAL B 402 -11.65 -9.57 33.42
C VAL B 402 -12.69 -10.13 32.47
N GLY B 403 -12.55 -11.41 32.14
CA GLY B 403 -13.46 -12.06 31.23
C GLY B 403 -13.02 -12.10 29.78
N GLY B 404 -11.76 -11.78 29.49
CA GLY B 404 -11.26 -11.80 28.13
C GLY B 404 -11.38 -10.50 27.37
N ARG B 405 -12.02 -9.48 27.95
CA ARG B 405 -12.13 -8.20 27.27
C ARG B 405 -10.79 -7.50 27.20
N THR B 406 -10.54 -6.80 26.09
CA THR B 406 -9.33 -6.03 25.90
C THR B 406 -9.70 -4.66 25.32
N GLY B 407 -8.85 -3.67 25.59
CA GLY B 407 -9.11 -2.33 25.12
C GLY B 407 -10.29 -1.65 25.75
N VAL B 408 -10.69 -2.07 26.95
CA VAL B 408 -11.85 -1.47 27.61
C VAL B 408 -11.56 -0.03 27.98
N SER B 409 -10.39 0.24 28.55
CA SER B 409 -10.00 1.59 28.95
C SER B 409 -8.92 2.08 28.01
N GLN B 410 -9.08 3.32 27.53
CA GLN B 410 -8.15 3.94 26.61
C GLN B 410 -7.76 5.32 27.12
N LEU B 411 -6.65 5.83 26.60
CA LEU B 411 -6.25 7.20 26.92
C LEU B 411 -7.19 8.18 26.24
N LEU B 412 -7.67 9.15 27.00
CA LEU B 412 -8.64 10.10 26.47
C LEU B 412 -8.00 10.97 25.40
N ASP B 413 -8.68 11.09 24.25
CA ASP B 413 -8.14 11.82 23.11
C ASP B 413 -8.40 13.31 23.29
N ARG B 414 -7.34 14.09 23.41
CA ARG B 414 -7.43 15.52 23.69
C ARG B 414 -6.80 16.35 22.57
N THR B 415 -6.99 15.92 21.32
CA THR B 415 -6.51 16.72 20.20
C THR B 415 -7.26 18.05 20.13
N ASN B 416 -8.57 18.03 20.36
CA ASN B 416 -9.38 19.23 20.41
C ASN B 416 -10.62 18.93 21.25
N TRP B 417 -11.57 19.87 21.26
CA TRP B 417 -12.79 19.70 22.03
C TRP B 417 -13.64 18.56 21.48
N LEU B 418 -13.81 18.52 20.15
CA LEU B 418 -14.66 17.51 19.53
C LEU B 418 -14.08 16.12 19.68
N SER B 419 -12.75 16.00 19.66
CA SER B 419 -12.12 14.71 19.84
C SER B 419 -12.47 14.10 21.19
N MET B 420 -12.36 14.88 22.26
CA MET B 420 -12.69 14.39 23.59
C MET B 420 -14.18 14.12 23.73
N LEU B 421 -15.02 15.03 23.21
CA LEU B 421 -16.46 14.83 23.32
C LEU B 421 -16.91 13.57 22.59
N SER B 422 -16.30 13.27 21.45
CA SER B 422 -16.65 12.06 20.70
C SER B 422 -16.07 10.81 21.35
N HIS B 423 -14.89 10.92 21.95
CA HIS B 423 -14.33 9.76 22.63
C HIS B 423 -15.15 9.38 23.86
N LEU B 424 -15.78 10.35 24.50
CA LEU B 424 -16.60 10.08 25.67
C LEU B 424 -17.96 9.48 25.34
N ARG B 425 -18.31 9.34 24.05
CA ARG B 425 -19.60 8.77 23.66
C ARG B 425 -19.46 7.62 22.67
N ARG B 426 -18.32 6.95 22.64
CA ARG B 426 -18.05 5.90 21.68
C ARG B 426 -18.56 4.55 22.18
N VAL B 427 -19.16 3.79 21.26
CA VAL B 427 -19.65 2.43 21.54
C VAL B 427 -18.97 1.48 20.57
N VAL B 428 -18.40 0.40 21.10
CA VAL B 428 -17.69 -0.59 20.31
C VAL B 428 -18.39 -1.93 20.47
N SER B 429 -18.73 -2.56 19.36
CA SER B 429 -19.35 -3.87 19.38
C SER B 429 -18.29 -4.95 19.58
N SER B 430 -18.64 -5.96 20.38
CA SER B 430 -17.70 -7.04 20.69
C SER B 430 -17.36 -7.92 19.50
N LEU B 431 -18.11 -7.81 18.40
CA LEU B 431 -17.77 -8.56 17.19
C LEU B 431 -16.44 -8.09 16.63
N ALA B 432 -16.19 -6.79 16.66
CA ALA B 432 -14.95 -6.21 16.15
C ALA B 432 -13.73 -6.73 16.91
N PRO B 436 -17.30 -8.54 11.40
CA PRO B 436 -17.39 -9.90 10.89
C PRO B 436 -18.43 -10.06 9.77
N ASN B 437 -19.64 -10.44 10.16
CA ASN B 437 -20.71 -10.64 9.18
C ASN B 437 -21.05 -9.33 8.49
N PHE B 438 -21.34 -9.41 7.19
CA PHE B 438 -21.73 -8.21 6.45
C PHE B 438 -23.06 -7.65 6.92
N GLU B 439 -23.89 -8.47 7.58
CA GLU B 439 -25.17 -8.00 8.09
C GLU B 439 -25.02 -7.25 9.41
N ALA B 440 -23.90 -7.41 10.11
CA ALA B 440 -23.66 -6.68 11.34
C ALA B 440 -23.24 -5.23 11.08
N ARG B 441 -22.76 -4.92 9.88
CA ARG B 441 -22.37 -3.58 9.51
C ARG B 441 -23.49 -2.78 8.87
N ASP B 442 -24.67 -3.38 8.69
CA ASP B 442 -25.78 -2.69 8.07
C ASP B 442 -26.32 -1.61 9.00
N LEU B 443 -26.98 -0.62 8.39
CA LEU B 443 -27.69 0.40 9.15
C LEU B 443 -29.09 -0.11 9.41
N HIS B 444 -29.30 -0.68 10.60
CA HIS B 444 -30.59 -1.23 10.96
C HIS B 444 -31.58 -0.09 11.24
N GLY B 445 -32.83 -0.28 10.80
CA GLY B 445 -33.84 0.73 11.03
C GLY B 445 -34.14 0.95 12.50
N THR B 446 -33.73 0.03 13.35
CA THR B 446 -33.89 0.17 14.79
C THR B 446 -32.85 1.11 15.39
N GLN B 447 -31.82 1.48 14.63
CA GLN B 447 -30.82 2.45 15.10
C GLN B 447 -31.30 3.89 15.02
N TRP B 448 -32.48 4.14 14.46
CA TRP B 448 -32.97 5.50 14.32
C TRP B 448 -33.16 6.14 15.68
N GLY B 449 -32.48 7.26 15.91
CA GLY B 449 -32.54 7.96 17.17
C GLY B 449 -31.67 7.40 18.28
N ARG B 450 -30.88 6.36 18.00
CA ARG B 450 -30.04 5.72 19.00
C ARG B 450 -28.56 5.79 18.69
N MET B 451 -28.17 5.53 17.44
CA MET B 451 -26.79 5.70 17.00
C MET B 451 -26.76 6.60 15.77
N CYS B 452 -25.67 7.36 15.64
CA CYS B 452 -25.52 8.23 14.49
C CYS B 452 -25.26 7.41 13.23
N PRO B 453 -25.92 7.73 12.12
CA PRO B 453 -25.71 6.96 10.89
C PRO B 453 -24.46 7.34 10.11
N PHE B 454 -23.72 8.37 10.52
CA PHE B 454 -22.58 8.87 9.76
C PHE B 454 -21.24 8.65 10.42
N GLU B 455 -21.16 8.62 11.75
CA GLU B 455 -19.87 8.56 12.44
C GLU B 455 -19.47 7.10 12.62
N THR B 456 -18.84 6.54 11.60
CA THR B 456 -18.22 5.23 11.66
C THR B 456 -16.86 5.31 10.97
N PRO B 457 -15.90 4.49 11.39
CA PRO B 457 -14.61 4.47 10.71
C PRO B 457 -14.74 3.87 9.31
N GLU B 458 -13.70 4.08 8.52
CA GLU B 458 -13.61 3.53 7.17
C GLU B 458 -12.66 2.34 7.19
N GLY B 459 -13.09 1.22 6.61
CA GLY B 459 -12.26 0.05 6.53
C GLY B 459 -12.78 -1.13 7.32
N PRO B 460 -11.87 -1.86 7.98
CA PRO B 460 -12.28 -3.06 8.70
C PRO B 460 -13.27 -2.82 9.82
N ASN B 461 -13.20 -1.68 10.50
CA ASN B 461 -14.05 -1.39 11.64
C ASN B 461 -15.34 -0.67 11.25
N SER B 462 -15.60 -0.52 9.96
CA SER B 462 -16.80 0.17 9.51
C SER B 462 -18.05 -0.57 9.97
N GLY B 463 -18.97 0.16 10.60
CA GLY B 463 -20.22 -0.39 11.06
C GLY B 463 -20.16 -1.02 12.44
N LEU B 464 -18.97 -1.28 12.98
CA LEU B 464 -18.82 -1.94 14.26
C LEU B 464 -18.46 -0.98 15.39
N VAL B 465 -17.91 0.19 15.07
CA VAL B 465 -17.66 1.25 16.04
C VAL B 465 -18.67 2.35 15.77
N LYS B 466 -19.46 2.69 16.79
CA LYS B 466 -20.58 3.61 16.63
C LYS B 466 -20.47 4.74 17.65
N ASN B 467 -21.37 5.69 17.55
CA ASN B 467 -21.42 6.84 18.44
C ASN B 467 -22.87 7.11 18.79
N LEU B 468 -23.11 7.47 20.05
CA LEU B 468 -24.48 7.69 20.52
C LEU B 468 -25.12 8.88 19.83
N ALA B 469 -26.43 8.79 19.63
CA ALA B 469 -27.20 9.93 19.14
C ALA B 469 -27.42 10.93 20.28
N LEU B 470 -27.99 12.08 19.93
CA LEU B 470 -28.03 13.20 20.86
C LEU B 470 -28.86 12.88 22.11
N LEU B 471 -30.09 12.42 21.92
CA LEU B 471 -31.04 12.30 23.03
C LEU B 471 -31.11 10.89 23.60
N ALA B 472 -30.32 9.95 23.12
CA ALA B 472 -30.38 8.59 23.60
C ALA B 472 -29.75 8.46 24.98
N GLN B 473 -30.31 7.58 25.82
CA GLN B 473 -29.69 7.19 27.07
C GLN B 473 -29.51 5.69 27.09
N VAL B 474 -28.84 5.20 28.13
CA VAL B 474 -28.67 3.77 28.38
C VAL B 474 -29.36 3.45 29.70
N SER B 475 -30.14 2.36 29.70
CA SER B 475 -30.92 1.99 30.88
C SER B 475 -30.01 1.58 32.04
N VAL B 476 -30.50 1.83 33.25
CA VAL B 476 -29.78 1.49 34.46
C VAL B 476 -30.32 0.21 35.10
N GLY B 477 -31.63 0.01 35.05
CA GLY B 477 -32.20 -1.25 35.48
C GLY B 477 -32.68 -1.24 36.91
N ILE B 478 -33.64 -2.12 37.20
CA ILE B 478 -34.18 -2.28 38.55
C ILE B 478 -34.29 -3.77 38.84
N ASN B 479 -34.67 -4.06 40.08
CA ASN B 479 -34.82 -5.44 40.53
C ASN B 479 -36.00 -6.12 39.85
N GLU B 480 -35.78 -7.37 39.41
CA GLU B 480 -36.83 -8.13 38.74
C GLU B 480 -37.97 -8.49 39.68
N SER B 481 -37.70 -8.57 40.99
CA SER B 481 -38.69 -9.06 41.93
C SER B 481 -39.86 -8.09 42.06
N VAL B 482 -39.60 -6.79 42.03
CA VAL B 482 -40.68 -5.80 42.13
C VAL B 482 -41.63 -5.95 40.95
N VAL B 483 -41.07 -6.08 39.75
CA VAL B 483 -41.90 -6.20 38.55
C VAL B 483 -42.66 -7.52 38.56
N GLU B 484 -42.01 -8.58 39.04
CA GLU B 484 -42.71 -9.88 39.14
C GLU B 484 -43.89 -9.80 40.09
N ARG B 485 -43.70 -9.17 41.26
CA ARG B 485 -44.80 -9.02 42.21
C ARG B 485 -45.91 -8.16 41.62
N VAL B 486 -45.56 -7.09 40.93
CA VAL B 486 -46.57 -6.24 40.31
C VAL B 486 -47.36 -7.02 39.26
N ALA B 487 -46.67 -7.80 38.44
CA ALA B 487 -47.34 -8.57 37.39
C ALA B 487 -48.27 -9.62 37.97
N TYR B 488 -47.81 -10.34 39.00
CA TYR B 488 -48.67 -11.35 39.63
C TYR B 488 -49.86 -10.71 40.32
N GLU B 489 -49.66 -9.56 40.97
CA GLU B 489 -50.77 -8.84 41.60
C GLU B 489 -51.71 -8.21 40.59
N LEU B 490 -51.36 -8.21 39.30
CA LEU B 490 -52.13 -7.52 38.28
C LEU B 490 -53.06 -8.46 37.51
N GLY B 491 -52.99 -9.77 37.75
CA GLY B 491 -53.92 -10.68 37.11
C GLY B 491 -53.30 -11.81 36.32
N VAL B 492 -51.98 -11.94 36.37
CA VAL B 492 -51.27 -12.95 35.60
C VAL B 492 -51.30 -14.27 36.37
N VAL B 493 -51.73 -15.34 35.71
CA VAL B 493 -51.79 -16.68 36.30
C VAL B 493 -50.54 -17.44 35.90
N SER B 494 -49.89 -18.06 36.88
CA SER B 494 -48.63 -18.73 36.64
C SER B 494 -48.81 -19.98 35.77
N VAL B 495 -47.68 -20.53 35.33
CA VAL B 495 -47.71 -21.74 34.50
C VAL B 495 -48.15 -22.95 35.33
N GLU B 496 -47.60 -23.08 36.54
CA GLU B 496 -47.97 -24.20 37.40
C GLU B 496 -49.45 -24.15 37.77
N ASP B 497 -49.97 -22.95 38.05
CA ASP B 497 -51.39 -22.82 38.36
C ASP B 497 -52.26 -23.26 37.18
N VAL B 498 -51.87 -22.86 35.97
CA VAL B 498 -52.65 -23.24 34.78
C VAL B 498 -52.61 -24.75 34.58
N ILE B 499 -51.42 -25.35 34.74
CA ILE B 499 -51.29 -26.80 34.56
C ILE B 499 -52.12 -27.54 35.59
N ARG B 500 -52.09 -27.08 36.85
CA ARG B 500 -52.89 -27.71 37.89
C ARG B 500 -54.38 -27.54 37.64
N ARG B 501 -54.79 -26.38 37.13
CA ARG B 501 -56.18 -26.17 36.77
C ARG B 501 -56.63 -27.13 35.68
N ILE B 502 -55.76 -27.34 34.68
CA ILE B 502 -56.11 -28.26 33.59
C ILE B 502 -56.17 -29.70 34.10
N SER B 503 -55.19 -30.10 34.91
CA SER B 503 -55.07 -31.50 35.32
C SER B 503 -55.93 -31.83 36.53
N GLU B 504 -55.67 -31.16 37.67
CA GLU B 504 -56.40 -31.48 38.89
C GLU B 504 -57.88 -31.17 38.77
N GLN B 505 -58.21 -30.02 38.18
CA GLN B 505 -59.60 -29.71 37.85
C GLN B 505 -59.86 -30.17 36.42
N ASN B 506 -61.00 -29.77 35.86
CA ASN B 506 -61.41 -30.16 34.52
C ASN B 506 -61.46 -28.96 33.58
N GLU B 507 -60.47 -28.07 33.69
CA GLU B 507 -60.40 -26.93 32.78
C GLU B 507 -60.11 -27.40 31.36
N ASP B 508 -60.69 -26.69 30.39
CA ASP B 508 -60.48 -27.03 28.99
C ASP B 508 -59.15 -26.45 28.52
N VAL B 509 -58.38 -27.26 27.79
CA VAL B 509 -57.11 -26.79 27.25
C VAL B 509 -57.33 -25.68 26.24
N GLU B 510 -58.42 -25.77 25.46
CA GLU B 510 -58.72 -24.74 24.47
C GLU B 510 -58.98 -23.38 25.10
N LYS B 511 -59.35 -23.33 26.39
CA LYS B 511 -59.56 -22.05 27.05
C LYS B 511 -58.27 -21.25 27.14
N TYR B 512 -57.17 -21.92 27.48
CA TYR B 512 -55.89 -21.24 27.68
C TYR B 512 -55.05 -21.16 26.40
N MET B 513 -55.53 -21.74 25.30
CA MET B 513 -54.87 -21.56 24.02
C MET B 513 -55.14 -20.19 23.42
N SER B 514 -56.18 -19.50 23.88
CA SER B 514 -56.50 -18.16 23.44
C SER B 514 -55.96 -17.08 24.36
N TRP B 515 -55.23 -17.47 25.40
CA TRP B 515 -54.69 -16.52 26.37
C TRP B 515 -53.29 -16.07 25.95
N SER B 516 -52.95 -14.85 26.38
CA SER B 516 -51.63 -14.29 26.08
C SER B 516 -50.57 -14.89 26.99
N LYS B 517 -49.34 -14.94 26.46
CA LYS B 517 -48.17 -15.34 27.24
C LYS B 517 -47.45 -14.09 27.72
N VAL B 518 -47.00 -14.12 28.97
CA VAL B 518 -46.34 -12.98 29.59
C VAL B 518 -44.90 -13.37 29.91
N TYR B 519 -43.95 -12.57 29.43
CA TYR B 519 -42.53 -12.79 29.66
C TYR B 519 -41.96 -11.63 30.48
N LEU B 520 -41.01 -11.95 31.35
CA LEU B 520 -40.29 -10.94 32.12
C LEU B 520 -38.80 -11.19 31.94
N ASN B 521 -38.14 -10.30 31.21
CA ASN B 521 -36.70 -10.39 30.93
C ASN B 521 -36.37 -11.70 30.20
N GLY B 522 -37.28 -12.13 29.33
CA GLY B 522 -37.06 -13.32 28.53
C GLY B 522 -37.45 -14.62 29.18
N ARG B 523 -38.03 -14.59 30.37
CA ARG B 523 -38.46 -15.79 31.08
C ARG B 523 -39.98 -15.83 31.12
N LEU B 524 -40.57 -16.93 30.66
CA LEU B 524 -42.01 -17.06 30.64
C LEU B 524 -42.57 -16.97 32.06
N LEU B 525 -43.51 -16.05 32.25
CA LEU B 525 -44.00 -15.72 33.58
C LEU B 525 -45.37 -16.30 33.89
N GLY B 526 -46.22 -16.44 32.89
CA GLY B 526 -47.56 -16.96 33.13
C GLY B 526 -48.46 -16.71 31.93
N TYR B 527 -49.76 -16.63 32.22
CA TYR B 527 -50.77 -16.43 31.20
C TYR B 527 -51.70 -15.30 31.61
N TYR B 528 -52.23 -14.61 30.60
CA TYR B 528 -53.14 -13.49 30.82
C TYR B 528 -54.16 -13.49 29.69
N GLU B 529 -55.40 -13.09 30.01
CA GLU B 529 -56.49 -13.23 29.05
C GLU B 529 -56.32 -12.27 27.88
N ASP B 530 -56.34 -10.97 28.14
CA ASP B 530 -56.21 -9.95 27.10
C ASP B 530 -54.90 -9.20 27.35
N GLY B 531 -53.86 -9.57 26.59
CA GLY B 531 -52.55 -8.98 26.80
C GLY B 531 -52.45 -7.53 26.38
N LYS B 532 -53.29 -7.12 25.42
CA LYS B 532 -53.24 -5.73 24.96
C LYS B 532 -53.60 -4.76 26.06
N GLU B 533 -54.67 -5.03 26.81
CA GLU B 533 -55.03 -4.14 27.89
C GLU B 533 -54.12 -4.29 29.09
N LEU B 534 -53.47 -5.45 29.24
CA LEU B 534 -52.41 -5.58 30.24
C LEU B 534 -51.25 -4.64 29.93
N ALA B 535 -50.82 -4.60 28.67
CA ALA B 535 -49.77 -3.67 28.27
C ALA B 535 -50.22 -2.23 28.45
N LYS B 536 -51.48 -1.95 28.10
CA LYS B 536 -52.01 -0.60 28.28
C LYS B 536 -51.99 -0.17 29.74
N LYS B 537 -52.39 -1.07 30.65
CA LYS B 537 -52.45 -0.70 32.05
C LYS B 537 -51.06 -0.63 32.67
N ILE B 538 -50.12 -1.44 32.20
CA ILE B 538 -48.73 -1.29 32.64
C ILE B 538 -48.19 0.08 32.22
N ARG B 539 -48.47 0.48 30.99
CA ARG B 539 -48.03 1.79 30.51
C ARG B 539 -48.68 2.92 31.30
N GLU B 540 -49.97 2.80 31.60
CA GLU B 540 -50.65 3.83 32.38
C GLU B 540 -50.09 3.91 33.80
N SER B 541 -49.80 2.77 34.41
CA SER B 541 -49.21 2.77 35.74
C SER B 541 -47.83 3.42 35.73
N ARG B 542 -47.03 3.13 34.70
CA ARG B 542 -45.71 3.75 34.60
C ARG B 542 -45.82 5.26 34.39
N ARG B 543 -46.80 5.69 33.59
CA ARG B 543 -46.96 7.13 33.32
C ARG B 543 -47.50 7.90 34.51
N GLN B 544 -48.15 7.23 35.46
CA GLN B 544 -48.71 7.90 36.63
C GLN B 544 -47.78 7.91 37.83
N GLY B 545 -46.57 7.36 37.69
CA GLY B 545 -45.61 7.36 38.77
C GLY B 545 -45.70 6.21 39.73
N LYS B 546 -46.56 5.22 39.47
CA LYS B 546 -46.68 4.06 40.33
C LYS B 546 -45.79 2.91 39.91
N LEU B 547 -45.15 3.00 38.76
CA LEU B 547 -44.13 2.04 38.33
C LEU B 547 -42.85 2.78 38.00
N SER B 548 -41.74 2.06 38.07
CA SER B 548 -40.45 2.62 37.71
C SER B 548 -40.42 2.96 36.22
N ASP B 549 -39.70 4.04 35.89
CA ASP B 549 -39.55 4.43 34.50
C ASP B 549 -38.63 3.50 33.72
N GLU B 550 -37.95 2.57 34.40
CA GLU B 550 -37.05 1.62 33.76
C GLU B 550 -37.79 0.43 33.15
N VAL B 551 -39.11 0.35 33.32
CA VAL B 551 -39.90 -0.79 32.86
C VAL B 551 -40.51 -0.45 31.51
N ASN B 552 -40.32 -1.34 30.54
CA ASN B 552 -40.88 -1.19 29.21
C ASN B 552 -41.69 -2.44 28.88
N VAL B 553 -42.80 -2.27 28.18
CA VAL B 553 -43.72 -3.35 27.85
C VAL B 553 -44.09 -3.28 26.38
N ALA B 554 -44.07 -4.44 25.71
CA ALA B 554 -44.51 -4.56 24.33
C ALA B 554 -45.50 -5.71 24.21
N TYR B 555 -46.52 -5.52 23.38
CA TYR B 555 -47.51 -6.54 23.10
C TYR B 555 -47.35 -7.00 21.65
N ILE B 556 -47.09 -8.28 21.46
CA ILE B 556 -46.85 -8.86 20.15
C ILE B 556 -48.06 -9.72 19.79
N ALA B 557 -48.77 -9.32 18.73
CA ALA B 557 -49.92 -10.05 18.24
C ALA B 557 -49.69 -10.43 16.78
N THR B 558 -49.88 -11.71 16.47
CA THR B 558 -49.67 -12.23 15.13
C THR B 558 -50.76 -13.27 14.87
N ASP B 559 -50.76 -13.82 13.65
CA ASP B 559 -51.69 -14.89 13.33
C ASP B 559 -51.42 -16.14 14.17
N TYR B 560 -50.22 -16.28 14.71
CA TYR B 560 -49.85 -17.44 15.50
C TYR B 560 -49.39 -17.11 16.91
N LEU B 561 -48.85 -15.91 17.15
CA LEU B 561 -48.28 -15.54 18.43
C LEU B 561 -49.16 -14.52 19.14
N ASN B 562 -49.25 -14.65 20.46
CA ASN B 562 -49.99 -13.73 21.33
C ASN B 562 -49.17 -13.61 22.61
N GLU B 563 -48.30 -12.60 22.66
CA GLU B 563 -47.29 -12.51 23.71
C GLU B 563 -47.23 -11.09 24.27
N VAL B 564 -46.77 -11.00 25.52
CA VAL B 564 -46.48 -9.73 26.18
C VAL B 564 -45.07 -9.81 26.75
N HIS B 565 -44.25 -8.81 26.44
CA HIS B 565 -42.85 -8.78 26.85
C HIS B 565 -42.61 -7.60 27.77
N ILE B 566 -42.04 -7.86 28.94
CA ILE B 566 -41.69 -6.83 29.91
C ILE B 566 -40.18 -6.90 30.15
N ASN B 567 -39.52 -5.76 30.03
CA ASN B 567 -38.07 -5.65 30.21
C ASN B 567 -37.78 -4.59 31.25
N CYS B 568 -36.90 -4.92 32.21
CA CYS B 568 -36.53 -3.96 33.24
C CYS B 568 -35.05 -4.01 33.58
N ASP B 569 -34.21 -4.61 32.74
CA ASP B 569 -32.80 -4.78 33.06
C ASP B 569 -31.97 -3.61 32.51
N ALA B 570 -30.65 -3.71 32.69
CA ALA B 570 -29.72 -2.65 32.34
C ALA B 570 -29.12 -2.88 30.96
N GLY B 571 -28.65 -1.80 30.36
CA GLY B 571 -27.97 -1.85 29.09
C GLY B 571 -28.83 -1.61 27.87
N ARG B 572 -30.10 -1.26 28.03
CA ARG B 572 -30.98 -1.00 26.92
C ARG B 572 -30.87 0.47 26.51
N VAL B 573 -30.75 0.71 25.22
CA VAL B 573 -30.63 2.06 24.69
C VAL B 573 -32.03 2.58 24.36
N ARG B 574 -32.44 3.65 25.05
CA ARG B 574 -33.77 4.21 24.91
C ARG B 574 -33.67 5.66 24.43
N ARG B 575 -34.77 6.14 23.85
CA ARG B 575 -34.86 7.51 23.38
C ARG B 575 -36.21 8.10 23.78
N PRO B 576 -36.28 9.41 24.02
CA PRO B 576 -37.52 10.03 24.48
C PRO B 576 -38.45 10.43 23.34
N LEU B 577 -39.75 10.46 23.66
CA LEU B 577 -40.78 10.83 22.70
C LEU B 577 -41.91 11.52 23.46
N ILE B 578 -42.60 12.42 22.76
CA ILE B 578 -43.77 13.09 23.32
C ILE B 578 -44.99 12.19 23.14
N ILE B 579 -45.76 12.01 24.21
CA ILE B 579 -46.94 11.17 24.17
C ILE B 579 -48.11 11.99 23.62
N VAL B 580 -48.75 11.48 22.57
CA VAL B 580 -49.93 12.12 22.01
C VAL B 580 -51.15 11.26 22.31
N ASN B 581 -52.30 11.91 22.42
CA ASN B 581 -53.54 11.24 22.77
C ASN B 581 -54.65 11.78 21.87
N ASN B 582 -55.23 10.90 21.04
CA ASN B 582 -56.28 11.28 20.10
C ASN B 582 -55.84 12.40 19.17
N GLY B 583 -54.59 12.33 18.71
CA GLY B 583 -54.06 13.34 17.82
C GLY B 583 -53.59 14.62 18.48
N THR B 584 -53.54 14.65 19.81
CA THR B 584 -53.13 15.85 20.55
C THR B 584 -51.95 15.52 21.44
N PRO B 585 -50.78 16.12 21.23
CA PRO B 585 -49.66 15.89 22.14
C PRO B 585 -49.96 16.40 23.54
N LEU B 586 -49.40 15.72 24.54
CA LEU B 586 -49.65 16.09 25.92
C LEU B 586 -48.82 17.29 26.37
N VAL B 587 -47.89 17.76 25.56
CA VAL B 587 -47.15 18.99 25.81
C VAL B 587 -47.87 20.12 25.08
N ASP B 588 -48.47 21.03 25.83
CA ASP B 588 -49.30 22.09 25.28
C ASP B 588 -48.62 23.45 25.48
N THR B 589 -49.36 24.51 25.13
CA THR B 589 -48.79 25.86 25.16
C THR B 589 -48.39 26.28 26.56
N GLU B 590 -49.22 25.95 27.56
CA GLU B 590 -48.92 26.36 28.93
C GLU B 590 -47.64 25.71 29.45
N ASP B 591 -47.44 24.42 29.14
CA ASP B 591 -46.21 23.75 29.54
C ASP B 591 -45.00 24.39 28.89
N ILE B 592 -45.10 24.75 27.61
CA ILE B 592 -43.98 25.37 26.92
C ILE B 592 -43.68 26.74 27.54
N LYS B 593 -44.73 27.50 27.86
CA LYS B 593 -44.54 28.80 28.50
C LYS B 593 -43.86 28.67 29.86
N LYS B 594 -44.28 27.69 30.66
CA LYS B 594 -43.64 27.46 31.95
C LYS B 594 -42.21 26.95 31.78
N LEU B 595 -41.92 26.29 30.66
CA LEU B 595 -40.57 25.80 30.41
C LEU B 595 -39.64 26.95 30.01
N LYS B 596 -40.15 27.90 29.23
CA LYS B 596 -39.28 28.96 28.70
C LYS B 596 -38.80 29.90 29.79
N ASN B 597 -39.63 30.18 30.79
CA ASN B 597 -39.24 31.11 31.85
C ASN B 597 -38.60 30.42 33.05
N GLY B 598 -38.37 29.12 32.99
CA GLY B 598 -37.57 28.44 33.97
C GLY B 598 -38.31 27.80 35.14
N GLU B 599 -39.63 27.69 35.06
CA GLU B 599 -40.37 27.09 36.17
C GLU B 599 -40.24 25.57 36.19
N ILE B 600 -40.20 24.92 35.03
CA ILE B 600 -40.09 23.48 34.92
C ILE B 600 -38.94 23.13 34.00
N THR B 601 -38.55 21.86 34.00
CA THR B 601 -37.47 21.38 33.15
C THR B 601 -37.90 20.15 32.37
N PHE B 602 -36.95 19.52 31.68
CA PHE B 602 -37.23 18.28 30.96
C PHE B 602 -37.63 17.16 31.92
N ASP B 603 -36.96 17.08 33.07
CA ASP B 603 -37.26 16.03 34.04
C ASP B 603 -38.67 16.19 34.60
N ASP B 604 -39.15 17.42 34.74
CA ASP B 604 -40.52 17.64 35.20
C ASP B 604 -41.52 17.17 34.17
N LEU B 605 -41.25 17.40 32.88
CA LEU B 605 -42.13 16.89 31.84
C LEU B 605 -42.12 15.37 31.80
N VAL B 606 -40.97 14.76 32.10
CA VAL B 606 -40.90 13.30 32.13
C VAL B 606 -41.69 12.75 33.31
N LYS B 607 -41.56 13.38 34.48
CA LYS B 607 -42.24 12.88 35.68
C LYS B 607 -43.74 13.11 35.64
N GLN B 608 -44.22 14.01 34.78
CA GLN B 608 -45.64 14.29 34.67
C GLN B 608 -46.33 13.39 33.66
N GLY B 609 -45.62 12.45 33.05
CA GLY B 609 -46.22 11.55 32.07
C GLY B 609 -46.49 12.17 30.73
N LYS B 610 -45.72 13.19 30.34
CA LYS B 610 -45.86 13.81 29.03
C LYS B 610 -44.78 13.37 28.05
N ILE B 611 -43.65 12.90 28.54
CA ILE B 611 -42.55 12.39 27.71
C ILE B 611 -42.06 11.10 28.35
N GLU B 612 -41.76 10.10 27.52
CA GLU B 612 -41.29 8.83 28.03
C GLU B 612 -40.13 8.30 27.20
N PHE B 613 -39.19 7.63 27.87
CA PHE B 613 -38.12 6.92 27.20
C PHE B 613 -38.57 5.48 26.94
N ILE B 614 -38.49 5.05 25.69
CA ILE B 614 -38.91 3.72 25.29
C ILE B 614 -37.76 3.03 24.57
N ASP B 615 -37.61 1.73 24.83
CA ASP B 615 -36.54 0.94 24.23
C ASP B 615 -36.97 0.46 22.84
N ALA B 616 -36.11 -0.32 22.20
CA ALA B 616 -36.33 -0.72 20.82
C ALA B 616 -37.47 -1.71 20.67
N GLU B 617 -37.84 -2.42 21.74
CA GLU B 617 -38.90 -3.42 21.64
C GLU B 617 -40.26 -2.84 21.97
N GLU B 618 -40.33 -1.85 22.86
CA GLU B 618 -41.60 -1.15 23.07
C GLU B 618 -41.98 -0.32 21.84
N GLU B 619 -40.99 0.13 21.08
CA GLU B 619 -41.24 0.93 19.89
C GLU B 619 -41.88 0.13 18.76
N GLU B 620 -41.98 -1.20 18.90
CA GLU B 620 -42.70 -1.99 17.92
C GLU B 620 -44.19 -1.65 17.88
N ASN B 621 -44.74 -1.11 18.97
CA ASN B 621 -46.13 -0.71 19.03
C ASN B 621 -46.32 0.78 18.77
N ALA B 622 -45.26 1.51 18.44
CA ALA B 622 -45.30 2.96 18.36
C ALA B 622 -45.50 3.40 16.91
N TYR B 623 -46.40 4.37 16.71
CA TYR B 623 -46.59 5.04 15.43
C TYR B 623 -46.23 6.51 15.64
N VAL B 624 -45.09 6.91 15.08
CA VAL B 624 -44.46 8.19 15.42
C VAL B 624 -44.61 9.15 14.25
N ALA B 625 -44.76 10.43 14.58
CA ALA B 625 -44.84 11.51 13.60
C ALA B 625 -43.63 12.42 13.76
N LEU B 626 -43.01 12.78 12.63
CA LEU B 626 -41.89 13.72 12.67
C LEU B 626 -42.33 15.10 13.12
N ASN B 627 -43.37 15.63 12.48
CA ASN B 627 -43.77 17.01 12.71
C ASN B 627 -45.20 17.08 13.23
N PRO B 628 -45.52 18.13 13.99
CA PRO B 628 -46.88 18.23 14.55
C PRO B 628 -47.98 18.34 13.49
N GLN B 629 -47.68 18.82 12.30
CA GLN B 629 -48.70 19.07 11.29
C GLN B 629 -49.05 17.84 10.46
N ASP B 630 -48.47 16.68 10.77
CA ASP B 630 -48.90 15.42 10.14
C ASP B 630 -49.39 14.43 11.20
N LEU B 631 -50.05 14.93 12.23
CA LEU B 631 -50.57 14.07 13.28
C LEU B 631 -51.95 13.53 12.91
N THR B 632 -52.22 12.31 13.37
CA THR B 632 -53.44 11.57 13.07
C THR B 632 -53.91 10.91 14.35
N PRO B 633 -55.24 10.73 14.52
CA PRO B 633 -55.73 10.00 15.69
C PRO B 633 -55.15 8.61 15.87
N ASP B 634 -54.47 8.09 14.84
CA ASP B 634 -53.81 6.80 14.92
C ASP B 634 -52.38 6.89 15.43
N HIS B 635 -51.84 8.09 15.60
CA HIS B 635 -50.47 8.27 16.07
C HIS B 635 -50.39 8.14 17.59
N THR B 636 -49.29 7.57 18.07
CA THR B 636 -49.08 7.40 19.50
C THR B 636 -47.97 8.27 20.07
N HIS B 637 -47.06 8.78 19.24
CA HIS B 637 -45.92 9.53 19.73
C HIS B 637 -45.56 10.61 18.72
N LEU B 638 -44.79 11.58 19.18
CA LEU B 638 -44.29 12.67 18.36
C LEU B 638 -42.80 12.88 18.63
N GLU B 639 -42.04 13.12 17.57
CA GLU B 639 -40.61 13.37 17.72
C GLU B 639 -40.35 14.72 18.37
N ILE B 640 -39.38 14.76 19.28
CA ILE B 640 -39.01 16.01 19.92
C ILE B 640 -38.18 16.87 18.96
N TRP B 641 -37.10 16.30 18.44
CA TRP B 641 -36.20 17.03 17.55
C TRP B 641 -35.80 16.13 16.39
N PRO B 642 -36.23 16.44 15.16
CA PRO B 642 -35.90 15.56 14.03
C PRO B 642 -34.42 15.46 13.73
N SER B 643 -33.61 16.43 14.15
CA SER B 643 -32.18 16.39 13.91
C SER B 643 -31.43 15.60 14.98
N ALA B 644 -32.12 15.06 15.98
CA ALA B 644 -31.50 14.28 17.03
C ALA B 644 -31.19 12.85 16.60
N ILE B 645 -31.27 12.55 15.30
CA ILE B 645 -30.80 11.26 14.79
C ILE B 645 -29.31 11.26 14.55
N LEU B 646 -28.66 12.41 14.64
CA LEU B 646 -27.22 12.55 14.42
C LEU B 646 -26.49 12.58 15.76
N GLY B 647 -25.17 12.39 15.69
CA GLY B 647 -24.30 12.54 16.84
C GLY B 647 -23.81 13.96 16.97
N ILE B 648 -22.79 14.13 17.81
CA ILE B 648 -22.29 15.47 18.12
C ILE B 648 -21.38 16.00 17.01
N ILE B 649 -20.68 15.13 16.28
CA ILE B 649 -19.83 15.61 15.19
C ILE B 649 -20.61 15.78 13.90
N ALA B 650 -21.56 14.89 13.62
CA ALA B 650 -22.44 15.11 12.48
C ALA B 650 -23.36 16.32 12.68
N SER B 651 -23.43 16.84 13.90
CA SER B 651 -24.23 18.02 14.22
C SER B 651 -23.52 19.33 13.94
N ILE B 652 -22.24 19.30 13.54
CA ILE B 652 -21.52 20.51 13.18
C ILE B 652 -21.55 20.78 11.68
N ILE B 653 -22.02 19.84 10.88
CA ILE B 653 -22.03 20.01 9.42
C ILE B 653 -23.13 21.00 9.05
N PRO B 654 -22.82 22.05 8.31
CA PRO B 654 -23.88 22.92 7.76
C PRO B 654 -24.50 22.31 6.51
N TYR B 655 -25.82 22.29 6.46
CA TYR B 655 -26.58 21.68 5.36
C TYR B 655 -26.13 20.25 5.05
N PRO B 656 -26.23 19.33 6.01
CA PRO B 656 -25.73 17.98 5.77
C PRO B 656 -26.61 17.16 4.84
N GLU B 657 -27.87 17.55 4.65
CA GLU B 657 -28.78 16.82 3.79
C GLU B 657 -28.62 17.19 2.32
N HIS B 658 -27.72 18.11 2.00
CA HIS B 658 -27.40 18.45 0.62
C HIS B 658 -26.11 17.79 0.14
N ASN B 659 -25.44 17.03 1.01
CA ASN B 659 -24.20 16.35 0.69
C ASN B 659 -24.44 14.84 0.54
N GLN B 660 -23.55 14.21 -0.22
CA GLN B 660 -23.56 12.75 -0.31
C GLN B 660 -23.04 12.14 0.99
N SER B 661 -23.63 11.01 1.37
CA SER B 661 -23.37 10.46 2.70
C SER B 661 -21.93 10.06 2.98
N PRO B 662 -21.17 9.45 2.05
CA PRO B 662 -19.77 9.14 2.38
C PRO B 662 -18.92 10.36 2.71
N ARG B 663 -19.23 11.51 2.13
CA ARG B 663 -18.51 12.73 2.50
C ARG B 663 -18.85 13.15 3.92
N ASN B 664 -20.11 12.99 4.32
CA ASN B 664 -20.49 13.23 5.71
C ASN B 664 -19.79 12.25 6.66
N THR B 665 -19.52 11.04 6.20
CA THR B 665 -18.79 10.08 7.03
C THR B 665 -17.32 10.45 7.15
N TYR B 666 -16.69 10.87 6.04
CA TYR B 666 -15.29 11.27 6.08
C TYR B 666 -15.08 12.54 6.91
N GLN B 667 -16.06 13.45 6.89
CA GLN B 667 -15.98 14.65 7.71
C GLN B 667 -15.81 14.30 9.18
N SER B 668 -16.53 13.29 9.67
CA SER B 668 -16.49 12.95 11.08
C SER B 668 -15.11 12.44 11.48
N ALA B 669 -14.45 11.71 10.58
CA ALA B 669 -13.09 11.27 10.85
C ALA B 669 -12.11 12.45 10.84
N MET B 670 -12.26 13.37 9.88
CA MET B 670 -11.32 14.47 9.80
C MET B 670 -11.53 15.53 10.87
N ALA B 671 -12.72 15.61 11.47
CA ALA B 671 -12.98 16.62 12.48
C ALA B 671 -12.30 16.33 13.81
N LYS B 672 -11.81 15.12 14.01
CA LYS B 672 -11.11 14.75 15.23
C LYS B 672 -9.61 14.95 15.14
N GLN B 673 -9.10 15.43 14.00
CA GLN B 673 -7.68 15.61 13.79
C GLN B 673 -7.28 17.07 13.63
N SER B 674 -8.20 18.00 13.84
CA SER B 674 -7.92 19.41 13.60
C SER B 674 -7.36 20.08 14.85
N LEU B 675 -6.62 21.16 14.63
CA LEU B 675 -5.94 21.88 15.70
C LEU B 675 -6.73 23.12 16.10
N GLY B 676 -6.82 23.34 17.40
CA GLY B 676 -7.46 24.53 17.94
C GLY B 676 -7.12 24.73 19.40
N LEU B 677 -8.12 25.12 20.19
CA LEU B 677 -8.00 25.17 21.64
C LEU B 677 -8.68 23.95 22.22
N TYR B 678 -7.92 23.11 22.93
CA TYR B 678 -8.49 21.91 23.52
C TYR B 678 -8.82 22.06 25.00
N ALA B 679 -8.25 23.07 25.66
CA ALA B 679 -8.54 23.33 27.07
C ALA B 679 -8.14 24.76 27.37
N SER B 680 -8.88 25.39 28.29
CA SER B 680 -8.54 26.75 28.69
C SER B 680 -7.33 26.79 29.61
N ASN B 681 -7.07 25.73 30.36
CA ASN B 681 -5.93 25.63 31.26
C ASN B 681 -4.81 24.80 30.67
N TYR B 682 -4.62 24.85 29.35
CA TYR B 682 -3.62 24.02 28.69
C TYR B 682 -2.20 24.37 29.12
N GLN B 683 -1.97 25.61 29.55
CA GLN B 683 -0.62 26.06 29.89
C GLN B 683 -0.13 25.50 31.23
N ILE B 684 -1.02 24.99 32.07
CA ILE B 684 -0.63 24.41 33.35
C ILE B 684 -0.79 22.90 33.36
N ARG B 685 -1.11 22.30 32.23
CA ARG B 685 -1.20 20.85 32.10
C ARG B 685 0.11 20.29 31.53
N THR B 686 0.26 18.98 31.65
CA THR B 686 1.45 18.27 31.17
C THR B 686 0.99 17.11 30.29
N ASP B 687 0.76 17.40 29.01
CA ASP B 687 0.36 16.39 28.05
C ASP B 687 1.57 15.96 27.22
N THR B 688 1.58 14.68 26.84
CA THR B 688 2.70 14.15 26.07
C THR B 688 2.84 14.84 24.72
N ARG B 689 1.72 15.05 24.04
CA ARG B 689 1.69 15.78 22.78
C ARG B 689 0.49 16.73 22.78
N ALA B 690 0.68 17.92 22.24
CA ALA B 690 -0.39 18.92 22.26
C ALA B 690 -0.13 19.95 21.16
N HIS B 691 -1.21 20.58 20.73
CA HIS B 691 -1.19 21.60 19.69
C HIS B 691 -1.95 22.82 20.17
N LEU B 692 -1.73 23.94 19.47
CA LEU B 692 -2.45 25.17 19.80
C LEU B 692 -2.53 26.05 18.56
N LEU B 693 -3.73 26.27 18.05
CA LEU B 693 -3.93 27.27 17.00
C LEU B 693 -3.85 28.66 17.60
N HIS B 694 -3.10 29.55 16.94
CA HIS B 694 -2.82 30.86 17.53
C HIS B 694 -4.04 31.78 17.48
N TYR B 695 -4.75 31.80 16.36
CA TYR B 695 -5.90 32.67 16.16
C TYR B 695 -7.09 31.84 15.71
N PRO B 696 -7.82 31.25 16.66
CA PRO B 696 -9.03 30.49 16.30
C PRO B 696 -10.23 31.40 16.12
N GLN B 697 -11.10 31.01 15.19
CA GLN B 697 -12.33 31.73 14.91
C GLN B 697 -13.52 30.78 15.05
N MET B 698 -14.65 31.33 15.39
CA MET B 698 -15.84 30.50 15.38
C MET B 698 -16.58 30.64 14.06
N PRO B 699 -17.22 29.57 13.58
CA PRO B 699 -17.81 29.59 12.24
C PRO B 699 -18.91 30.64 12.11
N LEU B 700 -18.95 31.27 10.94
CA LEU B 700 -20.02 32.23 10.65
C LEU B 700 -21.32 31.50 10.33
N VAL B 701 -21.22 30.36 9.65
CA VAL B 701 -22.38 29.49 9.42
C VAL B 701 -22.44 28.51 10.57
N GLN B 702 -23.48 28.62 11.39
CA GLN B 702 -23.57 27.90 12.65
C GLN B 702 -24.63 26.81 12.58
N THR B 703 -24.60 25.95 13.58
CA THR B 703 -25.67 25.00 13.85
C THR B 703 -26.09 25.17 15.31
N ARG B 704 -27.28 24.67 15.63
CA ARG B 704 -27.81 24.87 16.97
C ARG B 704 -27.01 24.13 18.03
N MET B 705 -26.34 23.04 17.64
CA MET B 705 -25.58 22.24 18.59
C MET B 705 -24.21 22.82 18.91
N LEU B 706 -23.71 23.76 18.09
CA LEU B 706 -22.38 24.30 18.32
C LEU B 706 -22.32 25.09 19.62
N GLY B 707 -23.38 25.84 19.95
CA GLY B 707 -23.40 26.57 21.20
C GLY B 707 -23.72 25.73 22.40
N VAL B 708 -24.42 24.61 22.21
CA VAL B 708 -24.75 23.73 23.32
C VAL B 708 -23.51 23.00 23.81
N ILE B 709 -22.68 22.49 22.90
CA ILE B 709 -21.54 21.67 23.28
C ILE B 709 -20.32 22.49 23.69
N GLY B 710 -20.38 23.81 23.55
CA GLY B 710 -19.25 24.64 23.93
C GLY B 710 -18.16 24.76 22.89
N TYR B 711 -18.48 24.52 21.61
CA TYR B 711 -17.47 24.61 20.57
C TYR B 711 -17.14 26.04 20.20
N ASN B 712 -18.08 26.98 20.39
CA ASN B 712 -17.80 28.38 20.09
C ASN B 712 -16.82 28.99 21.08
N ASP B 713 -16.59 28.35 22.22
CA ASP B 713 -15.59 28.79 23.18
C ASP B 713 -14.27 28.05 23.04
N ARG B 714 -14.27 26.89 22.39
CA ARG B 714 -13.07 26.11 22.12
C ARG B 714 -13.05 25.72 20.64
N PRO B 715 -12.84 26.68 19.76
CA PRO B 715 -12.93 26.39 18.32
C PRO B 715 -11.62 25.84 17.77
N ALA B 716 -11.72 25.22 16.60
CA ALA B 716 -10.61 24.50 15.99
C ALA B 716 -10.53 24.79 14.49
N GLY B 717 -10.66 26.06 14.11
CA GLY B 717 -10.57 26.42 12.71
C GLY B 717 -10.59 27.91 12.52
N ALA B 718 -10.82 28.32 11.27
CA ALA B 718 -10.93 29.73 10.94
C ALA B 718 -11.72 29.88 9.65
N ASN B 719 -12.25 31.09 9.45
CA ASN B 719 -13.06 31.40 8.27
C ASN B 719 -12.16 31.96 7.18
N ALA B 720 -12.20 31.34 6.01
CA ALA B 720 -11.34 31.73 4.89
C ALA B 720 -12.19 32.27 3.75
N ILE B 721 -11.69 33.30 3.07
CA ILE B 721 -12.30 33.76 1.84
C ILE B 721 -11.98 32.76 0.74
N LEU B 722 -13.02 32.11 0.21
CA LEU B 722 -12.85 31.00 -0.71
C LEU B 722 -13.25 31.42 -2.12
N ALA B 723 -12.41 31.08 -3.09
CA ALA B 723 -12.74 31.20 -4.51
C ALA B 723 -12.78 29.81 -5.13
N ILE B 724 -13.72 29.60 -6.04
CA ILE B 724 -13.83 28.35 -6.77
C ILE B 724 -13.46 28.66 -8.22
N MET B 725 -12.23 28.34 -8.60
CA MET B 725 -11.75 28.60 -9.94
C MET B 725 -10.52 27.75 -10.20
N SER B 726 -10.15 27.64 -11.48
CA SER B 726 -8.94 26.96 -11.90
C SER B 726 -7.85 28.02 -12.06
N TYR B 727 -6.76 27.86 -11.32
CA TYR B 727 -5.69 28.86 -11.30
C TYR B 727 -4.35 28.16 -11.20
N THR B 728 -3.52 28.33 -12.25
CA THR B 728 -2.11 27.94 -12.27
C THR B 728 -1.90 26.43 -12.24
N GLY B 729 -2.97 25.65 -12.10
CA GLY B 729 -2.85 24.21 -12.10
C GLY B 729 -2.28 23.60 -10.84
N TYR B 730 -2.12 24.37 -9.77
CA TYR B 730 -1.58 23.84 -8.52
C TYR B 730 -2.65 23.37 -7.56
N ASN B 731 -3.93 23.47 -7.93
CA ASN B 731 -5.02 22.97 -7.11
C ASN B 731 -5.74 21.78 -7.76
N MET B 732 -5.09 21.10 -8.70
CA MET B 732 -5.70 19.96 -9.37
C MET B 732 -5.66 18.72 -8.51
N GLU B 733 -6.72 17.93 -8.58
CA GLU B 733 -6.86 16.61 -7.95
C GLU B 733 -6.39 16.62 -6.48
N ASP B 734 -7.19 17.33 -5.68
CA ASP B 734 -7.14 17.36 -4.23
C ASP B 734 -6.02 18.23 -3.67
N SER B 735 -5.47 19.14 -4.45
CA SER B 735 -4.54 20.13 -3.95
C SER B 735 -5.25 21.47 -3.83
N ILE B 736 -4.75 22.34 -2.96
CA ILE B 736 -5.33 23.66 -2.77
C ILE B 736 -4.24 24.72 -2.88
N ILE B 737 -4.68 25.94 -3.18
CA ILE B 737 -3.82 27.12 -3.24
C ILE B 737 -4.16 27.99 -2.05
N MET B 738 -3.14 28.44 -1.32
CA MET B 738 -3.36 29.24 -0.13
C MET B 738 -2.57 30.54 -0.26
N ASN B 739 -3.05 31.58 0.40
CA ASN B 739 -2.45 32.91 0.31
C ASN B 739 -1.24 32.99 1.24
N LYS B 740 -0.10 33.43 0.70
CA LYS B 740 1.10 33.57 1.50
C LYS B 740 1.07 34.82 2.38
N SER B 741 0.45 35.91 1.89
CA SER B 741 0.32 37.11 2.71
C SER B 741 -0.60 36.87 3.90
N SER B 742 -1.64 36.06 3.73
CA SER B 742 -2.50 35.71 4.86
C SER B 742 -1.72 34.97 5.92
N ILE B 743 -0.84 34.06 5.51
CA ILE B 743 -0.04 33.30 6.47
C ILE B 743 0.98 34.20 7.15
N GLU B 744 1.58 35.12 6.41
CA GLU B 744 2.52 36.07 7.01
C GLU B 744 1.83 37.00 8.02
N ARG B 745 0.52 37.20 7.90
CA ARG B 745 -0.24 37.98 8.86
C ARG B 745 -0.75 37.15 10.04
N GLY B 746 -0.45 35.86 10.08
CA GLY B 746 -0.73 35.05 11.24
C GLY B 746 -1.82 34.01 11.10
N MET B 747 -2.24 33.71 9.88
CA MET B 747 -3.40 32.84 9.66
C MET B 747 -2.97 31.39 9.63
N TYR B 748 -3.60 30.57 10.47
CA TYR B 748 -3.39 29.13 10.60
C TYR B 748 -2.04 28.77 11.20
N ARG B 749 -1.39 29.70 11.89
CA ARG B 749 -0.18 29.37 12.63
C ARG B 749 -0.51 28.53 13.84
N SER B 750 0.43 27.64 14.21
CA SER B 750 0.20 26.67 15.26
C SER B 750 1.47 26.49 16.07
N THR B 751 1.32 25.89 17.25
CA THR B 751 2.43 25.52 18.11
C THR B 751 2.27 24.07 18.52
N PHE B 752 3.39 23.35 18.57
CA PHE B 752 3.42 21.95 18.97
C PHE B 752 4.21 21.82 20.27
N PHE B 753 3.71 20.97 21.17
CA PHE B 753 4.33 20.78 22.47
C PHE B 753 4.70 19.32 22.68
N ARG B 754 5.81 19.11 23.38
CA ARG B 754 6.27 17.77 23.74
C ARG B 754 6.74 17.79 25.19
N LEU B 755 6.63 16.64 25.85
CA LEU B 755 6.95 16.53 27.27
C LEU B 755 8.03 15.47 27.49
N TYR B 756 8.91 15.73 28.45
CA TYR B 756 9.95 14.81 28.87
C TYR B 756 9.93 14.71 30.39
N SER B 757 10.20 13.51 30.92
CA SER B 757 10.08 13.27 32.36
C SER B 757 11.19 12.36 32.85
N THR B 758 11.52 12.49 34.14
CA THR B 758 12.47 11.62 34.82
C THR B 758 11.86 11.17 36.14
N GLU B 759 12.62 10.37 36.87
CA GLU B 759 12.29 10.05 38.26
C GLU B 759 13.54 9.49 38.92
N GLU B 760 13.88 10.00 40.10
CA GLU B 760 15.06 9.56 40.83
C GLU B 760 14.71 8.24 41.54
N VAL B 761 14.88 7.15 40.81
CA VAL B 761 14.50 5.83 41.32
C VAL B 761 15.44 5.45 42.47
N LYS B 762 14.86 5.04 43.59
CA LYS B 762 15.62 4.57 44.74
C LYS B 762 15.52 3.05 44.79
N TYR B 763 16.64 2.38 44.52
CA TYR B 763 16.65 0.92 44.51
C TYR B 763 16.60 0.39 45.94
N PRO B 764 15.85 -0.69 46.19
CA PRO B 764 15.83 -1.28 47.53
C PRO B 764 17.09 -2.06 47.84
N GLY B 765 17.62 -2.77 46.83
CA GLY B 765 18.82 -3.56 47.01
C GLY B 765 20.07 -2.73 47.22
N GLY B 766 20.62 -2.79 48.44
CA GLY B 766 21.85 -2.09 48.74
C GLY B 766 21.72 -0.61 48.97
N GLN B 767 20.49 -0.07 48.98
CA GLN B 767 20.24 1.36 49.12
C GLN B 767 21.00 2.15 48.06
N GLU B 768 20.78 1.78 46.81
CA GLU B 768 21.29 2.52 45.66
C GLU B 768 20.20 3.40 45.09
N ASP B 769 20.60 4.52 44.50
CA ASP B 769 19.63 5.46 43.96
C ASP B 769 20.26 6.29 42.86
N LYS B 770 19.41 6.79 41.97
CA LYS B 770 19.84 7.71 40.94
C LYS B 770 19.88 9.14 41.49
N ILE B 771 20.65 9.99 40.82
CA ILE B 771 20.72 11.39 41.18
C ILE B 771 20.70 12.23 39.91
N ILE B 772 20.06 13.39 39.99
CA ILE B 772 19.98 14.33 38.89
C ILE B 772 21.08 15.37 39.07
N THR B 773 22.02 15.39 38.14
CA THR B 773 23.21 16.24 38.23
C THR B 773 23.89 16.25 36.87
N PRO B 774 24.66 17.30 36.55
CA PRO B 774 25.46 17.28 35.32
C PRO B 774 26.43 16.12 35.33
N GLU B 775 26.32 15.26 34.31
CA GLU B 775 27.12 14.04 34.25
C GLU B 775 28.59 14.38 34.09
N ALA B 776 29.43 13.72 34.87
CA ALA B 776 30.88 13.86 34.79
C ALA B 776 31.45 12.83 33.84
N GLY B 777 32.77 12.62 33.87
CA GLY B 777 33.44 11.70 32.97
C GLY B 777 33.11 10.26 33.28
N VAL B 778 31.88 9.85 32.97
CA VAL B 778 31.32 8.58 33.43
C VAL B 778 31.17 7.63 32.25
N LYS B 779 30.64 6.43 32.52
CA LYS B 779 30.69 5.33 31.57
C LYS B 779 30.02 5.69 30.24
N GLY B 780 28.86 6.35 30.30
CA GLY B 780 28.12 6.62 29.09
C GLY B 780 28.10 8.08 28.66
N TYR B 781 29.23 8.77 28.79
CA TYR B 781 29.30 10.17 28.43
C TYR B 781 29.07 10.35 26.94
N LYS B 782 28.49 11.50 26.57
CA LYS B 782 28.15 11.81 25.19
C LYS B 782 29.03 12.89 24.56
N GLY B 783 29.55 13.80 25.35
CA GLY B 783 30.35 14.89 24.86
C GLY B 783 30.16 16.12 25.74
N LYS B 784 31.17 16.98 25.76
CA LYS B 784 31.12 18.15 26.64
C LYS B 784 30.08 19.16 26.17
N ASP B 785 29.93 19.33 24.85
CA ASP B 785 29.04 20.34 24.31
C ASP B 785 27.58 19.94 24.32
N TYR B 786 27.25 18.70 24.67
CA TYR B 786 25.86 18.31 24.81
C TYR B 786 25.28 18.65 26.18
N TYR B 787 26.11 19.02 27.16
CA TYR B 787 25.66 19.39 28.48
C TYR B 787 25.80 20.89 28.76
N ARG B 788 25.96 21.68 27.70
CA ARG B 788 26.15 23.13 27.87
C ARG B 788 24.91 23.84 28.40
N LEU B 789 23.74 23.21 28.30
CA LEU B 789 22.49 23.88 28.63
C LEU B 789 22.01 23.58 30.04
N LEU B 790 22.53 22.55 30.69
CA LEU B 790 22.10 22.21 32.04
C LEU B 790 22.56 23.29 33.02
N GLU B 791 21.77 23.47 34.08
CA GLU B 791 22.10 24.38 35.16
C GLU B 791 22.90 23.63 36.21
N ASP B 792 23.10 24.25 37.38
CA ASP B 792 23.88 23.61 38.43
C ASP B 792 23.16 22.45 39.07
N ASN B 793 21.84 22.33 38.88
CA ASN B 793 21.07 21.22 39.42
C ASN B 793 20.79 20.13 38.39
N GLY B 794 21.32 20.26 37.17
CA GLY B 794 21.22 19.21 36.19
C GLY B 794 20.05 19.28 35.24
N VAL B 795 19.31 20.38 35.23
CA VAL B 795 18.14 20.53 34.37
C VAL B 795 18.23 21.86 33.64
N VAL B 796 17.80 21.88 32.38
CA VAL B 796 17.80 23.08 31.55
C VAL B 796 16.86 24.11 32.12
N SER B 797 16.97 25.35 31.63
CA SER B 797 16.17 26.47 32.08
C SER B 797 15.17 26.90 31.01
N PRO B 798 14.03 27.48 31.39
CA PRO B 798 13.04 27.89 30.40
C PRO B 798 13.56 28.98 29.47
N GLU B 799 12.99 29.04 28.27
CA GLU B 799 13.32 30.03 27.24
C GLU B 799 14.73 29.81 26.68
N VAL B 800 15.08 28.54 26.46
CA VAL B 800 16.37 28.17 25.90
C VAL B 800 16.12 27.34 24.65
N GLU B 801 16.78 27.71 23.55
CA GLU B 801 16.64 26.98 22.30
C GLU B 801 17.45 25.69 22.36
N VAL B 802 16.82 24.59 21.94
CA VAL B 802 17.46 23.28 21.96
C VAL B 802 17.39 22.67 20.58
N LYS B 803 18.35 21.81 20.27
CA LYS B 803 18.40 21.07 19.03
C LYS B 803 18.35 19.57 19.32
N GLY B 804 18.18 18.79 18.27
CA GLY B 804 18.16 17.35 18.40
C GLY B 804 19.45 16.79 18.99
N GLY B 805 19.34 16.04 20.09
CA GLY B 805 20.48 15.48 20.77
C GLY B 805 20.91 16.23 22.01
N ASP B 806 20.45 17.46 22.21
CA ASP B 806 20.81 18.21 23.40
C ASP B 806 20.20 17.58 24.64
N VAL B 807 20.95 17.62 25.74
CA VAL B 807 20.54 17.02 27.00
C VAL B 807 19.67 18.01 27.77
N LEU B 808 18.50 17.55 28.21
CA LEU B 808 17.58 18.38 28.97
C LEU B 808 17.68 18.12 30.48
N ILE B 809 17.82 16.86 30.89
CA ILE B 809 17.98 16.50 32.29
C ILE B 809 19.18 15.56 32.41
N GLY B 810 20.10 15.89 33.30
CA GLY B 810 21.27 15.07 33.53
C GLY B 810 21.02 14.03 34.62
N LYS B 811 21.45 12.80 34.36
CA LYS B 811 21.15 11.69 35.25
C LYS B 811 22.26 10.65 35.17
N VAL B 812 22.68 10.17 36.33
CA VAL B 812 23.64 9.07 36.44
C VAL B 812 23.03 7.98 37.31
N SER B 813 23.28 6.73 36.94
CA SER B 813 22.62 5.60 37.57
C SER B 813 23.59 4.74 38.34
N PRO B 814 23.12 4.00 39.35
CA PRO B 814 24.01 3.08 40.06
C PRO B 814 24.46 1.96 39.14
N PRO B 815 25.66 1.42 39.36
CA PRO B 815 26.15 0.34 38.51
C PRO B 815 25.29 -0.91 38.64
N ARG B 816 25.15 -1.64 37.52
CA ARG B 816 24.36 -2.86 37.50
C ARG B 816 25.06 -3.95 36.70
N ALA B 829 31.17 1.10 37.55
CA ALA B 829 31.02 2.51 37.85
C ALA B 829 29.62 3.01 37.47
N LYS B 830 29.34 4.26 37.79
CA LYS B 830 28.04 4.84 37.47
C LYS B 830 27.89 5.02 35.96
N ARG B 831 26.68 4.83 35.47
CA ARG B 831 26.36 4.92 34.05
C ARG B 831 25.51 6.17 33.79
N ASP B 832 25.65 6.71 32.58
CA ASP B 832 24.95 7.92 32.18
C ASP B 832 23.59 7.55 31.59
N THR B 833 22.52 8.06 32.19
CA THR B 833 21.16 7.80 31.74
C THR B 833 20.41 9.12 31.55
N SER B 834 21.07 10.08 30.90
CA SER B 834 20.45 11.37 30.65
C SER B 834 19.40 11.24 29.54
N ILE B 835 18.49 12.22 29.50
CA ILE B 835 17.44 12.27 28.49
C ILE B 835 17.70 13.45 27.57
N VAL B 836 17.67 13.19 26.26
CA VAL B 836 18.07 14.15 25.25
C VAL B 836 16.88 14.46 24.35
N THR B 837 16.96 15.61 23.68
CA THR B 837 15.98 15.96 22.67
C THR B 837 16.03 14.95 21.53
N ARG B 838 14.86 14.62 20.98
CA ARG B 838 14.80 13.62 19.93
C ARG B 838 15.45 14.14 18.65
N HIS B 839 15.83 13.19 17.79
CA HIS B 839 16.58 13.51 16.58
C HIS B 839 15.76 14.40 15.65
N GLY B 840 16.35 15.50 15.22
CA GLY B 840 15.71 16.39 14.26
C GLY B 840 14.44 17.06 14.73
N GLU B 841 14.42 17.50 15.99
CA GLU B 841 13.27 18.22 16.55
C GLU B 841 13.79 19.38 17.40
N ASN B 842 13.90 20.55 16.79
CA ASN B 842 14.31 21.74 17.51
C ASN B 842 13.12 22.33 18.26
N GLY B 843 13.40 23.35 19.07
CA GLY B 843 12.35 24.00 19.82
C GLY B 843 12.91 24.86 20.93
N ILE B 844 12.01 25.32 21.78
CA ILE B 844 12.33 26.20 22.90
C ILE B 844 11.77 25.57 24.17
N VAL B 845 12.56 25.58 25.24
CA VAL B 845 12.10 25.04 26.51
C VAL B 845 10.96 25.93 27.04
N ASP B 846 9.84 25.30 27.36
CA ASP B 846 8.61 26.02 27.70
C ASP B 846 8.31 26.02 29.19
N LEU B 847 8.51 24.89 29.87
CA LEU B 847 8.17 24.78 31.28
C LEU B 847 9.06 23.72 31.93
N VAL B 848 9.50 24.00 33.15
CA VAL B 848 10.25 23.05 33.97
C VAL B 848 9.52 22.90 35.30
N LEU B 849 9.20 21.66 35.66
CA LEU B 849 8.42 21.34 36.84
C LEU B 849 9.21 20.36 37.69
N ILE B 850 9.36 20.67 38.98
CA ILE B 850 10.05 19.80 39.94
C ILE B 850 9.10 19.50 41.08
N THR B 851 8.86 18.21 41.34
CA THR B 851 7.98 17.79 42.42
C THR B 851 8.45 16.44 42.93
N GLU B 852 7.62 15.82 43.78
CA GLU B 852 7.94 14.53 44.37
C GLU B 852 6.79 13.56 44.15
N THR B 853 7.11 12.27 44.05
CA THR B 853 6.12 11.23 43.93
C THR B 853 5.63 10.81 45.31
N LEU B 854 4.76 9.80 45.34
CA LEU B 854 4.27 9.27 46.61
C LEU B 854 5.41 8.69 47.45
N GLU B 855 6.30 7.93 46.81
CA GLU B 855 7.41 7.32 47.52
C GLU B 855 8.34 8.39 48.10
N GLY B 856 8.58 9.46 47.35
CA GLY B 856 9.48 10.51 47.79
C GLY B 856 10.59 10.78 46.79
N ASN B 857 10.48 10.20 45.61
CA ASN B 857 11.47 10.37 44.57
C ASN B 857 11.25 11.70 43.83
N LYS B 858 12.35 12.31 43.41
CA LYS B 858 12.27 13.53 42.62
C LYS B 858 11.66 13.25 41.25
N LEU B 859 10.77 14.13 40.82
CA LEU B 859 10.12 14.01 39.51
C LEU B 859 10.29 15.33 38.79
N VAL B 860 10.86 15.28 37.58
CA VAL B 860 11.13 16.47 36.78
C VAL B 860 10.43 16.32 35.44
N LYS B 861 9.70 17.36 35.04
CA LYS B 861 9.01 17.41 33.76
C LYS B 861 9.46 18.63 32.98
N VAL B 862 9.81 18.45 31.71
CA VAL B 862 10.25 19.52 30.84
C VAL B 862 9.38 19.53 29.60
N ARG B 863 8.87 20.70 29.25
CA ARG B 863 8.04 20.87 28.06
C ARG B 863 8.79 21.70 27.04
N VAL B 864 8.79 21.24 25.79
CA VAL B 864 9.47 21.91 24.68
C VAL B 864 8.42 22.25 23.63
N ARG B 865 8.44 23.49 23.14
CA ARG B 865 7.47 23.97 22.17
C ARG B 865 8.15 24.27 20.85
N ASP B 866 7.41 24.06 19.76
CA ASP B 866 7.89 24.28 18.41
C ASP B 866 6.83 25.03 17.61
N LEU B 867 7.25 26.10 16.95
CA LEU B 867 6.33 26.91 16.15
C LEU B 867 6.15 26.30 14.76
N ARG B 868 4.91 26.22 14.31
CA ARG B 868 4.57 25.63 13.01
C ARG B 868 3.87 26.68 12.17
N ILE B 869 4.44 27.00 11.02
CA ILE B 869 3.89 27.95 10.06
C ILE B 869 3.43 27.17 8.84
N PRO B 870 2.24 27.41 8.31
CA PRO B 870 1.76 26.62 7.17
C PRO B 870 2.69 26.71 5.98
N GLU B 871 2.85 25.58 5.29
CA GLU B 871 3.81 25.46 4.21
C GLU B 871 3.26 24.49 3.17
N ILE B 872 3.94 24.43 2.03
CA ILE B 872 3.56 23.50 0.97
C ILE B 872 3.70 22.08 1.50
N GLY B 873 2.61 21.33 1.48
CA GLY B 873 2.59 19.97 2.00
C GLY B 873 1.73 19.76 3.23
N ASP B 874 1.07 20.81 3.73
CA ASP B 874 0.22 20.71 4.90
C ASP B 874 -1.21 20.43 4.50
N LYS B 875 -1.94 19.74 5.38
CA LYS B 875 -3.28 19.26 5.08
C LYS B 875 -4.35 20.11 5.75
N PHE B 876 -5.41 20.40 5.01
CA PHE B 876 -6.56 21.15 5.49
C PHE B 876 -7.83 20.45 5.05
N ALA B 877 -8.92 20.67 5.79
CA ALA B 877 -10.19 20.05 5.47
C ALA B 877 -11.34 20.99 5.83
N THR B 878 -12.47 20.79 5.17
CA THR B 878 -13.71 21.49 5.48
C THR B 878 -14.66 20.59 6.23
N ARG B 879 -15.81 21.14 6.60
CA ARG B 879 -16.86 20.39 7.28
C ARG B 879 -17.73 19.59 6.32
N HIS B 880 -17.33 19.46 5.05
CA HIS B 880 -18.11 18.73 4.06
C HIS B 880 -17.32 17.60 3.42
N GLY B 881 -16.19 17.22 4.01
CA GLY B 881 -15.42 16.10 3.52
C GLY B 881 -14.42 16.40 2.44
N GLN B 882 -14.08 17.67 2.21
CA GLN B 882 -13.14 18.05 1.15
C GLN B 882 -11.75 18.21 1.77
N LYS B 883 -10.95 17.16 1.66
CA LYS B 883 -9.59 17.12 2.17
C LYS B 883 -8.61 17.47 1.05
N GLY B 884 -7.44 17.96 1.45
CA GLY B 884 -6.44 18.31 0.46
C GLY B 884 -5.12 18.67 1.11
N VAL B 885 -4.14 18.92 0.25
CA VAL B 885 -2.80 19.29 0.68
C VAL B 885 -2.46 20.60 -0.02
N VAL B 886 -1.62 21.42 0.61
CA VAL B 886 -1.25 22.72 0.05
C VAL B 886 -0.25 22.50 -1.07
N GLY B 887 -0.57 22.99 -2.26
CA GLY B 887 0.28 22.80 -3.41
C GLY B 887 1.25 23.94 -3.67
N ILE B 888 0.81 25.16 -3.41
CA ILE B 888 1.67 26.34 -3.56
C ILE B 888 1.10 27.45 -2.69
N LEU B 889 1.94 28.41 -2.33
CA LEU B 889 1.52 29.60 -1.62
C LEU B 889 1.80 30.81 -2.50
N ILE B 890 0.79 31.64 -2.70
CA ILE B 890 0.85 32.77 -3.63
C ILE B 890 0.67 34.06 -2.87
N ASP B 891 1.49 35.06 -3.19
CA ASP B 891 1.41 36.35 -2.55
C ASP B 891 0.17 37.11 -3.00
N GLN B 892 -0.16 38.17 -2.25
CA GLN B 892 -1.38 38.93 -2.51
C GLN B 892 -1.31 39.68 -3.84
N VAL B 893 -0.11 40.07 -4.29
CA VAL B 893 0.02 40.76 -5.57
C VAL B 893 -0.35 39.84 -6.73
N ASP B 894 0.00 38.56 -6.63
CA ASP B 894 -0.23 37.63 -7.72
C ASP B 894 -1.63 37.02 -7.70
N MET B 895 -2.36 37.15 -6.59
CA MET B 895 -3.70 36.61 -6.51
C MET B 895 -4.65 37.39 -7.41
N PRO B 896 -5.70 36.76 -7.93
CA PRO B 896 -6.75 37.52 -8.62
C PRO B 896 -7.59 38.30 -7.62
N TYR B 897 -7.94 39.53 -7.99
CA TYR B 897 -8.65 40.43 -7.10
C TYR B 897 -9.97 40.88 -7.72
N THR B 898 -10.93 41.19 -6.86
CA THR B 898 -12.21 41.69 -7.32
C THR B 898 -12.16 43.20 -7.48
N ALA B 899 -13.24 43.76 -8.03
CA ALA B 899 -13.30 45.20 -8.26
C ALA B 899 -13.26 45.99 -6.96
N LYS B 900 -13.51 45.35 -5.82
CA LYS B 900 -13.34 45.98 -4.51
C LYS B 900 -11.95 45.76 -3.94
N GLY B 901 -11.12 44.93 -4.58
CA GLY B 901 -9.79 44.64 -4.10
C GLY B 901 -9.69 43.45 -3.18
N ILE B 902 -10.73 42.65 -3.07
CA ILE B 902 -10.71 41.49 -2.17
C ILE B 902 -9.98 40.35 -2.85
N VAL B 903 -9.21 39.60 -2.05
CA VAL B 903 -8.33 38.54 -2.53
C VAL B 903 -8.70 37.24 -1.81
N PRO B 904 -8.74 36.09 -2.49
CA PRO B 904 -9.09 34.86 -1.78
C PRO B 904 -7.96 34.38 -0.89
N ASP B 905 -8.35 33.78 0.24
CA ASP B 905 -7.39 33.12 1.11
C ASP B 905 -7.06 31.72 0.61
N ILE B 906 -8.05 31.02 0.05
CA ILE B 906 -7.90 29.68 -0.48
C ILE B 906 -8.64 29.60 -1.81
N ILE B 907 -8.03 28.93 -2.78
CA ILE B 907 -8.66 28.67 -4.07
C ILE B 907 -8.95 27.17 -4.17
N LEU B 908 -10.19 26.84 -4.52
CA LEU B 908 -10.64 25.47 -4.65
C LEU B 908 -10.93 25.17 -6.11
N ASN B 909 -10.58 23.97 -6.54
CA ASN B 909 -10.75 23.60 -7.95
C ASN B 909 -12.21 23.23 -8.22
N PRO B 910 -12.82 23.76 -9.27
CA PRO B 910 -14.22 23.40 -9.57
C PRO B 910 -14.42 21.93 -9.90
N HIS B 911 -13.36 21.20 -10.28
CA HIS B 911 -13.48 19.80 -10.65
C HIS B 911 -13.66 18.86 -9.47
N ALA B 912 -13.44 19.34 -8.24
CA ALA B 912 -13.61 18.47 -7.08
C ALA B 912 -15.07 18.33 -6.65
N LEU B 913 -15.94 19.25 -7.06
CA LEU B 913 -17.33 19.26 -6.65
C LEU B 913 -18.25 18.29 -7.42
N PRO B 914 -18.25 18.28 -8.76
CA PRO B 914 -19.34 17.59 -9.48
C PRO B 914 -19.41 16.09 -9.22
N SER B 915 -18.27 15.41 -9.03
CA SER B 915 -18.30 13.97 -8.82
C SER B 915 -18.54 13.60 -7.37
N ARG B 916 -18.26 14.50 -6.43
CA ARG B 916 -18.47 14.23 -5.02
C ARG B 916 -19.82 14.72 -4.52
N MET B 917 -20.42 15.70 -5.22
CA MET B 917 -21.79 16.13 -4.97
C MET B 917 -21.98 16.64 -3.55
N THR B 918 -21.13 17.59 -3.17
CA THR B 918 -21.22 18.28 -1.88
C THR B 918 -21.77 19.69 -2.14
N ILE B 919 -23.10 19.79 -2.19
CA ILE B 919 -23.76 21.08 -2.40
C ILE B 919 -23.70 21.94 -1.14
N GLY B 920 -23.58 21.30 0.03
CA GLY B 920 -23.54 22.05 1.27
C GLY B 920 -22.38 23.00 1.36
N GLN B 921 -21.29 22.72 0.63
CA GLN B 921 -20.14 23.62 0.67
C GLN B 921 -20.41 24.92 -0.07
N ILE B 922 -21.03 24.83 -1.26
CA ILE B 922 -21.41 26.04 -1.97
C ILE B 922 -22.46 26.82 -1.18
N MET B 923 -23.41 26.09 -0.59
CA MET B 923 -24.42 26.75 0.24
C MET B 923 -23.77 27.44 1.43
N GLU B 924 -22.77 26.82 2.04
CA GLU B 924 -22.07 27.42 3.17
C GLU B 924 -21.27 28.64 2.74
N ALA B 925 -20.67 28.61 1.55
CA ALA B 925 -19.98 29.78 1.04
C ALA B 925 -20.94 30.97 0.89
N ILE B 926 -22.11 30.72 0.30
CA ILE B 926 -23.10 31.79 0.15
C ILE B 926 -23.57 32.29 1.51
N GLY B 927 -23.87 31.36 2.43
CA GLY B 927 -24.31 31.75 3.75
C GLY B 927 -23.26 32.53 4.52
N GLY B 928 -21.99 32.16 4.37
CA GLY B 928 -20.92 32.88 5.05
C GLY B 928 -20.74 34.28 4.50
N LYS B 929 -20.82 34.43 3.18
CA LYS B 929 -20.76 35.78 2.60
C LYS B 929 -21.93 36.63 3.10
N TYR B 930 -23.13 36.03 3.17
CA TYR B 930 -24.28 36.75 3.70
C TYR B 930 -24.08 37.13 5.17
N ALA B 931 -23.55 36.21 5.97
CA ALA B 931 -23.35 36.49 7.39
C ALA B 931 -22.34 37.61 7.60
N ALA B 932 -21.28 37.63 6.79
CA ALA B 932 -20.29 38.69 6.91
C ALA B 932 -20.84 40.03 6.43
N LEU B 933 -21.67 40.02 5.39
CA LEU B 933 -22.20 41.28 4.86
C LEU B 933 -23.26 41.87 5.79
N SER B 934 -24.14 41.04 6.34
CA SER B 934 -25.30 41.53 7.06
C SER B 934 -25.09 41.64 8.56
N GLY B 935 -24.17 40.89 9.14
CA GLY B 935 -23.99 40.89 10.57
C GLY B 935 -25.06 40.13 11.34
N LYS B 936 -25.90 39.33 10.65
CA LYS B 936 -27.02 38.57 11.21
C LYS B 936 -26.65 37.10 11.35
N PRO B 937 -27.24 36.42 12.33
CA PRO B 937 -26.91 35.00 12.53
C PRO B 937 -27.40 34.12 11.39
N VAL B 938 -26.64 33.06 11.12
CA VAL B 938 -26.96 32.09 10.08
C VAL B 938 -27.02 30.71 10.72
N ASP B 939 -28.19 30.09 10.65
CA ASP B 939 -28.40 28.75 11.21
C ASP B 939 -28.51 27.76 10.07
N ALA B 940 -27.67 26.73 10.09
CA ALA B 940 -27.64 25.71 9.05
C ALA B 940 -28.00 24.34 9.60
N THR B 941 -28.83 24.31 10.64
CA THR B 941 -29.28 23.05 11.18
C THR B 941 -30.09 22.28 10.14
N PRO B 942 -29.89 20.98 9.99
CA PRO B 942 -30.59 20.23 8.95
C PRO B 942 -32.11 20.33 9.08
N PHE B 943 -32.78 20.42 7.93
CA PHE B 943 -34.23 20.41 7.77
C PHE B 943 -34.90 21.66 8.33
N LEU B 944 -34.14 22.52 9.00
CA LEU B 944 -34.69 23.68 9.71
C LEU B 944 -33.81 24.90 9.51
N GLU B 945 -33.37 25.14 8.28
CA GLU B 945 -32.42 26.22 8.02
C GLU B 945 -33.13 27.56 7.94
N THR B 946 -32.61 28.56 8.66
CA THR B 946 -33.08 29.93 8.61
C THR B 946 -31.85 30.82 8.59
N PRO B 947 -31.77 31.80 7.69
CA PRO B 947 -32.76 32.09 6.63
C PRO B 947 -32.65 31.13 5.45
N LYS B 948 -33.66 31.13 4.59
CA LYS B 948 -33.60 30.32 3.38
C LYS B 948 -32.61 30.93 2.38
N LEU B 949 -32.25 30.13 1.38
CA LEU B 949 -31.24 30.56 0.42
C LEU B 949 -31.70 31.75 -0.41
N GLN B 950 -32.97 31.76 -0.82
CA GLN B 950 -33.47 32.84 -1.66
C GLN B 950 -33.48 34.18 -0.90
N GLU B 951 -33.90 34.16 0.36
CA GLU B 951 -33.84 35.36 1.18
C GLU B 951 -32.40 35.83 1.36
N MET B 952 -31.49 34.88 1.56
CA MET B 952 -30.08 35.21 1.67
C MET B 952 -29.57 35.90 0.40
N GLN B 953 -29.96 35.40 -0.76
CA GLN B 953 -29.48 35.98 -2.01
C GLN B 953 -30.08 37.36 -2.25
N LYS B 954 -31.36 37.54 -1.93
CA LYS B 954 -31.96 38.87 -2.04
C LYS B 954 -31.27 39.87 -1.12
N GLU B 955 -30.98 39.46 0.12
CA GLU B 955 -30.29 40.36 1.05
C GLU B 955 -28.86 40.64 0.59
N ILE B 956 -28.19 39.65 -0.01
CA ILE B 956 -26.86 39.87 -0.56
C ILE B 956 -26.92 40.92 -1.67
N LEU B 957 -27.94 40.83 -2.52
CA LEU B 957 -28.11 41.83 -3.58
C LEU B 957 -28.36 43.22 -2.99
N LYS B 958 -29.18 43.30 -1.94
CA LYS B 958 -29.48 44.61 -1.37
C LYS B 958 -28.28 45.24 -0.67
N LEU B 959 -27.29 44.44 -0.28
CA LEU B 959 -26.12 44.95 0.41
C LEU B 959 -24.97 45.29 -0.53
N GLY B 960 -25.18 45.21 -1.84
CA GLY B 960 -24.19 45.65 -2.81
C GLY B 960 -23.39 44.58 -3.50
N HIS B 961 -23.89 43.35 -3.58
CA HIS B 961 -23.17 42.26 -4.22
C HIS B 961 -24.13 41.49 -5.11
N LEU B 962 -23.57 40.67 -5.99
CA LEU B 962 -24.42 39.89 -6.89
C LEU B 962 -25.08 38.74 -6.13
N PRO B 963 -26.38 38.52 -6.34
CA PRO B 963 -27.08 37.49 -5.56
C PRO B 963 -26.53 36.08 -5.73
N ASP B 964 -26.01 35.74 -6.91
CA ASP B 964 -25.47 34.41 -7.13
C ASP B 964 -24.06 34.23 -6.56
N SER B 965 -23.55 35.23 -5.85
CA SER B 965 -22.28 35.15 -5.12
C SER B 965 -21.06 35.12 -6.05
N THR B 966 -21.18 35.72 -7.23
CA THR B 966 -20.07 35.81 -8.17
C THR B 966 -19.49 37.22 -8.16
N GLU B 967 -18.25 37.33 -8.63
CA GLU B 967 -17.52 38.60 -8.63
C GLU B 967 -16.86 38.82 -9.97
N VAL B 968 -16.65 40.09 -10.31
CA VAL B 968 -15.83 40.48 -11.45
C VAL B 968 -14.37 40.50 -11.00
N VAL B 969 -13.52 39.79 -11.72
CA VAL B 969 -12.18 39.44 -11.24
C VAL B 969 -11.15 39.84 -12.29
N TYR B 970 -10.02 40.37 -11.82
CA TYR B 970 -8.90 40.76 -12.66
C TYR B 970 -7.68 39.93 -12.30
N ASP B 971 -6.81 39.72 -13.27
CA ASP B 971 -5.57 38.99 -13.03
C ASP B 971 -4.53 39.89 -12.38
N GLY B 972 -3.98 39.45 -11.26
CA GLY B 972 -3.00 40.26 -10.56
C GLY B 972 -1.66 40.36 -11.24
N ARG B 973 -1.33 39.40 -12.10
CA ARG B 973 -0.05 39.42 -12.78
C ARG B 973 -0.05 40.34 -14.00
N THR B 974 -1.19 40.47 -14.68
CA THR B 974 -1.27 41.27 -15.89
C THR B 974 -2.24 42.44 -15.81
N GLY B 975 -3.27 42.35 -14.96
CA GLY B 975 -4.24 43.41 -14.83
C GLY B 975 -5.44 43.31 -15.75
N GLN B 976 -5.60 42.19 -16.44
CA GLN B 976 -6.67 42.02 -17.40
C GLN B 976 -7.87 41.33 -16.77
N LYS B 977 -9.06 41.78 -17.14
CA LYS B 977 -10.28 41.23 -16.58
C LYS B 977 -10.55 39.83 -17.13
N LEU B 978 -10.93 38.91 -16.25
CA LEU B 978 -11.33 37.59 -16.68
C LEU B 978 -12.66 37.66 -17.42
N LYS B 979 -12.84 36.76 -18.39
CA LYS B 979 -14.05 36.77 -19.20
C LYS B 979 -15.26 36.20 -18.47
N SER B 980 -15.07 35.54 -17.35
CA SER B 980 -16.17 34.98 -16.56
C SER B 980 -16.15 35.55 -15.15
N ARG B 981 -17.28 35.41 -14.46
CA ARG B 981 -17.38 35.79 -13.06
C ARG B 981 -17.10 34.58 -12.18
N ILE B 982 -16.37 34.80 -11.10
CA ILE B 982 -15.91 33.75 -10.21
C ILE B 982 -16.69 33.81 -8.91
N LEU B 983 -17.00 32.64 -8.35
CA LEU B 983 -17.75 32.57 -7.10
C LEU B 983 -16.81 32.77 -5.91
N PHE B 984 -17.10 33.78 -5.11
CA PHE B 984 -16.40 34.03 -3.86
C PHE B 984 -17.33 33.77 -2.68
N GLY B 985 -16.76 33.26 -1.60
CA GLY B 985 -17.55 32.95 -0.42
C GLY B 985 -16.66 32.88 0.81
N ILE B 986 -17.27 32.48 1.92
CA ILE B 986 -16.57 32.31 3.18
C ILE B 986 -16.89 30.93 3.72
N VAL B 987 -15.86 30.10 3.89
CA VAL B 987 -16.01 28.72 4.33
C VAL B 987 -15.06 28.48 5.49
N TYR B 988 -15.54 27.72 6.47
CA TYR B 988 -14.73 27.36 7.63
C TYR B 988 -13.76 26.24 7.27
N TYR B 989 -12.47 26.46 7.53
CA TYR B 989 -11.44 25.49 7.23
C TYR B 989 -10.74 25.07 8.52
N GLN B 990 -10.21 23.85 8.51
CA GLN B 990 -9.52 23.29 9.66
C GLN B 990 -8.14 22.80 9.25
N LYS B 991 -7.19 22.93 10.15
CA LYS B 991 -5.82 22.46 9.95
C LYS B 991 -5.64 21.14 10.70
N LEU B 992 -5.23 20.11 9.98
CA LEU B 992 -5.06 18.79 10.58
C LEU B 992 -3.62 18.61 11.07
N HIS B 993 -3.45 17.70 12.04
CA HIS B 993 -2.10 17.54 12.59
C HIS B 993 -1.17 16.74 11.70
N HIS B 994 -1.55 16.42 10.46
CA HIS B 994 -0.66 15.78 9.51
C HIS B 994 0.13 16.87 8.81
N MET B 995 1.35 17.11 9.28
CA MET B 995 2.19 18.18 8.76
C MET B 995 3.49 17.60 8.22
N VAL B 996 3.91 18.11 7.06
CA VAL B 996 5.07 17.55 6.36
C VAL B 996 6.36 17.74 7.15
N ALA B 997 6.37 18.63 8.14
CA ALA B 997 7.56 18.83 8.96
C ALA B 997 7.89 17.62 9.82
N ASP B 998 6.96 16.68 9.98
CA ASP B 998 7.15 15.50 10.80
C ASP B 998 7.08 14.21 9.98
N LYS B 999 7.18 14.30 8.66
CA LYS B 999 6.95 13.15 7.81
C LYS B 999 8.08 12.82 6.84
N MET B 1000 9.13 13.63 6.76
CA MET B 1000 10.21 13.42 5.82
C MET B 1000 11.46 12.93 6.53
N HIS B 1001 12.10 11.93 5.96
CA HIS B 1001 13.32 11.36 6.53
C HIS B 1001 14.19 10.80 5.41
N ALA B 1002 15.49 11.08 5.49
CA ALA B 1002 16.45 10.60 4.52
C ALA B 1002 17.65 10.01 5.23
N ARG B 1003 18.31 9.06 4.58
CA ARG B 1003 19.52 8.43 5.10
C ARG B 1003 20.53 8.26 3.99
N ALA B 1004 21.75 8.75 4.20
CA ALA B 1004 22.86 8.44 3.32
C ALA B 1004 23.68 7.27 3.84
N ARG B 1005 24.25 7.42 5.03
CA ARG B 1005 24.96 6.35 5.72
C ARG B 1005 24.68 6.46 7.21
N GLY B 1006 24.99 5.40 7.95
CA GLY B 1006 24.78 5.42 9.38
C GLY B 1006 25.13 4.09 10.03
N PRO B 1007 24.53 3.84 11.20
CA PRO B 1007 24.80 2.59 11.90
C PRO B 1007 24.10 1.41 11.24
N VAL B 1008 24.60 0.21 11.55
CA VAL B 1008 24.07 -1.03 11.01
C VAL B 1008 23.78 -1.97 12.16
N GLN B 1009 22.99 -3.00 11.85
CA GLN B 1009 22.64 -4.01 12.84
C GLN B 1009 23.89 -4.79 13.25
N ILE B 1010 23.91 -5.24 14.51
CA ILE B 1010 25.04 -6.04 14.97
C ILE B 1010 25.00 -7.44 14.38
N LEU B 1011 23.80 -7.96 14.10
CA LEU B 1011 23.66 -9.33 13.60
C LEU B 1011 23.77 -9.39 12.08
N THR B 1012 22.91 -8.67 11.37
CA THR B 1012 22.85 -8.73 9.92
C THR B 1012 23.76 -7.72 9.23
N ARG B 1013 24.25 -6.72 9.95
CA ARG B 1013 25.10 -5.67 9.39
C ARG B 1013 24.39 -4.94 8.25
N GLN B 1014 23.09 -4.71 8.42
CA GLN B 1014 22.26 -3.98 7.47
C GLN B 1014 21.77 -2.68 8.11
N PRO B 1015 21.36 -1.70 7.29
CA PRO B 1015 20.90 -0.43 7.85
C PRO B 1015 19.78 -0.60 8.87
N THR B 1016 19.68 0.41 9.74
CA THR B 1016 18.75 0.38 10.87
C THR B 1016 17.33 0.70 10.39
N GLU B 1017 16.41 0.91 11.33
CA GLU B 1017 15.01 1.14 11.03
C GLU B 1017 14.47 2.30 11.85
N GLY B 1018 13.60 3.08 11.23
CA GLY B 1018 12.86 4.12 11.92
C GLY B 1018 13.48 5.49 11.75
N ARG B 1019 12.61 6.51 11.79
CA ARG B 1019 13.08 7.90 11.70
C ARG B 1019 13.79 8.34 12.98
N ALA B 1020 13.47 7.70 14.11
CA ALA B 1020 14.16 8.02 15.36
C ALA B 1020 15.65 7.72 15.24
N ARG B 1021 15.99 6.55 14.71
CA ARG B 1021 17.36 6.25 14.32
C ARG B 1021 17.64 6.91 12.97
N GLU B 1022 18.84 6.69 12.42
CA GLU B 1022 19.17 7.32 11.15
C GLU B 1022 18.28 6.82 10.03
N GLY B 1023 17.84 5.57 10.08
CA GLY B 1023 16.79 5.11 9.20
C GLY B 1023 17.17 4.09 8.16
N GLY B 1024 16.59 4.22 6.96
CA GLY B 1024 16.77 3.24 5.90
C GLY B 1024 15.45 2.71 5.38
N LEU B 1025 15.22 2.85 4.09
CA LEU B 1025 13.97 2.39 3.48
C LEU B 1025 14.11 0.95 3.02
N ARG B 1026 13.04 0.18 3.17
CA ARG B 1026 13.05 -1.22 2.78
C ARG B 1026 12.83 -1.35 1.28
N PHE B 1027 13.74 -2.05 0.62
CA PHE B 1027 13.62 -2.39 -0.80
C PHE B 1027 13.08 -3.81 -0.87
N GLY B 1028 11.76 -3.95 -0.99
CA GLY B 1028 11.10 -5.22 -0.87
C GLY B 1028 11.17 -6.06 -2.13
N GLU B 1029 10.33 -7.08 -2.17
CA GLU B 1029 10.31 -8.01 -3.30
C GLU B 1029 9.64 -7.43 -4.53
N MET B 1030 8.64 -6.56 -4.35
CA MET B 1030 7.94 -5.99 -5.50
C MET B 1030 8.81 -4.99 -6.25
N GLU B 1031 9.60 -4.20 -5.53
CA GLU B 1031 10.54 -3.30 -6.18
C GLU B 1031 11.62 -4.09 -6.92
N ARG B 1032 12.05 -5.20 -6.34
CA ARG B 1032 12.98 -6.09 -7.01
C ARG B 1032 12.37 -6.64 -8.29
N ASP B 1033 11.08 -6.99 -8.25
CA ASP B 1033 10.40 -7.48 -9.45
C ASP B 1033 10.33 -6.40 -10.51
N CYS B 1034 10.06 -5.15 -10.11
CA CYS B 1034 10.09 -4.04 -11.06
C CYS B 1034 11.45 -3.91 -11.72
N LEU B 1035 12.52 -3.97 -10.92
CA LEU B 1035 13.87 -3.85 -11.46
C LEU B 1035 14.19 -5.00 -12.42
N ILE B 1036 13.77 -6.21 -12.08
CA ILE B 1036 14.00 -7.35 -12.98
C ILE B 1036 13.21 -7.17 -14.27
N GLY B 1037 11.97 -6.68 -14.17
CA GLY B 1037 11.16 -6.45 -15.35
C GLY B 1037 11.76 -5.40 -16.27
N PHE B 1038 12.45 -4.41 -15.70
CA PHE B 1038 13.14 -3.45 -16.55
C PHE B 1038 14.43 -3.99 -17.15
N GLY B 1039 15.00 -5.04 -16.57
CA GLY B 1039 16.20 -5.65 -17.12
C GLY B 1039 17.49 -4.96 -16.78
N THR B 1040 17.64 -4.49 -15.55
CA THR B 1040 18.81 -3.71 -15.12
C THR B 1040 19.58 -4.52 -14.08
N ALA B 1041 20.61 -5.24 -14.53
CA ALA B 1041 21.36 -6.09 -13.62
C ALA B 1041 22.25 -5.27 -12.68
N MET B 1042 22.95 -4.27 -13.21
CA MET B 1042 23.83 -3.47 -12.37
C MET B 1042 23.07 -2.58 -11.41
N LEU B 1043 21.88 -2.11 -11.80
CA LEU B 1043 21.04 -1.37 -10.86
C LEU B 1043 20.56 -2.27 -9.73
N ILE B 1044 20.21 -3.52 -10.05
CA ILE B 1044 19.83 -4.48 -9.02
C ILE B 1044 20.99 -4.71 -8.06
N LYS B 1045 22.20 -4.89 -8.60
CA LYS B 1045 23.37 -5.07 -7.75
C LYS B 1045 23.60 -3.87 -6.86
N ASP B 1046 23.53 -2.66 -7.44
CA ASP B 1046 23.75 -1.44 -6.66
C ASP B 1046 22.74 -1.30 -5.54
N ARG B 1047 21.48 -1.60 -5.81
CA ARG B 1047 20.46 -1.46 -4.77
C ARG B 1047 20.59 -2.53 -3.69
N LEU B 1048 20.83 -3.78 -4.07
CA LEU B 1048 20.64 -4.89 -3.15
C LEU B 1048 21.92 -5.43 -2.54
N LEU B 1049 23.11 -5.12 -3.07
CA LEU B 1049 24.34 -5.60 -2.49
C LEU B 1049 25.26 -4.48 -2.03
N ASP B 1050 25.56 -3.53 -2.90
CA ASP B 1050 26.58 -2.52 -2.60
C ASP B 1050 26.15 -1.62 -1.45
N ASN B 1051 24.87 -1.29 -1.37
CA ASN B 1051 24.39 -0.30 -0.44
C ASN B 1051 23.70 -0.88 0.79
N SER B 1052 23.72 -2.22 0.96
CA SER B 1052 23.15 -2.80 2.17
C SER B 1052 24.18 -3.57 3.00
N ASP B 1053 24.73 -4.68 2.50
CA ASP B 1053 25.54 -5.54 3.36
C ASP B 1053 26.68 -6.21 2.58
N LYS B 1054 27.38 -5.46 1.74
CA LYS B 1054 28.47 -6.07 0.98
C LYS B 1054 29.58 -6.53 1.92
N ALA B 1055 30.14 -7.71 1.63
CA ALA B 1055 31.15 -8.31 2.49
C ALA B 1055 32.06 -9.20 1.67
N VAL B 1056 33.20 -9.56 2.26
CA VAL B 1056 34.20 -10.42 1.64
C VAL B 1056 34.49 -11.59 2.56
N VAL B 1057 34.49 -12.81 2.01
CA VAL B 1057 34.77 -14.02 2.76
C VAL B 1057 35.83 -14.84 2.02
N TYR B 1058 36.48 -15.73 2.77
CA TYR B 1058 37.53 -16.59 2.25
C TYR B 1058 37.08 -18.04 2.33
N ILE B 1059 37.21 -18.77 1.23
CA ILE B 1059 36.70 -20.14 1.11
C ILE B 1059 37.84 -21.07 0.77
N CYS B 1060 37.94 -22.18 1.49
CA CYS B 1060 38.89 -23.23 1.12
C CYS B 1060 38.42 -23.92 -0.16
N ASP B 1061 39.37 -24.19 -1.05
CA ASP B 1061 39.03 -24.79 -2.34
C ASP B 1061 38.83 -26.29 -2.26
N GLN B 1062 39.08 -26.91 -1.11
CA GLN B 1062 38.92 -28.35 -0.94
C GLN B 1062 37.61 -28.72 -0.25
N CYS B 1063 37.20 -27.94 0.74
CA CYS B 1063 36.00 -28.23 1.52
C CYS B 1063 34.90 -27.19 1.37
N GLY B 1064 35.20 -26.00 0.87
CA GLY B 1064 34.18 -24.98 0.73
C GLY B 1064 33.70 -24.35 2.01
N TYR B 1065 34.52 -24.36 3.06
CA TYR B 1065 34.18 -23.70 4.31
C TYR B 1065 34.86 -22.35 4.42
N VAL B 1066 34.32 -21.51 5.29
CA VAL B 1066 34.75 -20.13 5.43
C VAL B 1066 35.95 -20.06 6.36
N GLY B 1067 37.07 -19.55 5.86
CA GLY B 1067 38.28 -19.34 6.62
C GLY B 1067 38.42 -17.91 7.10
N TRP B 1068 39.67 -17.47 7.28
CA TRP B 1068 39.95 -16.14 7.77
C TRP B 1068 41.38 -15.77 7.41
N TYR B 1069 41.68 -14.48 7.54
CA TYR B 1069 43.03 -13.96 7.38
C TYR B 1069 43.61 -13.66 8.75
N ASP B 1070 44.81 -14.17 9.02
CA ASP B 1070 45.33 -14.14 10.39
C ASP B 1070 45.82 -12.74 10.77
N ARG B 1071 46.33 -11.98 9.82
CA ARG B 1071 46.75 -10.58 9.96
C ARG B 1071 48.00 -10.42 10.82
N SER B 1072 48.52 -11.50 11.40
CA SER B 1072 49.74 -11.45 12.19
C SER B 1072 50.86 -12.28 11.57
N LYS B 1073 50.56 -13.52 11.18
CA LYS B 1073 51.52 -14.34 10.46
C LYS B 1073 51.39 -14.23 8.94
N ASN B 1074 50.45 -13.41 8.45
CA ASN B 1074 50.30 -13.13 7.03
C ASN B 1074 50.04 -14.42 6.25
N ARG B 1075 48.97 -15.11 6.63
CA ARG B 1075 48.65 -16.39 6.02
C ARG B 1075 47.14 -16.62 6.08
N TYR B 1076 46.66 -17.47 5.18
CA TYR B 1076 45.25 -17.85 5.14
C TYR B 1076 45.06 -19.15 5.92
N VAL B 1077 44.07 -19.17 6.81
CA VAL B 1077 43.81 -20.31 7.68
C VAL B 1077 42.38 -20.77 7.48
N CYS B 1078 42.19 -22.06 7.22
CA CYS B 1078 40.92 -22.73 7.02
C CYS B 1078 40.66 -23.71 8.16
N PRO B 1079 39.44 -23.72 8.71
CA PRO B 1079 39.23 -24.36 10.03
C PRO B 1079 39.51 -25.86 10.09
N VAL B 1080 39.35 -26.59 9.00
CA VAL B 1080 39.59 -28.03 8.98
C VAL B 1080 40.94 -28.34 8.34
N HIS B 1081 41.70 -27.33 7.93
CA HIS B 1081 42.69 -27.39 6.87
C HIS B 1081 44.02 -26.77 7.25
N GLY B 1082 44.08 -25.97 8.31
CA GLY B 1082 45.32 -25.30 8.67
C GLY B 1082 45.79 -24.38 7.57
N ASP B 1083 47.06 -24.53 7.18
CA ASP B 1083 47.62 -23.81 6.05
C ASP B 1083 47.90 -24.75 4.89
N LYS B 1084 47.31 -25.95 4.90
CA LYS B 1084 47.57 -26.95 3.88
C LYS B 1084 46.81 -26.71 2.59
N SER B 1085 45.92 -25.71 2.56
CA SER B 1085 45.14 -25.40 1.37
C SER B 1085 45.25 -23.92 1.05
N VAL B 1086 44.68 -23.53 -0.08
CA VAL B 1086 44.66 -22.15 -0.52
C VAL B 1086 43.23 -21.62 -0.42
N LEU B 1087 43.10 -20.40 0.09
CA LEU B 1087 41.80 -19.77 0.27
C LEU B 1087 41.67 -18.60 -0.71
N HIS B 1088 40.46 -18.41 -1.23
CA HIS B 1088 40.20 -17.36 -2.19
C HIS B 1088 39.15 -16.40 -1.66
N PRO B 1089 39.32 -15.09 -1.86
CA PRO B 1089 38.30 -14.13 -1.42
C PRO B 1089 37.12 -14.08 -2.39
N VAL B 1090 35.93 -13.99 -1.84
CA VAL B 1090 34.70 -13.89 -2.61
C VAL B 1090 33.85 -12.76 -2.04
N THR B 1091 33.37 -11.87 -2.91
CA THR B 1091 32.44 -10.84 -2.49
C THR B 1091 31.03 -11.40 -2.46
N VAL B 1092 30.35 -11.25 -1.33
CA VAL B 1092 29.05 -11.86 -1.11
C VAL B 1092 28.26 -10.99 -0.15
N SER B 1093 26.95 -11.18 -0.13
CA SER B 1093 26.12 -10.54 0.88
C SER B 1093 26.43 -11.12 2.25
N TYR B 1094 26.50 -10.25 3.26
CA TYR B 1094 26.80 -10.71 4.60
C TYR B 1094 25.68 -11.57 5.17
N ALA B 1095 24.43 -11.27 4.81
CA ALA B 1095 23.32 -12.09 5.28
C ALA B 1095 23.41 -13.51 4.73
N PHE B 1096 24.02 -13.69 3.56
CA PHE B 1096 24.20 -15.05 3.05
C PHE B 1096 25.22 -15.81 3.88
N LYS B 1097 26.30 -15.15 4.30
CA LYS B 1097 27.27 -15.80 5.19
C LYS B 1097 26.62 -16.13 6.53
N LEU B 1098 25.79 -15.23 7.04
CA LEU B 1098 25.06 -15.51 8.27
C LEU B 1098 24.13 -16.70 8.10
N LEU B 1099 23.47 -16.80 6.94
CA LEU B 1099 22.64 -17.97 6.64
C LEU B 1099 23.47 -19.24 6.60
N ILE B 1100 24.66 -19.18 6.00
CA ILE B 1100 25.51 -20.36 5.93
C ILE B 1100 25.91 -20.82 7.33
N GLN B 1101 26.28 -19.87 8.19
CA GLN B 1101 26.66 -20.24 9.56
C GLN B 1101 25.46 -20.77 10.33
N GLU B 1102 24.27 -20.19 10.11
CA GLU B 1102 23.08 -20.70 10.78
C GLU B 1102 22.67 -22.07 10.27
N LEU B 1103 23.02 -22.40 9.03
CA LEU B 1103 22.77 -23.74 8.52
C LEU B 1103 23.75 -24.73 9.11
N MET B 1104 25.02 -24.33 9.27
CA MET B 1104 25.98 -25.18 9.98
C MET B 1104 25.66 -25.29 11.46
N SER B 1105 24.88 -24.37 12.01
CA SER B 1105 24.40 -24.52 13.39
C SER B 1105 23.53 -25.78 13.51
N MET B 1106 22.60 -25.95 12.58
CA MET B 1106 21.97 -27.25 12.39
C MET B 1106 22.97 -28.20 11.77
N VAL B 1107 22.62 -29.49 11.71
CA VAL B 1107 23.53 -30.49 11.16
C VAL B 1107 23.29 -30.50 9.66
N ILE B 1108 23.89 -29.53 8.98
CA ILE B 1108 23.86 -29.38 7.53
C ILE B 1108 25.23 -28.92 7.08
N SER B 1109 25.73 -29.48 5.99
CA SER B 1109 27.06 -29.14 5.51
C SER B 1109 26.98 -28.42 4.16
N PRO B 1110 26.80 -27.10 4.16
CA PRO B 1110 26.79 -26.36 2.88
C PRO B 1110 28.20 -26.00 2.43
N ARG B 1111 28.64 -26.58 1.32
CA ARG B 1111 29.97 -26.34 0.79
C ARG B 1111 29.86 -25.46 -0.45
N LEU B 1112 30.63 -24.38 -0.48
CA LEU B 1112 30.63 -23.44 -1.58
C LEU B 1112 31.62 -23.89 -2.65
N ILE B 1113 31.16 -23.97 -3.89
CA ILE B 1113 31.99 -24.34 -5.02
C ILE B 1113 32.35 -23.07 -5.79
N LEU B 1114 33.64 -22.87 -6.00
CA LEU B 1114 34.14 -21.63 -6.57
C LEU B 1114 34.36 -21.76 -8.08
N GLY B 1115 34.48 -20.61 -8.73
CA GLY B 1115 34.72 -20.55 -10.16
C GLY B 1115 35.48 -19.29 -10.51
N GLU B 1116 35.88 -19.21 -11.76
CA GLU B 1116 36.68 -18.09 -12.26
C GLU B 1116 35.79 -17.05 -12.91
N LYS B 1117 36.09 -15.77 -12.67
CA LYS B 1117 35.35 -14.70 -13.32
C LYS B 1117 35.58 -14.71 -14.82
N VAL B 1118 36.81 -14.97 -15.25
CA VAL B 1118 37.18 -14.96 -16.67
C VAL B 1118 37.82 -16.29 -17.01
N ASN B 1119 37.43 -16.85 -18.14
CA ASN B 1119 37.95 -18.12 -18.62
C ASN B 1119 38.61 -17.95 -19.98
N LEU B 1120 39.36 -18.96 -20.38
CA LEU B 1120 40.06 -18.94 -21.66
C LEU B 1120 39.07 -19.06 -22.82
N MET C 1 -13.38 3.45 -57.17
CA MET C 1 -13.28 2.43 -58.20
C MET C 1 -11.86 2.33 -58.75
N ILE C 2 -11.23 1.18 -58.54
CA ILE C 2 -9.87 0.93 -58.99
C ILE C 2 -9.95 0.19 -60.32
N ASP C 3 -9.31 0.76 -61.35
CA ASP C 3 -9.30 0.14 -62.66
C ASP C 3 -8.37 -1.08 -62.66
N GLU C 4 -8.46 -1.86 -63.75
CA GLU C 4 -7.70 -3.10 -63.82
C GLU C 4 -6.20 -2.87 -63.88
N LYS C 5 -5.77 -1.75 -64.46
CA LYS C 5 -4.33 -1.46 -64.53
C LYS C 5 -3.74 -1.25 -63.14
N LEU C 6 -4.40 -0.42 -62.32
CA LEU C 6 -3.92 -0.19 -60.97
C LEU C 6 -4.05 -1.45 -60.11
N LYS C 7 -5.09 -2.24 -60.34
CA LYS C 7 -5.24 -3.49 -59.60
C LYS C 7 -4.11 -4.45 -59.94
N GLY C 8 -3.73 -4.54 -61.21
CA GLY C 8 -2.61 -5.37 -61.59
C GLY C 8 -1.29 -4.86 -61.00
N TYR C 9 -1.12 -3.53 -60.97
CA TYR C 9 0.06 -2.97 -60.33
C TYR C 9 0.10 -3.32 -58.84
N ILE C 10 -1.05 -3.25 -58.18
CA ILE C 10 -1.12 -3.59 -56.75
C ILE C 10 -0.76 -5.06 -56.54
N ASP C 11 -1.32 -5.94 -57.38
CA ASP C 11 -1.06 -7.37 -57.23
C ASP C 11 0.40 -7.70 -57.50
N LYS C 12 1.01 -7.07 -58.50
CA LYS C 12 2.42 -7.28 -58.78
C LYS C 12 3.28 -6.77 -57.63
N ARG C 13 2.93 -5.60 -57.07
CA ARG C 13 3.74 -4.99 -56.03
C ARG C 13 3.56 -5.68 -54.69
N LEU C 14 2.45 -6.42 -54.50
CA LEU C 14 2.19 -7.14 -53.26
C LEU C 14 2.81 -8.53 -53.25
N ASN C 15 3.23 -9.07 -54.39
CA ASN C 15 3.75 -10.42 -54.45
C ASN C 15 5.24 -10.50 -54.15
N GLU C 16 5.94 -9.37 -54.10
CA GLU C 16 7.36 -9.37 -53.79
C GLU C 16 7.64 -9.14 -52.32
N ILE C 17 6.61 -9.08 -51.48
CA ILE C 17 6.77 -8.86 -50.05
C ILE C 17 6.15 -10.00 -49.25
N LYS C 18 5.81 -11.11 -49.91
CA LYS C 18 5.10 -12.18 -49.23
C LYS C 18 5.93 -12.81 -48.12
N ASP C 19 7.25 -12.77 -48.25
CA ASP C 19 8.15 -13.35 -47.25
C ASP C 19 8.59 -12.36 -46.18
N LYS C 20 8.17 -11.10 -46.30
CA LYS C 20 8.62 -10.03 -45.37
C LYS C 20 7.69 -9.80 -44.18
N ILE C 21 6.49 -10.37 -44.18
CA ILE C 21 5.50 -10.17 -43.07
C ILE C 21 4.69 -11.45 -42.88
N PRO C 22 3.89 -11.60 -41.80
CA PRO C 22 3.02 -12.76 -41.61
C PRO C 22 1.90 -12.83 -42.65
N ASP C 23 1.36 -14.02 -42.92
CA ASP C 23 0.37 -14.22 -43.98
C ASP C 23 -0.92 -13.47 -43.67
N LYS C 24 -1.35 -13.48 -42.40
CA LYS C 24 -2.58 -12.78 -42.03
C LYS C 24 -2.45 -11.29 -42.25
N LEU C 25 -1.29 -10.71 -41.94
CA LEU C 25 -1.08 -9.28 -42.17
C LEU C 25 -1.12 -8.97 -43.67
N HIS C 26 -0.54 -9.85 -44.49
CA HIS C 26 -0.59 -9.66 -45.94
C HIS C 26 -2.03 -9.70 -46.45
N GLU C 27 -2.82 -10.66 -45.96
CA GLU C 27 -4.22 -10.74 -46.36
C GLU C 27 -4.99 -9.50 -45.92
N ASP C 28 -4.76 -9.03 -44.70
CA ASP C 28 -5.45 -7.85 -44.21
C ASP C 28 -5.08 -6.61 -45.03
N LEU C 29 -3.80 -6.47 -45.37
CA LEU C 29 -3.37 -5.35 -46.20
C LEU C 29 -4.03 -5.40 -47.57
N ARG C 30 -4.06 -6.59 -48.19
CA ARG C 30 -4.70 -6.71 -49.50
C ARG C 30 -6.19 -6.38 -49.42
N ALA C 31 -6.87 -6.87 -48.38
CA ALA C 31 -8.30 -6.63 -48.26
C ALA C 31 -8.60 -5.16 -48.00
N ALA C 32 -7.79 -4.49 -47.19
CA ALA C 32 -7.94 -3.04 -46.87
C ALA C 32 -7.67 -2.12 -48.07
N ILE C 33 -6.64 -2.37 -48.88
CA ILE C 33 -6.28 -1.52 -50.05
C ILE C 33 -7.38 -1.56 -51.11
N MET C 34 -8.05 -2.69 -51.26
CA MET C 34 -9.11 -2.89 -52.26
C MET C 34 -10.40 -2.16 -51.87
N ASP C 35 -10.50 -1.67 -50.63
CA ASP C 35 -11.74 -1.03 -50.21
C ASP C 35 -11.65 0.49 -50.25
N ILE C 36 -10.58 1.05 -50.82
CA ILE C 36 -10.41 2.49 -50.89
C ILE C 36 -11.28 3.02 -52.02
N ASN C 37 -12.30 3.81 -51.66
CA ASN C 37 -13.18 4.42 -52.64
C ASN C 37 -13.39 5.89 -52.29
N GLY C 38 -13.73 6.67 -53.31
CA GLY C 38 -13.89 8.10 -53.14
C GLY C 38 -12.61 8.90 -53.23
N VAL C 39 -11.47 8.24 -53.42
CA VAL C 39 -10.17 8.90 -53.53
C VAL C 39 -9.49 8.40 -54.78
N GLU C 40 -8.94 9.32 -55.58
CA GLU C 40 -8.19 8.94 -56.76
C GLU C 40 -6.81 8.43 -56.33
N LEU C 41 -6.59 7.13 -56.50
CA LEU C 41 -5.43 6.47 -55.94
C LEU C 41 -4.31 6.38 -56.97
N THR C 42 -3.07 6.39 -56.48
CA THR C 42 -1.88 6.50 -57.31
C THR C 42 -0.89 5.40 -56.95
N GLU C 43 0.01 5.12 -57.89
CA GLU C 43 1.02 4.08 -57.66
C GLU C 43 1.95 4.46 -56.52
N GLU C 44 2.31 5.74 -56.41
CA GLU C 44 3.15 6.19 -55.32
C GLU C 44 2.45 5.99 -53.98
N ASP C 45 1.13 6.17 -53.95
CA ASP C 45 0.38 5.91 -52.72
C ASP C 45 0.47 4.43 -52.33
N ILE C 46 0.36 3.54 -53.30
CA ILE C 46 0.47 2.10 -53.02
C ILE C 46 1.87 1.77 -52.50
N ASP C 47 2.90 2.35 -53.13
CA ASP C 47 4.26 2.11 -52.67
C ASP C 47 4.45 2.57 -51.24
N ARG C 48 3.96 3.78 -50.92
CA ARG C 48 4.10 4.30 -49.57
C ARG C 48 3.33 3.44 -48.56
N ILE C 49 2.13 2.99 -48.92
CA ILE C 49 1.33 2.18 -48.02
C ILE C 49 2.05 0.87 -47.70
N ILE C 50 2.58 0.21 -48.74
CA ILE C 50 3.23 -1.08 -48.53
C ILE C 50 4.52 -0.91 -47.73
N ASP C 51 5.33 0.09 -48.07
CA ASP C 51 6.57 0.32 -47.34
C ASP C 51 6.30 0.67 -45.88
N LEU C 52 5.29 1.50 -45.63
CA LEU C 52 4.95 1.86 -44.26
C LEU C 52 4.43 0.65 -43.49
N THR C 53 3.65 -0.22 -44.13
CA THR C 53 3.18 -1.43 -43.45
C THR C 53 4.35 -2.32 -43.05
N ILE C 54 5.31 -2.53 -43.97
CA ILE C 54 6.45 -3.39 -43.67
C ILE C 54 7.29 -2.78 -42.54
N ARG C 55 7.55 -1.47 -42.63
CA ARG C 55 8.35 -0.80 -41.61
C ARG C 55 7.65 -0.83 -40.25
N GLU C 56 6.34 -0.62 -40.24
CA GLU C 56 5.58 -0.65 -38.99
C GLU C 56 5.60 -2.03 -38.36
N TYR C 57 5.50 -3.09 -39.18
CA TYR C 57 5.61 -4.43 -38.61
C TYR C 57 7.01 -4.68 -38.06
N GLN C 58 8.04 -4.26 -38.78
CA GLN C 58 9.41 -4.51 -38.32
C GLN C 58 9.71 -3.75 -37.03
N GLN C 59 9.13 -2.57 -36.85
CA GLN C 59 9.42 -1.76 -35.68
C GLN C 59 8.77 -2.29 -34.40
N SER C 60 7.87 -3.27 -34.50
CA SER C 60 7.09 -3.74 -33.35
C SER C 60 7.62 -5.04 -32.76
N LEU C 61 8.74 -5.56 -33.25
CA LEU C 61 9.22 -6.86 -32.81
C LEU C 61 9.81 -6.79 -31.41
N ILE C 62 9.64 -7.87 -30.64
CA ILE C 62 10.22 -7.95 -29.31
C ILE C 62 11.75 -8.05 -29.41
N GLU C 63 12.43 -7.69 -28.32
CA GLU C 63 13.87 -7.65 -28.34
C GLU C 63 14.46 -8.80 -27.53
N PRO C 64 15.52 -9.45 -28.03
CA PRO C 64 16.13 -10.56 -27.28
C PRO C 64 16.69 -10.10 -25.95
N GLY C 65 16.59 -10.97 -24.94
CA GLY C 65 17.01 -10.66 -23.61
C GLY C 65 15.93 -10.11 -22.71
N GLU C 66 14.74 -9.84 -23.25
CA GLU C 66 13.64 -9.31 -22.46
C GLU C 66 13.22 -10.31 -21.40
N ALA C 67 13.00 -9.81 -20.18
CA ALA C 67 12.47 -10.62 -19.07
C ALA C 67 10.95 -10.65 -19.22
N ILE C 68 10.50 -11.49 -20.15
CA ILE C 68 9.09 -11.51 -20.51
C ILE C 68 8.23 -12.20 -19.46
N GLY C 69 8.81 -13.11 -18.67
CA GLY C 69 8.03 -13.76 -17.64
C GLY C 69 7.58 -12.80 -16.55
N VAL C 70 8.49 -11.94 -16.08
CA VAL C 70 8.14 -10.95 -15.07
C VAL C 70 7.12 -9.96 -15.62
N VAL C 71 7.30 -9.53 -16.87
CA VAL C 71 6.35 -8.60 -17.47
C VAL C 71 4.97 -9.22 -17.60
N THR C 72 4.91 -10.49 -18.02
CA THR C 72 3.63 -11.18 -18.11
C THR C 72 2.98 -11.32 -16.74
N ALA C 73 3.76 -11.69 -15.72
CA ALA C 73 3.21 -11.85 -14.38
C ALA C 73 2.68 -10.52 -13.85
N GLN C 74 3.39 -9.43 -14.09
CA GLN C 74 2.92 -8.13 -13.63
C GLN C 74 1.72 -7.64 -14.42
N SER C 75 1.63 -7.98 -15.71
CA SER C 75 0.49 -7.56 -16.51
C SER C 75 -0.77 -8.36 -16.19
N VAL C 76 -0.61 -9.60 -15.71
CA VAL C 76 -1.77 -10.39 -15.33
C VAL C 76 -2.19 -10.09 -13.89
N GLY C 77 -1.23 -9.96 -12.97
CA GLY C 77 -1.58 -9.80 -11.56
C GLY C 77 -1.98 -8.39 -11.18
N GLU C 78 -1.49 -7.37 -11.91
CA GLU C 78 -1.83 -5.99 -11.56
C GLU C 78 -3.32 -5.70 -11.69
N PRO C 79 -4.00 -6.06 -12.78
CA PRO C 79 -5.46 -5.84 -12.84
C PRO C 79 -6.24 -6.68 -11.84
N GLY C 80 -5.64 -7.70 -11.24
CA GLY C 80 -6.31 -8.48 -10.21
C GLY C 80 -6.66 -7.69 -8.97
N THR C 81 -5.93 -6.59 -8.72
CA THR C 81 -6.23 -5.71 -7.60
C THR C 81 -7.28 -4.66 -7.95
N GLN C 82 -7.67 -4.55 -9.22
CA GLN C 82 -8.64 -3.58 -9.67
C GLN C 82 -10.03 -4.18 -9.85
N MET C 83 -10.21 -5.46 -9.51
CA MET C 83 -11.48 -6.13 -9.68
C MET C 83 -12.39 -5.82 -8.49
N THR C 84 -13.55 -5.21 -8.78
CA THR C 84 -14.48 -4.76 -7.76
C THR C 84 -15.84 -5.40 -7.93
N LEU C 85 -15.86 -6.71 -8.20
CA LEU C 85 -17.10 -7.49 -8.30
C LEU C 85 -18.06 -6.90 -9.33
N LEU C 96 -27.92 -18.26 -11.43
CA LEU C 96 -26.99 -19.30 -11.04
C LEU C 96 -25.87 -18.75 -10.16
N ASN C 97 -25.54 -17.48 -10.39
CA ASN C 97 -24.51 -16.76 -9.63
C ASN C 97 -23.18 -17.54 -9.66
N VAL C 98 -22.66 -17.68 -10.88
CA VAL C 98 -21.36 -18.33 -11.06
C VAL C 98 -20.26 -17.52 -10.41
N THR C 99 -19.18 -18.19 -10.07
CA THR C 99 -18.01 -17.52 -9.51
C THR C 99 -17.35 -16.66 -10.57
N LEU C 100 -16.86 -15.49 -10.16
CA LEU C 100 -16.28 -14.53 -11.09
C LEU C 100 -15.18 -13.75 -10.39
N GLY C 101 -14.41 -13.01 -11.19
CA GLY C 101 -13.43 -12.10 -10.63
C GLY C 101 -12.18 -12.80 -10.11
N LEU C 102 -11.62 -12.21 -9.05
CA LEU C 102 -10.39 -12.75 -8.48
C LEU C 102 -10.54 -14.17 -7.93
N PRO C 103 -11.60 -14.52 -7.20
CA PRO C 103 -11.74 -15.94 -6.79
C PRO C 103 -11.78 -16.90 -7.97
N ARG C 104 -12.44 -16.54 -9.06
CA ARG C 104 -12.47 -17.42 -10.24
C ARG C 104 -11.08 -17.51 -10.88
N LEU C 105 -10.36 -16.38 -10.95
CA LEU C 105 -9.02 -16.41 -11.50
C LEU C 105 -8.09 -17.26 -10.66
N ILE C 106 -8.22 -17.18 -9.33
CA ILE C 106 -7.44 -18.02 -8.43
C ILE C 106 -7.80 -19.49 -8.62
N GLU C 107 -9.09 -19.77 -8.80
CA GLU C 107 -9.51 -21.14 -9.11
C GLU C 107 -8.85 -21.65 -10.37
N ILE C 108 -8.76 -20.80 -11.40
CA ILE C 108 -8.17 -21.22 -12.67
C ILE C 108 -6.68 -21.48 -12.50
N VAL C 109 -5.96 -20.57 -11.82
CA VAL C 109 -4.50 -20.70 -11.73
C VAL C 109 -4.05 -21.67 -10.65
N ASP C 110 -4.93 -22.04 -9.72
CA ASP C 110 -4.57 -23.02 -8.70
C ASP C 110 -4.89 -24.44 -9.11
N ALA C 111 -5.50 -24.63 -10.29
CA ALA C 111 -5.79 -25.96 -10.85
C ALA C 111 -6.67 -26.78 -9.91
N ARG C 112 -7.83 -26.21 -9.57
CA ARG C 112 -8.81 -26.95 -8.79
C ARG C 112 -9.42 -28.07 -9.62
N LYS C 113 -9.59 -29.24 -8.99
CA LYS C 113 -10.14 -30.38 -9.70
C LYS C 113 -11.57 -30.13 -10.14
N VAL C 114 -12.39 -29.54 -9.26
CA VAL C 114 -13.77 -29.24 -9.58
C VAL C 114 -14.05 -27.78 -9.25
N PRO C 115 -14.73 -27.03 -10.12
CA PRO C 115 -15.03 -25.63 -9.82
C PRO C 115 -16.05 -25.51 -8.69
N SER C 116 -16.15 -24.29 -8.16
CA SER C 116 -17.15 -24.03 -7.13
C SER C 116 -18.56 -24.03 -7.73
N THR C 117 -18.70 -23.50 -8.94
CA THR C 117 -19.99 -23.47 -9.64
C THR C 117 -19.80 -24.03 -11.05
N PRO C 118 -19.91 -25.35 -11.21
CA PRO C 118 -19.81 -25.94 -12.54
C PRO C 118 -20.94 -25.50 -13.45
N MET C 119 -20.68 -25.56 -14.76
CA MET C 119 -21.60 -25.04 -15.75
C MET C 119 -21.26 -25.64 -17.10
N MET C 120 -22.30 -25.92 -17.90
CA MET C 120 -22.14 -26.41 -19.25
C MET C 120 -23.05 -25.64 -20.20
N THR C 121 -22.65 -25.59 -21.46
CA THR C 121 -23.48 -25.06 -22.54
C THR C 121 -23.62 -26.15 -23.59
N ILE C 122 -24.85 -26.58 -23.83
CA ILE C 122 -25.13 -27.77 -24.63
C ILE C 122 -25.83 -27.34 -25.91
N TYR C 123 -25.24 -27.66 -27.05
CA TYR C 123 -25.81 -27.41 -28.35
C TYR C 123 -26.49 -28.66 -28.89
N LEU C 124 -27.49 -28.46 -29.74
CA LEU C 124 -28.32 -29.54 -30.26
C LEU C 124 -28.11 -29.69 -31.75
N THR C 125 -28.45 -30.88 -32.25
CA THR C 125 -28.32 -31.18 -33.67
C THR C 125 -29.37 -30.42 -34.47
N ASP C 126 -29.22 -30.46 -35.80
CA ASP C 126 -30.04 -29.63 -36.68
C ASP C 126 -31.53 -29.95 -36.54
N GLU C 127 -31.87 -31.22 -36.34
CA GLU C 127 -33.27 -31.60 -36.25
C GLU C 127 -33.88 -31.25 -34.90
N TYR C 128 -33.08 -31.15 -33.85
CA TYR C 128 -33.51 -30.63 -32.56
C TYR C 128 -33.20 -29.15 -32.37
N LYS C 129 -32.64 -28.50 -33.40
CA LYS C 129 -32.03 -27.19 -33.22
C LYS C 129 -33.08 -26.10 -33.05
N THR C 130 -34.14 -26.13 -33.85
CA THR C 130 -35.08 -25.02 -33.95
C THR C 130 -36.46 -25.36 -33.42
N ASP C 131 -36.59 -26.41 -32.61
CA ASP C 131 -37.86 -26.80 -32.01
C ASP C 131 -37.79 -26.61 -30.50
N LYS C 132 -38.75 -25.86 -29.96
CA LYS C 132 -38.76 -25.61 -28.53
C LYS C 132 -39.19 -26.84 -27.74
N ASP C 133 -40.14 -27.61 -28.28
CA ASP C 133 -40.63 -28.79 -27.57
C ASP C 133 -39.55 -29.85 -27.43
N LYS C 134 -38.75 -30.06 -28.48
CA LYS C 134 -37.70 -31.07 -28.42
C LYS C 134 -36.59 -30.66 -27.45
N ALA C 135 -36.21 -29.37 -27.45
CA ALA C 135 -35.24 -28.89 -26.49
C ALA C 135 -35.75 -29.02 -25.06
N LEU C 136 -37.03 -28.72 -24.85
CA LEU C 136 -37.63 -28.89 -23.53
C LEU C 136 -37.63 -30.34 -23.11
N ASP C 137 -37.87 -31.26 -24.06
CA ASP C 137 -37.83 -32.68 -23.75
C ASP C 137 -36.42 -33.11 -23.33
N ILE C 138 -35.41 -32.63 -24.06
CA ILE C 138 -34.03 -32.97 -23.70
C ILE C 138 -33.69 -32.45 -22.31
N ALA C 139 -34.03 -31.19 -22.05
CA ALA C 139 -33.77 -30.61 -20.72
C ALA C 139 -34.53 -31.36 -19.64
N ARG C 140 -35.74 -31.84 -19.95
CA ARG C 140 -36.51 -32.64 -19.00
C ARG C 140 -35.81 -33.94 -18.68
N ARG C 141 -35.27 -34.62 -19.69
CA ARG C 141 -34.71 -35.94 -19.48
C ARG C 141 -33.25 -35.94 -19.06
N ILE C 142 -32.58 -34.77 -19.05
CA ILE C 142 -31.22 -34.71 -18.54
C ILE C 142 -31.13 -34.17 -17.11
N GLU C 143 -32.18 -33.53 -16.60
CA GLU C 143 -32.13 -32.93 -15.27
C GLU C 143 -32.38 -33.98 -14.19
N TYR C 144 -31.57 -33.94 -13.14
CA TYR C 144 -31.63 -34.93 -12.07
C TYR C 144 -32.78 -34.59 -11.12
N THR C 145 -33.71 -35.53 -10.95
CA THR C 145 -34.92 -35.31 -10.17
C THR C 145 -35.04 -36.39 -9.10
N ARG C 146 -35.34 -35.97 -7.87
CA ARG C 146 -35.59 -36.88 -6.76
C ARG C 146 -37.09 -37.01 -6.51
N VAL C 147 -37.44 -37.84 -5.53
CA VAL C 147 -38.85 -38.02 -5.19
C VAL C 147 -39.41 -36.76 -4.55
N GLU C 148 -38.64 -36.12 -3.67
CA GLU C 148 -39.11 -34.93 -2.96
C GLU C 148 -39.33 -33.74 -3.87
N ASN C 149 -38.87 -33.79 -5.11
CA ASN C 149 -39.06 -32.68 -6.05
C ASN C 149 -40.45 -32.66 -6.66
N VAL C 150 -41.26 -33.69 -6.44
CA VAL C 150 -42.61 -33.77 -6.97
C VAL C 150 -43.64 -34.03 -5.89
N VAL C 151 -43.23 -34.05 -4.62
CA VAL C 151 -44.11 -34.33 -3.49
C VAL C 151 -44.49 -33.02 -2.83
N SER C 152 -45.80 -32.79 -2.64
CA SER C 152 -46.28 -31.56 -2.03
C SER C 152 -46.43 -31.68 -0.52
N SER C 153 -46.77 -32.85 -0.01
CA SER C 153 -46.92 -33.04 1.43
C SER C 153 -46.61 -34.48 1.79
N VAL C 154 -45.97 -34.68 2.94
CA VAL C 154 -45.63 -35.99 3.45
C VAL C 154 -46.29 -36.16 4.82
N SER C 155 -47.01 -37.25 4.99
CA SER C 155 -47.71 -37.56 6.24
C SER C 155 -47.15 -38.85 6.81
N VAL C 156 -46.69 -38.80 8.05
CA VAL C 156 -46.16 -39.97 8.75
C VAL C 156 -47.17 -40.37 9.82
N ASP C 157 -47.63 -41.61 9.75
CA ASP C 157 -48.63 -42.12 10.68
C ASP C 157 -47.97 -43.06 11.68
N ILE C 158 -48.18 -42.77 12.97
CA ILE C 158 -47.60 -43.61 14.03
C ILE C 158 -48.50 -44.79 14.37
N SER C 159 -49.81 -44.66 14.17
CA SER C 159 -50.74 -45.69 14.62
C SER C 159 -50.52 -47.01 13.88
N ASN C 160 -50.32 -46.95 12.56
CA ASN C 160 -50.17 -48.17 11.77
C ASN C 160 -48.88 -48.19 10.97
N MET C 161 -47.94 -47.28 11.25
CA MET C 161 -46.62 -47.26 10.62
C MET C 161 -46.75 -47.10 9.10
N SER C 162 -47.49 -46.08 8.68
CA SER C 162 -47.74 -45.82 7.28
C SER C 162 -47.29 -44.42 6.91
N ILE C 163 -46.72 -44.28 5.72
CA ILE C 163 -46.27 -43.00 5.19
C ILE C 163 -47.11 -42.69 3.95
N THR C 164 -47.78 -41.54 3.97
CA THR C 164 -48.64 -41.11 2.88
C THR C 164 -47.95 -40.00 2.10
N LEU C 165 -47.97 -40.11 0.78
CA LEU C 165 -47.31 -39.15 -0.11
C LEU C 165 -48.35 -38.46 -0.98
N GLN C 166 -48.27 -37.14 -1.03
CA GLN C 166 -49.13 -36.32 -1.88
C GLN C 166 -48.27 -35.64 -2.93
N PHE C 167 -48.71 -35.70 -4.19
CA PHE C 167 -47.92 -35.26 -5.33
C PHE C 167 -48.52 -34.01 -5.95
N ASP C 168 -47.66 -33.04 -6.26
CA ASP C 168 -48.09 -31.84 -6.95
C ASP C 168 -48.33 -32.16 -8.42
N GLN C 169 -49.55 -31.90 -8.90
CA GLN C 169 -49.89 -32.24 -10.29
C GLN C 169 -49.08 -31.43 -11.28
N GLU C 170 -48.89 -30.14 -11.00
CA GLU C 170 -48.17 -29.28 -11.94
C GLU C 170 -46.70 -29.68 -12.04
N MET C 171 -46.06 -29.93 -10.90
CA MET C 171 -44.68 -30.39 -10.92
C MET C 171 -44.56 -31.77 -11.55
N LEU C 172 -45.51 -32.66 -11.25
CA LEU C 172 -45.48 -34.00 -11.82
C LEU C 172 -45.60 -33.96 -13.34
N LYS C 173 -46.40 -33.03 -13.86
CA LYS C 173 -46.48 -32.85 -15.31
C LYS C 173 -45.22 -32.22 -15.87
N ASP C 174 -44.68 -31.20 -15.18
CA ASP C 174 -43.52 -30.49 -15.68
C ASP C 174 -42.30 -31.42 -15.80
N LYS C 175 -42.08 -32.26 -14.80
CA LYS C 175 -40.95 -33.19 -14.86
C LYS C 175 -41.20 -34.35 -15.80
N GLY C 176 -42.43 -34.51 -16.32
CA GLY C 176 -42.72 -35.64 -17.17
C GLY C 176 -42.78 -36.96 -16.44
N VAL C 177 -43.02 -36.94 -15.14
CA VAL C 177 -43.02 -38.14 -14.30
C VAL C 177 -44.45 -38.59 -14.09
N SER C 178 -44.64 -39.91 -13.96
CA SER C 178 -45.94 -40.49 -13.66
C SER C 178 -45.87 -41.23 -12.34
N ILE C 179 -47.04 -41.40 -11.71
CA ILE C 179 -47.09 -42.05 -10.41
C ILE C 179 -46.75 -43.54 -10.53
N GLU C 180 -47.08 -44.16 -11.66
CA GLU C 180 -46.81 -45.58 -11.83
C GLU C 180 -45.32 -45.88 -11.78
N GLU C 181 -44.49 -45.07 -12.46
CA GLU C 181 -43.06 -45.31 -12.41
C GLU C 181 -42.49 -44.97 -11.05
N ILE C 182 -43.10 -44.02 -10.32
CA ILE C 182 -42.66 -43.74 -8.96
C ILE C 182 -42.92 -44.96 -8.07
N LYS C 183 -44.10 -45.58 -8.23
CA LYS C 183 -44.40 -46.80 -7.48
C LYS C 183 -43.42 -47.91 -7.84
N LYS C 184 -43.10 -48.06 -9.13
CA LYS C 184 -42.14 -49.07 -9.53
C LYS C 184 -40.76 -48.82 -8.92
N ILE C 185 -40.32 -47.56 -8.90
CA ILE C 185 -39.03 -47.22 -8.33
C ILE C 185 -39.00 -47.51 -6.83
N ILE C 186 -40.07 -47.15 -6.13
CA ILE C 186 -40.13 -47.40 -4.69
C ILE C 186 -40.16 -48.89 -4.40
N THR C 187 -40.82 -49.66 -5.27
CA THR C 187 -40.88 -51.11 -5.09
C THR C 187 -39.51 -51.75 -5.14
N LYS C 188 -38.61 -51.21 -5.96
CA LYS C 188 -37.26 -51.76 -6.10
C LYS C 188 -36.37 -51.47 -4.90
N LEU C 189 -36.82 -50.63 -3.96
CA LEU C 189 -35.96 -50.20 -2.86
C LEU C 189 -35.75 -51.34 -1.87
N LYS C 190 -34.88 -51.07 -0.89
CA LYS C 190 -34.46 -52.04 0.11
C LYS C 190 -35.44 -52.11 1.29
N LEU C 191 -36.51 -51.32 1.26
CA LEU C 191 -37.39 -51.15 2.43
C LEU C 191 -37.82 -52.49 3.03
N GLY C 192 -38.20 -53.45 2.19
CA GLY C 192 -38.56 -54.78 2.64
C GLY C 192 -39.99 -55.13 2.23
N GLU C 193 -40.73 -55.72 3.16
CA GLU C 193 -42.11 -56.13 2.91
C GLU C 193 -43.02 -54.93 3.16
N ILE C 194 -43.49 -54.32 2.07
CA ILE C 194 -44.34 -53.14 2.15
C ILE C 194 -45.65 -53.40 1.43
N ARG C 195 -46.53 -52.40 1.40
CA ARG C 195 -47.84 -52.57 0.79
C ARG C 195 -48.36 -51.20 0.39
N ILE C 196 -48.57 -50.99 -0.90
CA ILE C 196 -48.98 -49.70 -1.44
C ILE C 196 -50.47 -49.76 -1.76
N GLU C 197 -51.21 -48.73 -1.35
CA GLU C 197 -52.63 -48.61 -1.65
C GLU C 197 -52.94 -47.19 -2.09
N ASP C 198 -53.72 -47.06 -3.16
CA ASP C 198 -54.10 -45.75 -3.65
C ASP C 198 -55.12 -45.10 -2.73
N ASN C 199 -54.89 -43.83 -2.38
CA ASN C 199 -55.84 -43.04 -1.63
C ASN C 199 -56.56 -42.01 -2.48
N ASP C 200 -56.08 -41.75 -3.69
CA ASP C 200 -56.66 -40.78 -4.61
C ASP C 200 -56.00 -41.02 -5.97
N GLU C 201 -56.30 -40.15 -6.93
CA GLU C 201 -55.64 -40.23 -8.23
C GLU C 201 -54.23 -39.67 -8.20
N TYR C 202 -53.84 -38.98 -7.11
CA TYR C 202 -52.50 -38.42 -6.97
C TYR C 202 -51.92 -38.71 -5.59
N SER C 203 -52.25 -39.85 -5.00
CA SER C 203 -51.75 -40.18 -3.67
C SER C 203 -51.70 -41.68 -3.49
N PHE C 204 -50.80 -42.13 -2.62
CA PHE C 204 -50.75 -43.52 -2.21
C PHE C 204 -50.00 -43.59 -0.87
N THR C 205 -50.15 -44.72 -0.20
CA THR C 205 -49.59 -44.91 1.13
C THR C 205 -48.75 -46.18 1.16
N ILE C 206 -47.59 -46.10 1.82
CA ILE C 206 -46.73 -47.25 2.05
C ILE C 206 -46.96 -47.69 3.49
N TYR C 207 -47.36 -48.94 3.69
CA TYR C 207 -47.97 -49.34 4.95
C TYR C 207 -47.00 -50.02 5.92
N PHE C 208 -45.85 -50.48 5.46
CA PHE C 208 -44.80 -51.00 6.34
C PHE C 208 -45.33 -52.03 7.32
N GLU C 209 -45.76 -53.17 6.79
CA GLU C 209 -46.33 -54.23 7.60
C GLU C 209 -45.33 -54.87 8.56
N LYS C 210 -44.08 -54.41 8.61
CA LYS C 210 -43.05 -55.04 9.41
C LYS C 210 -42.43 -54.14 10.46
N ILE C 211 -42.27 -52.85 10.19
CA ILE C 211 -41.43 -52.00 11.05
C ILE C 211 -42.08 -51.84 12.43
N ASP C 212 -41.24 -51.50 13.42
CA ASP C 212 -41.64 -51.53 14.82
C ASP C 212 -41.59 -50.17 15.49
N SER C 213 -40.49 -49.43 15.38
CA SER C 213 -40.30 -48.21 16.13
C SER C 213 -40.63 -46.98 15.27
N ILE C 214 -40.34 -45.80 15.81
CA ILE C 214 -40.53 -44.55 15.07
C ILE C 214 -39.21 -44.06 14.47
N MET C 215 -38.08 -44.38 15.10
CA MET C 215 -36.79 -44.00 14.53
C MET C 215 -36.60 -44.62 13.15
N ALA C 216 -36.89 -45.92 13.03
CA ALA C 216 -36.77 -46.59 11.75
C ALA C 216 -37.82 -46.10 10.76
N LEU C 217 -39.02 -45.75 11.24
CA LEU C 217 -40.02 -45.17 10.34
C LEU C 217 -39.51 -43.87 9.74
N PHE C 218 -38.95 -42.99 10.56
CA PHE C 218 -38.40 -41.75 10.02
C PHE C 218 -37.25 -42.02 9.07
N LYS C 219 -36.33 -42.92 9.46
CA LYS C 219 -35.19 -43.23 8.60
C LYS C 219 -35.66 -43.73 7.24
N MET C 220 -36.69 -44.57 7.22
CA MET C 220 -37.31 -44.98 5.97
C MET C 220 -37.90 -43.79 5.22
N ARG C 221 -38.47 -42.83 5.95
CA ARG C 221 -39.07 -41.67 5.28
C ARG C 221 -38.02 -40.84 4.54
N GLU C 222 -36.90 -40.52 5.20
CA GLU C 222 -35.86 -39.76 4.48
C GLU C 222 -35.11 -40.64 3.49
N LYS C 223 -35.13 -41.96 3.65
CA LYS C 223 -34.57 -42.81 2.60
C LYS C 223 -35.44 -42.78 1.34
N ILE C 224 -36.77 -42.74 1.53
CA ILE C 224 -37.69 -42.69 0.39
C ILE C 224 -37.61 -41.33 -0.29
N LEU C 225 -37.57 -40.25 0.49
CA LEU C 225 -37.62 -38.91 -0.10
C LEU C 225 -36.37 -38.56 -0.90
N ASN C 226 -35.27 -39.29 -0.71
CA ASN C 226 -34.03 -39.01 -1.41
C ASN C 226 -33.81 -39.91 -2.63
N THR C 227 -34.79 -40.75 -2.97
CA THR C 227 -34.62 -41.67 -4.08
C THR C 227 -34.64 -40.94 -5.42
N LYS C 228 -33.70 -41.29 -6.30
CA LYS C 228 -33.61 -40.67 -7.61
C LYS C 228 -34.65 -41.26 -8.55
N ILE C 229 -35.31 -40.39 -9.30
CA ILE C 229 -36.31 -40.80 -10.29
C ILE C 229 -35.72 -40.87 -11.69
N LYS C 230 -34.98 -39.83 -12.09
CA LYS C 230 -34.45 -39.73 -13.44
C LYS C 230 -33.31 -38.72 -13.44
N GLY C 231 -32.73 -38.51 -14.62
CA GLY C 231 -31.75 -37.48 -14.82
C GLY C 231 -30.32 -38.00 -14.79
N VAL C 232 -29.42 -37.20 -15.35
CA VAL C 232 -27.99 -37.50 -15.36
C VAL C 232 -27.38 -36.99 -14.07
N LYS C 233 -26.51 -37.80 -13.46
CA LYS C 233 -25.92 -37.44 -12.18
C LYS C 233 -25.04 -36.22 -12.31
N GLY C 234 -25.18 -35.29 -11.36
CA GLY C 234 -24.42 -34.06 -11.35
C GLY C 234 -25.15 -32.86 -11.93
N ILE C 235 -26.19 -33.08 -12.70
CA ILE C 235 -26.96 -32.00 -13.33
C ILE C 235 -28.03 -31.55 -12.34
N LYS C 236 -27.86 -30.36 -11.78
CA LYS C 236 -28.80 -29.87 -10.77
C LYS C 236 -29.94 -29.08 -11.37
N ARG C 237 -29.72 -28.37 -12.48
CA ARG C 237 -30.78 -27.58 -13.10
C ARG C 237 -30.41 -27.34 -14.55
N ALA C 238 -31.43 -27.40 -15.42
CA ALA C 238 -31.26 -27.16 -16.85
C ALA C 238 -32.16 -26.02 -17.27
N ILE C 239 -31.63 -25.13 -18.11
CA ILE C 239 -32.35 -23.94 -18.58
C ILE C 239 -32.27 -23.90 -20.09
N VAL C 240 -33.41 -23.70 -20.74
CA VAL C 240 -33.47 -23.58 -22.19
C VAL C 240 -33.39 -22.09 -22.55
N GLN C 241 -32.41 -21.74 -23.38
CA GLN C 241 -32.18 -20.36 -23.78
C GLN C 241 -32.22 -20.25 -25.29
N LYS C 242 -32.82 -19.17 -25.79
CA LYS C 242 -32.88 -18.88 -27.21
C LYS C 242 -31.84 -17.83 -27.55
N LYS C 243 -30.84 -18.21 -28.35
CA LYS C 243 -29.74 -17.31 -28.69
C LYS C 243 -30.03 -16.54 -29.97
N GLY C 244 -30.17 -17.25 -31.08
CA GLY C 244 -30.63 -16.65 -32.32
C GLY C 244 -31.93 -17.28 -32.76
N ASP C 245 -31.86 -18.10 -33.80
CA ASP C 245 -32.95 -19.01 -34.14
C ASP C 245 -32.74 -20.39 -33.54
N GLU C 246 -31.72 -20.54 -32.70
CA GLU C 246 -31.34 -21.82 -32.09
C GLU C 246 -31.70 -21.82 -30.61
N TYR C 247 -31.98 -23.01 -30.09
CA TYR C 247 -32.26 -23.20 -28.67
C TYR C 247 -31.11 -23.93 -28.03
N VAL C 248 -30.59 -23.37 -26.93
CA VAL C 248 -29.43 -23.91 -26.23
C VAL C 248 -29.83 -24.24 -24.80
N ILE C 249 -29.21 -25.26 -24.24
CA ILE C 249 -29.48 -25.73 -22.89
C ILE C 249 -28.33 -25.30 -21.99
N ILE C 250 -28.65 -24.58 -20.91
CA ILE C 250 -27.68 -24.12 -19.93
C ILE C 250 -27.86 -24.92 -18.66
N THR C 251 -26.77 -25.49 -18.15
CA THR C 251 -26.83 -26.46 -17.06
C THR C 251 -26.13 -25.92 -15.82
N ASP C 252 -26.72 -26.21 -14.66
CA ASP C 252 -26.15 -25.79 -13.38
C ASP C 252 -25.08 -26.73 -12.87
N GLY C 253 -24.97 -27.94 -13.43
CA GLY C 253 -23.93 -28.88 -13.05
C GLY C 253 -23.02 -29.22 -14.20
N SER C 254 -22.15 -30.21 -14.03
CA SER C 254 -21.23 -30.60 -15.09
C SER C 254 -21.09 -32.11 -15.15
N ASN C 255 -21.31 -32.68 -16.33
CA ASN C 255 -21.03 -34.09 -16.59
C ASN C 255 -20.81 -34.25 -18.09
N LEU C 256 -19.54 -34.27 -18.51
CA LEU C 256 -19.23 -34.35 -19.93
C LEU C 256 -19.53 -35.75 -20.48
N GLU C 257 -19.10 -36.79 -19.75
CA GLU C 257 -19.32 -38.16 -20.19
C GLU C 257 -20.81 -38.48 -20.30
N GLY C 258 -21.58 -38.10 -19.29
CA GLY C 258 -23.00 -38.40 -19.31
C GLY C 258 -23.75 -37.67 -20.42
N ILE C 259 -23.47 -36.38 -20.58
CA ILE C 259 -24.18 -35.60 -21.60
C ILE C 259 -23.77 -36.02 -23.00
N MET C 260 -22.52 -36.48 -23.18
CA MET C 260 -22.09 -36.92 -24.50
C MET C 260 -22.87 -38.14 -24.99
N ASN C 261 -23.46 -38.92 -24.08
CA ASN C 261 -24.24 -40.09 -24.45
C ASN C 261 -25.72 -39.79 -24.69
N VAL C 262 -26.17 -38.57 -24.40
CA VAL C 262 -27.57 -38.22 -24.56
C VAL C 262 -27.88 -38.00 -26.03
N THR C 263 -29.06 -38.41 -26.47
CA THR C 263 -29.46 -38.28 -27.86
C THR C 263 -29.81 -36.83 -28.18
N GLY C 264 -29.40 -36.38 -29.36
CA GLY C 264 -29.68 -35.04 -29.82
C GLY C 264 -28.67 -33.99 -29.42
N VAL C 265 -27.64 -34.35 -28.67
CA VAL C 265 -26.61 -33.43 -28.22
C VAL C 265 -25.56 -33.31 -29.31
N ASP C 266 -25.13 -32.07 -29.59
CA ASP C 266 -24.04 -31.81 -30.51
C ASP C 266 -22.73 -31.98 -29.75
N ILE C 267 -22.03 -33.09 -30.00
CA ILE C 267 -20.85 -33.42 -29.21
C ILE C 267 -19.59 -32.68 -29.65
N ASN C 268 -19.63 -32.00 -30.80
CA ASN C 268 -18.49 -31.24 -31.28
C ASN C 268 -18.55 -29.77 -30.88
N LYS C 269 -19.58 -29.36 -30.14
CA LYS C 269 -19.73 -27.97 -29.72
C LYS C 269 -19.98 -27.82 -28.23
N ILE C 270 -19.94 -28.90 -27.46
CA ILE C 270 -20.29 -28.84 -26.04
C ILE C 270 -19.23 -28.07 -25.28
N GLN C 271 -19.67 -27.23 -24.35
CA GLN C 271 -18.79 -26.37 -23.58
C GLN C 271 -18.86 -26.71 -22.10
N THR C 272 -17.77 -26.42 -21.39
CA THR C 272 -17.69 -26.64 -19.95
C THR C 272 -16.72 -25.62 -19.38
N ASN C 273 -16.89 -25.32 -18.09
CA ASN C 273 -15.92 -24.52 -17.36
C ASN C 273 -15.04 -25.38 -16.44
N ASN C 274 -15.25 -26.70 -16.44
CA ASN C 274 -14.42 -27.62 -15.68
C ASN C 274 -13.24 -28.02 -16.57
N ILE C 275 -12.05 -27.53 -16.23
CA ILE C 275 -10.89 -27.73 -17.09
C ILE C 275 -10.32 -29.13 -16.92
N HIS C 276 -10.51 -29.76 -15.75
CA HIS C 276 -9.95 -31.10 -15.54
C HIS C 276 -10.75 -32.15 -16.29
N GLU C 277 -12.08 -32.02 -16.34
CA GLU C 277 -12.87 -32.92 -17.18
C GLU C 277 -12.50 -32.77 -18.64
N VAL C 278 -12.29 -31.54 -19.11
CA VAL C 278 -11.92 -31.30 -20.49
C VAL C 278 -10.55 -31.90 -20.79
N GLU C 279 -9.63 -31.81 -19.83
CA GLU C 279 -8.32 -32.43 -20.02
C GLU C 279 -8.43 -33.95 -20.08
N GLU C 280 -9.24 -34.55 -19.20
CA GLU C 280 -9.38 -36.00 -19.18
C GLU C 280 -10.08 -36.52 -20.43
N VAL C 281 -11.03 -35.78 -20.97
CA VAL C 281 -11.83 -36.28 -22.08
C VAL C 281 -11.21 -35.91 -23.43
N LEU C 282 -10.76 -34.68 -23.59
CA LEU C 282 -10.36 -34.17 -24.90
C LEU C 282 -8.86 -34.00 -25.09
N GLY C 283 -8.08 -33.92 -24.01
CA GLY C 283 -6.64 -33.79 -24.11
C GLY C 283 -6.14 -32.49 -23.50
N ILE C 284 -4.83 -32.28 -23.66
CA ILE C 284 -4.17 -31.17 -22.99
C ILE C 284 -4.19 -29.87 -23.82
N GLU C 285 -4.19 -29.97 -25.15
CA GLU C 285 -4.25 -28.76 -25.96
C GLU C 285 -5.62 -28.10 -25.86
N ALA C 286 -6.68 -28.91 -25.84
CA ALA C 286 -8.01 -28.37 -25.55
C ALA C 286 -8.06 -27.75 -24.17
N ALA C 287 -7.39 -28.39 -23.20
CA ALA C 287 -7.38 -27.86 -21.83
C ALA C 287 -6.71 -26.49 -21.78
N ARG C 288 -5.59 -26.32 -22.47
CA ARG C 288 -4.92 -25.02 -22.43
C ARG C 288 -5.67 -23.96 -23.22
N GLU C 289 -6.32 -24.34 -24.33
CA GLU C 289 -7.20 -23.40 -25.02
C GLU C 289 -8.34 -22.94 -24.11
N LEU C 290 -8.93 -23.87 -23.36
CA LEU C 290 -10.00 -23.51 -22.43
C LEU C 290 -9.47 -22.63 -21.31
N ILE C 291 -8.25 -22.90 -20.83
CA ILE C 291 -7.66 -22.06 -19.79
C ILE C 291 -7.52 -20.61 -20.28
N SER C 292 -6.98 -20.45 -21.49
CA SER C 292 -6.83 -19.10 -22.03
C SER C 292 -8.18 -18.42 -22.20
N ARG C 293 -9.17 -19.15 -22.71
CA ARG C 293 -10.50 -18.57 -22.89
C ARG C 293 -11.10 -18.14 -21.55
N GLU C 294 -10.95 -18.97 -20.52
CA GLU C 294 -11.53 -18.65 -19.21
C GLU C 294 -10.86 -17.42 -18.60
N ILE C 295 -9.53 -17.35 -18.66
CA ILE C 295 -8.84 -16.18 -18.11
C ILE C 295 -9.24 -14.92 -18.87
N LYS C 296 -9.30 -15.01 -20.20
CA LYS C 296 -9.67 -13.84 -21.00
C LYS C 296 -11.07 -13.37 -20.67
N LYS C 297 -12.02 -14.30 -20.56
CA LYS C 297 -13.40 -13.93 -20.24
C LYS C 297 -13.49 -13.29 -18.87
N VAL C 298 -12.82 -13.89 -17.87
CA VAL C 298 -12.87 -13.35 -16.51
C VAL C 298 -12.33 -11.93 -16.48
N LEU C 299 -11.21 -11.68 -17.17
CA LEU C 299 -10.63 -10.35 -17.17
C LEU C 299 -11.51 -9.37 -17.96
N GLU C 300 -12.08 -9.81 -19.08
CA GLU C 300 -12.80 -8.90 -19.97
C GLU C 300 -14.16 -8.49 -19.43
N GLU C 301 -14.86 -9.39 -18.75
CA GLU C 301 -16.19 -9.03 -18.26
C GLU C 301 -16.15 -7.98 -17.16
N GLN C 302 -14.98 -7.70 -16.58
CA GLN C 302 -14.82 -6.65 -15.59
C GLN C 302 -14.34 -5.34 -16.21
N GLY C 303 -14.18 -5.27 -17.53
CA GLY C 303 -13.74 -4.05 -18.17
C GLY C 303 -12.25 -3.80 -18.14
N LEU C 304 -11.45 -4.82 -17.85
CA LEU C 304 -10.00 -4.69 -17.76
C LEU C 304 -9.35 -5.15 -19.05
N ASP C 305 -8.45 -4.33 -19.59
CA ASP C 305 -7.83 -4.57 -20.88
C ASP C 305 -6.45 -5.19 -20.67
N VAL C 306 -6.32 -6.48 -21.00
CA VAL C 306 -5.05 -7.19 -20.93
C VAL C 306 -4.82 -7.88 -22.27
N ASP C 307 -3.61 -7.73 -22.80
CA ASP C 307 -3.29 -8.33 -24.09
C ASP C 307 -3.27 -9.84 -24.01
N MET C 308 -3.67 -10.49 -25.10
CA MET C 308 -3.87 -11.94 -25.11
C MET C 308 -2.56 -12.71 -25.05
N ARG C 309 -1.44 -12.09 -25.42
CA ARG C 309 -0.17 -12.81 -25.41
C ARG C 309 0.26 -13.21 -24.00
N HIS C 310 0.00 -12.35 -23.01
CA HIS C 310 0.30 -12.71 -21.63
C HIS C 310 -0.50 -13.93 -21.19
N ILE C 311 -1.79 -13.95 -21.53
CA ILE C 311 -2.65 -15.07 -21.15
C ILE C 311 -2.22 -16.35 -21.85
N VAL C 312 -1.82 -16.25 -23.11
CA VAL C 312 -1.35 -17.42 -23.84
C VAL C 312 -0.07 -17.95 -23.22
N LEU C 313 0.84 -17.07 -22.81
CA LEU C 313 2.06 -17.51 -22.15
C LEU C 313 1.75 -18.22 -20.83
N VAL C 314 0.81 -17.68 -20.06
CA VAL C 314 0.43 -18.33 -18.80
C VAL C 314 -0.15 -19.72 -19.05
N SER C 315 -1.04 -19.82 -20.04
CA SER C 315 -1.62 -21.12 -20.38
C SER C 315 -0.55 -22.11 -20.82
N ASP C 316 0.42 -21.64 -21.60
CA ASP C 316 1.53 -22.51 -22.01
C ASP C 316 2.34 -22.97 -20.81
N ILE C 317 2.58 -22.08 -19.84
CA ILE C 317 3.41 -22.45 -18.71
C ILE C 317 2.69 -23.44 -17.81
N MET C 318 1.36 -23.39 -17.73
CA MET C 318 0.66 -24.32 -16.84
C MET C 318 0.38 -25.69 -17.47
N THR C 319 0.73 -25.92 -18.74
CA THR C 319 0.46 -27.20 -19.37
C THR C 319 1.71 -27.78 -20.02
N ARG C 320 2.88 -27.41 -19.53
CA ARG C 320 4.13 -27.78 -20.22
C ARG C 320 4.44 -29.27 -20.06
N THR C 321 4.10 -29.87 -18.92
CA THR C 321 4.49 -31.23 -18.60
C THR C 321 3.51 -32.28 -19.10
N GLY C 322 2.54 -31.90 -19.93
CA GLY C 322 1.53 -32.82 -20.39
C GLY C 322 0.36 -32.98 -19.45
N ASP C 323 0.40 -32.35 -18.29
CA ASP C 323 -0.71 -32.33 -17.34
C ASP C 323 -0.92 -30.90 -16.87
N ILE C 324 -2.10 -30.65 -16.32
CA ILE C 324 -2.41 -29.34 -15.76
C ILE C 324 -1.79 -29.23 -14.38
N ARG C 325 -0.94 -28.21 -14.19
CA ARG C 325 -0.27 -27.97 -12.92
C ARG C 325 -0.61 -26.59 -12.43
N GLN C 326 -0.69 -26.44 -11.11
CA GLN C 326 -0.87 -25.14 -10.50
C GLN C 326 0.44 -24.35 -10.53
N ILE C 327 0.32 -23.02 -10.46
CA ILE C 327 1.52 -22.20 -10.47
C ILE C 327 2.22 -22.21 -9.12
N GLY C 328 1.54 -22.72 -8.09
CA GLY C 328 2.03 -22.64 -6.72
C GLY C 328 2.96 -23.75 -6.29
N ARG C 329 2.84 -24.14 -5.03
CA ARG C 329 3.83 -25.01 -4.39
C ARG C 329 3.90 -26.38 -5.06
N HIS C 330 2.74 -26.97 -5.38
CA HIS C 330 2.68 -28.32 -5.92
C HIS C 330 2.71 -28.35 -7.43
N GLY C 331 3.15 -27.27 -8.08
CA GLY C 331 3.14 -27.20 -9.52
C GLY C 331 4.41 -26.63 -10.13
N VAL C 332 4.25 -25.57 -10.91
CA VAL C 332 5.36 -24.98 -11.65
C VAL C 332 6.45 -24.50 -10.70
N THR C 333 6.05 -23.80 -9.63
CA THR C 333 7.04 -23.26 -8.70
C THR C 333 7.78 -24.37 -7.98
N GLY C 334 7.07 -25.43 -7.58
CA GLY C 334 7.70 -26.52 -6.86
C GLY C 334 8.56 -27.42 -7.71
N GLU C 335 8.44 -27.34 -9.04
CA GLU C 335 9.28 -28.12 -9.95
C GLU C 335 10.59 -27.41 -10.27
N LYS C 336 10.82 -26.23 -9.73
CA LYS C 336 12.06 -25.50 -10.00
C LYS C 336 13.24 -26.23 -9.39
N SER C 337 14.38 -26.13 -10.08
CA SER C 337 15.59 -26.87 -9.71
C SER C 337 16.53 -26.07 -8.81
N SER C 338 16.01 -25.13 -8.03
CA SER C 338 16.81 -24.34 -7.11
C SER C 338 16.31 -24.55 -5.68
N VAL C 339 17.22 -24.93 -4.79
CA VAL C 339 16.86 -25.13 -3.39
C VAL C 339 16.58 -23.78 -2.72
N LEU C 340 17.44 -22.79 -2.97
CA LEU C 340 17.30 -21.52 -2.28
C LEU C 340 16.07 -20.75 -2.74
N ALA C 341 15.74 -20.81 -4.04
CA ALA C 341 14.53 -20.16 -4.52
C ALA C 341 13.29 -20.77 -3.89
N ARG C 342 13.25 -22.10 -3.78
CA ARG C 342 12.11 -22.77 -3.15
C ARG C 342 12.03 -22.44 -1.67
N ALA C 343 13.17 -22.40 -0.98
CA ALA C 343 13.18 -22.04 0.44
C ALA C 343 12.83 -20.58 0.67
N ALA C 344 13.02 -19.72 -0.33
CA ALA C 344 12.64 -18.32 -0.19
C ALA C 344 11.16 -18.11 -0.49
N PHE C 345 10.64 -18.77 -1.52
CA PHE C 345 9.21 -18.70 -1.79
C PHE C 345 8.41 -19.36 -0.67
N GLU C 346 8.77 -20.60 -0.33
CA GLU C 346 8.20 -21.31 0.81
C GLU C 346 9.18 -21.10 1.95
N VAL C 347 8.85 -20.17 2.86
CA VAL C 347 9.77 -19.71 3.89
C VAL C 347 10.12 -20.84 4.86
N THR C 348 9.52 -22.01 4.67
CA THR C 348 9.85 -23.17 5.46
C THR C 348 11.31 -23.56 5.29
N VAL C 349 11.83 -24.30 6.27
CA VAL C 349 13.21 -24.78 6.24
C VAL C 349 13.29 -26.27 5.91
N LYS C 350 12.14 -26.94 5.78
CA LYS C 350 12.15 -28.38 5.51
C LYS C 350 12.77 -28.69 4.15
N HIS C 351 12.71 -27.76 3.21
CA HIS C 351 13.35 -27.97 1.91
C HIS C 351 14.86 -28.09 2.04
N LEU C 352 15.47 -27.24 2.88
CA LEU C 352 16.90 -27.32 3.09
C LEU C 352 17.28 -28.62 3.80
N LEU C 353 16.46 -29.06 4.75
CA LEU C 353 16.72 -30.33 5.42
C LEU C 353 16.62 -31.50 4.46
N ASP C 354 15.64 -31.47 3.55
CA ASP C 354 15.52 -32.52 2.54
C ASP C 354 16.74 -32.50 1.61
N ALA C 355 17.17 -31.31 1.20
CA ALA C 355 18.35 -31.22 0.33
C ALA C 355 19.59 -31.75 1.02
N ALA C 356 19.77 -31.42 2.30
CA ALA C 356 20.91 -31.95 3.04
C ALA C 356 20.83 -33.46 3.19
N ALA C 357 19.63 -33.98 3.45
CA ALA C 357 19.48 -35.43 3.61
C ALA C 357 19.79 -36.15 2.31
N ARG C 358 19.32 -35.64 1.19
CA ARG C 358 19.54 -36.28 -0.11
C ARG C 358 20.82 -35.83 -0.80
N GLY C 359 21.54 -34.88 -0.23
CA GLY C 359 22.78 -34.42 -0.83
C GLY C 359 22.60 -33.68 -2.15
N GLU C 360 21.60 -32.82 -2.25
CA GLU C 360 21.33 -32.11 -3.50
C GLU C 360 22.41 -31.07 -3.76
N ARG C 361 22.47 -30.63 -5.01
CA ARG C 361 23.43 -29.65 -5.47
C ARG C 361 22.68 -28.49 -6.12
N GLU C 362 22.99 -27.27 -5.68
CA GLU C 362 22.35 -26.06 -6.18
C GLU C 362 23.32 -25.31 -7.06
N GLU C 363 22.86 -24.89 -8.25
CA GLU C 363 23.76 -24.49 -9.32
C GLU C 363 23.65 -23.04 -9.74
N PHE C 364 22.73 -22.26 -9.17
CA PHE C 364 22.62 -20.82 -9.44
C PHE C 364 22.38 -20.53 -10.92
N LYS C 365 21.26 -21.03 -11.43
CA LYS C 365 20.87 -20.76 -12.82
C LYS C 365 19.73 -19.76 -12.93
N GLY C 366 18.88 -19.65 -11.91
CA GLY C 366 17.78 -18.71 -11.92
C GLY C 366 18.24 -17.31 -11.55
N VAL C 367 17.25 -16.44 -11.37
CA VAL C 367 17.53 -15.03 -11.09
C VAL C 367 17.42 -14.75 -9.59
N ILE C 368 16.54 -15.49 -8.90
CA ILE C 368 16.29 -15.21 -7.49
C ILE C 368 17.48 -15.60 -6.63
N GLU C 369 18.06 -16.77 -6.88
CA GLU C 369 19.19 -17.23 -6.09
C GLU C 369 20.42 -16.35 -6.29
N ASN C 370 20.65 -15.90 -7.52
CA ASN C 370 21.78 -15.02 -7.79
C ASN C 370 21.60 -13.67 -7.09
N ILE C 371 20.38 -13.18 -7.03
CA ILE C 371 20.10 -11.95 -6.28
C ILE C 371 20.30 -12.20 -4.79
N ILE C 372 19.94 -13.39 -4.30
CA ILE C 372 20.10 -13.71 -2.89
C ILE C 372 21.58 -13.71 -2.50
N ILE C 373 22.43 -14.33 -3.33
CA ILE C 373 23.85 -14.35 -3.01
C ILE C 373 24.57 -13.10 -3.49
N GLY C 374 24.02 -12.39 -4.48
CA GLY C 374 24.59 -11.12 -4.89
C GLY C 374 25.45 -11.15 -6.14
N GLN C 375 24.98 -11.84 -7.17
CA GLN C 375 25.69 -11.89 -8.44
C GLN C 375 24.76 -11.49 -9.57
N PRO C 376 25.30 -10.96 -10.67
CA PRO C 376 24.44 -10.44 -11.75
C PRO C 376 23.60 -11.54 -12.39
N ILE C 377 22.40 -11.15 -12.82
CA ILE C 377 21.47 -12.05 -13.47
C ILE C 377 21.70 -12.03 -14.97
N ARG C 378 21.15 -13.03 -15.67
CA ARG C 378 21.34 -13.20 -17.09
C ARG C 378 20.13 -12.73 -17.91
N LEU C 379 19.41 -11.72 -17.44
CA LEU C 379 18.31 -11.12 -18.17
C LEU C 379 18.64 -9.66 -18.48
N GLY C 380 18.11 -9.18 -19.60
CA GLY C 380 18.31 -7.79 -19.97
C GLY C 380 19.73 -7.50 -20.41
N THR C 381 20.45 -6.69 -19.62
CA THR C 381 21.84 -6.37 -19.92
C THR C 381 22.80 -7.50 -19.57
N GLY C 382 22.34 -8.53 -18.87
CA GLY C 382 23.16 -9.68 -18.56
C GLY C 382 23.27 -10.70 -19.67
N ILE C 383 22.46 -10.57 -20.73
CA ILE C 383 22.61 -11.43 -21.89
C ILE C 383 23.68 -10.91 -22.85
N VAL C 384 24.06 -9.64 -22.73
CA VAL C 384 25.01 -9.01 -23.63
C VAL C 384 26.42 -9.31 -23.15
N GLU C 385 27.31 -9.61 -24.09
CA GLU C 385 28.72 -9.82 -23.80
C GLU C 385 29.55 -9.02 -24.80
N LEU C 386 30.56 -8.32 -24.29
CA LEU C 386 31.29 -7.30 -25.04
C LEU C 386 32.73 -7.70 -25.26
N THR C 387 33.29 -7.18 -26.35
CA THR C 387 34.71 -7.32 -26.67
C THR C 387 35.22 -5.99 -27.22
N MET C 388 36.46 -5.65 -26.89
CA MET C 388 37.03 -4.36 -27.25
C MET C 388 38.44 -4.53 -27.79
N LYS C 389 38.86 -3.56 -28.61
CA LYS C 389 40.24 -3.44 -29.06
C LYS C 389 40.83 -2.16 -28.48
N PRO C 390 41.56 -2.23 -27.37
CA PRO C 390 42.04 -0.99 -26.73
C PRO C 390 42.99 -0.18 -27.59
N ASN C 391 43.72 -0.82 -28.51
CA ASN C 391 44.78 -0.12 -29.25
C ASN C 391 44.22 0.97 -30.14
N MET C 392 43.00 0.83 -30.62
CA MET C 392 42.45 1.79 -31.58
C MET C 392 42.11 3.12 -30.90
N ARG C 393 43.03 4.06 -30.95
CA ARG C 393 42.82 5.38 -30.36
C ARG C 393 42.49 6.42 -31.42
N MET D 1 -2.43 62.70 -22.15
CA MET D 1 -2.09 61.66 -21.18
C MET D 1 -2.27 62.16 -19.74
N PRO D 2 -3.47 62.62 -19.39
CA PRO D 2 -3.65 63.28 -18.09
C PRO D 2 -4.03 62.33 -16.97
N ILE D 3 -4.14 62.87 -15.76
CA ILE D 3 -4.60 62.14 -14.58
C ILE D 3 -5.69 62.96 -13.92
N SER D 4 -6.85 62.34 -13.70
CA SER D 4 -8.01 63.01 -13.12
C SER D 4 -8.33 62.39 -11.77
N LEU D 5 -8.58 63.24 -10.78
CA LEU D 5 -8.94 62.78 -9.45
C LEU D 5 -10.43 62.48 -9.39
N ILE D 6 -10.77 61.30 -8.86
CA ILE D 6 -12.16 60.94 -8.62
C ILE D 6 -12.54 61.35 -7.20
N GLU D 7 -11.79 60.85 -6.22
CA GLU D 7 -12.12 61.08 -4.82
C GLU D 7 -10.85 60.96 -3.99
N ARG D 8 -10.74 61.80 -2.97
CA ARG D 8 -9.69 61.71 -1.95
C ARG D 8 -10.38 61.71 -0.60
N ASN D 9 -10.44 60.54 0.06
CA ASN D 9 -11.21 60.37 1.29
C ASN D 9 -10.33 59.63 2.32
N GLY D 10 -9.59 60.39 3.11
CA GLY D 10 -8.80 59.81 4.17
C GLY D 10 -7.57 59.08 3.68
N LEU D 11 -7.57 57.75 3.81
CA LEU D 11 -6.47 56.92 3.37
C LEU D 11 -6.69 56.34 1.98
N ARG D 12 -7.78 56.70 1.30
CA ARG D 12 -8.09 56.19 -0.02
C ARG D 12 -7.87 57.28 -1.07
N LEU D 13 -7.34 56.86 -2.22
CA LEU D 13 -7.12 57.76 -3.35
C LEU D 13 -7.58 57.05 -4.62
N ARG D 14 -8.42 57.70 -5.41
CA ARG D 14 -8.97 57.13 -6.63
C ARG D 14 -8.72 58.08 -7.80
N LEU D 15 -8.20 57.54 -8.89
CA LEU D 15 -7.76 58.35 -10.02
C LEU D 15 -8.25 57.76 -11.33
N VAL D 16 -8.28 58.60 -12.36
CA VAL D 16 -8.54 58.19 -13.72
C VAL D 16 -7.28 58.43 -14.53
N LEU D 17 -6.79 57.39 -15.19
CA LEU D 17 -5.57 57.47 -16.00
C LEU D 17 -5.93 57.31 -17.47
N GLU D 18 -5.56 58.29 -18.28
CA GLU D 18 -5.87 58.29 -19.71
C GLU D 18 -4.58 58.24 -20.51
N ASN D 19 -4.62 57.48 -21.62
CA ASN D 19 -3.51 57.32 -22.55
C ASN D 19 -2.30 56.64 -21.93
N TYR D 20 -2.50 55.85 -20.88
CA TYR D 20 -1.45 54.99 -20.34
C TYR D 20 -1.77 53.53 -20.66
N PRO D 21 -0.76 52.73 -21.02
CA PRO D 21 -1.00 51.31 -21.26
C PRO D 21 -1.38 50.59 -19.97
N LEU D 22 -2.10 49.48 -20.13
CA LEU D 22 -2.50 48.69 -18.97
C LEU D 22 -1.30 48.04 -18.30
N GLU D 23 -0.24 47.74 -19.06
CA GLU D 23 0.95 47.15 -18.47
C GLU D 23 1.60 48.10 -17.47
N PHE D 24 1.70 49.39 -17.83
CA PHE D 24 2.29 50.37 -16.91
C PHE D 24 1.43 50.56 -15.67
N VAL D 25 0.10 50.63 -15.83
CA VAL D 25 -0.77 50.86 -14.69
C VAL D 25 -0.75 49.67 -13.74
N ASN D 26 -0.73 48.44 -14.29
CA ASN D 26 -0.64 47.28 -13.43
C ASN D 26 0.74 47.18 -12.78
N SER D 27 1.80 47.62 -13.46
CA SER D 27 3.12 47.63 -12.84
C SER D 27 3.15 48.61 -11.68
N ILE D 28 2.49 49.77 -11.82
CA ILE D 28 2.37 50.70 -10.71
C ILE D 28 1.57 50.07 -9.57
N ARG D 29 0.47 49.40 -9.90
CA ARG D 29 -0.34 48.74 -8.89
C ARG D 29 0.45 47.71 -8.10
N ARG D 30 1.33 46.97 -8.78
CA ARG D 30 2.15 45.97 -8.10
C ARG D 30 3.30 46.60 -7.32
N ALA D 31 3.93 47.64 -7.88
CA ALA D 31 5.07 48.25 -7.23
C ALA D 31 4.66 49.02 -5.97
N SER D 32 3.44 49.56 -5.94
CA SER D 32 2.99 50.23 -4.73
C SER D 32 2.81 49.26 -3.57
N ILE D 33 2.72 47.97 -3.85
CA ILE D 33 2.70 46.96 -2.80
C ILE D 33 4.10 46.43 -2.51
N LEU D 34 4.91 46.22 -3.55
CA LEU D 34 6.14 45.46 -3.39
C LEU D 34 7.39 46.30 -3.13
N TYR D 35 7.46 47.52 -3.62
CA TYR D 35 8.73 48.25 -3.67
C TYR D 35 8.59 49.66 -3.11
N VAL D 36 7.97 49.80 -1.93
CA VAL D 36 7.90 51.06 -1.22
C VAL D 36 8.40 50.83 0.20
N PRO D 37 9.41 51.55 0.67
CA PRO D 37 10.00 51.26 1.98
C PRO D 37 9.14 51.79 3.13
N VAL D 38 9.11 51.01 4.22
CA VAL D 38 8.30 51.29 5.39
C VAL D 38 9.07 50.87 6.64
N MET D 39 8.95 51.66 7.71
CA MET D 39 9.52 51.30 9.01
C MET D 39 8.70 50.21 9.67
N ALA D 40 9.37 49.16 10.14
CA ALA D 40 8.68 48.07 10.83
C ALA D 40 9.66 47.38 11.76
N VAL D 41 9.11 46.66 12.74
CA VAL D 41 9.92 45.97 13.73
C VAL D 41 10.65 44.80 13.08
N ASP D 42 11.97 44.76 13.26
CA ASP D 42 12.81 43.71 12.69
C ASP D 42 13.08 42.58 13.68
N GLU D 43 13.49 42.92 14.90
CA GLU D 43 13.71 41.92 15.93
C GLU D 43 13.47 42.56 17.30
N VAL D 44 13.23 41.71 18.28
CA VAL D 44 12.89 42.14 19.64
C VAL D 44 13.83 41.49 20.62
N TYR D 45 14.30 42.27 21.59
CA TYR D 45 15.17 41.80 22.66
C TYR D 45 14.34 41.71 23.94
N PHE D 46 14.14 40.49 24.43
CA PHE D 46 13.30 40.24 25.58
C PHE D 46 14.14 40.11 26.84
N ILE D 47 13.76 40.85 27.87
CA ILE D 47 14.34 40.68 29.21
C ILE D 47 13.45 39.81 30.08
N GLU D 48 12.14 40.06 30.09
CA GLU D 48 11.21 39.25 30.84
C GLU D 48 9.85 39.27 30.14
N ASN D 49 9.11 38.17 30.29
CA ASN D 49 7.77 38.06 29.70
C ASN D 49 6.98 37.02 30.48
N ASN D 50 6.10 37.48 31.37
CA ASN D 50 5.18 36.60 32.09
C ASN D 50 3.81 36.53 31.45
N SER D 51 3.59 37.20 30.32
CA SER D 51 2.28 37.29 29.71
C SER D 51 1.82 35.92 29.20
N PRO D 52 0.51 35.76 28.98
CA PRO D 52 0.03 34.51 28.36
C PRO D 52 0.56 34.28 26.96
N LEU D 53 1.06 35.32 26.28
CA LEU D 53 1.57 35.18 24.91
C LEU D 53 3.07 34.90 24.92
N TYR D 54 3.50 34.02 24.03
CA TYR D 54 4.90 33.66 23.93
C TYR D 54 5.70 34.77 23.26
N ASP D 55 7.02 34.63 23.30
CA ASP D 55 7.89 35.67 22.75
C ASP D 55 7.68 35.83 21.25
N GLU D 56 7.53 34.73 20.52
CA GLU D 56 7.35 34.83 19.07
C GLU D 56 6.01 35.46 18.72
N ILE D 57 4.97 35.15 19.50
CA ILE D 57 3.65 35.73 19.24
C ILE D 57 3.68 37.25 19.46
N LEU D 58 4.29 37.68 20.56
CA LEU D 58 4.43 39.12 20.82
C LEU D 58 5.29 39.79 19.76
N ALA D 59 6.37 39.13 19.34
CA ALA D 59 7.22 39.72 18.31
C ALA D 59 6.47 39.90 17.00
N HIS D 60 5.67 38.91 16.61
CA HIS D 60 4.86 39.02 15.40
C HIS D 60 3.82 40.14 15.53
N ARG D 61 3.17 40.22 16.69
CA ARG D 61 2.19 41.28 16.91
C ARG D 61 2.84 42.66 16.82
N LEU D 62 4.01 42.83 17.44
CA LEU D 62 4.71 44.10 17.36
C LEU D 62 5.16 44.41 15.94
N ALA D 63 5.61 43.39 15.19
CA ALA D 63 6.01 43.60 13.81
C ALA D 63 4.84 43.98 12.91
N LEU D 64 3.61 43.63 13.27
CA LEU D 64 2.45 43.99 12.47
C LEU D 64 1.87 45.36 12.81
N VAL D 65 2.45 46.09 13.76
CA VAL D 65 1.97 47.42 14.12
C VAL D 65 2.56 48.45 13.18
N PRO D 66 1.73 49.26 12.51
CA PRO D 66 2.27 50.28 11.61
C PRO D 66 2.93 51.43 12.36
N PHE D 67 3.92 52.04 11.70
CA PHE D 67 4.63 53.20 12.22
C PHE D 67 4.66 54.29 11.16
N VAL D 68 4.66 55.54 11.60
CA VAL D 68 4.71 56.67 10.67
C VAL D 68 6.10 56.78 10.10
N SER D 69 6.21 56.76 8.77
CA SER D 69 7.49 56.65 8.09
C SER D 69 7.75 57.77 7.11
N ASP D 70 6.91 58.80 7.07
CA ASP D 70 7.03 59.82 6.03
C ASP D 70 8.38 60.54 6.10
N GLU D 71 8.84 60.86 7.31
CA GLU D 71 10.14 61.52 7.47
C GLU D 71 11.30 60.55 7.53
N ALA D 72 11.04 59.24 7.61
CA ALA D 72 12.10 58.26 7.76
C ALA D 72 12.74 57.85 6.44
N LEU D 73 12.16 58.23 5.30
CA LEU D 73 12.73 57.87 4.00
C LEU D 73 13.85 58.80 3.56
N GLU D 74 14.16 59.85 4.32
CA GLU D 74 15.31 60.69 4.02
C GLU D 74 16.37 60.68 5.11
N HIS D 75 16.05 60.22 6.31
CA HIS D 75 17.01 60.16 7.40
C HIS D 75 17.55 58.76 7.66
N TYR D 76 17.02 57.74 6.98
CA TYR D 76 17.43 56.37 7.22
C TYR D 76 17.79 55.68 5.90
N ARG D 77 18.67 54.70 6.00
CA ARG D 77 19.19 54.02 4.82
C ARG D 77 18.21 52.93 4.37
N PRO D 78 17.79 52.93 3.11
CA PRO D 78 16.88 51.89 2.63
C PRO D 78 17.57 50.54 2.58
N PRO D 79 16.81 49.44 2.53
CA PRO D 79 17.43 48.11 2.52
C PRO D 79 18.18 47.77 1.24
N GLU D 80 18.16 48.65 0.24
CA GLU D 80 18.88 48.40 -1.01
C GLU D 80 20.36 48.79 -0.93
N GLU D 81 20.76 49.54 0.10
CA GLU D 81 22.12 50.03 0.24
C GLU D 81 22.63 49.81 1.66
N CYS D 82 22.45 48.60 2.17
CA CYS D 82 22.91 48.24 3.52
C CYS D 82 24.39 48.51 3.70
N CYS D 89 23.52 50.07 14.91
CA CYS D 89 24.08 51.04 13.99
C CYS D 89 23.23 52.30 13.92
N ASP D 90 23.86 53.42 13.57
CA ASP D 90 23.18 54.71 13.47
C ASP D 90 22.85 54.99 12.02
N GLY D 91 21.65 55.52 11.78
CA GLY D 91 21.17 55.76 10.44
C GLY D 91 20.58 54.54 9.75
N CYS D 92 20.55 53.39 10.42
CA CYS D 92 19.95 52.18 9.91
C CYS D 92 18.77 51.69 10.73
N TYR D 93 18.86 51.78 12.06
CA TYR D 93 17.86 51.23 12.94
C TYR D 93 17.36 52.28 13.92
N ASN D 94 16.16 52.02 14.45
CA ASN D 94 15.55 52.85 15.49
C ASN D 94 15.09 51.95 16.62
N ARG D 95 15.12 52.46 17.85
CA ARG D 95 14.82 51.66 19.03
C ARG D 95 13.51 52.10 19.65
N VAL D 96 12.69 51.12 20.03
CA VAL D 96 11.40 51.34 20.66
C VAL D 96 11.32 50.47 21.91
N TYR D 97 10.87 51.04 23.01
CA TYR D 97 10.87 50.38 24.31
C TYR D 97 9.45 50.10 24.79
N LEU D 98 9.33 49.08 25.63
CA LEU D 98 8.07 48.73 26.28
C LEU D 98 8.38 48.09 27.61
N ASP D 99 7.91 48.69 28.70
CA ASP D 99 8.15 48.19 30.05
C ASP D 99 6.88 48.42 30.86
N VAL D 100 6.11 47.35 31.07
CA VAL D 100 4.80 47.43 31.72
C VAL D 100 4.71 46.34 32.79
N GLU D 101 3.74 46.53 33.69
CA GLU D 101 3.48 45.55 34.74
C GLU D 101 2.08 45.80 35.30
N ALA D 102 1.41 44.71 35.67
CA ALA D 102 0.11 44.78 36.32
C ALA D 102 0.26 44.54 37.82
N LYS D 103 -0.57 45.22 38.61
CA LYS D 103 -0.42 45.21 40.06
C LYS D 103 -1.27 44.14 40.73
N ASP D 104 -2.60 44.25 40.62
CA ASP D 104 -3.49 43.30 41.27
C ASP D 104 -4.66 42.85 40.43
N GLN D 105 -4.97 43.52 39.33
CA GLN D 105 -6.07 43.18 38.46
C GLN D 105 -5.58 43.16 37.03
N PRO D 106 -6.30 42.49 36.13
CA PRO D 106 -5.84 42.40 34.73
C PRO D 106 -5.67 43.78 34.10
N LEU D 107 -4.66 43.91 33.25
CA LEU D 107 -4.30 45.16 32.61
C LEU D 107 -4.05 44.94 31.13
N MET D 108 -4.59 45.81 30.30
CA MET D 108 -4.45 45.73 28.85
C MET D 108 -3.37 46.72 28.39
N ILE D 109 -2.46 46.24 27.55
CA ILE D 109 -1.36 47.05 27.04
C ILE D 109 -1.70 47.48 25.62
N TYR D 110 -1.60 48.78 25.35
CA TYR D 110 -1.96 49.37 24.07
C TYR D 110 -0.70 49.83 23.35
N SER D 111 -0.92 50.45 22.18
CA SER D 111 0.18 50.97 21.38
C SER D 111 0.72 52.29 21.89
N ARG D 112 0.01 52.96 22.79
CA ARG D 112 0.51 54.19 23.39
C ARG D 112 1.54 53.94 24.48
N ASP D 113 1.75 52.69 24.86
CA ASP D 113 2.76 52.33 25.85
C ASP D 113 4.13 52.10 25.23
N LEU D 114 4.26 52.20 23.91
CA LEU D 114 5.53 52.04 23.23
C LEU D 114 6.23 53.39 23.15
N LYS D 115 7.47 53.44 23.60
CA LYS D 115 8.26 54.67 23.62
C LYS D 115 9.38 54.56 22.59
N SER D 116 9.44 55.53 21.69
CA SER D 116 10.43 55.56 20.63
C SER D 116 11.53 56.55 20.97
N GLU D 117 12.78 56.16 20.69
CA GLU D 117 13.90 57.06 20.94
C GLU D 117 13.88 58.25 19.98
N ASP D 118 13.42 58.04 18.75
CA ASP D 118 13.30 59.11 17.76
C ASP D 118 11.82 59.47 17.70
N GLN D 119 11.51 60.75 17.86
CA GLN D 119 10.13 61.19 18.06
C GLN D 119 9.33 61.30 16.77
N MET D 120 9.96 61.20 15.60
CA MET D 120 9.20 61.26 14.36
C MET D 120 8.71 59.90 13.91
N ILE D 121 9.11 58.83 14.58
CA ILE D 121 8.67 57.48 14.26
C ILE D 121 7.81 57.00 15.42
N THR D 122 6.49 57.10 15.25
CA THR D 122 5.52 56.74 16.25
C THR D 122 4.49 55.81 15.62
N PRO D 123 3.78 55.02 16.43
CA PRO D 123 2.71 54.19 15.89
C PRO D 123 1.61 55.06 15.29
N VAL D 124 0.99 54.53 14.23
CA VAL D 124 -0.07 55.27 13.55
C VAL D 124 -1.26 55.49 14.48
N SER D 125 -1.63 54.45 15.23
CA SER D 125 -2.72 54.54 16.19
C SER D 125 -2.22 54.08 17.55
N GLY D 126 -2.64 54.81 18.59
CA GLY D 126 -2.28 54.49 19.95
C GLY D 126 -3.26 53.60 20.70
N ALA D 127 -4.28 53.09 20.02
CA ALA D 127 -5.33 52.32 20.67
C ALA D 127 -5.38 50.87 20.17
N ILE D 128 -4.24 50.34 19.72
CA ILE D 128 -4.16 48.97 19.23
C ILE D 128 -3.84 48.08 20.43
N PRO D 129 -4.66 47.07 20.73
CA PRO D 129 -4.37 46.19 21.88
C PRO D 129 -3.22 45.26 21.57
N ILE D 130 -2.19 45.30 22.41
CA ILE D 130 -1.00 44.48 22.21
C ILE D 130 -1.18 43.16 22.95
N VAL D 131 -1.33 43.23 24.27
CA VAL D 131 -1.41 42.04 25.10
C VAL D 131 -2.20 42.37 26.35
N LEU D 132 -2.89 41.38 26.90
CA LEU D 132 -3.58 41.49 28.18
C LEU D 132 -2.76 40.79 29.25
N LEU D 133 -2.49 41.49 30.34
CA LEU D 133 -1.68 40.96 31.43
C LEU D 133 -2.59 40.54 32.59
N GLY D 134 -2.24 39.43 33.23
CA GLY D 134 -2.87 39.04 34.46
C GLY D 134 -2.25 39.75 35.65
N SER D 135 -2.65 39.32 36.83
CA SER D 135 -2.13 39.92 38.05
C SER D 135 -0.64 39.61 38.21
N LYS D 136 0.14 40.66 38.47
CA LYS D 136 1.57 40.60 38.80
C LYS D 136 2.45 40.22 37.60
N GLN D 137 1.88 40.06 36.42
CA GLN D 137 2.66 39.76 35.22
C GLN D 137 3.31 41.03 34.68
N LYS D 138 4.46 40.87 34.03
CA LYS D 138 5.23 42.02 33.56
C LYS D 138 5.91 41.68 32.24
N ILE D 139 6.16 42.72 31.45
CA ILE D 139 6.89 42.62 30.20
C ILE D 139 7.89 43.77 30.12
N SER D 140 9.10 43.47 29.67
CA SER D 140 10.09 44.50 29.36
C SER D 140 10.90 44.02 28.17
N LEU D 141 10.81 44.74 27.05
CA LEU D 141 11.47 44.35 25.81
C LEU D 141 12.03 45.59 25.14
N GLU D 142 12.69 45.35 24.01
CA GLU D 142 13.30 46.42 23.21
C GLU D 142 13.35 45.96 21.77
N ALA D 143 12.75 46.74 20.87
CA ALA D 143 12.63 46.39 19.46
C ALA D 143 13.46 47.34 18.60
N ARG D 144 13.88 46.84 17.44
CA ARG D 144 14.65 47.63 16.48
C ARG D 144 13.89 47.71 15.17
N LEU D 145 13.74 48.93 14.65
CA LEU D 145 12.96 49.20 13.44
C LEU D 145 13.87 49.60 12.30
N ARG D 146 13.57 49.10 11.10
CA ARG D 146 14.35 49.45 9.92
C ARG D 146 13.43 49.48 8.71
N LEU D 147 13.87 50.19 7.67
CA LEU D 147 13.13 50.23 6.42
C LEU D 147 13.22 48.89 5.70
N GLY D 148 12.18 48.60 4.91
CA GLY D 148 12.14 47.37 4.15
C GLY D 148 11.07 47.43 3.10
N TYR D 149 11.10 46.44 2.21
CA TYR D 149 10.17 46.34 1.09
C TYR D 149 9.19 45.21 1.32
N GLY D 150 8.00 45.35 0.73
CA GLY D 150 6.99 44.30 0.82
C GLY D 150 7.32 43.06 0.00
N LYS D 151 8.33 43.14 -0.87
CA LYS D 151 8.82 41.96 -1.57
C LYS D 151 9.50 40.98 -0.63
N GLU D 152 9.95 41.44 0.53
CA GLU D 152 10.64 40.61 1.51
C GLU D 152 9.67 40.06 2.55
N HIS D 153 8.82 40.92 3.11
CA HIS D 153 7.78 40.51 4.05
C HIS D 153 6.62 41.46 3.89
N ILE D 154 5.39 40.93 4.00
CA ILE D 154 4.21 41.76 3.76
C ILE D 154 4.00 42.78 4.87
N LYS D 155 4.73 42.67 5.99
CA LYS D 155 4.65 43.68 7.03
C LYS D 155 5.21 45.03 6.57
N TYR D 156 6.01 45.03 5.50
CA TYR D 156 6.59 46.26 4.96
C TYR D 156 5.74 46.89 3.87
N SER D 157 4.59 46.31 3.55
CA SER D 157 3.71 46.90 2.55
C SER D 157 3.04 48.16 3.11
N PRO D 158 2.96 49.23 2.32
CA PRO D 158 2.31 50.46 2.80
C PRO D 158 0.82 50.57 2.52
N VAL D 159 0.25 49.67 1.71
CA VAL D 159 -1.16 49.73 1.36
C VAL D 159 -1.87 48.48 1.88
N SER D 160 -3.19 48.48 1.73
CA SER D 160 -4.00 47.30 2.02
C SER D 160 -4.63 46.71 0.77
N VAL D 161 -5.36 47.52 0.01
CA VAL D 161 -5.86 47.11 -1.30
C VAL D 161 -5.21 47.98 -2.36
N SER D 162 -5.04 47.41 -3.55
CA SER D 162 -4.51 48.12 -4.70
C SER D 162 -5.24 47.60 -5.93
N ILE D 163 -5.98 48.47 -6.60
CA ILE D 163 -6.97 48.07 -7.60
C ILE D 163 -6.74 48.85 -8.88
N VAL D 164 -6.77 48.16 -10.01
CA VAL D 164 -6.91 48.79 -11.32
C VAL D 164 -8.02 48.06 -12.07
N ARG D 165 -9.01 48.82 -12.55
CA ARG D 165 -10.15 48.26 -13.24
C ARG D 165 -10.47 49.10 -14.47
N TYR D 166 -11.27 48.52 -15.37
CA TYR D 166 -11.59 49.15 -16.64
C TYR D 166 -12.51 50.35 -16.44
N TYR D 167 -12.47 51.27 -17.40
CA TYR D 167 -13.29 52.46 -17.37
C TYR D 167 -14.63 52.18 -18.04
N PRO D 168 -15.75 52.37 -17.36
CA PRO D 168 -17.05 51.98 -17.93
C PRO D 168 -17.70 53.08 -18.75
N LYS D 169 -18.56 52.64 -19.67
CA LYS D 169 -19.39 53.53 -20.47
C LYS D 169 -20.81 52.98 -20.45
N VAL D 170 -21.70 53.64 -19.70
CA VAL D 170 -23.08 53.20 -19.52
C VAL D 170 -23.97 54.13 -20.31
N THR D 171 -24.78 53.58 -21.20
CA THR D 171 -25.70 54.34 -22.04
C THR D 171 -27.11 53.78 -21.88
N VAL D 172 -28.07 54.66 -21.59
CA VAL D 172 -29.47 54.27 -21.49
C VAL D 172 -30.12 54.49 -22.84
N LEU D 173 -30.65 53.41 -23.42
CA LEU D 173 -31.26 53.47 -24.74
C LEU D 173 -32.77 53.68 -24.67
N GLY D 174 -33.45 52.90 -23.83
CA GLY D 174 -34.89 53.03 -23.69
C GLY D 174 -35.31 53.43 -22.29
N ASN D 175 -36.11 52.57 -21.64
CA ASN D 175 -36.60 52.85 -20.30
C ASN D 175 -37.08 51.54 -19.69
N CYS D 176 -36.56 51.21 -18.50
CA CYS D 176 -36.92 49.98 -17.83
C CYS D 176 -36.67 50.13 -16.34
N GLU D 177 -37.61 49.64 -15.54
CA GLU D 177 -37.50 49.70 -14.09
C GLU D 177 -36.66 48.57 -13.50
N LYS D 178 -36.37 47.52 -14.29
CA LYS D 178 -35.61 46.39 -13.78
C LYS D 178 -34.13 46.73 -13.58
N ALA D 179 -33.61 47.72 -14.31
CA ALA D 179 -32.20 48.08 -14.20
C ALA D 179 -31.87 48.57 -12.80
N VAL D 180 -32.74 49.39 -12.20
CA VAL D 180 -32.53 49.86 -10.84
C VAL D 180 -32.57 48.68 -9.87
N GLU D 181 -33.39 47.67 -10.17
CA GLU D 181 -33.52 46.53 -9.27
C GLU D 181 -32.30 45.62 -9.31
N VAL D 182 -31.74 45.39 -10.50
CA VAL D 182 -30.76 44.32 -10.64
C VAL D 182 -29.31 44.77 -10.52
N CYS D 183 -29.02 46.07 -10.60
CA CYS D 183 -27.62 46.49 -10.53
C CYS D 183 -27.15 46.51 -9.09
N PRO D 184 -26.04 45.83 -8.77
CA PRO D 184 -25.55 45.83 -7.38
C PRO D 184 -24.76 47.07 -7.00
N GLU D 185 -24.44 47.95 -7.94
CA GLU D 185 -23.61 49.11 -7.67
C GLU D 185 -24.39 50.41 -7.59
N GLY D 186 -25.69 50.37 -7.85
CA GLY D 186 -26.49 51.58 -7.82
C GLY D 186 -26.14 52.59 -8.90
N VAL D 187 -25.97 52.13 -10.13
CA VAL D 187 -25.60 53.03 -11.21
C VAL D 187 -26.81 53.80 -11.71
N PHE D 188 -27.98 53.19 -11.69
CA PHE D 188 -29.20 53.79 -12.22
C PHE D 188 -30.07 54.34 -11.10
N ALA D 189 -31.06 55.14 -11.50
CA ALA D 189 -32.09 55.64 -10.61
C ALA D 189 -33.27 56.09 -11.46
N MET D 190 -34.41 56.28 -10.80
CA MET D 190 -35.62 56.80 -11.45
C MET D 190 -35.79 58.26 -11.10
N GLU D 191 -35.79 59.12 -12.10
CA GLU D 191 -36.00 60.55 -11.93
C GLU D 191 -37.10 60.99 -12.90
N ASN D 192 -38.30 61.23 -12.36
CA ASN D 192 -39.46 61.66 -13.15
C ASN D 192 -39.84 60.62 -14.20
N ASN D 193 -40.04 59.38 -13.74
CA ASN D 193 -40.57 58.29 -14.57
C ASN D 193 -39.68 57.96 -15.76
N LYS D 194 -38.37 58.11 -15.61
CA LYS D 194 -37.45 57.72 -16.67
C LYS D 194 -36.14 57.23 -16.05
N LEU D 195 -35.43 56.40 -16.81
CA LEU D 195 -34.19 55.79 -16.36
C LEU D 195 -33.01 56.69 -16.66
N VAL D 196 -32.24 57.01 -15.63
CA VAL D 196 -31.07 57.88 -15.77
C VAL D 196 -29.87 57.21 -15.10
N VAL D 197 -28.69 57.67 -15.50
CA VAL D 197 -27.43 57.17 -14.96
C VAL D 197 -26.90 58.20 -13.96
N LYS D 198 -26.78 57.79 -12.69
CA LYS D 198 -26.28 58.66 -11.64
C LYS D 198 -24.80 58.49 -11.39
N ASN D 199 -24.35 57.27 -11.12
CA ASN D 199 -22.95 56.98 -10.85
C ASN D 199 -22.43 56.05 -11.95
N GLU D 200 -21.99 56.66 -13.06
CA GLU D 200 -21.45 55.86 -14.16
C GLU D 200 -20.12 55.21 -13.79
N LEU D 201 -19.28 55.93 -13.06
CA LEU D 201 -17.95 55.42 -12.73
C LEU D 201 -17.98 54.31 -11.69
N SER D 202 -19.11 54.10 -11.03
CA SER D 202 -19.23 52.98 -10.09
C SER D 202 -19.55 51.66 -10.77
N CYS D 203 -19.82 51.68 -12.07
CA CYS D 203 -20.12 50.47 -12.80
C CYS D 203 -18.90 49.56 -12.85
N ILE D 204 -19.09 48.29 -12.49
CA ILE D 204 -18.02 47.31 -12.49
C ILE D 204 -18.11 46.36 -13.68
N LEU D 205 -18.89 46.73 -14.70
CA LEU D 205 -19.06 45.90 -15.90
C LEU D 205 -19.54 44.50 -15.56
N CYS D 206 -20.45 44.42 -14.57
CA CYS D 206 -21.05 43.16 -14.18
C CYS D 206 -21.82 42.51 -15.33
N GLU D 207 -22.50 43.33 -16.15
CA GLU D 207 -23.38 42.92 -17.23
C GLU D 207 -24.64 42.21 -16.72
N GLU D 208 -24.92 42.30 -15.42
CA GLU D 208 -26.16 41.75 -14.89
C GLU D 208 -27.37 42.49 -15.43
N CYS D 209 -27.21 43.76 -15.81
CA CYS D 209 -28.31 44.53 -16.38
C CYS D 209 -28.64 44.11 -17.80
N LEU D 210 -27.71 43.46 -18.50
CA LEU D 210 -27.93 43.10 -19.90
C LEU D 210 -28.75 41.82 -20.06
N LYS D 211 -28.89 41.02 -19.01
CA LYS D 211 -29.72 39.83 -19.09
C LYS D 211 -31.17 40.08 -18.69
N TYR D 212 -31.48 41.27 -18.20
CA TYR D 212 -32.85 41.70 -17.95
C TYR D 212 -33.28 42.84 -18.84
N CYS D 213 -32.51 43.93 -18.86
CA CYS D 213 -32.76 45.06 -19.75
C CYS D 213 -31.87 44.94 -20.98
N ALA D 214 -32.15 43.90 -21.77
CA ALA D 214 -31.27 43.56 -22.88
C ALA D 214 -31.18 44.69 -23.90
N GLY D 215 -32.30 45.30 -24.25
CA GLY D 215 -32.33 46.34 -25.24
C GLY D 215 -32.40 47.76 -24.72
N SER D 216 -32.51 47.95 -23.42
CA SER D 216 -32.64 49.29 -22.84
C SER D 216 -31.32 49.89 -22.39
N VAL D 217 -30.31 49.08 -22.13
CA VAL D 217 -29.04 49.55 -21.57
C VAL D 217 -27.91 49.05 -22.45
N SER D 218 -26.90 49.89 -22.65
CA SER D 218 -25.69 49.53 -23.38
C SER D 218 -24.49 49.68 -22.45
N ILE D 219 -23.63 48.67 -22.41
CA ILE D 219 -22.50 48.63 -21.50
C ILE D 219 -21.23 48.35 -22.29
N GLU D 220 -20.28 49.28 -22.24
CA GLU D 220 -19.00 49.12 -22.90
C GLU D 220 -17.89 49.59 -21.97
N SER D 221 -16.65 49.37 -22.39
CA SER D 221 -15.48 49.85 -21.67
C SER D 221 -14.64 50.74 -22.58
N VAL D 222 -14.17 51.86 -22.04
CA VAL D 222 -13.31 52.77 -22.78
C VAL D 222 -11.91 52.17 -22.84
N GLU D 223 -11.34 52.13 -24.05
CA GLU D 223 -10.13 51.35 -24.28
C GLU D 223 -8.88 52.02 -23.69
N ASN D 224 -8.81 53.35 -23.71
CA ASN D 224 -7.60 54.05 -23.31
C ASN D 224 -7.63 54.58 -21.89
N LYS D 225 -8.67 54.29 -21.11
CA LYS D 225 -8.82 54.81 -19.77
C LYS D 225 -8.86 53.69 -18.75
N PHE D 226 -8.30 53.96 -17.58
CA PHE D 226 -8.29 53.00 -16.48
C PHE D 226 -8.51 53.74 -15.17
N ILE D 227 -8.96 53.00 -14.16
CA ILE D 227 -9.26 53.55 -12.84
C ILE D 227 -8.35 52.87 -11.82
N LEU D 228 -7.68 53.68 -11.01
CA LEU D 228 -6.70 53.19 -10.04
C LEU D 228 -7.14 53.56 -8.64
N GLU D 229 -7.33 52.56 -7.77
CA GLU D 229 -7.62 52.76 -6.37
C GLU D 229 -6.50 52.18 -5.52
N ILE D 230 -6.03 52.95 -4.54
CA ILE D 230 -5.16 52.44 -3.50
C ILE D 230 -5.70 52.93 -2.15
N GLU D 231 -5.38 52.19 -1.10
CA GLU D 231 -5.77 52.54 0.26
C GLU D 231 -4.56 52.40 1.16
N SER D 232 -4.13 53.51 1.74
CA SER D 232 -2.99 53.50 2.64
C SER D 232 -3.36 52.82 3.96
N VAL D 233 -2.32 52.40 4.69
CA VAL D 233 -2.53 51.81 6.00
C VAL D 233 -2.17 52.78 7.13
N GLY D 234 -1.44 53.86 6.82
CA GLY D 234 -1.12 54.86 7.81
C GLY D 234 0.32 55.34 7.75
N SER D 235 1.23 54.46 7.32
CA SER D 235 2.65 54.78 7.34
C SER D 235 2.99 55.95 6.41
N LEU D 236 2.45 55.93 5.19
CA LEU D 236 2.71 56.97 4.21
C LEU D 236 1.40 57.48 3.62
N LYS D 237 1.42 58.71 3.14
CA LYS D 237 0.24 59.26 2.49
C LYS D 237 0.09 58.66 1.10
N PRO D 238 -1.15 58.58 0.59
CA PRO D 238 -1.37 57.87 -0.69
C PRO D 238 -0.60 58.44 -1.86
N GLU D 239 -0.34 59.76 -1.89
CA GLU D 239 0.35 60.35 -3.03
C GLU D 239 1.84 60.05 -3.03
N ARG D 240 2.45 59.84 -1.85
CA ARG D 240 3.86 59.50 -1.79
C ARG D 240 4.12 58.08 -2.29
N ILE D 241 3.19 57.15 -2.02
CA ILE D 241 3.35 55.77 -2.44
C ILE D 241 3.41 55.66 -3.96
N LEU D 242 2.53 56.39 -4.64
CA LEU D 242 2.49 56.32 -6.10
C LEU D 242 3.75 56.87 -6.74
N ILE D 243 4.43 57.80 -6.06
CA ILE D 243 5.68 58.34 -6.59
C ILE D 243 6.84 57.41 -6.28
N GLU D 244 6.85 56.82 -5.09
CA GLU D 244 7.92 55.89 -4.73
C GLU D 244 7.90 54.66 -5.63
N ALA D 245 6.69 54.18 -5.98
CA ALA D 245 6.60 53.04 -6.89
C ALA D 245 7.21 53.34 -8.25
N SER D 246 6.92 54.53 -8.79
CA SER D 246 7.48 54.91 -10.09
C SER D 246 8.98 55.09 -10.00
N LYS D 247 9.47 55.63 -8.89
CA LYS D 247 10.91 55.77 -8.73
C LYS D 247 11.60 54.41 -8.67
N SER D 248 10.98 53.43 -8.01
CA SER D 248 11.54 52.08 -8.00
C SER D 248 11.56 51.49 -9.41
N LEU D 249 10.48 51.68 -10.17
CA LEU D 249 10.46 51.21 -11.55
C LEU D 249 11.56 51.85 -12.38
N LEU D 250 11.77 53.16 -12.20
CA LEU D 250 12.82 53.86 -12.92
C LEU D 250 14.20 53.31 -12.56
N ARG D 251 14.43 53.05 -11.27
CA ARG D 251 15.72 52.50 -10.84
C ARG D 251 15.98 51.16 -11.51
N LYS D 252 14.98 50.26 -11.47
CA LYS D 252 15.16 48.94 -12.07
C LYS D 252 15.40 49.04 -13.57
N LEU D 253 14.63 49.91 -14.26
CA LEU D 253 14.79 50.06 -15.70
C LEU D 253 16.17 50.60 -16.05
N SER D 254 16.65 51.59 -15.29
CA SER D 254 17.98 52.15 -15.56
C SER D 254 19.08 51.13 -15.34
N GLU D 255 18.98 50.33 -14.27
CA GLU D 255 19.98 49.30 -14.04
C GLU D 255 20.00 48.28 -15.16
N LEU D 256 18.82 47.83 -15.59
CA LEU D 256 18.75 46.86 -16.69
C LEU D 256 19.31 47.46 -17.98
N LYS D 257 19.00 48.73 -18.25
CA LYS D 257 19.50 49.37 -19.46
C LYS D 257 21.02 49.49 -19.43
N SER D 258 21.59 49.84 -18.29
CA SER D 258 23.05 49.93 -18.19
C SER D 258 23.69 48.57 -18.40
N LYS D 259 23.14 47.52 -17.79
CA LYS D 259 23.70 46.19 -17.97
C LYS D 259 23.57 45.72 -19.41
N LEU D 260 22.50 46.11 -20.10
CA LEU D 260 22.34 45.74 -21.50
C LEU D 260 23.34 46.46 -22.39
N GLU D 261 23.48 47.77 -22.19
CA GLU D 261 24.40 48.57 -23.01
C GLU D 261 25.87 48.26 -22.71
N ALA D 262 26.15 47.66 -21.55
CA ALA D 262 27.51 47.24 -21.23
C ALA D 262 27.82 45.84 -21.76
N GLY D 263 27.11 45.39 -22.77
CA GLY D 263 27.32 44.06 -23.32
C GLY D 263 27.32 44.02 -24.84
N LYS D 264 27.30 45.18 -25.47
CA LYS D 264 27.35 45.24 -26.93
C LYS D 264 28.36 46.29 -27.40
N MET E 1 67.72 -27.53 -11.90
CA MET E 1 67.95 -27.43 -13.33
C MET E 1 67.17 -26.27 -13.94
N PHE E 2 67.82 -25.55 -14.84
CA PHE E 2 67.20 -24.39 -15.50
C PHE E 2 66.23 -24.89 -16.56
N LYS E 3 65.04 -24.29 -16.60
CA LYS E 3 63.99 -24.66 -17.53
C LYS E 3 63.49 -23.44 -18.28
N LEU E 4 62.75 -23.69 -19.36
CA LEU E 4 62.08 -22.63 -20.12
C LEU E 4 60.72 -23.18 -20.54
N VAL E 5 59.67 -22.65 -19.91
CA VAL E 5 58.32 -23.13 -20.17
C VAL E 5 57.55 -22.06 -20.94
N ARG E 6 56.54 -22.51 -21.68
CA ARG E 6 55.62 -21.63 -22.38
C ARG E 6 54.26 -21.73 -21.70
N ALA E 7 53.61 -20.59 -21.50
CA ALA E 7 52.37 -20.53 -20.74
C ALA E 7 51.33 -19.70 -21.48
N LYS E 8 50.07 -20.01 -21.20
CA LYS E 8 48.93 -19.26 -21.71
C LYS E 8 48.06 -18.83 -20.54
N GLY E 9 47.59 -17.58 -20.58
CA GLY E 9 46.81 -17.05 -19.49
C GLY E 9 46.03 -15.82 -19.92
N ILE E 10 45.39 -15.19 -18.93
CA ILE E 10 44.58 -14.00 -19.13
C ILE E 10 45.28 -12.83 -18.46
N VAL E 11 45.45 -11.74 -19.20
CA VAL E 11 46.10 -10.53 -18.70
C VAL E 11 45.10 -9.38 -18.76
N ARG E 12 45.05 -8.60 -17.68
CA ARG E 12 44.09 -7.51 -17.55
C ARG E 12 44.78 -6.18 -17.89
N ILE E 13 44.23 -5.46 -18.85
CA ILE E 13 44.79 -4.19 -19.30
C ILE E 13 43.98 -3.06 -18.66
N PRO E 14 44.55 -2.29 -17.74
CA PRO E 14 43.77 -1.23 -17.09
C PRO E 14 43.41 -0.15 -18.08
N PRO E 15 42.29 0.56 -17.85
CA PRO E 15 41.87 1.61 -18.79
C PRO E 15 42.87 2.74 -18.95
N GLU E 16 43.73 2.97 -17.96
CA GLU E 16 44.70 4.05 -18.06
C GLU E 16 45.83 3.75 -19.04
N TYR E 17 45.95 2.51 -19.51
CA TYR E 17 46.97 2.13 -20.47
C TYR E 17 46.39 1.86 -21.86
N PHE E 18 45.21 2.39 -22.15
CA PHE E 18 44.61 2.22 -23.46
C PHE E 18 45.34 3.09 -24.48
N GLY E 19 45.05 2.85 -25.76
CA GLY E 19 45.60 3.66 -26.83
C GLY E 19 47.03 3.35 -27.22
N GLN E 20 47.63 2.30 -26.67
CA GLN E 20 48.99 1.93 -27.01
C GLN E 20 49.05 0.43 -27.25
N SER E 21 50.23 -0.04 -27.69
CA SER E 21 50.39 -1.42 -28.13
C SER E 21 50.07 -2.40 -27.00
N VAL E 22 49.30 -3.43 -27.33
CA VAL E 22 48.87 -4.40 -26.33
C VAL E 22 50.05 -5.25 -25.86
N ASP E 23 51.00 -5.54 -26.74
CA ASP E 23 52.11 -6.41 -26.38
C ASP E 23 52.99 -5.78 -25.28
N GLU E 24 53.31 -4.49 -25.43
CA GLU E 24 54.15 -3.82 -24.44
C GLU E 24 53.48 -3.80 -23.07
N ILE E 25 52.21 -3.40 -23.02
CA ILE E 25 51.50 -3.36 -21.75
C ILE E 25 51.35 -4.76 -21.17
N ALA E 26 51.09 -5.76 -22.01
CA ALA E 26 50.94 -7.12 -21.53
C ALA E 26 52.23 -7.63 -20.91
N ILE E 27 53.37 -7.40 -21.57
CA ILE E 27 54.63 -7.88 -21.01
C ILE E 27 54.99 -7.09 -19.75
N LYS E 28 54.65 -5.79 -19.71
CA LYS E 28 54.89 -5.01 -18.50
C LYS E 28 54.08 -5.56 -17.33
N ILE E 29 52.80 -5.85 -17.54
CA ILE E 29 51.96 -6.38 -16.47
C ILE E 29 52.45 -7.76 -16.04
N LEU E 30 52.84 -8.59 -17.01
CA LEU E 30 53.35 -9.93 -16.67
C LEU E 30 54.61 -9.83 -15.83
N ARG E 31 55.51 -8.90 -16.19
CA ARG E 31 56.74 -8.74 -15.40
C ARG E 31 56.42 -8.22 -14.00
N GLN E 32 55.53 -7.22 -13.90
CA GLN E 32 55.17 -6.69 -12.59
C GLN E 32 54.41 -7.69 -11.74
N GLU E 33 53.83 -8.73 -12.34
CA GLU E 33 53.02 -9.68 -11.60
C GLU E 33 53.65 -11.06 -11.45
N TYR E 34 54.73 -11.37 -12.19
CA TYR E 34 55.33 -12.68 -12.13
C TYR E 34 56.83 -12.67 -11.84
N GLN E 35 57.47 -11.51 -11.77
CA GLN E 35 58.90 -11.46 -11.49
C GLN E 35 59.16 -11.86 -10.04
N GLU E 36 60.09 -12.81 -9.85
CA GLU E 36 60.53 -13.27 -8.53
C GLU E 36 59.36 -13.79 -7.69
N LYS E 37 58.37 -14.38 -8.33
CA LYS E 37 57.20 -14.93 -7.65
C LYS E 37 57.21 -16.44 -7.78
N LEU E 38 57.19 -17.14 -6.65
CA LEU E 38 57.24 -18.60 -6.66
C LEU E 38 55.92 -19.18 -7.18
N ILE E 39 56.04 -20.26 -7.95
CA ILE E 39 54.89 -21.00 -8.46
C ILE E 39 54.93 -22.40 -7.87
N LYS E 40 53.79 -22.86 -7.37
CA LYS E 40 53.74 -24.12 -6.62
C LYS E 40 54.16 -25.30 -7.49
N ASP E 41 53.67 -25.38 -8.72
CA ASP E 41 53.90 -26.52 -9.58
C ASP E 41 54.96 -26.30 -10.64
N ILE E 42 55.47 -25.07 -10.79
CA ILE E 42 56.43 -24.78 -11.82
C ILE E 42 57.78 -24.34 -11.26
N GLY E 43 57.81 -23.68 -10.12
CA GLY E 43 59.05 -23.21 -9.51
C GLY E 43 59.13 -21.69 -9.48
N VAL E 44 60.29 -21.22 -9.01
CA VAL E 44 60.52 -19.79 -8.88
C VAL E 44 60.81 -19.19 -10.25
N VAL E 45 60.13 -18.08 -10.56
CA VAL E 45 60.20 -17.45 -11.88
C VAL E 45 61.35 -16.47 -11.92
N LEU E 46 62.14 -16.52 -12.98
CA LEU E 46 63.29 -15.63 -13.16
C LEU E 46 63.04 -14.56 -14.21
N GLY E 47 61.80 -14.40 -14.68
CA GLY E 47 61.49 -13.35 -15.63
C GLY E 47 60.76 -13.81 -16.88
N ILE E 48 60.33 -12.85 -17.69
CA ILE E 48 59.61 -13.10 -18.93
C ILE E 48 60.45 -12.58 -20.09
N VAL E 49 60.63 -13.40 -21.11
CA VAL E 49 61.48 -13.02 -22.24
C VAL E 49 60.66 -12.44 -23.39
N ASN E 50 59.52 -13.05 -23.73
CA ASN E 50 58.67 -12.53 -24.80
C ASN E 50 57.24 -12.97 -24.56
N ALA E 51 56.29 -12.13 -24.98
CA ALA E 51 54.87 -12.42 -24.79
C ALA E 51 54.10 -11.95 -26.01
N LYS E 52 53.09 -12.73 -26.40
CA LYS E 52 52.20 -12.40 -27.51
C LYS E 52 50.77 -12.39 -27.00
N ALA E 53 50.08 -11.28 -27.20
CA ALA E 53 48.71 -11.10 -26.72
C ALA E 53 47.78 -10.80 -27.88
N SER E 54 46.55 -11.30 -27.79
CA SER E 54 45.55 -11.01 -28.80
C SER E 54 45.03 -9.58 -28.66
N GLU E 55 44.61 -9.00 -29.77
CA GLU E 55 44.11 -7.63 -29.78
C GLU E 55 42.65 -7.52 -29.36
N GLU E 56 41.96 -8.64 -29.15
CA GLU E 56 40.58 -8.63 -28.68
C GLU E 56 40.57 -8.94 -27.19
N GLY E 57 39.88 -8.11 -26.43
CA GLY E 57 39.70 -8.35 -25.00
C GLY E 57 38.24 -8.21 -24.62
N PHE E 58 37.79 -9.11 -23.76
CA PHE E 58 36.40 -9.10 -23.32
C PHE E 58 36.24 -8.28 -22.05
N ILE E 59 35.04 -7.72 -21.88
CA ILE E 59 34.71 -6.83 -20.78
C ILE E 59 33.73 -7.55 -19.86
N ILE E 60 33.93 -7.42 -18.55
CA ILE E 60 33.10 -8.06 -17.55
C ILE E 60 32.35 -6.99 -16.77
N PHE E 61 31.40 -7.44 -15.96
CA PHE E 61 30.62 -6.52 -15.14
C PHE E 61 31.47 -5.94 -14.01
N GLY E 62 31.32 -4.64 -13.78
CA GLY E 62 31.98 -3.99 -12.67
C GLY E 62 33.42 -3.60 -12.89
N ASP E 63 33.97 -3.85 -14.07
CA ASP E 63 35.35 -3.51 -14.39
C ASP E 63 35.40 -2.77 -15.71
N GLY E 64 36.31 -1.80 -15.81
CA GLY E 64 36.49 -1.06 -17.04
C GLY E 64 37.61 -1.64 -17.89
N ALA E 65 38.39 -2.54 -17.32
CA ALA E 65 39.54 -3.11 -17.99
C ALA E 65 39.13 -4.20 -18.98
N THR E 66 40.01 -4.46 -19.92
CA THR E 66 39.85 -5.55 -20.88
C THR E 66 40.79 -6.70 -20.53
N TYR E 67 40.35 -7.92 -20.81
CA TYR E 67 41.09 -9.12 -20.49
C TYR E 67 41.48 -9.82 -21.79
N HIS E 68 42.78 -10.03 -21.98
CA HIS E 68 43.31 -10.63 -23.20
C HIS E 68 43.97 -11.96 -22.91
N GLU E 69 43.88 -12.89 -23.88
CA GLU E 69 44.65 -14.12 -23.83
C GLU E 69 46.08 -13.84 -24.26
N VAL E 70 47.04 -14.34 -23.50
CA VAL E 70 48.46 -14.07 -23.74
C VAL E 70 49.24 -15.38 -23.73
N GLU E 71 50.22 -15.47 -24.62
CA GLU E 71 51.17 -16.58 -24.65
C GLU E 71 52.57 -16.01 -24.45
N PHE E 72 53.31 -16.58 -23.50
CA PHE E 72 54.63 -16.07 -23.16
C PHE E 72 55.55 -17.22 -22.78
N ASP E 73 56.85 -16.96 -22.86
CA ASP E 73 57.89 -17.91 -22.48
C ASP E 73 58.54 -17.45 -21.18
N MET E 74 58.69 -18.36 -20.24
CA MET E 74 59.25 -18.07 -18.94
C MET E 74 60.69 -18.60 -18.85
N LEU E 75 61.36 -18.27 -17.75
CA LEU E 75 62.72 -18.73 -17.49
C LEU E 75 62.79 -19.31 -16.07
N VAL E 76 61.82 -20.16 -15.75
CA VAL E 76 61.74 -20.75 -14.43
C VAL E 76 62.92 -21.70 -14.19
N TYR E 77 63.42 -21.71 -12.96
CA TYR E 77 64.48 -22.63 -12.54
C TYR E 77 64.03 -23.37 -11.30
N THR E 78 64.20 -24.70 -11.33
CA THR E 78 63.84 -25.53 -10.19
C THR E 78 64.91 -26.61 -10.06
N PRO E 79 65.52 -26.76 -8.89
CA PRO E 79 66.53 -27.82 -8.69
C PRO E 79 65.83 -29.17 -8.55
N ILE E 80 66.17 -30.10 -9.43
CA ILE E 80 65.55 -31.42 -9.47
C ILE E 80 66.35 -32.37 -8.59
N ILE E 81 65.65 -33.21 -7.84
CA ILE E 81 66.30 -34.17 -6.96
C ILE E 81 67.18 -35.11 -7.77
N HIS E 82 68.29 -35.54 -7.18
CA HIS E 82 69.22 -36.48 -7.78
C HIS E 82 69.81 -35.92 -9.08
N GLU E 83 70.49 -34.78 -8.95
CA GLU E 83 71.18 -34.16 -10.07
C GLU E 83 72.54 -33.65 -9.60
N VAL E 84 73.52 -33.72 -10.49
CA VAL E 84 74.88 -33.27 -10.19
C VAL E 84 75.05 -31.88 -10.76
N ILE E 85 75.30 -30.90 -9.88
CA ILE E 85 75.42 -29.51 -10.29
C ILE E 85 76.63 -28.90 -9.60
N GLU E 86 77.36 -28.08 -10.34
CA GLU E 86 78.51 -27.37 -9.79
C GLU E 86 78.04 -26.13 -9.03
N GLY E 87 78.90 -25.66 -8.14
CA GLY E 87 78.58 -24.50 -7.34
C GLY E 87 79.82 -23.89 -6.72
N GLU E 88 79.62 -22.81 -5.99
CA GLU E 88 80.69 -22.09 -5.32
C GLU E 88 80.33 -21.85 -3.86
N VAL E 89 81.36 -21.85 -3.01
CA VAL E 89 81.14 -21.63 -1.59
C VAL E 89 80.85 -20.16 -1.32
N SER E 90 79.73 -19.90 -0.65
CA SER E 90 79.31 -18.54 -0.33
C SER E 90 79.66 -18.12 1.09
N GLN E 91 79.48 -19.02 2.06
CA GLN E 91 79.84 -18.74 3.44
C GLN E 91 79.92 -20.05 4.21
N VAL E 92 80.85 -20.14 5.14
CA VAL E 92 81.06 -21.33 5.95
C VAL E 92 81.09 -20.94 7.42
N ASP E 93 80.36 -21.68 8.24
CA ASP E 93 80.28 -21.43 9.69
C ASP E 93 80.08 -22.78 10.38
N ASN E 94 79.71 -22.72 11.66
CA ASN E 94 79.38 -23.96 12.38
C ASN E 94 78.08 -24.56 11.87
N TYR E 95 77.25 -23.77 11.18
CA TYR E 95 76.05 -24.30 10.57
C TYR E 95 76.39 -25.31 9.48
N GLY E 96 77.43 -25.04 8.72
CA GLY E 96 77.86 -25.91 7.64
C GLY E 96 78.56 -25.09 6.57
N VAL E 97 78.36 -25.50 5.32
CA VAL E 97 78.90 -24.80 4.16
C VAL E 97 77.74 -24.42 3.25
N TYR E 98 77.69 -23.14 2.87
CA TYR E 98 76.62 -22.61 2.04
C TYR E 98 77.15 -22.48 0.61
N VAL E 99 76.65 -23.33 -0.28
CA VAL E 99 77.05 -23.29 -1.67
C VAL E 99 76.00 -22.53 -2.48
N ASN E 100 76.46 -21.56 -3.26
CA ASN E 100 75.56 -20.74 -4.07
C ASN E 100 75.10 -21.55 -5.28
N MET E 101 73.79 -21.62 -5.49
CA MET E 101 73.19 -22.29 -6.64
C MET E 101 72.32 -21.27 -7.38
N GLY E 102 72.95 -20.49 -8.26
CA GLY E 102 72.25 -19.46 -8.98
C GLY E 102 71.61 -18.43 -8.06
N PRO E 103 70.30 -18.20 -8.24
CA PRO E 103 69.61 -17.24 -7.37
C PRO E 103 69.61 -17.63 -5.89
N VAL E 104 69.57 -18.92 -5.57
CA VAL E 104 69.51 -19.39 -4.20
C VAL E 104 70.86 -19.96 -3.80
N ASP E 105 71.01 -20.24 -2.49
CA ASP E 105 72.23 -20.81 -1.94
C ASP E 105 71.90 -22.17 -1.33
N GLY E 106 72.62 -23.20 -1.78
CA GLY E 106 72.43 -24.52 -1.21
C GLY E 106 73.05 -24.64 0.18
N LEU E 107 72.69 -25.72 0.87
CA LEU E 107 73.13 -25.96 2.23
C LEU E 107 73.64 -27.39 2.38
N VAL E 108 74.80 -27.53 3.01
CA VAL E 108 75.36 -28.83 3.38
C VAL E 108 75.90 -28.72 4.80
N HIS E 109 75.66 -29.75 5.61
CA HIS E 109 76.09 -29.77 6.99
C HIS E 109 77.42 -30.50 7.13
N ILE E 110 78.09 -30.25 8.26
CA ILE E 110 79.46 -30.73 8.46
C ILE E 110 79.57 -32.24 8.45
N SER E 111 78.45 -32.95 8.68
CA SER E 111 78.52 -34.40 8.77
C SER E 111 78.63 -35.10 7.42
N GLN E 112 78.49 -34.36 6.30
CA GLN E 112 78.44 -35.01 5.00
C GLN E 112 79.29 -34.30 3.95
N ILE E 113 80.53 -33.95 4.29
CA ILE E 113 81.49 -33.52 3.26
C ILE E 113 82.45 -34.65 2.90
N THR E 114 83.10 -35.24 3.91
CA THR E 114 84.02 -36.34 3.70
C THR E 114 83.78 -37.38 4.78
N ASP E 115 83.91 -38.66 4.42
CA ASP E 115 83.67 -39.77 5.34
C ASP E 115 84.86 -39.91 6.28
N ASP E 116 84.96 -38.97 7.21
CA ASP E 116 86.04 -38.93 8.18
C ASP E 116 85.64 -38.01 9.33
N ASN E 117 86.60 -37.67 10.19
CA ASN E 117 86.41 -36.71 11.26
C ASN E 117 87.06 -35.39 10.85
N LEU E 118 86.31 -34.30 10.97
CA LEU E 118 86.79 -32.99 10.55
C LEU E 118 86.44 -31.95 11.60
N LYS E 119 87.24 -30.89 11.64
CA LYS E 119 87.04 -29.77 12.56
C LYS E 119 86.68 -28.53 11.76
N PHE E 120 85.60 -27.87 12.14
CA PHE E 120 85.11 -26.68 11.47
C PHE E 120 85.41 -25.45 12.32
N ASP E 121 85.38 -24.29 11.66
CA ASP E 121 85.63 -23.00 12.30
C ASP E 121 86.97 -22.99 13.02
N SER E 122 87.99 -23.53 12.37
CA SER E 122 89.34 -23.55 12.91
C SER E 122 89.99 -22.19 12.67
N ASN E 123 91.30 -22.11 12.86
CA ASN E 123 92.02 -20.86 12.66
C ASN E 123 91.91 -20.42 11.20
N ARG E 124 91.79 -19.10 11.00
CA ARG E 124 91.58 -18.48 9.70
C ARG E 124 90.28 -18.93 9.04
N GLY E 125 89.36 -19.49 9.82
CA GLY E 125 88.06 -19.91 9.32
C GLY E 125 88.14 -20.95 8.22
N ILE E 126 88.98 -21.96 8.41
CA ILE E 126 89.21 -23.00 7.40
C ILE E 126 88.83 -24.34 8.01
N LEU E 127 88.02 -25.10 7.29
CA LEU E 127 87.67 -26.45 7.71
C LEU E 127 88.80 -27.40 7.30
N ILE E 128 89.42 -28.03 8.29
CA ILE E 128 90.59 -28.88 8.07
C ILE E 128 90.27 -30.29 8.55
N GLY E 129 90.56 -31.28 7.72
CA GLY E 129 90.38 -32.67 8.09
C GLY E 129 91.64 -33.24 8.71
N GLU E 130 91.46 -33.94 9.83
CA GLU E 130 92.62 -34.49 10.54
C GLU E 130 93.34 -35.54 9.71
N LYS E 131 92.60 -36.45 9.09
CA LYS E 131 93.18 -37.54 8.31
C LYS E 131 92.92 -37.42 6.82
N SER E 132 92.54 -36.23 6.35
CA SER E 132 92.29 -36.04 4.93
C SER E 132 93.11 -34.89 4.37
N LYS E 133 93.52 -33.96 5.24
CA LYS E 133 94.30 -32.79 4.87
C LYS E 133 93.60 -32.00 3.76
N LYS E 134 92.38 -31.58 4.06
CA LYS E 134 91.53 -30.87 3.13
C LYS E 134 91.26 -29.45 3.62
N SER E 135 91.37 -28.49 2.73
CA SER E 135 91.11 -27.08 3.04
C SER E 135 90.10 -26.53 2.05
N ILE E 136 89.07 -25.87 2.56
CA ILE E 136 88.02 -25.26 1.76
C ILE E 136 87.78 -23.84 2.26
N GLN E 137 87.62 -22.91 1.33
CA GLN E 137 87.46 -21.50 1.68
C GLN E 137 86.73 -20.79 0.53
N LYS E 138 86.75 -19.46 0.55
CA LYS E 138 85.99 -18.67 -0.39
C LYS E 138 86.54 -18.82 -1.81
N GLY E 139 85.66 -18.61 -2.79
CA GLY E 139 86.05 -18.70 -4.17
C GLY E 139 86.19 -20.11 -4.71
N ASP E 140 85.76 -21.11 -3.96
CA ASP E 140 85.92 -22.50 -4.38
C ASP E 140 84.90 -22.87 -5.45
N ARG E 141 85.18 -23.96 -6.15
CA ARG E 141 84.31 -24.50 -7.20
C ARG E 141 83.99 -25.94 -6.86
N VAL E 142 82.86 -26.17 -6.20
CA VAL E 142 82.46 -27.50 -5.75
C VAL E 142 81.39 -28.03 -6.69
N ARG E 143 81.32 -29.35 -6.81
CA ARG E 143 80.37 -30.04 -7.67
C ARG E 143 79.45 -30.85 -6.77
N ALA E 144 78.31 -30.28 -6.40
CA ALA E 144 77.47 -30.79 -5.33
C ALA E 144 76.45 -31.81 -5.84
N MET E 145 75.77 -32.44 -4.91
CA MET E 145 74.77 -33.47 -5.18
C MET E 145 73.47 -33.11 -4.47
N ILE E 146 72.35 -33.25 -5.19
CA ILE E 146 71.06 -32.93 -4.60
C ILE E 146 70.42 -34.19 -4.03
N ILE E 147 69.98 -34.12 -2.77
CA ILE E 147 69.36 -35.25 -2.09
C ILE E 147 67.90 -34.98 -1.75
N SER E 148 67.57 -33.74 -1.38
CA SER E 148 66.20 -33.42 -0.98
C SER E 148 65.99 -31.91 -1.12
N ALA E 149 64.78 -31.54 -1.54
CA ALA E 149 64.43 -30.14 -1.71
C ALA E 149 62.92 -30.00 -1.73
N SER E 150 62.44 -28.90 -1.13
CA SER E 150 61.01 -28.59 -1.13
C SER E 150 60.84 -27.08 -1.18
N MET E 151 59.71 -26.65 -1.74
CA MET E 151 59.40 -25.24 -1.92
C MET E 151 58.08 -24.91 -1.22
N SER E 152 58.10 -23.88 -0.38
CA SER E 152 56.88 -23.42 0.26
C SER E 152 56.79 -21.90 0.35
N SER E 153 57.77 -21.17 -0.21
CA SER E 153 57.82 -19.71 -0.26
C SER E 153 58.13 -19.12 1.11
N GLY E 154 58.15 -19.96 2.15
CA GLY E 154 58.57 -19.49 3.45
C GLY E 154 60.06 -19.17 3.50
N ARG E 155 60.88 -20.00 2.86
CA ARG E 155 62.32 -19.79 2.81
C ARG E 155 62.84 -20.53 1.59
N LEU E 156 63.25 -19.78 0.56
CA LEU E 156 63.66 -20.39 -0.70
C LEU E 156 64.85 -21.33 -0.57
N PRO E 157 65.96 -20.97 0.09
CA PRO E 157 67.15 -21.86 0.01
C PRO E 157 67.14 -22.97 1.07
N ARG E 158 66.07 -23.76 1.07
CA ARG E 158 65.97 -24.94 1.93
C ARG E 158 66.33 -26.20 1.15
N ILE E 159 67.56 -26.22 0.63
CA ILE E 159 68.05 -27.32 -0.19
C ILE E 159 69.18 -28.02 0.54
N ALA E 160 69.13 -29.35 0.56
CA ALA E 160 70.12 -30.17 1.25
C ALA E 160 71.08 -30.79 0.23
N LEU E 161 72.37 -30.71 0.53
CA LEU E 161 73.42 -31.18 -0.36
C LEU E 161 74.05 -32.46 0.17
N THR E 162 74.80 -33.14 -0.69
CA THR E 162 75.46 -34.38 -0.35
C THR E 162 76.86 -34.40 -0.95
N MET E 163 77.83 -34.92 -0.18
CA MET E 163 79.21 -35.04 -0.63
C MET E 163 79.83 -36.40 -0.37
N LYS E 164 79.11 -37.35 0.23
CA LYS E 164 79.69 -38.64 0.58
C LYS E 164 80.01 -39.46 -0.66
N GLN E 165 79.25 -39.28 -1.74
CA GLN E 165 79.43 -40.05 -2.96
C GLN E 165 80.80 -39.79 -3.56
N PRO E 166 81.62 -40.82 -3.77
CA PRO E 166 82.90 -40.63 -4.46
C PRO E 166 82.69 -40.09 -5.88
N TYR E 167 83.80 -39.64 -6.47
CA TYR E 167 83.84 -38.93 -7.74
C TYR E 167 83.15 -37.58 -7.68
N LEU E 168 82.86 -37.08 -6.48
CA LEU E 168 82.25 -35.77 -6.28
C LEU E 168 83.05 -35.00 -5.23
N GLY E 169 83.10 -33.68 -5.40
CA GLY E 169 83.84 -32.84 -4.48
C GLY E 169 84.41 -31.65 -5.22
N LYS E 170 85.57 -31.20 -4.74
CA LYS E 170 86.29 -30.13 -5.43
C LYS E 170 86.83 -30.63 -6.76
N ILE E 171 87.08 -29.69 -7.68
CA ILE E 171 87.60 -30.05 -8.99
C ILE E 171 89.00 -30.68 -8.85
N GLU E 172 89.77 -30.21 -7.88
CA GLU E 172 91.09 -30.82 -7.65
C GLU E 172 90.96 -32.16 -6.93
N TRP E 173 89.99 -32.28 -6.03
CA TRP E 173 89.79 -33.53 -5.31
C TRP E 173 89.38 -34.66 -6.24
N ILE E 174 88.46 -34.37 -7.17
CA ILE E 174 88.02 -35.40 -8.11
C ILE E 174 89.11 -35.72 -9.12
N ASN E 175 89.91 -34.73 -9.51
CA ASN E 175 90.96 -34.97 -10.50
C ASN E 175 92.01 -35.93 -9.96
N GLN E 176 92.44 -35.73 -8.70
CA GLN E 176 93.40 -36.65 -8.10
C GLN E 176 92.77 -38.03 -7.84
N GLU E 177 91.48 -38.05 -7.50
CA GLU E 177 90.80 -39.33 -7.28
C GLU E 177 90.76 -40.16 -8.55
N ILE E 178 90.47 -39.53 -9.69
CA ILE E 178 90.44 -40.24 -10.97
C ILE E 178 91.83 -40.75 -11.33
N ALA E 179 92.85 -39.91 -11.13
CA ALA E 179 94.21 -40.30 -11.49
C ALA E 179 94.69 -41.48 -10.65
N LYS E 180 94.40 -41.48 -9.35
CA LYS E 180 94.83 -42.57 -8.48
C LYS E 180 93.94 -43.79 -8.57
N ALA E 181 92.75 -43.66 -9.16
CA ALA E 181 91.85 -44.81 -9.28
C ALA E 181 92.43 -45.86 -10.23
N SER E 182 93.01 -45.43 -11.34
CA SER E 182 93.59 -46.35 -12.31
C SER E 182 95.08 -46.54 -12.07
N MET F 1 42.88 -8.02 -11.70
CA MET F 1 44.02 -8.80 -12.16
C MET F 1 43.76 -10.29 -11.99
N SER F 2 43.12 -10.90 -12.99
CA SER F 2 42.77 -12.31 -12.95
C SER F 2 43.61 -13.07 -13.99
N TYR F 3 44.23 -14.17 -13.57
CA TYR F 3 45.12 -14.94 -14.40
C TYR F 3 44.81 -16.42 -14.25
N SER F 4 45.21 -17.19 -15.27
CA SER F 4 45.06 -18.65 -15.25
C SER F 4 46.38 -19.38 -15.12
N LEU F 5 47.37 -19.03 -15.94
CA LEU F 5 48.73 -19.57 -15.86
C LEU F 5 48.75 -21.08 -16.06
N LYS F 6 48.30 -21.52 -17.23
CA LYS F 6 48.46 -22.91 -17.63
C LYS F 6 49.71 -23.07 -18.48
N THR F 7 50.37 -24.21 -18.34
CA THR F 7 51.64 -24.49 -19.00
C THR F 7 51.43 -25.53 -20.09
N ILE F 8 52.17 -25.37 -21.19
CA ILE F 8 52.06 -26.26 -22.35
C ILE F 8 53.37 -26.99 -22.61
N GLU F 9 54.51 -26.32 -22.43
CA GLU F 9 55.80 -26.88 -22.77
C GLU F 9 56.65 -27.06 -21.51
N GLU F 10 57.53 -28.05 -21.56
CA GLU F 10 58.37 -28.42 -20.41
C GLU F 10 59.80 -28.67 -20.87
N HIS F 11 60.32 -27.79 -21.73
CA HIS F 11 61.67 -27.94 -22.25
C HIS F 11 62.71 -27.71 -21.15
N PHE F 12 63.88 -28.29 -21.34
CA PHE F 12 64.98 -28.19 -20.39
C PHE F 12 66.09 -27.33 -20.98
N VAL F 13 66.82 -26.63 -20.11
CA VAL F 13 67.81 -25.66 -20.53
C VAL F 13 69.12 -25.88 -19.77
N PRO F 14 70.23 -26.14 -20.46
CA PRO F 14 71.53 -26.26 -19.79
C PRO F 14 72.05 -24.90 -19.36
N TYR F 15 73.26 -24.90 -18.79
CA TYR F 15 73.83 -23.67 -18.24
C TYR F 15 74.19 -22.68 -19.34
N SER F 16 74.69 -23.16 -20.48
CA SER F 16 75.25 -22.25 -21.48
C SER F 16 74.18 -21.39 -22.14
N ILE F 17 73.08 -22.00 -22.59
CA ILE F 17 72.03 -21.19 -23.24
C ILE F 17 71.19 -20.47 -22.20
N ALA F 18 71.25 -20.93 -20.94
CA ALA F 18 70.65 -20.14 -19.87
C ALA F 18 71.35 -18.80 -19.72
N LYS F 19 72.69 -18.79 -19.90
CA LYS F 19 73.43 -17.54 -19.95
C LYS F 19 72.95 -16.67 -21.11
N LYS F 20 72.72 -17.29 -22.27
CA LYS F 20 72.25 -16.56 -23.44
C LYS F 20 70.90 -15.91 -23.18
N TYR F 21 70.00 -16.65 -22.53
CA TYR F 21 68.64 -16.14 -22.33
C TYR F 21 68.60 -15.04 -21.27
N ILE F 22 69.33 -15.20 -20.17
CA ILE F 22 69.35 -14.16 -19.14
C ILE F 22 70.05 -12.91 -19.64
N LYS F 23 71.07 -13.08 -20.48
CA LYS F 23 71.70 -11.94 -21.14
C LYS F 23 70.72 -11.25 -22.06
N GLU F 24 69.93 -12.03 -22.81
CA GLU F 24 68.87 -11.46 -23.63
C GLU F 24 67.74 -10.88 -22.80
N LEU F 25 67.70 -11.19 -21.50
CA LEU F 25 66.68 -10.65 -20.62
C LEU F 25 67.17 -9.43 -19.86
N ILE F 26 68.42 -9.46 -19.40
CA ILE F 26 68.95 -8.36 -18.59
C ILE F 26 69.15 -7.10 -19.43
N ASP F 27 69.57 -7.26 -20.69
CA ASP F 27 69.95 -6.10 -21.49
C ASP F 27 68.78 -5.17 -21.76
N THR F 28 67.58 -5.70 -21.95
CA THR F 28 66.40 -4.88 -22.23
C THR F 28 65.43 -4.82 -21.06
N GLY F 29 65.24 -5.92 -20.35
CA GLY F 29 64.34 -5.90 -19.20
C GLY F 29 64.87 -5.05 -18.06
N SER F 30 66.18 -5.08 -17.84
CA SER F 30 66.82 -4.37 -16.72
C SER F 30 66.19 -4.78 -15.40
N SER F 31 66.34 -6.06 -15.07
CA SER F 31 65.67 -6.66 -13.92
C SER F 31 66.42 -6.28 -12.64
N SER F 32 66.04 -6.91 -11.53
CA SER F 32 66.60 -6.58 -10.22
C SER F 32 67.95 -7.24 -10.03
N ASN F 33 68.50 -7.16 -8.81
CA ASN F 33 69.81 -7.73 -8.54
C ASN F 33 69.78 -9.25 -8.58
N LEU F 34 68.66 -9.85 -8.15
CA LEU F 34 68.58 -11.32 -8.10
C LEU F 34 68.77 -11.93 -9.49
N ILE F 35 68.13 -11.33 -10.50
CA ILE F 35 68.36 -11.77 -11.87
C ILE F 35 69.81 -11.47 -12.28
N GLN F 36 70.29 -10.28 -11.93
CA GLN F 36 71.66 -9.91 -12.28
C GLN F 36 72.67 -10.79 -11.54
N LYS F 37 72.38 -11.14 -10.28
CA LYS F 37 73.28 -12.00 -9.53
C LYS F 37 73.40 -13.38 -10.17
N THR F 38 72.28 -13.92 -10.65
CA THR F 38 72.31 -15.23 -11.31
C THR F 38 73.21 -15.21 -12.53
N PHE F 39 73.27 -14.07 -13.24
CA PHE F 39 74.18 -13.94 -14.36
C PHE F 39 75.64 -14.04 -13.89
N ASP F 40 75.95 -13.44 -12.76
CA ASP F 40 77.31 -13.53 -12.22
C ASP F 40 77.65 -14.98 -11.87
N TYR F 41 76.68 -15.74 -11.36
CA TYR F 41 76.91 -17.15 -11.07
C TYR F 41 77.26 -17.92 -12.34
N LEU F 42 76.72 -17.52 -13.49
CA LEU F 42 76.97 -18.20 -14.75
C LEU F 42 78.19 -17.64 -15.48
N ASN F 43 78.80 -16.58 -14.98
CA ASN F 43 79.97 -16.01 -15.64
C ASN F 43 81.23 -16.84 -15.44
N SER F 44 81.22 -17.79 -14.51
CA SER F 44 82.38 -18.60 -14.19
C SER F 44 82.19 -20.08 -14.47
N ILE F 45 81.10 -20.66 -13.97
CA ILE F 45 80.91 -22.11 -14.07
C ILE F 45 80.72 -22.53 -15.52
N SER F 46 80.08 -21.70 -16.33
CA SER F 46 79.83 -22.03 -17.73
C SER F 46 81.15 -22.32 -18.45
N ARG F 47 81.18 -23.44 -19.18
CA ARG F 47 82.39 -23.92 -19.81
C ARG F 47 82.36 -23.85 -21.32
N CYS F 48 81.18 -23.90 -21.93
CA CYS F 48 81.03 -23.93 -23.38
C CYS F 48 80.29 -22.68 -23.85
N ASP F 49 80.04 -22.62 -25.16
CA ASP F 49 79.27 -21.56 -25.78
C ASP F 49 77.88 -22.07 -26.12
N GLU F 50 77.03 -21.16 -26.60
CA GLU F 50 75.65 -21.53 -26.92
C GLU F 50 75.60 -22.56 -28.04
N ASP F 51 76.44 -22.40 -29.06
CA ASP F 51 76.47 -23.38 -30.14
C ASP F 51 77.02 -24.72 -29.66
N SER F 52 78.01 -24.69 -28.76
CA SER F 52 78.57 -25.93 -28.23
C SER F 52 77.54 -26.69 -27.40
N ALA F 53 76.78 -25.98 -26.57
CA ALA F 53 75.75 -26.64 -25.77
C ALA F 53 74.63 -27.16 -26.65
N SER F 54 74.28 -26.42 -27.70
CA SER F 54 73.25 -26.89 -28.63
C SER F 54 73.71 -28.16 -29.34
N LYS F 55 74.95 -28.19 -29.81
CA LYS F 55 75.45 -29.34 -30.55
C LYS F 55 75.51 -30.59 -29.68
N ILE F 56 76.00 -30.44 -28.44
CA ILE F 56 76.09 -31.59 -27.55
C ILE F 56 74.70 -32.06 -27.13
N MET F 57 73.74 -31.14 -26.97
CA MET F 57 72.41 -31.54 -26.54
C MET F 57 71.63 -32.18 -27.68
N LYS F 58 71.90 -31.78 -28.92
CA LYS F 58 71.16 -32.30 -30.06
C LYS F 58 71.74 -33.60 -30.61
N GLU F 59 73.03 -33.86 -30.38
CA GLU F 59 73.64 -35.08 -30.88
C GLU F 59 73.49 -36.25 -29.91
N LEU F 60 73.01 -35.99 -28.70
CA LEU F 60 72.79 -37.03 -27.71
C LEU F 60 71.34 -37.49 -27.64
N GLU F 61 70.50 -37.09 -28.60
CA GLU F 61 69.12 -37.55 -28.61
C GLU F 61 69.04 -39.04 -28.91
N GLU F 62 69.93 -39.55 -29.77
CA GLU F 62 69.89 -40.96 -30.13
C GLU F 62 70.45 -41.84 -29.01
N ILE F 63 71.51 -41.39 -28.34
CA ILE F 63 72.15 -42.20 -27.32
C ILE F 63 71.24 -42.32 -26.09
N VAL F 64 70.66 -41.20 -25.65
CA VAL F 64 69.74 -41.18 -24.52
C VAL F 64 68.49 -40.42 -24.93
N LYS F 65 67.32 -40.95 -24.54
CA LYS F 65 66.03 -40.39 -24.95
C LYS F 65 65.37 -39.61 -23.82
N ARG F 66 66.17 -38.94 -22.99
CA ARG F 66 65.66 -38.10 -21.92
C ARG F 66 66.27 -36.71 -22.03
N GLU F 67 65.40 -35.70 -22.05
CA GLU F 67 65.85 -34.33 -22.22
C GLU F 67 66.47 -33.72 -20.96
N ASP F 68 66.06 -34.19 -19.78
CA ASP F 68 66.59 -33.65 -18.54
C ASP F 68 68.06 -34.01 -18.32
N VAL F 69 68.45 -35.25 -18.60
CA VAL F 69 69.85 -35.65 -18.40
C VAL F 69 70.74 -35.00 -19.44
N ARG F 70 70.21 -34.73 -20.63
CA ARG F 70 71.00 -34.05 -21.65
C ARG F 70 71.32 -32.62 -21.28
N ALA F 71 70.49 -31.98 -20.47
CA ALA F 71 70.72 -30.60 -20.06
C ALA F 71 71.77 -30.48 -18.95
N VAL F 72 72.09 -31.57 -18.26
CA VAL F 72 73.11 -31.54 -17.22
C VAL F 72 74.42 -32.06 -17.79
N LEU F 73 74.33 -32.91 -18.81
CA LEU F 73 75.54 -33.33 -19.52
C LEU F 73 76.09 -32.20 -20.39
N ALA F 74 75.25 -31.22 -20.73
CA ALA F 74 75.68 -30.07 -21.51
C ALA F 74 76.21 -28.93 -20.63
N SER F 75 76.13 -29.06 -19.31
CA SER F 75 76.59 -28.03 -18.40
C SER F 75 77.81 -28.43 -17.60
N ILE F 76 77.99 -29.72 -17.33
CA ILE F 76 79.11 -30.19 -16.52
C ILE F 76 80.29 -30.68 -17.35
N CYS F 77 80.04 -31.33 -18.49
CA CYS F 77 81.08 -31.91 -19.33
C CYS F 77 81.98 -32.83 -18.52
N PRO F 78 81.48 -34.00 -18.10
CA PRO F 78 82.31 -34.88 -17.26
C PRO F 78 83.60 -35.33 -17.93
N THR F 79 83.56 -35.53 -19.26
CA THR F 79 84.70 -35.90 -20.11
C THR F 79 85.50 -37.09 -19.55
N THR F 80 84.90 -37.86 -18.65
CA THR F 80 85.51 -39.06 -18.09
C THR F 80 84.45 -40.13 -17.95
N VAL F 81 84.84 -41.38 -18.21
CA VAL F 81 83.90 -42.48 -18.16
C VAL F 81 83.64 -42.95 -16.73
N GLU F 82 84.48 -42.57 -15.77
CA GLU F 82 84.36 -43.06 -14.40
C GLU F 82 83.34 -42.27 -13.58
N GLU F 83 82.90 -41.10 -14.04
CA GLU F 83 81.94 -40.30 -13.28
C GLU F 83 80.61 -40.12 -13.99
N VAL F 84 80.45 -40.65 -15.21
CA VAL F 84 79.17 -40.58 -15.89
C VAL F 84 78.11 -41.35 -15.11
N ARG F 85 78.48 -42.53 -14.60
CA ARG F 85 77.54 -43.33 -13.82
C ARG F 85 77.10 -42.59 -12.56
N SER F 86 77.95 -41.70 -12.03
CA SER F 86 77.56 -40.88 -10.90
C SER F 86 76.51 -39.85 -11.31
N VAL F 87 76.63 -39.31 -12.53
CA VAL F 87 75.61 -38.39 -13.03
C VAL F 87 74.30 -39.11 -13.27
N LEU F 88 74.37 -40.37 -13.73
CA LEU F 88 73.17 -41.13 -14.02
C LEU F 88 72.40 -41.44 -12.74
N VAL F 89 71.11 -41.13 -12.74
CA VAL F 89 70.24 -41.44 -11.61
C VAL F 89 69.01 -42.19 -12.12
N ILE F 90 69.16 -42.83 -13.28
CA ILE F 90 68.07 -43.53 -13.94
C ILE F 90 68.27 -45.03 -13.72
N ASP F 91 67.19 -45.70 -13.30
CA ASP F 91 67.29 -47.12 -12.95
C ASP F 91 67.73 -48.00 -14.10
N PRO F 92 67.15 -47.93 -15.31
CA PRO F 92 67.62 -48.80 -16.40
C PRO F 92 69.07 -48.53 -16.75
N SER F 93 69.79 -49.60 -17.07
CA SER F 93 71.20 -49.49 -17.43
C SER F 93 71.35 -49.05 -18.88
N THR F 94 72.18 -48.03 -19.10
CA THR F 94 72.44 -47.57 -20.45
C THR F 94 73.32 -48.58 -21.18
N ILE F 95 73.15 -48.65 -22.51
CA ILE F 95 73.97 -49.54 -23.31
C ILE F 95 75.43 -49.10 -23.24
N TYR F 96 76.33 -50.01 -23.59
CA TYR F 96 77.76 -49.71 -23.49
C TYR F 96 78.24 -48.88 -24.67
N SER F 97 77.56 -47.77 -24.92
CA SER F 97 78.01 -46.74 -25.84
C SER F 97 78.45 -45.48 -25.10
N THR F 98 78.70 -45.60 -23.79
CA THR F 98 79.12 -44.45 -23.00
C THR F 98 80.44 -43.88 -23.51
N GLU F 99 81.31 -44.76 -24.01
CA GLU F 99 82.59 -44.28 -24.56
C GLU F 99 82.36 -43.37 -25.76
N GLN F 100 81.27 -43.57 -26.49
CA GLN F 100 80.93 -42.64 -27.58
C GLN F 100 80.50 -41.28 -27.04
N ILE F 101 79.85 -41.25 -25.88
CA ILE F 101 79.39 -39.99 -25.31
C ILE F 101 80.58 -39.09 -25.01
N GLN F 102 81.65 -39.64 -24.43
CA GLN F 102 82.84 -38.86 -24.16
C GLN F 102 83.46 -38.34 -25.45
N LYS F 103 83.48 -39.17 -26.49
CA LYS F 103 84.06 -38.76 -27.77
C LYS F 103 83.35 -37.53 -28.32
N ILE F 104 82.02 -37.46 -28.15
CA ILE F 104 81.27 -36.31 -28.64
C ILE F 104 81.63 -35.06 -27.85
N ILE F 105 82.17 -35.23 -26.64
CA ILE F 105 82.42 -34.08 -25.77
C ILE F 105 83.56 -33.22 -26.32
N GLU F 106 84.70 -33.83 -26.66
CA GLU F 106 85.85 -33.03 -27.06
C GLU F 106 85.71 -32.47 -28.47
N ILE F 107 85.03 -33.17 -29.36
CA ILE F 107 84.84 -32.65 -30.72
C ILE F 107 84.00 -31.39 -30.69
N ILE F 108 83.13 -31.26 -29.70
CA ILE F 108 82.31 -30.07 -29.52
C ILE F 108 82.92 -29.12 -28.50
N LYS F 109 83.30 -29.64 -27.33
CA LYS F 109 83.89 -28.83 -26.27
C LYS F 109 85.37 -29.16 -26.10
N MET G 4 -10.75 34.45 -58.61
CA MET G 4 -11.01 33.20 -59.31
C MET G 4 -12.47 32.78 -59.18
N MET G 5 -13.19 33.44 -58.27
CA MET G 5 -14.63 33.18 -58.11
C MET G 5 -15.24 34.40 -57.44
N GLN G 6 -16.05 35.14 -58.17
CA GLN G 6 -16.70 36.35 -57.68
C GLN G 6 -18.22 36.19 -57.75
N GLY G 7 -18.92 37.25 -57.37
CA GLY G 7 -20.37 37.25 -57.44
C GLY G 7 -21.03 38.39 -56.69
N THR G 8 -22.30 38.65 -57.01
CA THR G 8 -23.11 39.62 -56.30
C THR G 8 -24.34 38.92 -55.76
N CYS G 9 -24.69 39.18 -54.51
CA CYS G 9 -25.67 38.35 -53.84
C CYS G 9 -26.26 39.10 -52.65
N LYS G 10 -27.37 38.57 -52.12
CA LYS G 10 -28.13 39.20 -51.06
C LYS G 10 -28.30 38.23 -49.89
N ILE G 11 -28.15 38.77 -48.67
CA ILE G 11 -28.32 37.98 -47.46
C ILE G 11 -29.79 37.62 -47.27
N SER G 12 -30.05 36.37 -46.88
CA SER G 12 -31.42 35.88 -46.70
C SER G 12 -31.81 35.65 -45.26
N SER G 13 -30.86 35.26 -44.39
CA SER G 13 -31.22 34.92 -43.02
C SER G 13 -29.97 34.96 -42.15
N ILE G 14 -30.16 35.23 -40.86
CA ILE G 14 -29.10 35.19 -39.86
C ILE G 14 -29.69 34.50 -38.63
N GLU G 15 -29.36 33.23 -38.45
CA GLU G 15 -29.86 32.43 -37.35
C GLU G 15 -28.78 32.28 -36.28
N LYS G 16 -29.07 31.45 -35.27
CA LYS G 16 -28.17 31.31 -34.12
C LYS G 16 -27.13 30.20 -34.32
N GLY G 17 -27.59 28.97 -34.46
CA GLY G 17 -26.68 27.85 -34.57
C GLY G 17 -26.55 27.06 -33.28
N ALA G 18 -25.71 26.04 -33.33
CA ALA G 18 -25.62 25.08 -32.24
C ALA G 18 -24.95 25.68 -31.01
N LEU G 19 -23.88 26.45 -31.19
CA LEU G 19 -23.08 26.90 -30.08
C LEU G 19 -23.61 28.23 -29.54
N LYS G 20 -22.99 28.71 -28.44
CA LYS G 20 -23.50 29.88 -27.73
C LYS G 20 -23.48 31.12 -28.60
N ASN G 21 -22.28 31.58 -28.97
CA ASN G 21 -22.10 32.85 -29.66
C ASN G 21 -21.99 32.69 -31.17
N LEU G 22 -22.22 31.49 -31.69
CA LEU G 22 -22.15 31.28 -33.13
C LEU G 22 -23.34 31.97 -33.81
N TYR G 23 -23.14 32.32 -35.08
CA TYR G 23 -24.20 32.84 -35.93
C TYR G 23 -23.96 32.35 -37.36
N VAL G 24 -25.05 32.09 -38.08
CA VAL G 24 -24.97 31.57 -39.44
C VAL G 24 -25.62 32.58 -40.38
N VAL G 25 -24.88 33.00 -41.40
CA VAL G 25 -25.35 33.97 -42.38
C VAL G 25 -25.64 33.22 -43.67
N LYS G 26 -26.91 32.97 -43.94
CA LYS G 26 -27.31 32.32 -45.18
C LYS G 26 -27.49 33.35 -46.28
N MET G 27 -27.13 32.96 -47.50
CA MET G 27 -27.02 33.90 -48.61
C MET G 27 -27.51 33.21 -49.88
N ASP G 28 -28.07 34.01 -50.77
CA ASP G 28 -28.51 33.54 -52.08
C ASP G 28 -27.75 34.29 -53.15
N CYS G 29 -27.07 33.55 -54.02
CA CYS G 29 -26.20 34.11 -55.04
C CYS G 29 -26.76 33.85 -56.43
N ASP G 30 -26.08 34.40 -57.43
CA ASP G 30 -26.43 34.16 -58.82
C ASP G 30 -25.86 32.82 -59.29
N ASN G 31 -26.25 32.43 -60.50
CA ASN G 31 -25.80 31.16 -61.09
C ASN G 31 -26.19 29.96 -60.23
N ASP G 32 -27.33 30.07 -59.54
CA ASP G 32 -27.84 29.01 -58.65
C ASP G 32 -26.81 28.65 -57.57
N LEU G 33 -26.16 29.66 -57.02
CA LEU G 33 -25.15 29.49 -55.99
C LEU G 33 -25.71 29.89 -54.63
N LYS G 34 -25.34 29.14 -53.60
CA LYS G 34 -25.73 29.44 -52.22
C LYS G 34 -24.51 29.34 -51.32
N ILE G 35 -24.38 30.29 -50.41
CA ILE G 35 -23.25 30.36 -49.49
C ILE G 35 -23.78 30.62 -48.08
N GLU G 36 -23.24 29.90 -47.10
CA GLU G 36 -23.50 30.17 -45.70
C GLU G 36 -22.21 30.00 -44.92
N PHE G 37 -21.96 30.91 -43.98
CA PHE G 37 -20.73 30.88 -43.21
C PHE G 37 -21.01 31.28 -41.77
N ASP G 38 -20.11 30.86 -40.88
CA ASP G 38 -20.23 31.11 -39.45
C ASP G 38 -19.53 32.40 -39.06
N ILE G 39 -20.14 33.13 -38.12
CA ILE G 39 -19.57 34.34 -37.54
C ILE G 39 -19.85 34.34 -36.04
N THR G 40 -19.27 35.31 -35.36
CA THR G 40 -19.54 35.57 -33.95
C THR G 40 -20.00 37.01 -33.80
N LYS G 41 -20.20 37.44 -32.55
CA LYS G 41 -20.66 38.79 -32.29
C LYS G 41 -19.65 39.84 -32.74
N GLU G 42 -18.36 39.56 -32.61
CA GLU G 42 -17.34 40.52 -33.02
C GLU G 42 -17.42 40.79 -34.52
N LEU G 43 -17.69 39.75 -35.31
CA LEU G 43 -17.68 39.86 -36.76
C LEU G 43 -19.06 40.14 -37.35
N SER G 44 -20.10 40.25 -36.54
CA SER G 44 -21.46 40.46 -37.03
C SER G 44 -21.61 41.90 -37.51
N ILE G 45 -21.51 42.10 -38.82
CA ILE G 45 -21.62 43.44 -39.41
C ILE G 45 -22.61 43.42 -40.55
N PHE G 46 -23.51 42.45 -40.57
CA PHE G 46 -24.42 42.23 -41.69
C PHE G 46 -25.87 42.29 -41.24
N SER G 47 -26.71 42.88 -42.09
CA SER G 47 -28.15 42.90 -41.91
C SER G 47 -28.80 41.88 -42.84
N LYS G 48 -30.05 41.56 -42.55
CA LYS G 48 -30.68 40.36 -43.11
C LYS G 48 -31.22 40.55 -44.52
N ASP G 49 -31.14 41.74 -45.12
CA ASP G 49 -31.67 41.90 -46.47
C ASP G 49 -30.82 42.80 -47.35
N GLU G 50 -29.50 42.81 -47.14
CA GLU G 50 -28.64 43.74 -47.87
C GLU G 50 -27.90 43.04 -49.01
N GLU G 51 -27.55 43.84 -50.03
CA GLU G 51 -26.77 43.38 -51.16
C GLU G 51 -25.29 43.49 -50.82
N VAL G 52 -24.53 42.43 -51.09
CA VAL G 52 -23.11 42.38 -50.83
C VAL G 52 -22.41 41.69 -52.00
N THR G 53 -21.07 41.73 -51.97
CA THR G 53 -20.24 41.13 -53.00
C THR G 53 -19.15 40.30 -52.33
N PHE G 54 -18.92 39.10 -52.86
CA PHE G 54 -17.91 38.19 -52.31
C PHE G 54 -16.85 37.89 -53.35
N ILE G 55 -15.76 37.28 -52.90
CA ILE G 55 -14.67 36.83 -53.76
C ILE G 55 -13.92 35.71 -53.06
N ILE G 56 -13.53 34.70 -53.83
CA ILE G 56 -12.67 33.61 -53.35
C ILE G 56 -11.50 33.51 -54.31
N SER G 57 -10.28 33.65 -53.79
CA SER G 57 -9.10 33.61 -54.63
C SER G 57 -7.89 33.19 -53.81
N ARG G 58 -6.85 32.76 -54.51
CA ARG G 58 -5.60 32.35 -53.87
C ARG G 58 -4.69 33.52 -53.52
N GLU G 59 -4.96 34.70 -54.06
CA GLU G 59 -4.16 35.89 -53.77
C GLU G 59 -4.90 36.79 -52.79
N LYS G 60 -4.13 37.56 -52.04
CA LYS G 60 -4.71 38.45 -51.04
C LYS G 60 -5.43 39.60 -51.72
N PRO G 61 -6.72 39.80 -51.48
CA PRO G 61 -7.44 40.92 -52.10
C PRO G 61 -7.16 42.22 -51.36
N GLU G 62 -7.84 43.28 -51.80
CA GLU G 62 -7.76 44.57 -51.15
C GLU G 62 -8.99 44.73 -50.25
N TYR G 63 -8.74 44.95 -48.96
CA TYR G 63 -9.80 45.02 -47.98
C TYR G 63 -9.58 46.22 -47.05
N SER G 64 -10.67 46.70 -46.47
CA SER G 64 -10.64 47.82 -45.54
C SER G 64 -11.19 47.34 -44.19
N GLU G 65 -11.34 48.29 -43.26
CA GLU G 65 -11.84 47.96 -41.92
C GLU G 65 -13.32 47.66 -41.90
N LYS G 66 -14.05 47.92 -42.99
CA LYS G 66 -15.49 47.74 -43.04
C LYS G 66 -15.90 46.48 -43.80
N ASP G 67 -14.95 45.61 -44.14
CA ASP G 67 -15.23 44.37 -44.85
C ASP G 67 -15.02 43.19 -43.91
N PHE G 68 -15.23 41.99 -44.46
CA PHE G 68 -14.99 40.74 -43.75
C PHE G 68 -14.04 39.90 -44.59
N CYS G 69 -12.79 39.80 -44.16
CA CYS G 69 -11.75 39.08 -44.88
C CYS G 69 -11.16 37.99 -43.99
N ALA G 70 -10.93 36.81 -44.59
CA ALA G 70 -10.37 35.69 -43.87
C ALA G 70 -9.69 34.76 -44.85
N HIS G 71 -8.80 33.91 -44.34
CA HIS G 71 -8.13 32.90 -45.15
C HIS G 71 -8.21 31.54 -44.46
N GLY G 72 -8.27 30.50 -45.26
CA GLY G 72 -8.37 29.14 -44.75
C GLY G 72 -7.96 28.13 -45.79
N TYR G 73 -8.56 26.94 -45.71
CA TYR G 73 -8.22 25.85 -46.60
C TYR G 73 -9.49 25.17 -47.10
N LEU G 74 -9.57 24.94 -48.41
CA LEU G 74 -10.66 24.19 -49.01
C LEU G 74 -10.38 22.70 -48.80
N PHE G 75 -11.14 22.06 -47.91
CA PHE G 75 -10.78 20.74 -47.42
C PHE G 75 -11.86 19.68 -47.67
N LEU G 76 -12.95 20.02 -48.34
CA LEU G 76 -14.03 19.05 -48.51
C LEU G 76 -14.77 19.33 -49.81
N GLU G 77 -15.22 18.26 -50.46
CA GLU G 77 -16.14 18.37 -51.60
C GLU G 77 -16.88 17.05 -51.75
N ARG G 78 -18.20 17.11 -51.74
CA ARG G 78 -19.05 15.94 -51.92
C ARG G 78 -20.04 16.22 -53.04
N GLN G 79 -20.42 15.17 -53.76
CA GLN G 79 -21.44 15.26 -54.80
C GLN G 79 -22.74 14.67 -54.28
N GLN G 80 -23.85 15.35 -54.54
CA GLN G 80 -25.15 14.95 -54.02
C GLN G 80 -25.88 14.07 -55.04
N GLU G 81 -27.05 13.58 -54.63
CA GLU G 81 -27.83 12.67 -55.48
C GLU G 81 -28.31 13.37 -56.75
N ASP G 82 -28.64 14.65 -56.67
CA ASP G 82 -29.16 15.38 -57.82
C ASP G 82 -28.07 15.87 -58.77
N GLY G 83 -26.81 15.61 -58.46
CA GLY G 83 -25.70 16.06 -59.28
C GLY G 83 -25.07 17.37 -58.84
N SER G 84 -25.53 17.95 -57.74
CA SER G 84 -24.95 19.17 -57.20
C SER G 84 -23.81 18.83 -56.24
N PHE G 85 -23.03 19.84 -55.87
CA PHE G 85 -21.83 19.65 -55.08
C PHE G 85 -21.92 20.43 -53.77
N ILE G 86 -21.25 19.90 -52.75
CA ILE G 86 -21.08 20.56 -51.46
C ILE G 86 -19.60 20.86 -51.29
N ASP G 87 -19.27 22.14 -51.13
CA ASP G 87 -17.89 22.56 -50.92
C ASP G 87 -17.78 23.23 -49.56
N GLU G 88 -16.64 23.04 -48.91
CA GLU G 88 -16.43 23.56 -47.57
C GLU G 88 -15.05 24.17 -47.45
N ILE G 89 -14.98 25.40 -46.96
CA ILE G 89 -13.74 26.07 -46.64
C ILE G 89 -13.69 26.28 -45.13
N SER G 90 -12.56 25.96 -44.53
CA SER G 90 -12.39 26.09 -43.07
C SER G 90 -11.44 27.24 -42.80
N LEU G 91 -11.98 28.33 -42.26
CA LEU G 91 -11.18 29.49 -41.87
C LEU G 91 -10.55 29.23 -40.49
N TYR G 92 -9.75 28.16 -40.45
CA TYR G 92 -9.12 27.68 -39.21
C TYR G 92 -10.16 27.37 -38.14
N GLY G 93 -11.32 26.87 -38.55
CA GLY G 93 -12.36 26.51 -37.61
C GLY G 93 -13.75 27.01 -37.97
N LEU G 94 -13.83 28.18 -38.59
CA LEU G 94 -15.11 28.72 -39.06
C LEU G 94 -15.36 28.23 -40.47
N ILE G 95 -16.52 27.63 -40.69
CA ILE G 95 -16.81 26.88 -41.91
C ILE G 95 -17.57 27.76 -42.88
N VAL G 96 -17.11 27.80 -44.13
CA VAL G 96 -17.83 28.44 -45.23
C VAL G 96 -18.31 27.34 -46.17
N LYS G 97 -19.62 27.20 -46.30
CA LYS G 97 -20.22 26.17 -47.14
C LYS G 97 -20.75 26.79 -48.42
N ILE G 98 -20.45 26.17 -49.55
CA ILE G 98 -20.83 26.67 -50.87
C ILE G 98 -21.66 25.61 -51.57
N LEU G 99 -22.82 26.02 -52.09
CA LEU G 99 -23.71 25.15 -52.85
C LEU G 99 -23.55 25.46 -54.33
N SER G 100 -23.14 24.46 -55.11
CA SER G 100 -22.90 24.63 -56.53
C SER G 100 -23.45 23.42 -57.28
N LYS G 101 -23.56 23.56 -58.60
CA LYS G 101 -23.93 22.45 -59.46
C LYS G 101 -22.73 21.83 -60.17
N ASN G 102 -21.59 22.53 -60.21
CA ASN G 102 -20.38 22.01 -60.85
C ASN G 102 -19.21 21.83 -59.88
N GLY G 103 -19.27 22.40 -58.68
CA GLY G 103 -18.22 22.25 -57.71
C GLY G 103 -17.06 23.19 -57.93
N LEU G 104 -16.20 23.26 -56.92
CA LEU G 104 -15.00 24.10 -56.99
C LEU G 104 -13.79 23.33 -57.51
N ILE G 105 -13.65 22.06 -57.12
CA ILE G 105 -12.55 21.23 -57.57
C ILE G 105 -12.92 20.47 -58.84
N ASN G 106 -14.16 19.99 -58.93
CA ASN G 106 -14.60 19.27 -60.11
C ASN G 106 -14.61 20.16 -61.35
N SER G 107 -14.75 21.46 -61.17
CA SER G 107 -14.72 22.42 -62.27
C SER G 107 -13.31 22.92 -62.58
N LYS G 108 -12.30 22.36 -61.91
CA LYS G 108 -10.90 22.70 -62.15
C LYS G 108 -10.58 24.15 -61.81
N LEU G 109 -11.30 24.74 -60.86
CA LEU G 109 -10.97 26.07 -60.38
C LEU G 109 -9.92 26.03 -59.27
N PHE G 110 -10.08 25.11 -58.32
CA PHE G 110 -9.15 24.94 -57.22
C PHE G 110 -8.75 23.49 -57.10
N LYS G 111 -7.74 23.23 -56.28
CA LYS G 111 -7.29 21.88 -55.94
C LYS G 111 -7.72 21.55 -54.52
N MET G 112 -7.52 20.30 -54.13
CA MET G 112 -7.78 19.89 -52.77
C MET G 112 -6.75 20.51 -51.83
N MET G 113 -7.22 21.08 -50.72
CA MET G 113 -6.38 21.67 -49.70
C MET G 113 -5.58 22.86 -50.22
N ASP G 114 -6.24 23.72 -51.00
CA ASP G 114 -5.66 25.00 -51.36
C ASP G 114 -5.86 26.02 -50.25
N HIS G 115 -4.90 26.93 -50.11
CA HIS G 115 -5.03 28.08 -49.22
C HIS G 115 -5.67 29.22 -49.99
N VAL G 116 -6.87 29.62 -49.58
CA VAL G 116 -7.67 30.60 -50.29
C VAL G 116 -7.94 31.79 -49.38
N TYR G 117 -8.40 32.87 -49.99
CA TYR G 117 -8.79 34.08 -49.28
C TYR G 117 -10.27 34.33 -49.52
N TYR G 118 -11.01 34.57 -48.44
CA TYR G 118 -12.46 34.78 -48.50
C TYR G 118 -12.76 36.19 -48.04
N CYS G 119 -13.38 36.98 -48.92
CA CYS G 119 -13.70 38.38 -48.63
C CYS G 119 -15.14 38.66 -49.02
N VAL G 120 -15.88 39.34 -48.13
CA VAL G 120 -17.24 39.78 -48.39
C VAL G 120 -17.30 41.27 -48.15
N LYS G 121 -17.72 42.03 -49.16
CA LYS G 121 -17.80 43.47 -49.08
C LYS G 121 -19.23 43.93 -49.33
N LYS G 122 -19.58 45.09 -48.76
CA LYS G 122 -20.93 45.63 -48.89
C LYS G 122 -21.08 46.36 -50.22
N LYS G 123 -22.19 46.11 -50.90
CA LYS G 123 -22.46 46.82 -52.15
C LYS G 123 -22.72 48.29 -51.91
N ALA G 124 -23.22 48.65 -50.73
CA ALA G 124 -23.50 50.04 -50.39
C ALA G 124 -22.20 50.70 -49.94
N HIS G 125 -21.38 51.07 -50.93
CA HIS G 125 -20.10 51.71 -50.66
C HIS G 125 -20.30 53.12 -50.13
N LYS H 8 -14.82 -45.69 -28.75
CA LYS H 8 -15.93 -45.24 -27.91
C LYS H 8 -16.59 -44.00 -28.51
N ILE H 9 -15.80 -42.95 -28.71
CA ILE H 9 -16.30 -41.70 -29.28
C ILE H 9 -15.14 -40.99 -29.95
N ASP H 10 -15.43 -40.36 -31.09
CA ASP H 10 -14.43 -39.63 -31.84
C ASP H 10 -14.44 -38.16 -31.41
N ILE H 11 -13.34 -37.70 -30.84
CA ILE H 11 -13.26 -36.36 -30.27
C ILE H 11 -12.37 -35.43 -31.06
N SER H 12 -11.65 -35.92 -32.08
CA SER H 12 -10.75 -35.08 -32.83
C SER H 12 -11.47 -33.99 -33.63
N ASN H 13 -12.80 -34.09 -33.78
CA ASN H 13 -13.59 -33.11 -34.51
C ASN H 13 -14.15 -32.03 -33.60
N HIS H 14 -13.87 -32.07 -32.30
CA HIS H 14 -14.33 -31.03 -31.40
C HIS H 14 -13.67 -29.70 -31.75
N GLU H 15 -14.37 -28.60 -31.47
CA GLU H 15 -13.89 -27.28 -31.82
C GLU H 15 -12.77 -26.78 -30.91
N LEU H 16 -12.52 -27.44 -29.77
CA LEU H 16 -11.43 -27.07 -28.90
C LEU H 16 -10.14 -27.83 -29.21
N VAL H 17 -10.17 -28.80 -30.11
CA VAL H 17 -9.04 -29.69 -30.36
C VAL H 17 -8.32 -29.22 -31.61
N PRO H 18 -7.05 -28.83 -31.53
CA PRO H 18 -6.27 -28.51 -32.73
C PRO H 18 -5.83 -29.77 -33.45
N LYS H 19 -5.26 -29.56 -34.64
CA LYS H 19 -4.79 -30.67 -35.47
C LYS H 19 -3.49 -31.23 -34.94
N HIS H 20 -3.43 -32.55 -34.79
CA HIS H 20 -2.23 -33.25 -34.36
C HIS H 20 -1.67 -34.07 -35.51
N GLU H 21 -0.34 -34.12 -35.61
CA GLU H 21 0.32 -34.86 -36.68
C GLU H 21 1.61 -35.47 -36.16
N ILE H 22 1.80 -36.76 -36.41
CA ILE H 22 3.08 -37.38 -36.11
C ILE H 22 4.12 -36.92 -37.13
N LEU H 23 5.32 -36.62 -36.63
CA LEU H 23 6.37 -36.01 -37.43
C LEU H 23 7.38 -37.07 -37.84
N GLN H 24 7.75 -37.08 -39.11
CA GLN H 24 8.69 -38.09 -39.61
C GLN H 24 10.05 -37.91 -38.95
N LEU H 25 10.81 -39.01 -38.89
CA LEU H 25 12.05 -39.01 -38.12
C LEU H 25 13.07 -38.03 -38.69
N GLU H 26 13.16 -37.93 -40.01
CA GLU H 26 14.10 -36.97 -40.59
C GLU H 26 13.71 -35.53 -40.25
N GLU H 27 12.41 -35.21 -40.32
CA GLU H 27 11.96 -33.87 -39.99
C GLU H 27 12.17 -33.57 -38.51
N ALA H 28 11.89 -34.54 -37.63
CA ALA H 28 12.11 -34.33 -36.21
C ALA H 28 13.60 -34.15 -35.90
N TYR H 29 14.45 -34.93 -36.56
CA TYR H 29 15.90 -34.78 -36.39
C TYR H 29 16.36 -33.40 -36.82
N LYS H 30 15.89 -32.94 -37.98
CA LYS H 30 16.25 -31.60 -38.44
C LYS H 30 15.77 -30.54 -37.46
N LEU H 31 14.55 -30.70 -36.93
CA LEU H 31 14.00 -29.74 -35.99
C LEU H 31 14.85 -29.66 -34.72
N VAL H 32 15.20 -30.82 -34.15
CA VAL H 32 15.97 -30.80 -32.90
C VAL H 32 17.40 -30.30 -33.15
N LYS H 33 17.95 -30.53 -34.35
CA LYS H 33 19.27 -29.98 -34.63
C LYS H 33 19.22 -28.46 -34.79
N GLU H 34 18.21 -27.94 -35.48
CA GLU H 34 18.13 -26.52 -35.73
C GLU H 34 17.62 -25.73 -34.53
N LEU H 35 17.03 -26.40 -33.54
CA LEU H 35 16.69 -25.74 -32.29
C LEU H 35 17.81 -25.80 -31.26
N GLY H 36 18.77 -26.69 -31.43
CA GLY H 36 19.88 -26.81 -30.50
C GLY H 36 19.51 -27.43 -29.16
N ILE H 37 18.56 -28.37 -29.17
CA ILE H 37 18.04 -28.96 -27.94
C ILE H 37 18.07 -30.49 -28.06
N LYS H 38 17.79 -31.14 -26.94
CA LYS H 38 17.40 -32.53 -26.83
C LYS H 38 15.90 -32.66 -26.98
N PRO H 39 15.41 -33.82 -27.43
CA PRO H 39 13.95 -33.96 -27.65
C PRO H 39 13.11 -33.73 -26.42
N GLU H 40 13.62 -34.06 -25.22
CA GLU H 40 12.82 -33.93 -24.01
C GLU H 40 12.80 -32.51 -23.45
N GLN H 41 13.36 -31.53 -24.17
CA GLN H 41 13.27 -30.14 -23.75
C GLN H 41 12.08 -29.42 -24.37
N LEU H 42 11.30 -30.11 -25.20
CA LEU H 42 10.03 -29.61 -25.70
C LEU H 42 8.94 -29.87 -24.67
N PRO H 43 7.79 -29.21 -24.78
CA PRO H 43 6.65 -29.58 -23.94
C PRO H 43 6.24 -31.02 -24.22
N TRP H 44 5.76 -31.69 -23.18
CA TRP H 44 5.48 -33.12 -23.24
C TRP H 44 4.01 -33.40 -23.53
N ILE H 45 3.77 -34.55 -24.15
CA ILE H 45 2.43 -35.10 -24.33
C ILE H 45 2.48 -36.57 -23.94
N ARG H 46 1.46 -37.03 -23.22
CA ARG H 46 1.44 -38.41 -22.77
C ARG H 46 0.96 -39.34 -23.89
N ALA H 47 1.47 -40.57 -23.86
CA ALA H 47 1.05 -41.57 -24.83
C ALA H 47 -0.41 -41.98 -24.63
N SER H 48 -0.95 -41.77 -23.43
CA SER H 48 -2.34 -42.07 -23.12
C SER H 48 -3.26 -40.87 -23.33
N ASP H 49 -2.75 -39.79 -23.90
CA ASP H 49 -3.58 -38.62 -24.17
C ASP H 49 -4.68 -39.01 -25.16
N PRO H 50 -5.90 -38.49 -24.99
CA PRO H 50 -6.99 -38.90 -25.88
C PRO H 50 -6.72 -38.64 -27.36
N VAL H 51 -6.02 -37.57 -27.69
CA VAL H 51 -5.71 -37.28 -29.09
C VAL H 51 -4.45 -38.01 -29.54
N ALA H 52 -3.53 -38.31 -28.61
CA ALA H 52 -2.35 -39.09 -28.97
C ALA H 52 -2.73 -40.49 -29.42
N LYS H 53 -3.69 -41.12 -28.73
CA LYS H 53 -4.13 -42.46 -29.11
C LYS H 53 -4.90 -42.45 -30.43
N SER H 54 -5.58 -41.34 -30.74
CA SER H 54 -6.37 -41.28 -31.96
C SER H 54 -5.50 -41.38 -33.21
N ILE H 55 -4.26 -40.90 -33.15
CA ILE H 55 -3.36 -40.92 -34.29
C ILE H 55 -2.31 -42.02 -34.19
N GLY H 56 -2.29 -42.76 -33.08
CA GLY H 56 -1.33 -43.83 -32.92
C GLY H 56 0.08 -43.33 -32.70
N ALA H 57 0.28 -42.53 -31.65
CA ALA H 57 1.57 -41.96 -31.33
C ALA H 57 2.25 -42.79 -30.25
N LYS H 58 3.52 -43.10 -30.47
CA LYS H 58 4.31 -43.87 -29.52
C LYS H 58 5.38 -43.00 -28.89
N PRO H 59 5.81 -43.34 -27.67
CA PRO H 59 6.85 -42.54 -27.01
C PRO H 59 8.14 -42.48 -27.83
N GLY H 60 8.77 -41.31 -27.79
CA GLY H 60 9.90 -41.02 -28.63
C GLY H 60 9.57 -40.26 -29.90
N ASP H 61 8.29 -40.10 -30.21
CA ASP H 61 7.84 -39.34 -31.36
C ASP H 61 7.71 -37.87 -31.01
N ILE H 62 7.59 -37.03 -32.04
CA ILE H 62 7.32 -35.62 -31.90
C ILE H 62 6.04 -35.30 -32.65
N ILE H 63 5.10 -34.65 -31.99
CA ILE H 63 3.80 -34.33 -32.57
C ILE H 63 3.79 -32.87 -33.00
N LYS H 64 3.38 -32.62 -34.23
CA LYS H 64 3.27 -31.28 -34.78
C LYS H 64 1.81 -30.83 -34.68
N ILE H 65 1.57 -29.77 -33.91
CA ILE H 65 0.23 -29.32 -33.57
C ILE H 65 0.00 -27.94 -34.19
N THR H 66 -1.12 -27.79 -34.90
CA THR H 66 -1.49 -26.54 -35.54
C THR H 66 -2.72 -25.97 -34.84
N ARG H 67 -2.56 -24.83 -34.18
CA ARG H 67 -3.62 -24.18 -33.44
C ARG H 67 -4.07 -22.91 -34.16
N LYS H 68 -5.26 -22.45 -33.79
CA LYS H 68 -5.83 -21.24 -34.36
C LYS H 68 -5.36 -20.03 -33.57
N SER H 69 -4.99 -18.96 -34.27
CA SER H 69 -4.43 -17.79 -33.63
C SER H 69 -5.13 -16.53 -34.11
N PRO H 70 -5.31 -15.54 -33.23
CA PRO H 70 -5.87 -14.25 -33.65
C PRO H 70 -4.85 -13.26 -34.19
N PHE H 71 -3.57 -13.61 -34.19
CA PHE H 71 -2.50 -12.74 -34.66
C PHE H 71 -1.90 -13.20 -35.98
N THR H 72 -1.76 -14.50 -36.20
CA THR H 72 -1.19 -15.03 -37.42
C THR H 72 -2.11 -15.98 -38.17
N GLY H 73 -3.27 -16.30 -37.60
CA GLY H 73 -4.19 -17.23 -38.24
C GLY H 73 -3.94 -18.67 -37.85
N GLU H 74 -2.75 -19.17 -38.19
CA GLU H 74 -2.35 -20.53 -37.85
C GLU H 74 -0.99 -20.50 -37.16
N SER H 75 -0.84 -21.31 -36.11
CA SER H 75 0.39 -21.38 -35.34
C SER H 75 0.78 -22.83 -35.15
N VAL H 76 2.07 -23.12 -35.30
CA VAL H 76 2.59 -24.49 -35.25
C VAL H 76 3.37 -24.68 -33.95
N THR H 77 3.15 -25.83 -33.30
CA THR H 77 3.78 -26.16 -32.03
C THR H 77 4.19 -27.62 -32.07
N TYR H 78 5.20 -27.97 -31.27
CA TYR H 78 5.72 -29.32 -31.24
C TYR H 78 5.71 -29.84 -29.80
N ARG H 79 5.32 -31.12 -29.67
CA ARG H 79 5.29 -31.79 -28.38
C ARG H 79 6.02 -33.12 -28.49
N TYR H 80 6.62 -33.56 -27.38
CA TYR H 80 7.38 -34.79 -27.32
C TYR H 80 6.60 -35.83 -26.53
N VAL H 81 6.45 -37.02 -27.11
CA VAL H 81 5.63 -38.07 -26.53
C VAL H 81 6.40 -38.78 -25.44
N ILE H 82 5.83 -38.81 -24.22
CA ILE H 82 6.46 -39.48 -23.08
C ILE H 82 5.61 -40.67 -22.69
N THR H 83 6.07 -41.41 -21.68
CA THR H 83 5.40 -42.62 -21.22
C THR H 83 4.53 -42.31 -20.01
N GLY H 84 3.29 -42.78 -20.04
CA GLY H 84 2.37 -42.55 -18.94
C GLY H 84 0.96 -42.19 -19.37
N MET I 1 12.17 -20.68 -44.55
CA MET I 1 11.55 -21.22 -43.34
C MET I 1 12.43 -22.29 -42.71
N THR I 2 13.36 -21.86 -41.85
CA THR I 2 14.21 -22.80 -41.13
C THR I 2 13.40 -23.59 -40.12
N ILE I 3 12.81 -22.90 -39.15
CA ILE I 3 11.80 -23.48 -38.26
C ILE I 3 10.43 -22.90 -38.55
N ASP I 4 10.34 -21.58 -38.70
CA ASP I 4 9.13 -20.89 -39.08
C ASP I 4 9.52 -19.61 -39.78
N LYS I 5 8.60 -19.05 -40.57
CA LYS I 5 8.89 -17.81 -41.26
C LYS I 5 9.04 -16.65 -40.30
N ILE I 6 8.30 -16.67 -39.18
CA ILE I 6 8.40 -15.60 -38.20
C ILE I 6 9.78 -15.56 -37.57
N ASN I 7 10.37 -16.73 -37.32
CA ASN I 7 11.72 -16.77 -36.75
C ASN I 7 12.75 -16.22 -37.73
N GLU I 8 12.59 -16.53 -39.02
CA GLU I 8 13.48 -15.98 -40.03
C GLU I 8 13.35 -14.46 -40.12
N ILE I 9 12.12 -13.96 -40.06
CA ILE I 9 11.91 -12.51 -40.06
C ILE I 9 12.55 -11.87 -38.84
N PHE I 10 12.40 -12.52 -37.68
CA PHE I 10 13.01 -12.02 -36.44
C PHE I 10 14.52 -11.90 -36.58
N LYS I 11 15.18 -12.99 -37.00
CA LYS I 11 16.63 -12.98 -37.10
C LYS I 11 17.13 -12.06 -38.19
N GLU I 12 16.37 -11.91 -39.28
CA GLU I 12 16.76 -10.94 -40.31
C GLU I 12 16.60 -9.51 -39.81
N ASN I 13 15.58 -9.25 -38.99
CA ASN I 13 15.37 -7.91 -38.46
C ASN I 13 16.48 -7.52 -37.50
N TRP I 14 16.85 -8.42 -36.58
CA TRP I 14 17.87 -8.11 -35.59
C TRP I 14 19.29 -8.36 -36.10
N LYS I 15 19.46 -8.54 -37.42
CA LYS I 15 20.78 -8.83 -37.96
C LYS I 15 21.71 -7.62 -37.85
N ASN I 16 21.24 -6.45 -38.24
CA ASN I 16 22.05 -5.23 -38.23
C ASN I 16 21.38 -4.15 -37.39
N LYS I 17 20.85 -4.52 -36.24
CA LYS I 17 20.18 -3.59 -35.35
C LYS I 17 20.57 -3.91 -33.91
N LEU I 18 20.78 -2.88 -33.11
CA LEU I 18 21.14 -3.05 -31.71
C LEU I 18 19.89 -2.97 -30.83
N THR I 19 19.78 -3.91 -29.90
CA THR I 19 18.71 -3.85 -28.92
C THR I 19 19.05 -2.82 -27.85
N LYS I 20 18.03 -2.41 -27.10
CA LYS I 20 18.23 -1.39 -26.07
C LYS I 20 19.13 -1.89 -24.94
N TYR I 21 19.11 -3.20 -24.67
CA TYR I 21 20.00 -3.75 -23.65
C TYR I 21 21.46 -3.67 -24.09
N GLU I 22 21.73 -3.89 -25.37
CA GLU I 22 23.10 -3.78 -25.85
C GLU I 22 23.59 -2.34 -25.81
N ILE I 23 22.72 -1.39 -26.17
CA ILE I 23 23.08 0.02 -26.08
C ILE I 23 23.37 0.42 -24.64
N ALA I 24 22.51 -0.01 -23.71
CA ALA I 24 22.72 0.31 -22.30
C ALA I 24 24.02 -0.29 -21.78
N ARG I 25 24.30 -1.54 -22.14
CA ARG I 25 25.53 -2.19 -21.70
C ARG I 25 26.77 -1.49 -22.26
N ILE I 26 26.73 -1.13 -23.55
CA ILE I 26 27.88 -0.46 -24.16
C ILE I 26 28.12 0.89 -23.50
N ILE I 27 27.05 1.66 -23.28
CA ILE I 27 27.20 2.99 -22.70
C ILE I 27 27.72 2.88 -21.27
N SER I 28 27.19 1.93 -20.49
CA SER I 28 27.65 1.80 -19.11
C SER I 28 29.12 1.38 -19.05
N ALA I 29 29.52 0.42 -19.89
CA ALA I 29 30.92 0.00 -19.90
C ALA I 29 31.85 1.13 -20.31
N ARG I 30 31.47 1.86 -21.37
CA ARG I 30 32.29 2.97 -21.82
C ARG I 30 32.41 4.05 -20.76
N ALA I 31 31.31 4.38 -20.08
CA ALA I 31 31.37 5.38 -19.03
C ALA I 31 32.24 4.92 -17.86
N LEU I 32 32.11 3.64 -17.48
CA LEU I 32 32.91 3.13 -16.37
C LEU I 32 34.40 3.18 -16.70
N GLN I 33 34.78 2.79 -17.91
CA GLN I 33 36.20 2.81 -18.24
C GLN I 33 36.69 4.20 -18.62
N LEU I 34 35.79 5.14 -18.91
CA LEU I 34 36.18 6.51 -19.19
C LEU I 34 36.38 7.29 -17.90
N SER I 35 35.65 6.95 -16.84
CA SER I 35 35.89 7.55 -15.53
C SER I 35 37.14 7.01 -14.85
N MET I 36 37.71 5.92 -15.35
CA MET I 36 38.89 5.29 -14.77
C MET I 36 40.19 5.82 -15.37
N GLY I 37 40.13 6.78 -16.28
CA GLY I 37 41.33 7.38 -16.84
C GLY I 37 41.50 7.25 -18.34
N ALA I 38 40.54 6.67 -19.06
CA ALA I 38 40.71 6.52 -20.50
C ALA I 38 40.55 7.87 -21.20
N LEU I 39 41.14 7.96 -22.39
CA LEU I 39 41.11 9.18 -23.18
C LEU I 39 39.90 9.17 -24.12
N PRO I 40 39.07 10.20 -24.10
CA PRO I 40 37.91 10.23 -25.00
C PRO I 40 38.33 10.19 -26.47
N LEU I 41 37.52 9.53 -27.28
CA LEU I 41 37.79 9.39 -28.70
C LEU I 41 37.14 10.49 -29.53
N ILE I 42 36.53 11.48 -28.88
CA ILE I 42 35.96 12.64 -29.56
C ILE I 42 36.63 13.90 -29.02
N ASP I 43 36.21 15.06 -29.53
CA ASP I 43 36.89 16.31 -29.17
C ASP I 43 36.73 16.63 -27.68
N THR I 44 35.49 16.61 -27.19
CA THR I 44 35.18 16.98 -25.80
C THR I 44 35.76 18.34 -25.44
N SER I 45 35.41 19.34 -26.25
CA SER I 45 35.85 20.71 -25.99
C SER I 45 34.67 21.67 -26.01
N ASN I 46 33.64 21.33 -26.79
CA ASN I 46 32.46 22.16 -26.92
C ASN I 46 31.18 21.37 -26.65
N LEU I 47 31.28 20.31 -25.86
CA LEU I 47 30.11 19.52 -25.51
C LEU I 47 29.30 20.22 -24.43
N LYS I 48 27.99 19.98 -24.44
CA LYS I 48 27.10 20.63 -23.48
C LYS I 48 27.41 20.19 -22.05
N SER I 49 27.62 18.89 -21.84
CA SER I 49 27.90 18.37 -20.52
C SER I 49 29.21 17.58 -20.55
N ASP I 50 29.95 17.66 -19.44
CA ASP I 50 31.28 17.06 -19.36
C ASP I 50 31.34 15.86 -18.42
N ASP I 51 30.21 15.22 -18.15
CA ASP I 51 30.22 14.00 -17.38
C ASP I 51 30.47 12.80 -18.30
N VAL I 52 30.82 11.67 -17.68
CA VAL I 52 31.30 10.53 -18.44
C VAL I 52 30.18 9.91 -19.27
N ILE I 53 28.95 9.89 -18.74
CA ILE I 53 27.85 9.22 -19.43
C ILE I 53 27.46 9.98 -20.69
N SER I 54 27.46 11.32 -20.64
CA SER I 54 27.16 12.11 -21.82
C SER I 54 28.22 11.91 -22.90
N ILE I 55 29.49 11.88 -22.50
CA ILE I 55 30.57 11.66 -23.47
C ILE I 55 30.45 10.27 -24.07
N ALA I 56 30.10 9.26 -23.27
CA ALA I 56 29.92 7.92 -23.80
C ALA I 56 28.75 7.88 -24.79
N GLU I 57 27.66 8.57 -24.48
CA GLU I 57 26.52 8.64 -25.39
C GLU I 57 26.92 9.26 -26.71
N GLU I 58 27.66 10.36 -26.67
CA GLU I 58 28.10 11.01 -27.90
C GLU I 58 29.11 10.15 -28.67
N GLU I 59 29.95 9.41 -27.96
CA GLU I 59 30.89 8.51 -28.62
C GLU I 59 30.18 7.36 -29.29
N LEU I 60 29.05 6.91 -28.73
CA LEU I 60 28.28 5.85 -29.36
C LEU I 60 27.49 6.38 -30.55
N LYS I 61 26.97 7.60 -30.46
CA LYS I 61 26.16 8.14 -31.55
C LYS I 61 26.96 8.28 -32.83
N ARG I 62 28.18 8.80 -32.74
CA ARG I 62 29.10 8.84 -33.88
C ARG I 62 30.10 7.72 -33.72
N GLY I 63 30.01 6.71 -34.58
CA GLY I 63 30.74 5.48 -34.35
C GLY I 63 32.25 5.65 -34.30
N VAL I 64 32.80 5.61 -33.09
CA VAL I 64 34.23 5.71 -32.87
C VAL I 64 34.67 4.65 -31.88
N LEU I 65 33.69 3.94 -31.31
CA LEU I 65 33.98 2.96 -30.28
C LEU I 65 34.41 1.64 -30.90
N PRO I 66 35.61 1.13 -30.58
CA PRO I 66 36.06 -0.16 -31.12
C PRO I 66 35.55 -1.36 -30.31
N ILE I 67 34.22 -1.44 -30.17
CA ILE I 67 33.58 -2.47 -29.36
C ILE I 67 32.80 -3.40 -30.29
N THR I 68 32.78 -4.69 -29.94
CA THR I 68 32.10 -5.71 -30.74
C THR I 68 31.14 -6.48 -29.84
N ILE I 69 29.90 -6.63 -30.30
CA ILE I 69 28.91 -7.43 -29.60
C ILE I 69 28.97 -8.86 -30.12
N ARG I 70 29.06 -9.82 -29.21
CA ARG I 70 29.07 -11.23 -29.55
C ARG I 70 27.72 -11.82 -29.19
N ARG I 71 26.94 -12.18 -30.21
CA ARG I 71 25.65 -12.83 -30.01
C ARG I 71 25.82 -14.33 -30.17
N ILE I 72 25.49 -15.08 -29.12
CA ILE I 72 25.55 -16.54 -29.14
C ILE I 72 24.14 -17.07 -29.30
N TYR I 73 23.88 -17.74 -30.41
CA TYR I 73 22.57 -18.32 -30.65
C TYR I 73 22.46 -19.66 -29.93
N PRO I 74 21.24 -20.08 -29.58
CA PRO I 74 21.09 -21.30 -28.76
C PRO I 74 21.63 -22.56 -29.42
N ASN I 75 21.75 -22.60 -30.75
CA ASN I 75 22.31 -23.76 -31.43
C ASN I 75 23.82 -23.71 -31.54
N GLY I 76 24.47 -22.67 -31.03
CA GLY I 76 25.91 -22.56 -31.03
C GLY I 76 26.47 -21.60 -32.05
N GLN I 77 25.68 -21.15 -33.01
CA GLN I 77 26.17 -20.21 -34.02
C GLN I 77 26.47 -18.86 -33.38
N VAL I 78 27.51 -18.19 -33.89
CA VAL I 78 28.00 -16.94 -33.32
C VAL I 78 27.88 -15.84 -34.36
N GLU I 79 27.32 -14.70 -33.95
CA GLU I 79 27.22 -13.52 -34.78
C GLU I 79 27.97 -12.37 -34.12
N LEU I 80 28.75 -11.63 -34.92
CA LEU I 80 29.54 -10.51 -34.44
C LEU I 80 29.02 -9.22 -35.04
N ILE I 81 28.80 -8.21 -34.19
CA ILE I 81 28.35 -6.89 -34.62
C ILE I 81 29.35 -5.87 -34.12
N SER I 82 29.78 -4.99 -35.01
CA SER I 82 30.76 -3.96 -34.69
C SER I 82 30.09 -2.59 -34.68
N VAL I 83 30.35 -1.81 -33.63
CA VAL I 83 29.82 -0.45 -33.55
C VAL I 83 30.80 0.60 -34.04
N ARG I 84 32.03 0.21 -34.36
CA ARG I 84 33.02 1.13 -34.93
C ARG I 84 32.62 1.42 -36.36
N LYS I 85 32.05 2.60 -36.58
CA LYS I 85 31.55 3.06 -37.89
C LYS I 85 30.72 1.98 -38.59
N ILE I 86 30.06 1.13 -37.80
CA ILE I 86 29.24 0.03 -38.29
C ILE I 86 30.05 -0.88 -39.22
N MET J 1 19.90 43.12 -10.20
CA MET J 1 19.62 41.94 -11.01
C MET J 1 20.89 41.43 -11.69
N GLU J 2 20.85 40.19 -12.14
CA GLU J 2 21.94 39.58 -12.90
C GLU J 2 21.37 38.98 -14.16
N ILE J 3 21.93 39.36 -15.31
CA ILE J 3 21.42 38.92 -16.60
C ILE J 3 22.45 38.03 -17.28
N LYS J 4 21.97 37.26 -18.26
CA LYS J 4 22.84 36.44 -19.08
C LYS J 4 22.10 36.07 -20.36
N VAL J 5 22.86 35.85 -21.42
CA VAL J 5 22.30 35.58 -22.74
C VAL J 5 22.23 34.07 -22.97
N ILE J 6 21.06 33.58 -23.34
CA ILE J 6 20.89 32.17 -23.66
C ILE J 6 21.15 31.91 -25.15
N LYS J 7 20.68 32.81 -26.02
CA LYS J 7 20.86 32.67 -27.45
C LYS J 7 20.61 34.02 -28.10
N GLU J 8 21.61 34.53 -28.82
CA GLU J 8 21.52 35.85 -29.44
C GLU J 8 21.91 35.78 -30.91
N GLU J 9 21.14 36.49 -31.73
CA GLU J 9 21.44 36.67 -33.14
C GLU J 9 21.13 38.12 -33.50
N GLN J 10 21.11 38.43 -34.80
CA GLN J 10 20.75 39.77 -35.22
C GLN J 10 19.25 40.02 -35.11
N ASN J 11 18.44 38.98 -35.28
CA ASN J 11 16.99 39.12 -35.24
C ASN J 11 16.35 38.25 -34.15
N TYR J 12 17.15 37.77 -33.20
CA TYR J 12 16.63 36.92 -32.14
C TYR J 12 17.46 37.13 -30.88
N LEU J 13 16.78 37.13 -29.73
CA LEU J 13 17.45 37.25 -28.45
C LEU J 13 16.63 36.53 -27.39
N GLU J 14 17.30 35.67 -26.61
CA GLU J 14 16.70 35.03 -25.46
C GLU J 14 17.52 35.45 -24.24
N LEU J 15 16.91 36.25 -23.36
CA LEU J 15 17.61 36.86 -22.24
C LEU J 15 16.99 36.40 -20.94
N GLN J 16 17.82 35.96 -20.01
CA GLN J 16 17.39 35.55 -18.68
C GLN J 16 17.80 36.60 -17.66
N ILE J 17 16.85 37.02 -16.84
CA ILE J 17 17.07 38.06 -15.83
C ILE J 17 16.78 37.45 -14.46
N ASP J 18 17.74 37.52 -13.56
CA ASP J 18 17.60 36.99 -12.20
C ASP J 18 17.27 38.13 -11.24
N GLY J 19 16.32 37.88 -10.35
CA GLY J 19 15.87 38.89 -9.42
C GLY J 19 14.71 39.73 -9.89
N GLU J 20 14.05 39.34 -10.99
CA GLU J 20 12.90 40.06 -11.51
C GLU J 20 11.72 39.10 -11.61
N GLU J 21 10.54 39.68 -11.76
CA GLU J 21 9.28 38.95 -11.73
C GLU J 21 8.28 39.65 -12.63
N HIS J 22 6.98 39.37 -12.43
CA HIS J 22 5.96 39.82 -13.38
C HIS J 22 5.96 41.32 -13.59
N THR J 23 6.35 42.10 -12.57
CA THR J 23 6.22 43.56 -12.66
C THR J 23 7.03 44.12 -13.82
N ILE J 24 8.26 43.64 -13.98
CA ILE J 24 9.12 44.13 -15.05
C ILE J 24 8.89 43.35 -16.35
N GLY J 25 8.63 42.05 -16.24
CA GLY J 25 8.46 41.23 -17.43
C GLY J 25 7.24 41.64 -18.25
N ASN J 26 6.11 41.84 -17.58
CA ASN J 26 4.89 42.23 -18.30
C ASN J 26 5.04 43.61 -18.93
N LEU J 27 5.64 44.55 -18.19
CA LEU J 27 5.87 45.89 -18.72
C LEU J 27 6.78 45.84 -19.94
N LEU J 28 7.86 45.06 -19.89
CA LEU J 28 8.78 44.97 -21.01
C LEU J 28 8.13 44.32 -22.22
N LYS J 29 7.33 43.25 -22.00
CA LYS J 29 6.65 42.62 -23.12
C LYS J 29 5.65 43.57 -23.77
N GLY J 30 4.88 44.30 -22.95
CA GLY J 30 3.92 45.24 -23.50
C GLY J 30 4.59 46.38 -24.25
N MET J 31 5.74 46.85 -23.75
CA MET J 31 6.44 47.91 -24.44
C MET J 31 7.07 47.41 -25.74
N LEU J 32 7.58 46.17 -25.73
CA LEU J 32 8.18 45.60 -26.93
C LEU J 32 7.14 45.39 -28.02
N LEU J 33 5.93 44.98 -27.65
CA LEU J 33 4.91 44.70 -28.65
C LEU J 33 4.52 45.94 -29.46
N LYS J 34 4.86 47.14 -29.00
CA LYS J 34 4.56 48.37 -29.73
C LYS J 34 5.80 49.00 -30.35
N VAL J 35 6.93 48.31 -30.35
CA VAL J 35 8.11 48.79 -31.05
C VAL J 35 8.02 48.36 -32.51
N PRO J 36 8.17 49.28 -33.48
CA PRO J 36 8.05 48.88 -34.88
C PRO J 36 9.25 48.06 -35.33
N GLY J 37 8.97 46.89 -35.92
CA GLY J 37 9.99 45.95 -36.34
C GLY J 37 10.00 44.66 -35.55
N VAL J 38 9.36 44.63 -34.39
CA VAL J 38 9.31 43.41 -33.57
C VAL J 38 8.19 42.52 -34.08
N LYS J 39 8.53 41.26 -34.39
CA LYS J 39 7.56 40.31 -34.91
C LYS J 39 6.89 39.50 -33.81
N PHE J 40 7.66 39.09 -32.80
CA PHE J 40 7.16 38.30 -31.69
C PHE J 40 7.87 38.73 -30.43
N ALA J 41 7.15 38.76 -29.31
CA ALA J 41 7.73 39.09 -28.02
C ALA J 41 6.92 38.43 -26.93
N ALA J 42 7.61 37.78 -26.00
CA ALA J 42 6.96 37.15 -24.87
C ALA J 42 7.94 37.08 -23.71
N TYR J 43 7.40 36.92 -22.51
CA TYR J 43 8.19 36.70 -21.32
C TYR J 43 7.66 35.47 -20.59
N SER J 44 8.56 34.80 -19.89
CA SER J 44 8.24 33.56 -19.20
C SER J 44 8.81 33.59 -17.80
N LEU J 45 8.06 33.06 -16.84
CA LEU J 45 8.54 32.88 -15.48
C LEU J 45 8.65 31.38 -15.23
N PRO J 46 9.84 30.79 -15.38
CA PRO J 46 9.92 29.31 -15.43
C PRO J 46 9.39 28.59 -14.20
N HIS J 47 9.59 29.14 -13.00
CA HIS J 47 9.05 28.52 -11.80
C HIS J 47 8.63 29.61 -10.83
N PRO J 48 7.40 29.54 -10.30
CA PRO J 48 6.95 30.57 -9.34
C PRO J 48 7.75 30.61 -8.06
N LEU J 49 8.47 29.55 -7.71
CA LEU J 49 9.29 29.55 -6.51
C LEU J 49 10.63 30.24 -6.72
N ILE J 50 10.98 30.59 -7.94
CA ILE J 50 12.24 31.25 -8.26
C ILE J 50 11.93 32.64 -8.81
N THR J 51 12.71 33.62 -8.38
CA THR J 51 12.55 35.01 -8.85
C THR J 51 13.46 35.22 -10.06
N SER J 52 12.96 34.81 -11.23
CA SER J 52 13.73 34.89 -12.46
C SER J 52 12.75 34.83 -13.64
N ILE J 53 13.07 35.59 -14.69
CA ILE J 53 12.24 35.63 -15.88
C ILE J 53 13.12 35.44 -17.11
N THR J 54 12.48 35.14 -18.23
CA THR J 54 13.16 34.99 -19.51
C THR J 54 12.42 35.80 -20.56
N ILE J 55 13.16 36.63 -21.30
CA ILE J 55 12.60 37.47 -22.36
C ILE J 55 12.99 36.87 -23.70
N LYS J 56 12.02 36.83 -24.63
CA LYS J 56 12.22 36.26 -25.95
C LYS J 56 11.73 37.24 -26.99
N ILE J 57 12.63 37.69 -27.86
CA ILE J 57 12.33 38.72 -28.85
C ILE J 57 12.70 38.21 -30.24
N LEU J 58 11.81 38.41 -31.20
CA LEU J 58 12.07 38.10 -32.60
C LEU J 58 11.68 39.31 -33.45
N THR J 59 12.60 39.77 -34.29
CA THR J 59 12.37 40.90 -35.18
C THR J 59 12.47 40.44 -36.63
N ASP J 60 12.15 41.36 -37.54
CA ASP J 60 12.21 41.09 -38.97
C ASP J 60 13.58 41.40 -39.58
N GLY J 61 14.53 41.89 -38.78
CA GLY J 61 15.85 42.20 -39.24
C GLY J 61 16.09 43.68 -39.49
N SER J 62 15.03 44.48 -39.64
CA SER J 62 15.21 45.91 -39.81
C SER J 62 15.81 46.54 -38.56
N ILE J 63 15.56 45.95 -37.40
CA ILE J 63 16.14 46.40 -36.14
C ILE J 63 16.67 45.19 -35.39
N SER J 64 17.71 45.40 -34.60
CA SER J 64 18.23 44.34 -33.76
C SER J 64 17.29 44.08 -32.59
N ALA J 65 17.36 42.86 -32.05
CA ALA J 65 16.54 42.53 -30.88
C ALA J 65 17.00 43.31 -29.65
N ARG J 66 18.31 43.46 -29.48
CA ARG J 66 18.84 44.24 -28.37
C ARG J 66 18.43 45.71 -28.50
N GLU J 67 18.46 46.24 -29.72
CA GLU J 67 18.02 47.61 -29.95
C GLU J 67 16.54 47.77 -29.62
N ALA J 68 15.72 46.79 -29.98
CA ALA J 68 14.30 46.82 -29.65
C ALA J 68 14.09 46.79 -28.14
N LEU J 69 14.87 45.97 -27.43
CA LEU J 69 14.76 45.93 -25.98
C LEU J 69 15.12 47.27 -25.35
N ILE J 70 16.18 47.91 -25.85
CA ILE J 70 16.58 49.20 -25.32
C ILE J 70 15.51 50.26 -25.61
N LYS J 71 14.90 50.20 -26.80
CA LYS J 71 13.82 51.14 -27.13
C LYS J 71 12.62 50.94 -26.22
N ALA J 72 12.28 49.69 -25.92
CA ALA J 72 11.17 49.41 -25.00
C ALA J 72 11.47 49.94 -23.61
N ILE J 73 12.72 49.78 -23.15
CA ILE J 73 13.11 50.32 -21.84
C ILE J 73 12.98 51.83 -21.84
N GLU J 74 13.38 52.49 -22.93
CA GLU J 74 13.24 53.94 -23.02
C GLU J 74 11.78 54.36 -22.97
N LEU J 75 10.89 53.64 -23.66
CA LEU J 75 9.47 53.95 -23.63
C LEU J 75 8.92 53.83 -22.21
N ALA J 76 9.29 52.76 -21.51
CA ALA J 76 8.82 52.59 -20.14
C ALA J 76 9.34 53.70 -19.23
N GLU J 77 10.59 54.13 -19.43
CA GLU J 77 11.12 55.23 -18.63
C GLU J 77 10.38 56.53 -18.90
N ASN J 78 10.04 56.80 -20.16
CA ASN J 78 9.26 58.01 -20.45
C ASN J 78 7.91 57.96 -19.76
N TYR J 79 7.23 56.81 -19.81
CA TYR J 79 5.94 56.69 -19.14
C TYR J 79 6.08 56.91 -17.64
N ALA J 80 7.10 56.32 -17.01
CA ALA J 80 7.28 56.49 -15.57
C ALA J 80 7.55 57.94 -15.20
N ASN J 81 8.40 58.62 -15.98
CA ASN J 81 8.70 60.02 -15.69
C ASN J 81 7.47 60.90 -15.84
N LEU J 82 6.67 60.66 -16.88
CA LEU J 82 5.45 61.43 -17.07
C LEU J 82 4.46 61.18 -15.93
N PHE J 83 4.35 59.94 -15.47
CA PHE J 83 3.50 59.63 -14.33
C PHE J 83 3.95 60.38 -13.09
N ILE J 84 5.26 60.40 -12.83
CA ILE J 84 5.78 61.13 -11.67
C ILE J 84 5.44 62.61 -11.79
N ASP J 85 5.62 63.18 -12.98
CA ASP J 85 5.34 64.60 -13.16
C ASP J 85 3.88 64.91 -12.93
N GLU J 86 2.97 64.05 -13.40
CA GLU J 86 1.54 64.32 -13.32
C GLU J 86 0.94 64.01 -11.96
N VAL J 87 1.54 63.12 -11.18
CA VAL J 87 0.99 62.83 -9.85
C VAL J 87 1.22 64.00 -8.90
N LYS J 88 2.32 64.74 -9.08
CA LYS J 88 2.64 65.83 -8.16
C LYS J 88 1.67 67.01 -8.25
N LYS J 89 0.80 67.06 -9.25
CA LYS J 89 -0.10 68.20 -9.44
C LYS J 89 -1.56 67.75 -9.51
N ILE J 90 -1.97 66.88 -8.60
CA ILE J 90 -3.38 66.52 -8.48
C ILE J 90 -3.93 67.03 -7.15
N MET K 1 -6.89 33.73 20.38
CA MET K 1 -6.74 34.17 21.77
C MET K 1 -7.08 35.65 21.89
N ILE K 2 -6.35 36.48 21.16
CA ILE K 2 -6.53 37.92 21.18
C ILE K 2 -6.72 38.37 19.74
N ILE K 3 -7.37 39.53 19.58
CA ILE K 3 -7.77 40.01 18.24
C ILE K 3 -6.53 40.20 17.38
N PRO K 4 -6.53 39.74 16.13
CA PRO K 4 -5.39 39.98 15.25
C PRO K 4 -5.22 41.46 14.94
N ILE K 5 -3.98 41.86 14.68
CA ILE K 5 -3.68 43.25 14.39
C ILE K 5 -4.22 43.66 13.02
N ARG K 6 -4.04 42.80 12.02
CA ARG K 6 -4.46 43.09 10.66
C ARG K 6 -5.46 42.04 10.19
N CYS K 7 -6.30 42.43 9.24
CA CYS K 7 -7.12 41.48 8.51
C CYS K 7 -6.23 40.49 7.79
N PHE K 8 -6.67 39.22 7.72
CA PHE K 8 -5.86 38.20 7.07
C PHE K 8 -5.82 38.41 5.56
N THR K 9 -6.94 38.82 4.96
CA THR K 9 -7.02 38.95 3.51
C THR K 9 -6.24 40.17 3.01
N CYS K 10 -6.68 41.36 3.40
CA CYS K 10 -5.98 42.60 3.10
C CYS K 10 -5.25 43.08 4.34
N GLY K 11 -4.47 44.14 4.18
CA GLY K 11 -3.61 44.56 5.26
C GLY K 11 -4.20 45.62 6.18
N ALA K 12 -5.52 45.76 6.16
CA ALA K 12 -6.16 46.76 7.00
C ALA K 12 -6.08 46.40 8.47
N VAL K 13 -5.93 47.42 9.31
CA VAL K 13 -5.82 47.22 10.75
C VAL K 13 -7.22 47.11 11.35
N VAL K 14 -7.48 46.00 12.05
CA VAL K 14 -8.78 45.76 12.66
C VAL K 14 -8.72 45.71 14.17
N ALA K 15 -7.53 45.62 14.78
CA ALA K 15 -7.45 45.40 16.22
C ALA K 15 -7.95 46.60 17.02
N ASP K 16 -7.85 47.81 16.47
CA ASP K 16 -8.27 49.00 17.20
C ASP K 16 -9.77 49.27 17.11
N LYS K 17 -10.50 48.48 16.32
CA LYS K 17 -11.94 48.60 16.21
C LYS K 17 -12.68 47.52 16.97
N TRP K 18 -11.98 46.68 17.73
CA TRP K 18 -12.64 45.58 18.42
C TRP K 18 -13.38 46.06 19.66
N GLU K 19 -12.73 46.86 20.50
CA GLU K 19 -13.37 47.34 21.72
C GLU K 19 -14.61 48.20 21.44
N PRO K 20 -14.56 49.22 20.56
CA PRO K 20 -15.81 49.95 20.27
C PRO K 20 -16.92 49.06 19.72
N PHE K 21 -16.58 48.16 18.79
CA PHE K 21 -17.59 47.30 18.18
C PHE K 21 -18.24 46.39 19.21
N SER K 22 -17.43 45.69 20.00
CA SER K 22 -17.98 44.75 20.97
C SER K 22 -18.71 45.46 22.08
N ASN K 23 -18.21 46.63 22.51
CA ASN K 23 -18.90 47.39 23.55
C ASN K 23 -20.26 47.88 23.07
N ARG K 24 -20.34 48.35 21.82
CA ARG K 24 -21.60 48.87 21.31
C ARG K 24 -22.59 47.78 20.96
N VAL K 25 -22.12 46.62 20.50
CA VAL K 25 -23.05 45.55 20.14
C VAL K 25 -23.68 44.94 21.38
N MET K 26 -22.92 44.75 22.45
CA MET K 26 -23.53 44.26 23.69
C MET K 26 -24.37 45.33 24.37
N GLY K 27 -24.28 46.58 23.93
CA GLY K 27 -25.17 47.63 24.39
C GLY K 27 -26.50 47.67 23.68
N GLY K 28 -26.72 46.83 22.68
CA GLY K 28 -27.99 46.72 22.02
C GLY K 28 -28.08 47.31 20.62
N GLU K 29 -26.96 47.66 20.00
CA GLU K 29 -27.00 48.25 18.66
C GLU K 29 -26.89 47.17 17.59
N ASP K 30 -27.24 47.56 16.37
CA ASP K 30 -27.21 46.64 15.23
C ASP K 30 -25.78 46.43 14.77
N PRO K 31 -25.29 45.20 14.69
CA PRO K 31 -23.89 44.98 14.29
C PRO K 31 -23.54 45.56 12.93
N GLU K 32 -24.46 45.47 11.95
CA GLU K 32 -24.16 46.00 10.63
C GLU K 32 -24.01 47.51 10.66
N LYS K 33 -24.88 48.20 11.40
CA LYS K 33 -24.79 49.65 11.50
C LYS K 33 -23.51 50.07 12.20
N VAL K 34 -23.13 49.36 13.28
CA VAL K 34 -21.89 49.67 13.98
C VAL K 34 -20.69 49.47 13.07
N LEU K 35 -20.68 48.37 12.31
CA LEU K 35 -19.56 48.11 11.40
C LEU K 35 -19.47 49.17 10.31
N THR K 36 -20.62 49.60 9.77
CA THR K 36 -20.61 50.63 8.74
C THR K 36 -20.16 51.97 9.31
N GLU K 37 -20.55 52.28 10.54
CA GLU K 37 -20.11 53.53 11.15
C GLU K 37 -18.61 53.52 11.45
N LEU K 38 -18.08 52.36 11.85
CA LEU K 38 -16.65 52.27 12.15
C LEU K 38 -15.77 52.31 10.91
N GLY K 39 -16.34 52.14 9.72
CA GLY K 39 -15.56 52.16 8.50
C GLY K 39 -15.12 50.81 8.00
N VAL K 40 -15.74 49.73 8.45
CA VAL K 40 -15.40 48.37 8.04
C VAL K 40 -16.40 47.98 6.96
N ASN K 41 -16.01 48.14 5.69
CA ASN K 41 -16.92 47.99 4.57
C ASN K 41 -16.74 46.68 3.79
N ARG K 42 -15.54 46.10 3.81
CA ARG K 42 -15.31 44.86 3.09
C ARG K 42 -15.60 43.66 3.99
N TYR K 43 -16.27 42.65 3.43
CA TYR K 43 -16.71 41.53 4.25
C TYR K 43 -15.53 40.70 4.78
N CYS K 44 -14.37 40.79 4.13
CA CYS K 44 -13.18 40.14 4.66
C CYS K 44 -12.79 40.72 6.01
N CYS K 45 -12.91 42.03 6.17
CA CYS K 45 -12.63 42.67 7.44
C CYS K 45 -13.79 42.56 8.43
N ARG K 46 -15.01 42.36 7.93
CA ARG K 46 -16.14 42.17 8.83
C ARG K 46 -16.17 40.78 9.45
N ARG K 47 -15.75 39.76 8.71
CA ARG K 47 -15.66 38.43 9.31
C ARG K 47 -14.58 38.36 10.39
N MET K 48 -13.58 39.25 10.34
CA MET K 48 -12.56 39.28 11.37
C MET K 48 -13.16 39.63 12.72
N LEU K 49 -14.08 40.59 12.75
CA LEU K 49 -14.70 41.04 13.98
C LEU K 49 -15.92 40.22 14.36
N LEU K 50 -16.69 39.73 13.39
CA LEU K 50 -17.89 38.97 13.68
C LEU K 50 -17.61 37.56 14.15
N SER K 51 -16.37 37.08 14.07
CA SER K 51 -16.06 35.70 14.42
C SER K 51 -14.93 35.56 15.43
N HIS K 52 -14.47 36.65 16.02
CA HIS K 52 -13.40 36.58 17.01
C HIS K 52 -13.92 36.03 18.33
N VAL K 53 -13.14 35.14 18.94
CA VAL K 53 -13.43 34.60 20.26
C VAL K 53 -12.35 35.11 21.21
N ASN K 54 -12.77 35.79 22.27
CA ASN K 54 -11.84 36.37 23.24
C ASN K 54 -11.50 35.31 24.27
N ILE K 55 -10.39 34.59 24.05
CA ILE K 55 -9.99 33.50 24.93
C ILE K 55 -8.93 33.93 25.94
N ILE K 56 -8.19 35.01 25.69
CA ILE K 56 -7.15 35.43 26.61
C ILE K 56 -7.72 35.79 27.97
N ARG K 57 -8.99 36.22 28.01
CA ARG K 57 -9.64 36.51 29.28
C ARG K 57 -9.73 35.27 30.16
N GLU K 58 -10.03 34.12 29.55
CA GLU K 58 -10.05 32.87 30.29
C GLU K 58 -8.64 32.35 30.58
N ILE K 59 -7.68 32.66 29.72
CA ILE K 59 -6.35 32.07 29.85
C ILE K 59 -5.50 32.78 30.90
N ILE K 60 -5.76 34.07 31.16
CA ILE K 60 -4.96 34.78 32.16
C ILE K 60 -5.11 34.19 33.56
N HIS K 61 -6.08 33.30 33.77
CA HIS K 61 -6.23 32.63 35.06
C HIS K 61 -5.40 31.36 35.15
N TYR K 62 -4.79 30.92 34.06
CA TYR K 62 -4.04 29.66 34.02
C TYR K 62 -2.71 29.85 33.30
N THR K 63 -2.05 30.98 33.53
CA THR K 63 -0.79 31.24 32.84
C THR K 63 0.32 30.38 33.44
N ARG K 64 1.22 29.93 32.57
CA ARG K 64 2.33 29.09 33.02
C ARG K 64 3.23 29.86 33.97
N PRO K 65 3.71 29.23 35.05
CA PRO K 65 4.45 29.96 36.07
C PRO K 65 5.81 30.47 35.60
N ILE K 66 6.61 29.59 35.03
CA ILE K 66 8.00 29.86 34.61
C ILE K 66 8.74 30.86 35.50
N ALA L 2 20.44 27.55 41.16
CA ALA L 2 19.17 27.64 40.43
C ALA L 2 18.12 28.38 41.25
N LYS L 3 17.32 29.19 40.57
CA LYS L 3 16.24 29.96 41.18
C LYS L 3 14.91 29.33 40.82
N TYR L 4 14.09 29.05 41.82
CA TYR L 4 12.79 28.44 41.62
C TYR L 4 11.67 29.41 41.98
N ARG L 5 10.44 28.92 41.91
CA ARG L 5 9.25 29.68 42.28
C ARG L 5 8.18 28.72 42.74
N CYS L 6 7.74 28.87 43.99
CA CYS L 6 6.66 28.03 44.49
C CYS L 6 5.38 28.32 43.71
N GLY L 7 4.84 27.28 43.08
CA GLY L 7 3.66 27.51 42.25
C GLY L 7 2.34 27.18 42.90
N LYS L 8 1.67 28.19 43.44
CA LYS L 8 0.25 28.12 43.77
C LYS L 8 -0.61 28.78 42.70
N CYS L 9 -0.01 29.71 41.96
CA CYS L 9 -0.60 30.34 40.79
C CYS L 9 0.55 30.63 39.83
N TRP L 10 0.34 31.55 38.90
CA TRP L 10 1.41 31.91 37.97
C TRP L 10 2.64 32.41 38.70
N LYS L 11 2.44 33.19 39.77
CA LYS L 11 3.55 33.80 40.50
C LYS L 11 3.32 33.70 42.00
N GLU L 12 4.37 33.35 42.74
CA GLU L 12 4.40 33.37 44.19
C GLU L 12 5.82 33.72 44.60
N LEU L 13 6.12 33.58 45.89
CA LEU L 13 7.43 33.94 46.42
C LEU L 13 8.53 33.09 45.78
N ASP L 14 9.67 33.72 45.51
CA ASP L 14 10.80 33.05 44.89
C ASP L 14 11.68 32.40 45.95
N ASP L 15 12.21 31.22 45.63
CA ASP L 15 13.15 30.53 46.49
C ASP L 15 14.31 30.01 45.65
N ASP L 16 15.46 29.83 46.29
CA ASP L 16 16.68 29.42 45.62
C ASP L 16 17.10 28.03 46.11
N GLN L 17 18.18 27.51 45.51
CA GLN L 17 18.57 26.13 45.71
C GLN L 17 19.20 25.88 47.08
N LEU L 18 19.81 26.90 47.69
CA LEU L 18 20.53 26.69 48.94
C LEU L 18 19.61 26.30 50.09
N LYS L 19 18.30 26.56 49.97
CA LYS L 19 17.36 26.19 51.03
C LYS L 19 17.14 24.68 51.03
N THR L 20 17.88 23.97 51.88
CA THR L 20 17.83 22.52 51.94
C THR L 20 16.78 22.07 52.93
N LEU L 21 15.94 21.14 52.49
CA LEU L 21 14.80 20.63 53.25
C LEU L 21 14.80 19.11 53.17
N PRO L 22 13.91 18.45 53.92
CA PRO L 22 13.78 16.98 53.74
C PRO L 22 13.44 16.58 52.32
N GLY L 23 12.68 17.40 51.60
CA GLY L 23 12.36 17.12 50.22
C GLY L 23 12.03 18.35 49.42
N VAL L 24 11.39 18.19 48.28
CA VAL L 24 11.00 19.31 47.43
C VAL L 24 9.70 19.89 47.97
N ARG L 25 9.77 21.13 48.46
CA ARG L 25 8.57 21.79 49.00
C ARG L 25 8.85 23.27 49.16
N CYS L 26 7.79 24.06 49.09
CA CYS L 26 7.89 25.51 49.29
C CYS L 26 8.14 25.80 50.76
N PRO L 27 9.24 26.46 51.12
CA PRO L 27 9.49 26.75 52.54
C PRO L 27 8.43 27.61 53.19
N TYR L 28 7.85 28.56 52.45
CA TYR L 28 6.91 29.51 53.02
C TYR L 28 5.54 28.89 53.26
N CYS L 29 5.08 28.02 52.35
CA CYS L 29 3.73 27.47 52.43
C CYS L 29 3.66 25.95 52.43
N GLY L 30 4.76 25.25 52.17
CA GLY L 30 4.75 23.80 52.22
C GLY L 30 4.22 23.11 50.99
N TYR L 31 3.90 23.84 49.92
CA TYR L 31 3.37 23.21 48.73
C TYR L 31 4.45 22.37 48.06
N ARG L 32 4.02 21.33 47.32
CA ARG L 32 4.91 20.29 46.86
C ARG L 32 5.29 20.41 45.39
N ILE L 33 4.95 21.51 44.73
CA ILE L 33 5.29 21.72 43.32
C ILE L 33 5.97 23.08 43.18
N ILE L 34 7.17 23.09 42.61
CA ILE L 34 7.91 24.32 42.36
C ILE L 34 8.34 24.34 40.89
N TYR L 35 8.62 25.55 40.40
CA TYR L 35 8.93 25.77 39.00
C TYR L 35 10.19 26.60 38.86
N MET L 36 10.97 26.31 37.82
CA MET L 36 12.15 27.09 37.51
C MET L 36 11.77 28.42 36.87
N VAL L 37 12.48 29.48 37.24
CA VAL L 37 12.24 30.80 36.69
C VAL L 37 13.07 30.96 35.42
N ARG L 38 12.70 31.98 34.64
CA ARG L 38 13.42 32.31 33.41
C ARG L 38 14.64 33.16 33.73
N LYS L 39 15.80 32.76 33.22
CA LYS L 39 17.03 33.46 33.54
C LYS L 39 17.04 34.85 32.88
N PRO L 40 17.71 35.82 33.51
CA PRO L 40 17.69 37.20 32.99
C PRO L 40 18.53 37.43 31.74
N THR L 41 19.03 36.37 31.11
CA THR L 41 19.78 36.54 29.87
C THR L 41 18.89 37.14 28.78
N VAL L 42 19.43 38.09 28.04
CA VAL L 42 18.66 38.76 26.99
C VAL L 42 18.50 37.81 25.82
N LYS L 43 17.25 37.67 25.35
CA LYS L 43 16.91 36.77 24.27
C LYS L 43 16.56 37.57 23.02
N ILE L 44 17.09 37.16 21.88
CA ILE L 44 16.85 37.84 20.61
C ILE L 44 15.85 37.00 19.82
N VAL L 45 14.72 37.60 19.47
CA VAL L 45 13.65 36.94 18.72
C VAL L 45 13.44 37.69 17.42
N LYS L 46 13.52 36.97 16.31
CA LYS L 46 13.27 37.57 15.00
C LYS L 46 11.77 37.74 14.80
N ALA L 47 11.36 38.93 14.35
CA ALA L 47 9.97 39.34 14.39
C ALA L 47 9.17 38.91 13.17
N ILE L 48 9.59 37.85 12.47
CA ILE L 48 8.81 37.31 11.38
C ILE L 48 7.68 36.43 11.91
N SER M 36 7.64 -56.44 -16.70
CA SER M 36 7.50 -56.18 -15.28
C SER M 36 6.25 -55.33 -14.99
N THR M 37 6.33 -54.52 -13.96
CA THR M 37 5.23 -53.63 -13.60
C THR M 37 5.04 -52.55 -14.65
N VAL M 38 3.84 -51.99 -14.71
CA VAL M 38 3.53 -50.98 -15.73
C VAL M 38 4.43 -49.76 -15.56
N THR M 39 4.61 -49.30 -14.31
CA THR M 39 5.47 -48.14 -14.07
C THR M 39 6.92 -48.44 -14.43
N ILE M 40 7.42 -49.62 -14.07
CA ILE M 40 8.80 -49.98 -14.41
C ILE M 40 8.96 -50.11 -15.92
N SER M 41 7.96 -50.67 -16.60
CA SER M 41 8.02 -50.76 -18.05
C SER M 41 8.04 -49.38 -18.68
N ASP M 42 7.23 -48.45 -18.16
CA ASP M 42 7.23 -47.08 -18.67
C ASP M 42 8.58 -46.42 -18.48
N ILE M 43 9.18 -46.58 -17.29
CA ILE M 43 10.48 -45.99 -17.02
C ILE M 43 11.54 -46.56 -17.95
N GLU M 44 11.52 -47.88 -18.14
CA GLU M 44 12.53 -48.52 -18.98
C GLU M 44 12.38 -48.10 -20.45
N MET M 45 11.14 -47.99 -20.92
CA MET M 45 10.92 -47.57 -22.30
C MET M 45 11.30 -46.10 -22.51
N LEU M 46 11.06 -45.26 -21.50
CA LEU M 46 11.55 -43.88 -21.57
C LEU M 46 13.07 -43.85 -21.65
N LEU M 47 13.74 -44.67 -20.84
CA LEU M 47 15.20 -44.72 -20.89
C LEU M 47 15.69 -45.20 -22.25
N LYS M 48 15.06 -46.23 -22.81
CA LYS M 48 15.47 -46.74 -24.11
C LYS M 48 15.27 -45.69 -25.20
N ASP M 49 14.15 -44.97 -25.18
CA ASP M 49 13.95 -43.89 -26.14
C ASP M 49 15.03 -42.83 -25.99
N THR M 50 15.38 -42.49 -24.76
CA THR M 50 16.44 -41.51 -24.54
C THR M 50 17.77 -41.97 -25.12
N GLU M 51 18.12 -43.25 -24.90
CA GLU M 51 19.37 -43.77 -25.44
C GLU M 51 19.37 -43.78 -26.97
N ILE M 52 18.26 -44.18 -27.57
CA ILE M 52 18.19 -44.20 -29.03
C ILE M 52 18.33 -42.80 -29.60
N TRP M 53 17.66 -41.82 -28.99
CA TRP M 53 17.79 -40.44 -29.45
C TRP M 53 19.21 -39.91 -29.29
N ASP M 54 19.84 -40.23 -28.15
CA ASP M 54 21.22 -39.80 -27.94
C ASP M 54 22.15 -40.38 -28.99
N LYS M 55 22.02 -41.68 -29.27
CA LYS M 55 22.88 -42.31 -30.26
C LYS M 55 22.63 -41.77 -31.66
N LEU M 56 21.36 -41.50 -32.00
CA LEU M 56 21.05 -40.94 -33.31
C LEU M 56 21.60 -39.54 -33.45
N LEU M 57 21.53 -38.72 -32.40
CA LEU M 57 21.98 -37.34 -32.48
C LEU M 57 23.50 -37.22 -32.57
N ARG M 58 24.24 -38.26 -32.21
CA ARG M 58 25.69 -38.27 -32.29
C ARG M 58 26.20 -38.84 -33.61
N ASN M 59 25.30 -39.12 -34.55
CA ASN M 59 25.65 -39.68 -35.86
C ASN M 59 26.28 -41.06 -35.74
N GLU M 60 25.94 -41.79 -34.68
CA GLU M 60 26.33 -43.18 -34.56
C GLU M 60 25.30 -44.14 -35.15
N LEU M 61 24.14 -43.62 -35.54
CA LEU M 61 23.09 -44.41 -36.19
C LEU M 61 22.54 -43.63 -37.38
N SER M 62 21.92 -44.36 -38.29
CA SER M 62 21.20 -43.76 -39.40
C SER M 62 19.73 -43.61 -39.03
N ILE M 63 18.99 -42.94 -39.91
CA ILE M 63 17.57 -42.70 -39.65
C ILE M 63 16.79 -44.02 -39.69
N GLU M 64 17.15 -44.91 -40.61
CA GLU M 64 16.43 -46.18 -40.74
C GLU M 64 16.66 -47.08 -39.53
N GLU M 65 17.90 -47.17 -39.05
CA GLU M 65 18.19 -47.97 -37.87
C GLU M 65 17.46 -47.42 -36.65
N ALA M 66 17.44 -46.09 -36.50
CA ALA M 66 16.70 -45.48 -35.40
C ALA M 66 15.21 -45.78 -35.50
N LYS M 67 14.65 -45.73 -36.71
CA LYS M 67 13.25 -46.07 -36.90
C LYS M 67 12.98 -47.51 -36.48
N LYS M 68 13.85 -48.44 -36.90
CA LYS M 68 13.67 -49.83 -36.56
C LYS M 68 13.74 -50.06 -35.05
N MET M 69 14.71 -49.42 -34.38
CA MET M 69 14.82 -49.59 -32.94
C MET M 69 13.64 -48.98 -32.20
N PHE M 70 13.17 -47.81 -32.65
CA PHE M 70 11.99 -47.22 -32.04
C PHE M 70 10.78 -48.13 -32.19
N ASP M 71 10.59 -48.71 -33.37
CA ASP M 71 9.48 -49.63 -33.57
C ASP M 71 9.63 -50.87 -32.69
N ASP M 72 10.84 -51.40 -32.59
CA ASP M 72 11.07 -52.57 -31.75
C ASP M 72 10.72 -52.30 -30.29
N VAL M 73 11.17 -51.15 -29.77
CA VAL M 73 10.89 -50.82 -28.38
C VAL M 73 9.39 -50.61 -28.17
N ALA M 74 8.75 -49.89 -29.09
CA ALA M 74 7.32 -49.63 -28.95
C ALA M 74 6.51 -50.92 -28.97
N ARG M 75 6.86 -51.85 -29.87
CA ARG M 75 6.14 -53.12 -29.94
C ARG M 75 6.42 -54.00 -28.72
N SER M 76 7.66 -53.98 -28.23
CA SER M 76 8.02 -54.85 -27.11
C SER M 76 7.46 -54.34 -25.79
N TYR M 77 7.14 -53.04 -25.71
CA TYR M 77 6.63 -52.47 -24.47
C TYR M 77 5.16 -52.05 -24.58
N SER M 78 4.45 -52.55 -25.58
CA SER M 78 3.04 -52.24 -25.74
C SER M 78 2.16 -53.12 -24.84
N MET N 1 -53.16 -36.54 21.39
CA MET N 1 -52.18 -37.28 22.19
C MET N 1 -52.74 -37.56 23.57
N ARG N 2 -52.59 -38.80 24.03
CA ARG N 2 -53.19 -39.24 25.29
C ARG N 2 -52.13 -39.83 26.20
N PHE N 3 -52.40 -39.75 27.51
CA PHE N 3 -51.50 -40.25 28.53
C PHE N 3 -52.25 -41.20 29.45
N CYS N 4 -51.50 -42.14 30.03
CA CYS N 4 -52.10 -43.13 30.91
C CYS N 4 -52.63 -42.47 32.17
N PRO N 5 -53.85 -42.78 32.59
CA PRO N 5 -54.39 -42.16 33.82
C PRO N 5 -53.66 -42.53 35.09
N LYS N 6 -52.86 -43.61 35.07
CA LYS N 6 -52.17 -44.07 36.26
C LYS N 6 -50.66 -43.85 36.17
N CYS N 7 -50.02 -44.39 35.13
CA CYS N 7 -48.57 -44.24 35.00
C CYS N 7 -48.18 -42.84 34.51
N GLY N 8 -49.01 -42.21 33.69
CA GLY N 8 -48.72 -40.92 33.12
C GLY N 8 -48.00 -40.95 31.79
N SER N 9 -47.55 -42.12 31.35
CA SER N 9 -46.89 -42.24 30.06
C SER N 9 -47.90 -42.16 28.92
N PHE N 10 -47.39 -41.92 27.71
CA PHE N 10 -48.26 -41.80 26.56
C PHE N 10 -48.78 -43.16 26.11
N LEU N 11 -49.94 -43.14 25.48
CA LEU N 11 -50.63 -44.36 25.04
C LEU N 11 -50.47 -44.53 23.54
N LYS N 12 -50.14 -45.75 23.11
CA LYS N 12 -49.97 -46.07 21.70
C LYS N 12 -51.08 -47.00 21.23
N VAL N 13 -51.44 -46.86 19.95
CA VAL N 13 -52.56 -47.60 19.39
C VAL N 13 -52.10 -49.00 19.01
N LYS N 14 -52.77 -50.01 19.53
CA LYS N 14 -52.53 -51.41 19.20
C LYS N 14 -53.87 -52.08 18.93
N GLY N 15 -54.14 -52.37 17.66
CA GLY N 15 -55.45 -52.90 17.31
C GLY N 15 -56.53 -51.86 17.55
N ASN N 16 -57.58 -52.26 18.28
CA ASN N 16 -58.64 -51.35 18.67
C ASN N 16 -58.40 -50.71 20.03
N LYS N 17 -57.30 -51.04 20.69
CA LYS N 17 -57.00 -50.58 22.04
C LYS N 17 -55.78 -49.67 22.03
N MET N 18 -55.73 -48.77 23.02
CA MET N 18 -54.53 -47.99 23.31
C MET N 18 -53.93 -48.52 24.61
N VAL N 19 -52.69 -48.99 24.53
CA VAL N 19 -52.08 -49.76 25.62
C VAL N 19 -50.88 -49.00 26.17
N CYS N 20 -50.78 -48.96 27.49
CA CYS N 20 -49.61 -48.43 28.18
C CYS N 20 -48.60 -49.56 28.36
N SER N 21 -47.40 -49.39 27.79
CA SER N 21 -46.40 -50.45 27.83
C SER N 21 -45.88 -50.69 29.25
N LYS N 22 -45.93 -49.68 30.11
CA LYS N 22 -45.36 -49.83 31.45
C LYS N 22 -46.33 -50.42 32.44
N CYS N 23 -47.63 -50.14 32.31
CA CYS N 23 -48.62 -50.60 33.28
C CYS N 23 -49.68 -51.53 32.71
N GLY N 24 -49.84 -51.58 31.38
CA GLY N 24 -50.84 -52.46 30.80
C GLY N 24 -52.25 -51.90 30.77
N TYR N 25 -52.41 -50.59 30.95
CA TYR N 25 -53.72 -49.97 30.89
C TYR N 25 -54.27 -50.05 29.46
N SER N 26 -55.60 -50.07 29.36
CA SER N 26 -56.28 -50.13 28.07
C SER N 26 -57.54 -49.30 28.13
N ASP N 27 -58.02 -48.90 26.95
CA ASP N 27 -59.18 -48.03 26.86
C ASP N 27 -59.89 -48.27 25.53
N HIS N 28 -61.14 -47.80 25.46
CA HIS N 28 -61.96 -47.94 24.26
C HIS N 28 -61.87 -46.75 23.33
N ASP N 29 -61.16 -45.69 23.71
CA ASP N 29 -61.03 -44.49 22.90
C ASP N 29 -59.75 -44.57 22.09
N VAL N 30 -59.86 -44.27 20.79
CA VAL N 30 -58.72 -44.29 19.88
C VAL N 30 -58.54 -42.89 19.30
N GLU N 31 -57.33 -42.37 19.39
CA GLU N 31 -56.98 -41.07 18.83
C GLU N 31 -55.80 -41.24 17.88
N LYS N 32 -55.97 -40.75 16.65
CA LYS N 32 -54.95 -40.91 15.62
C LYS N 32 -54.05 -39.67 15.60
N VAL N 33 -52.74 -39.90 15.61
CA VAL N 33 -51.75 -38.83 15.57
C VAL N 33 -50.91 -39.00 14.31
N ILE N 34 -50.84 -37.94 13.51
CA ILE N 34 -50.03 -37.91 12.30
C ILE N 34 -49.16 -36.67 12.32
N LEU N 35 -48.02 -36.76 11.63
CA LEU N 35 -47.11 -35.64 11.46
C LEU N 35 -47.06 -35.31 9.98
N LYS N 36 -47.53 -34.12 9.61
CA LYS N 36 -47.65 -33.72 8.22
C LYS N 36 -46.68 -32.58 7.94
N GLU N 37 -45.85 -32.76 6.91
CA GLU N 37 -44.89 -31.75 6.47
C GLU N 37 -45.24 -31.34 5.05
N ASN N 38 -45.11 -30.06 4.75
CA ASN N 38 -45.45 -29.50 3.46
C ASN N 38 -44.19 -29.08 2.71
N VAL N 39 -44.20 -29.31 1.40
CA VAL N 39 -43.09 -28.93 0.51
C VAL N 39 -43.61 -27.94 -0.50
N ALA N 40 -42.93 -26.82 -0.66
CA ALA N 40 -43.34 -25.74 -1.54
C ALA N 40 -42.51 -25.76 -2.82
N HIS N 41 -43.19 -25.67 -3.96
CA HIS N 41 -42.52 -25.66 -5.26
C HIS N 41 -42.84 -24.37 -6.01
N GLU N 42 -42.78 -23.23 -5.31
CA GLU N 42 -43.09 -21.95 -5.94
C GLU N 42 -42.10 -21.62 -7.04
N ASN N 43 -40.82 -21.95 -6.84
CA ASN N 43 -39.78 -21.57 -7.78
C ASN N 43 -38.99 -22.78 -8.25
N ASP N 44 -39.68 -23.84 -8.65
CA ASP N 44 -39.03 -25.07 -9.10
C ASP N 44 -39.42 -25.47 -10.52
N LYS N 45 -40.12 -24.60 -11.24
CA LYS N 45 -40.49 -24.90 -12.62
C LYS N 45 -39.28 -24.76 -13.54
N THR N 46 -39.46 -25.22 -14.78
CA THR N 46 -38.38 -25.15 -15.77
C THR N 46 -38.38 -23.79 -16.44
N ILE N 47 -37.21 -23.15 -16.47
CA ILE N 47 -37.07 -21.79 -16.99
C ILE N 47 -36.77 -21.85 -18.48
N ILE N 48 -37.42 -20.98 -19.24
CA ILE N 48 -37.16 -20.80 -20.67
C ILE N 48 -36.76 -19.35 -20.86
N ALA N 49 -35.48 -19.12 -21.17
CA ALA N 49 -34.92 -17.76 -21.16
C ALA N 49 -34.97 -17.18 -22.56
N ASP N 50 -36.15 -16.68 -22.92
CA ASP N 50 -36.32 -15.85 -24.11
C ASP N 50 -36.50 -14.41 -23.66
N GLY N 51 -35.82 -13.49 -24.32
CA GLY N 51 -35.82 -12.10 -23.87
C GLY N 51 -37.15 -11.40 -24.11
N GLU N 52 -38.22 -11.95 -23.56
CA GLU N 52 -39.56 -11.39 -23.71
C GLU N 52 -40.02 -10.82 -22.37
N THR N 53 -40.57 -9.62 -22.41
CA THR N 53 -41.00 -8.95 -21.19
C THR N 53 -42.24 -9.62 -20.60
N ILE N 54 -42.34 -9.58 -19.28
CA ILE N 54 -43.51 -10.10 -18.57
C ILE N 54 -44.35 -8.92 -18.11
N GLU N 55 -43.77 -8.04 -17.29
CA GLU N 55 -44.42 -6.82 -16.84
C GLU N 55 -43.44 -5.67 -17.00
N GLY N 56 -43.87 -4.61 -17.67
CA GLY N 56 -42.98 -3.48 -17.90
C GLY N 56 -41.83 -3.87 -18.78
N ARG N 57 -40.62 -3.61 -18.31
CA ARG N 57 -39.40 -3.96 -19.02
C ARG N 57 -38.71 -5.19 -18.43
N VAL N 58 -39.35 -5.89 -17.49
CA VAL N 58 -38.75 -7.04 -16.86
C VAL N 58 -38.86 -8.24 -17.81
N ALA N 59 -37.72 -8.76 -18.24
CA ALA N 59 -37.65 -9.90 -19.13
C ALA N 59 -36.86 -11.02 -18.47
N ILE N 60 -36.96 -12.22 -19.05
CA ILE N 60 -36.23 -13.39 -18.57
C ILE N 60 -35.09 -13.62 -19.55
N SER N 61 -33.86 -13.45 -19.09
CA SER N 61 -32.69 -13.56 -19.95
C SER N 61 -31.48 -13.89 -19.09
N LEU N 62 -30.63 -14.78 -19.60
CA LEU N 62 -29.48 -15.26 -18.85
C LEU N 62 -28.31 -14.28 -18.98
N CYS N 63 -27.76 -13.87 -17.85
CA CYS N 63 -26.67 -12.90 -17.84
C CYS N 63 -25.35 -13.59 -18.16
N PRO N 64 -24.60 -13.11 -19.15
CA PRO N 64 -23.31 -13.74 -19.47
C PRO N 64 -22.29 -13.66 -18.34
N ARG N 65 -22.42 -12.71 -17.42
CA ARG N 65 -21.41 -12.51 -16.39
C ARG N 65 -21.68 -13.33 -15.14
N CYS N 66 -22.85 -13.13 -14.52
CA CYS N 66 -23.17 -13.82 -13.28
C CYS N 66 -24.11 -15.01 -13.47
N GLY N 67 -24.99 -14.97 -14.48
CA GLY N 67 -25.87 -16.08 -14.76
C GLY N 67 -27.28 -15.97 -14.25
N SER N 68 -27.68 -14.81 -13.73
CA SER N 68 -29.05 -14.64 -13.28
C SER N 68 -30.00 -14.51 -14.48
N VAL N 69 -31.25 -14.87 -14.25
CA VAL N 69 -32.25 -14.88 -15.31
C VAL N 69 -33.19 -13.68 -15.22
N ARG N 70 -32.79 -12.62 -14.53
CA ARG N 70 -33.56 -11.39 -14.44
C ARG N 70 -32.85 -10.30 -15.24
N ALA N 71 -33.61 -9.64 -16.12
CA ALA N 71 -33.04 -8.62 -16.98
C ALA N 71 -34.06 -7.52 -17.21
N ILE N 72 -33.57 -6.36 -17.63
CA ILE N 72 -34.39 -5.22 -18.00
C ILE N 72 -34.14 -4.92 -19.46
N LEU N 73 -35.18 -4.99 -20.29
CA LEU N 73 -35.05 -4.69 -21.71
C LEU N 73 -34.86 -3.18 -21.87
N LEU N 74 -33.62 -2.76 -22.06
CA LEU N 74 -33.32 -1.33 -22.18
C LEU N 74 -33.77 -0.78 -23.53
N ASN N 75 -33.64 -1.57 -24.59
CA ASN N 75 -33.96 -1.09 -25.92
C ASN N 75 -34.33 -2.29 -26.80
N LYS N 76 -35.48 -2.20 -27.46
CA LYS N 76 -35.98 -3.35 -28.23
C LYS N 76 -35.28 -3.49 -29.59
N LYS N 77 -34.95 -2.38 -30.25
CA LYS N 77 -34.39 -2.48 -31.59
C LYS N 77 -32.98 -3.04 -31.57
N LYS N 78 -32.20 -2.73 -30.53
CA LYS N 78 -30.84 -3.23 -30.41
C LYS N 78 -30.76 -4.53 -29.61
N ARG N 79 -31.88 -4.99 -29.06
CA ARG N 79 -31.90 -6.15 -28.15
C ARG N 79 -30.94 -5.94 -26.98
N LEU N 80 -30.97 -4.73 -26.42
CA LEU N 80 -30.06 -4.36 -25.33
C LEU N 80 -30.71 -4.67 -23.99
N TYR N 81 -29.97 -5.37 -23.13
CA TYR N 81 -30.48 -5.80 -21.84
C TYR N 81 -29.54 -5.34 -20.74
N ARG N 82 -30.04 -5.38 -19.51
CA ARG N 82 -29.25 -5.05 -18.33
C ARG N 82 -29.62 -6.02 -17.21
N CYS N 83 -28.60 -6.68 -16.66
CA CYS N 83 -28.84 -7.60 -15.56
C CYS N 83 -29.32 -6.84 -14.33
N MET N 84 -30.29 -7.42 -13.63
CA MET N 84 -30.82 -6.82 -12.42
C MET N 84 -30.03 -7.21 -11.17
N THR N 85 -29.09 -8.15 -11.29
CA THR N 85 -28.30 -8.60 -10.15
C THR N 85 -26.92 -7.95 -10.10
N CYS N 86 -26.30 -7.70 -11.25
CA CYS N 86 -24.94 -7.16 -11.29
C CYS N 86 -24.82 -5.96 -12.22
N ASN N 87 -25.92 -5.48 -12.80
CA ASN N 87 -25.96 -4.27 -13.63
C ASN N 87 -25.15 -4.41 -14.92
N PHE N 88 -24.81 -5.64 -15.31
CA PHE N 88 -24.10 -5.86 -16.55
C PHE N 88 -25.00 -5.61 -17.74
N VAL N 89 -24.47 -4.89 -18.73
CA VAL N 89 -25.19 -4.58 -19.96
C VAL N 89 -24.67 -5.47 -21.07
N TYR N 90 -25.59 -6.14 -21.78
CA TYR N 90 -25.20 -7.11 -22.80
C TYR N 90 -26.24 -7.11 -23.91
N ASN N 91 -26.00 -7.91 -24.94
CA ASN N 91 -26.92 -8.03 -26.11
C ASN N 91 -27.30 -9.50 -26.30
N ILE N 92 -28.60 -9.78 -26.45
CA ILE N 92 -29.08 -11.17 -26.72
C ILE N 92 -30.10 -11.09 -27.85
MG MG O . -3.93 9.48 -1.91
ZN ZN P . 38.35 -14.93 15.35
ZN ZN Q . 18.51 -59.56 6.47
ZN ZN R . -23.32 17.25 -35.26
ZN ZN S . 39.55 -26.47 4.04
FE1 F3S T . -24.35 46.55 -12.62
FE3 F3S T . -24.62 45.92 -15.59
FE4 F3S T . -22.14 47.38 -14.52
S1 F3S T . -25.77 45.34 -13.79
S2 F3S T . -22.33 47.36 -12.33
S3 F3S T . -24.30 47.76 -14.44
S4 F3S T . -22.65 46.39 -16.43
ZN ZN U . -9.77 42.87 4.90
ZN ZN V . 4.59 29.03 48.33
ZN ZN W . -49.60 -46.42 32.39
ZN ZN X . -25.60 -10.42 -14.12
#